data_8T4L
#
_entry.id   8T4L
#
_cell.length_a   1.00
_cell.length_b   1.00
_cell.length_c   1.00
_cell.angle_alpha   90.00
_cell.angle_beta   90.00
_cell.angle_gamma   90.00
#
_symmetry.space_group_name_H-M   'P 1'
#
loop_
_entity.id
_entity.type
_entity.pdbx_description
1 polymer 'MD65 N332-GT5 SOSIP gp120'
2 polymer 'RM20A3 heavy chain Fv'
3 polymer 'RM20A3 light chain Fv'
4 polymer 'MD65 N332-GT5 SOSIP gp41'
5 polymer 'RM_N332_07 heavy chain Fv'
6 polymer 'RM_N332_07 light chain Fv'
7 branched 2-acetamido-2-deoxy-beta-D-glucopyranose-(1-4)-2-acetamido-2-deoxy-beta-D-glucopyranose
8 branched beta-D-mannopyranose-(1-4)-2-acetamido-2-deoxy-beta-D-glucopyranose-(1-4)-2-acetamido-2-deoxy-beta-D-glucopyranose
9 non-polymer 2-acetamido-2-deoxy-beta-D-glucopyranose
#
loop_
_entity_poly.entity_id
_entity_poly.type
_entity_poly.pdbx_seq_one_letter_code
_entity_poly.pdbx_strand_id
1 'polypeptide(L)'
;AENLWVTVYYGVPVWKDAETTLFCASDAKAYETEKHNVWATHACVPTDPNPQEIHLENVTEEFNMWKNNMVEQMHEDIIS
LWDQSLKPCVKLTPLCVTLQCTNYAPKLRSMMRGEIKNCSFNMTTELRDKKQKVYSLFYRLDVVQINENQGNRSNNSNKE
YRLINCNTSAITQACPKVSFEPIPIHYCAPAGFAILKCKDKKFNGTGPCQNVSTVQCTHGIKPVVSTQLLLNGSLAEEEV
IIRSENITNNAKNILVQLNTSVQINCTRPSNNTVKSIRIGPGQAFYYFGDVLGHVRMAHCNISKATWNETLGKVVKQLRK
HFGNNTIIRFAQSSGGDLEVTTHSFNCGGEFFYCNTSGLFNSTWISNTSVQGSNSTGSNDSLILPCWIKQIINMWQRIGQ
AMYAPPIQGVIRCVSNITGLILTRDGGSTNSTTETFRPGGGDMRDNWRSELYKYKVVKIEPLGVAPTRCKRRTVGRRRRR
R
;
A,E,F
2 'polypeptide(L)'
;EVQLVETGGGLVQPGGSLKLSCRASGYTFSSFAMSWVRQAPGKGLEWVSLINDRGGLTFYVDSVKGRFTISRDNSKNTLS
LQMHSLRDGDTAVYYCATGGMSSALQSSKYYFDFWGQGALVTVSS
;
C,J,K
3 'polypeptide(L)'
;ALTQPPSVSGSPGQSVTISCTGTSSDIGSYNYVSWYQQHPGKAPKLMIYDVTQRPSGVSDRFSGSKSGNTASLTISGLQA
DDEADYYCSAYAGRQTFYIFGGGTRLTVLGQPKASPTVTLFPPSSEEL
;
D,M,N
4 'polypeptide(L)'
;AAGIGASSDGFLGAAGSTMGAASMTLTVQARNLLSGIVQQQSNLLRAPEPQQHLLKDTHWGIKQLQARVLAVEHYLRDQQ
LLGIWGCSGKLICCTNVPWNSSWSNRNLSEIWDNMTWLQWDKEISNYTQIIYGLLEESQNQQEKNEQDLLALD
;
B,G,I
5 'polypeptide(L)'
;QVQLQESGPGLVKPSETLSLTCAVSGASFSSFWWDWIRQPPGRGLEWIGDINGNSGSTNYNPSLKSRVTISKDASKSQFS
LKLTSVTAADTAVYYCALQSVTYYEDDSGHYETEMAKFWGQGVLVTVSS
;
H,O,P
6 'polypeptide(L)'
;QPVLTQPPSVSGAPGQRVTISCSGSSSNIGGYHVQWYQQLPGTAPKLLIYESNKRPSGISDRFSASQFGTSASLTITGLQ
SEDEADYYCQSYDSSVSAQVFGGGTRLTVL
;
L,Q,R
#
# COMPACT_ATOMS: atom_id res chain seq x y z
N ASN A 3 -1.26 49.68 14.98
CA ASN A 3 -2.10 49.88 13.80
C ASN A 3 -1.92 48.79 12.74
N LEU A 4 -1.23 47.70 13.07
CA LEU A 4 -0.95 46.63 12.14
C LEU A 4 -1.84 45.42 12.45
N TRP A 5 -2.16 44.67 11.40
CA TRP A 5 -3.04 43.52 11.46
C TRP A 5 -2.33 42.29 10.92
N VAL A 6 -2.73 41.12 11.41
CA VAL A 6 -2.15 39.86 10.96
C VAL A 6 -2.67 39.54 9.57
N THR A 7 -1.75 39.31 8.62
CA THR A 7 -2.09 38.86 7.27
C THR A 7 -1.52 37.47 7.07
N VAL A 8 -2.36 36.56 6.58
CA VAL A 8 -2.01 35.17 6.35
C VAL A 8 -1.55 34.99 4.91
N TYR A 9 -0.37 34.40 4.72
CA TYR A 9 0.21 34.15 3.41
C TYR A 9 0.41 32.66 3.24
N TYR A 10 -0.02 32.14 2.09
CA TYR A 10 0.12 30.72 1.74
C TYR A 10 0.99 30.67 0.49
N GLY A 11 2.04 29.87 0.54
CA GLY A 11 3.00 29.75 -0.53
C GLY A 11 4.30 30.43 -0.18
N VAL A 12 4.58 30.58 1.11
CA VAL A 12 5.80 31.25 1.59
C VAL A 12 7.03 30.39 1.28
N PRO A 13 8.09 30.94 0.66
CA PRO A 13 9.29 30.11 0.36
C PRO A 13 10.13 29.89 1.62
N VAL A 14 9.58 29.13 2.56
CA VAL A 14 10.24 28.82 3.82
C VAL A 14 10.20 27.32 4.02
N TRP A 15 11.22 26.78 4.67
CA TRP A 15 11.32 25.35 4.89
C TRP A 15 12.00 25.04 6.22
N LYS A 16 11.80 23.80 6.66
CA LYS A 16 12.43 23.26 7.86
C LYS A 16 13.02 21.90 7.57
N ASP A 17 14.02 21.52 8.35
CA ASP A 17 14.65 20.22 8.19
C ASP A 17 13.59 19.13 8.34
N ALA A 18 13.66 18.11 7.48
CA ALA A 18 12.69 17.02 7.56
C ALA A 18 13.33 15.72 7.10
N GLU A 19 12.74 14.63 7.58
CA GLU A 19 13.14 13.26 7.24
C GLU A 19 11.95 12.63 6.52
N THR A 20 12.09 12.36 5.22
CA THR A 20 11.02 11.77 4.43
C THR A 20 11.57 10.66 3.55
N THR A 21 10.67 10.03 2.80
CA THR A 21 11.01 8.97 1.87
C THR A 21 11.19 9.55 0.47
N LEU A 22 12.36 9.34 -0.11
CA LEU A 22 12.69 9.79 -1.44
C LEU A 22 12.46 8.62 -2.39
N PHE A 23 12.09 8.95 -3.64
CA PHE A 23 11.77 7.88 -4.62
C PHE A 23 12.86 7.77 -5.68
N CYS A 24 13.25 6.54 -6.05
CA CYS A 24 14.26 6.33 -7.06
C CYS A 24 13.77 6.83 -8.40
N ALA A 25 14.71 7.13 -9.28
CA ALA A 25 14.41 7.40 -10.67
C ALA A 25 15.61 6.95 -11.48
N SER A 26 15.37 6.65 -12.76
CA SER A 26 16.43 6.19 -13.65
C SER A 26 16.18 6.73 -15.05
N ASP A 27 17.26 7.04 -15.75
CA ASP A 27 17.17 7.51 -17.12
C ASP A 27 17.01 6.30 -18.05
N HIS A 36 18.98 -7.13 -17.94
CA HIS A 36 18.41 -6.84 -16.63
C HIS A 36 19.54 -6.48 -15.66
N ASN A 37 19.29 -5.48 -14.81
CA ASN A 37 20.27 -4.98 -13.85
C ASN A 37 19.73 -5.12 -12.44
N VAL A 38 20.64 -5.40 -11.50
CA VAL A 38 20.27 -5.57 -10.09
C VAL A 38 19.53 -4.34 -9.56
N TRP A 39 19.98 -3.13 -9.93
CA TRP A 39 19.42 -1.92 -9.37
C TRP A 39 18.46 -1.21 -10.33
N ALA A 40 17.96 -1.91 -11.34
CA ALA A 40 16.99 -1.37 -12.29
C ALA A 40 15.68 -2.09 -12.09
N THR A 41 14.57 -1.38 -12.29
CA THR A 41 13.27 -2.03 -12.20
C THR A 41 12.24 -1.21 -12.98
N HIS A 42 11.22 -1.91 -13.48
CA HIS A 42 10.13 -1.24 -14.18
C HIS A 42 9.27 -0.43 -13.21
N ALA A 43 9.39 -0.67 -11.91
CA ALA A 43 8.67 0.06 -10.88
C ALA A 43 9.32 1.38 -10.52
N CYS A 44 10.50 1.68 -11.06
CA CYS A 44 11.23 2.90 -10.74
C CYS A 44 10.93 3.90 -11.85
N VAL A 45 10.39 5.05 -11.46
CA VAL A 45 9.89 6.06 -12.40
C VAL A 45 10.99 6.59 -13.31
N PRO A 46 10.75 6.78 -14.62
CA PRO A 46 11.74 7.43 -15.48
C PRO A 46 12.04 8.86 -15.02
N THR A 47 13.28 9.29 -15.23
CA THR A 47 13.64 10.67 -14.90
C THR A 47 13.19 11.62 -15.99
N ASP A 48 13.14 12.91 -15.62
CA ASP A 48 12.88 13.94 -16.60
C ASP A 48 14.03 14.00 -17.59
N PRO A 49 13.77 14.34 -18.86
CA PRO A 49 14.89 14.49 -19.80
C PRO A 49 15.79 15.66 -19.47
N ASN A 50 15.32 16.64 -18.71
CA ASN A 50 16.12 17.81 -18.35
C ASN A 50 15.65 18.33 -17.00
N PRO A 51 16.36 18.03 -15.90
CA PRO A 51 15.89 18.52 -14.60
C PRO A 51 16.11 20.02 -14.51
N GLN A 52 15.25 20.68 -13.73
CA GLN A 52 15.34 22.13 -13.53
C GLN A 52 15.95 22.43 -12.16
N GLU A 53 17.09 23.09 -12.16
CA GLU A 53 17.80 23.51 -10.96
C GLU A 53 17.57 25.00 -10.75
N ILE A 54 17.08 25.37 -9.57
CA ILE A 54 16.80 26.76 -9.25
C ILE A 54 17.83 27.26 -8.24
N HIS A 55 18.69 28.18 -8.67
CA HIS A 55 19.71 28.71 -7.77
C HIS A 55 19.06 29.65 -6.77
N LEU A 56 19.46 29.54 -5.50
CA LEU A 56 18.90 30.37 -4.43
C LEU A 56 19.92 31.44 -4.03
N GLU A 57 19.69 32.67 -4.49
CA GLU A 57 20.62 33.75 -4.16
C GLU A 57 20.38 34.22 -2.73
N ASN A 58 21.46 34.57 -2.04
CA ASN A 58 21.39 35.07 -0.66
C ASN A 58 20.75 34.08 0.30
N VAL A 59 21.00 32.78 0.11
CA VAL A 59 20.52 31.73 0.99
C VAL A 59 21.73 30.96 1.51
N THR A 60 21.86 30.85 2.83
CA THR A 60 22.98 30.16 3.46
C THR A 60 22.47 29.04 4.36
N GLU A 61 22.17 27.90 3.74
CA GLU A 61 21.62 26.75 4.43
C GLU A 61 22.75 26.04 5.17
N GLU A 62 22.46 25.55 6.37
CA GLU A 62 23.43 24.79 7.14
C GLU A 62 23.27 23.30 6.85
N PHE A 63 24.37 22.66 6.43
CA PHE A 63 24.41 21.26 6.04
C PHE A 63 25.18 20.44 7.07
N ASN A 64 24.86 19.15 7.13
CA ASN A 64 25.63 18.21 7.95
C ASN A 64 25.53 16.84 7.29
N MET A 65 26.59 16.43 6.59
CA MET A 65 26.53 15.19 5.81
C MET A 65 26.42 13.94 6.69
N TRP A 66 26.74 14.03 7.99
CA TRP A 66 26.72 12.86 8.86
C TRP A 66 25.41 12.70 9.61
N LYS A 67 24.47 13.62 9.42
CA LYS A 67 23.16 13.58 10.03
C LYS A 67 22.09 13.50 8.94
N ASN A 68 22.53 13.28 7.70
CA ASN A 68 21.71 13.26 6.51
C ASN A 68 20.90 11.98 6.45
N ASN A 69 19.57 12.09 6.31
CA ASN A 69 18.72 10.92 6.30
C ASN A 69 18.64 10.30 4.91
N MET A 70 19.29 10.92 3.92
CA MET A 70 19.30 10.39 2.56
C MET A 70 20.23 9.20 2.47
N VAL A 71 21.21 9.11 3.38
CA VAL A 71 22.19 8.05 3.39
C VAL A 71 21.54 6.74 3.83
N GLU A 72 20.73 6.81 4.88
CA GLU A 72 20.04 5.60 5.34
C GLU A 72 19.05 5.15 4.30
N GLN A 73 18.37 6.08 3.63
CA GLN A 73 17.42 5.69 2.60
C GLN A 73 18.16 5.04 1.44
N MET A 74 19.32 5.58 1.08
CA MET A 74 20.14 5.01 0.01
C MET A 74 20.55 3.58 0.36
N HIS A 75 21.03 3.39 1.58
CA HIS A 75 21.54 2.10 2.02
C HIS A 75 20.42 1.07 2.06
N GLU A 76 19.30 1.42 2.70
CA GLU A 76 18.18 0.50 2.79
C GLU A 76 17.63 0.16 1.42
N ASP A 77 17.50 1.14 0.52
CA ASP A 77 16.94 0.84 -0.79
C ASP A 77 17.88 -0.03 -1.60
N ILE A 78 19.19 0.19 -1.48
CA ILE A 78 20.14 -0.66 -2.21
C ILE A 78 20.06 -2.09 -1.69
N ILE A 79 19.99 -2.27 -0.37
CA ILE A 79 19.86 -3.62 0.17
C ILE A 79 18.57 -4.27 -0.29
N SER A 80 17.47 -3.51 -0.28
CA SER A 80 16.20 -4.06 -0.72
C SER A 80 16.26 -4.49 -2.18
N LEU A 81 16.85 -3.67 -3.04
CA LEU A 81 16.96 -4.04 -4.45
C LEU A 81 17.84 -5.28 -4.61
N TRP A 82 18.91 -5.35 -3.82
CA TRP A 82 19.80 -6.51 -3.86
C TRP A 82 19.03 -7.79 -3.55
N ASP A 83 18.28 -7.78 -2.46
CA ASP A 83 17.56 -8.99 -2.07
C ASP A 83 16.46 -9.31 -3.07
N GLN A 84 15.80 -8.28 -3.62
CA GLN A 84 14.76 -8.53 -4.61
C GLN A 84 15.35 -9.18 -5.86
N SER A 85 16.55 -8.77 -6.24
CA SER A 85 17.18 -9.35 -7.43
C SER A 85 17.66 -10.78 -7.18
N LEU A 86 18.13 -11.09 -5.97
CA LEU A 86 18.59 -12.45 -5.71
C LEU A 86 17.47 -13.42 -5.37
N LYS A 87 16.34 -12.94 -4.84
CA LYS A 87 15.23 -13.79 -4.44
C LYS A 87 14.78 -14.74 -5.55
N PRO A 88 14.42 -14.27 -6.76
CA PRO A 88 13.98 -15.21 -7.80
C PRO A 88 15.13 -15.90 -8.52
N CYS A 89 15.94 -16.64 -7.77
CA CYS A 89 17.13 -17.29 -8.32
C CYS A 89 17.28 -18.68 -7.70
N VAL A 90 18.25 -19.42 -8.23
CA VAL A 90 18.48 -20.80 -7.79
C VAL A 90 19.13 -20.83 -6.41
N LYS A 91 18.56 -21.62 -5.51
CA LYS A 91 19.14 -21.82 -4.18
C LYS A 91 20.17 -22.91 -4.28
N LEU A 92 21.26 -22.77 -3.51
CA LEU A 92 22.34 -23.76 -3.51
C LEU A 92 22.40 -24.61 -2.25
N THR A 93 21.29 -24.75 -1.52
CA THR A 93 21.24 -25.64 -0.35
C THR A 93 21.95 -26.98 -0.58
N PRO A 94 21.70 -27.72 -1.67
CA PRO A 94 22.37 -29.01 -1.87
C PRO A 94 23.90 -28.94 -1.98
N LEU A 95 24.50 -27.77 -2.14
CA LEU A 95 25.96 -27.68 -2.24
C LEU A 95 26.68 -27.97 -0.94
N CYS A 96 26.00 -27.96 0.20
CA CYS A 96 26.65 -28.22 1.48
C CYS A 96 26.80 -29.72 1.68
N VAL A 97 27.80 -30.26 0.98
CA VAL A 97 28.16 -31.68 0.96
C VAL A 97 29.64 -31.76 1.27
N THR A 98 30.12 -32.96 1.57
CA THR A 98 31.54 -33.10 1.80
C THR A 98 32.21 -33.15 0.42
N LEU A 99 33.24 -32.32 0.26
CA LEU A 99 33.99 -32.22 -0.97
C LEU A 99 35.29 -33.00 -0.82
N GLN A 100 35.70 -33.70 -1.87
CA GLN A 100 37.01 -34.35 -1.91
C GLN A 100 37.83 -33.52 -2.89
N CYS A 101 38.89 -32.88 -2.42
CA CYS A 101 39.60 -31.93 -3.26
C CYS A 101 41.10 -32.20 -3.29
N THR A 102 41.68 -31.82 -4.42
CA THR A 102 43.11 -31.80 -4.65
C THR A 102 43.43 -30.41 -5.17
N ASN A 103 44.70 -30.04 -5.24
CA ASN A 103 45.01 -28.73 -5.77
C ASN A 103 44.88 -28.75 -7.29
N TYR A 104 44.43 -27.64 -7.85
CA TYR A 104 44.39 -27.48 -9.29
C TYR A 104 45.77 -27.06 -9.76
N ALA A 105 46.26 -27.69 -10.82
CA ALA A 105 47.60 -27.43 -11.34
C ALA A 105 48.61 -27.56 -10.20
N PRO A 106 48.67 -28.72 -9.54
CA PRO A 106 49.53 -28.87 -8.34
C PRO A 106 51.01 -28.74 -8.64
N LYS A 107 51.42 -28.86 -9.89
CA LYS A 107 52.83 -28.81 -10.28
C LYS A 107 53.21 -27.45 -10.86
N LEU A 108 52.28 -26.49 -10.83
CA LEU A 108 52.51 -25.18 -11.40
C LEU A 108 53.37 -24.31 -10.50
N ARG A 109 54.35 -23.63 -11.09
CA ARG A 109 55.11 -22.60 -10.41
C ARG A 109 54.39 -21.29 -10.70
N SER A 110 53.95 -20.60 -9.65
CA SER A 110 53.21 -19.35 -9.79
C SER A 110 52.92 -18.83 -8.40
N MET A 111 52.42 -17.59 -8.35
CA MET A 111 51.84 -17.12 -7.10
C MET A 111 50.56 -17.87 -6.80
N MET A 112 49.83 -18.30 -7.83
CA MET A 112 48.60 -19.07 -7.65
C MET A 112 48.93 -20.57 -7.60
N ARG A 113 49.59 -20.97 -6.51
CA ARG A 113 49.97 -22.35 -6.29
C ARG A 113 49.13 -22.81 -5.10
N GLY A 114 48.06 -23.56 -5.37
CA GLY A 114 47.13 -23.96 -4.36
C GLY A 114 45.93 -23.05 -4.22
N GLU A 115 45.89 -21.94 -4.98
CA GLU A 115 44.76 -21.02 -4.89
C GLU A 115 43.48 -21.61 -5.46
N ILE A 116 43.56 -22.47 -6.46
CA ILE A 116 42.40 -23.11 -7.05
C ILE A 116 42.46 -24.59 -6.71
N LYS A 117 41.37 -25.11 -6.15
CA LYS A 117 41.24 -26.51 -5.78
C LYS A 117 40.21 -27.20 -6.67
N ASN A 118 40.56 -28.42 -7.07
CA ASN A 118 39.73 -29.27 -7.93
C ASN A 118 39.00 -30.24 -7.03
N CYS A 119 37.71 -29.97 -6.81
CA CYS A 119 36.86 -30.67 -5.85
C CYS A 119 35.86 -31.57 -6.57
N SER A 120 35.60 -32.72 -5.95
CA SER A 120 34.63 -33.71 -6.41
C SER A 120 33.56 -33.92 -5.36
N PHE A 121 32.31 -33.98 -5.81
CA PHE A 121 31.17 -34.17 -4.91
C PHE A 121 30.00 -34.83 -5.62
N ASN A 122 29.08 -35.41 -4.84
CA ASN A 122 27.94 -36.15 -5.41
C ASN A 122 26.78 -35.23 -5.79
N MET A 123 26.45 -34.26 -4.95
CA MET A 123 25.29 -33.36 -5.21
C MET A 123 24.05 -34.21 -5.50
N THR A 124 23.32 -33.91 -6.59
CA THR A 124 22.05 -34.61 -6.91
C THR A 124 21.69 -34.18 -8.34
N THR A 125 20.50 -34.54 -8.81
CA THR A 125 20.09 -34.17 -10.16
C THR A 125 18.57 -34.12 -10.28
N GLU A 126 18.10 -33.92 -11.51
CA GLU A 126 16.67 -33.75 -11.77
C GLU A 126 15.77 -34.76 -11.07
N LEU A 127 16.19 -36.01 -10.98
CA LEU A 127 15.42 -37.04 -10.28
C LEU A 127 16.02 -37.30 -8.90
N ARG A 128 15.15 -37.30 -7.89
CA ARG A 128 15.54 -37.46 -6.50
C ARG A 128 16.24 -38.78 -6.20
N ASP A 129 16.03 -39.82 -7.02
CA ASP A 129 16.63 -41.12 -6.76
C ASP A 129 18.07 -41.26 -7.26
N LYS A 130 18.57 -40.31 -8.05
CA LYS A 130 19.88 -40.41 -8.65
C LYS A 130 20.75 -39.24 -8.22
N LYS A 131 22.07 -39.43 -8.34
CA LYS A 131 23.04 -38.39 -8.07
C LYS A 131 24.04 -38.31 -9.21
N GLN A 132 24.48 -37.10 -9.52
CA GLN A 132 25.41 -36.80 -10.59
C GLN A 132 26.74 -36.36 -9.99
N LYS A 133 27.80 -37.16 -10.15
CA LYS A 133 29.08 -36.75 -9.61
C LYS A 133 29.57 -35.54 -10.40
N VAL A 134 30.08 -34.55 -9.68
CA VAL A 134 30.53 -33.29 -10.25
C VAL A 134 31.97 -33.00 -9.85
N TYR A 135 32.76 -32.56 -10.84
CA TYR A 135 34.11 -32.06 -10.63
C TYR A 135 34.08 -30.57 -10.94
N SER A 136 34.55 -29.74 -10.02
CA SER A 136 34.54 -28.30 -10.22
C SER A 136 35.73 -27.67 -9.55
N LEU A 137 36.06 -26.46 -9.98
CA LEU A 137 37.15 -25.69 -9.40
C LEU A 137 36.60 -24.61 -8.50
N PHE A 138 37.20 -24.48 -7.32
CA PHE A 138 36.84 -23.44 -6.36
C PHE A 138 38.11 -22.70 -5.95
N TYR A 139 37.96 -21.44 -5.57
CA TYR A 139 39.11 -20.71 -5.07
C TYR A 139 39.35 -21.13 -3.63
N ARG A 140 40.63 -21.06 -3.21
CA ARG A 140 40.99 -21.43 -1.85
C ARG A 140 40.15 -20.71 -0.80
N LEU A 141 39.82 -19.44 -1.05
CA LEU A 141 39.10 -18.65 -0.07
C LEU A 141 37.64 -19.08 0.11
N ASP A 142 37.10 -19.89 -0.80
CA ASP A 142 35.73 -20.37 -0.69
C ASP A 142 35.61 -21.75 -0.07
N VAL A 143 36.72 -22.45 0.12
CA VAL A 143 36.73 -23.85 0.55
C VAL A 143 37.59 -23.96 1.79
N VAL A 144 37.04 -24.57 2.85
CA VAL A 144 37.73 -24.73 4.13
C VAL A 144 37.83 -26.21 4.47
N GLN A 145 39.00 -26.63 4.95
CA GLN A 145 39.25 -28.02 5.29
C GLN A 145 38.39 -28.46 6.47
N ILE A 146 37.92 -29.70 6.40
CA ILE A 146 37.09 -30.28 7.45
C ILE A 146 37.28 -31.80 7.46
N ASN A 158 43.42 -36.81 -2.04
CA ASN A 158 42.16 -36.13 -1.78
C ASN A 158 41.99 -35.82 -0.30
N LYS A 159 41.70 -34.56 0.01
CA LYS A 159 41.38 -34.15 1.38
C LYS A 159 39.92 -33.72 1.43
N GLU A 160 39.31 -33.84 2.62
CA GLU A 160 37.93 -33.42 2.78
C GLU A 160 37.83 -31.94 3.09
N TYR A 161 36.96 -31.25 2.35
CA TYR A 161 36.70 -29.83 2.48
C TYR A 161 35.20 -29.58 2.43
N ARG A 162 34.79 -28.41 2.91
CA ARG A 162 33.42 -27.94 2.80
C ARG A 162 33.46 -26.50 2.29
N LEU A 163 32.33 -26.01 1.81
CA LEU A 163 32.29 -24.61 1.43
C LEU A 163 32.37 -23.77 2.70
N ILE A 164 33.07 -22.64 2.62
CA ILE A 164 33.28 -21.79 3.79
C ILE A 164 31.97 -21.35 4.45
N ASN A 165 30.92 -21.16 3.67
CA ASN A 165 29.67 -20.66 4.24
C ASN A 165 28.73 -21.73 4.80
N CYS A 166 29.04 -23.02 4.68
CA CYS A 166 28.07 -24.02 5.18
C CYS A 166 27.99 -24.06 6.69
N ASN A 167 28.94 -23.44 7.38
CA ASN A 167 28.99 -23.32 8.82
C ASN A 167 28.29 -22.06 9.33
N THR A 168 27.88 -21.16 8.43
CA THR A 168 27.30 -19.88 8.79
C THR A 168 25.92 -19.64 8.22
N SER A 169 25.68 -19.91 6.93
CA SER A 169 24.42 -19.47 6.34
C SER A 169 24.09 -20.26 5.08
N ALA A 170 22.85 -20.06 4.63
CA ALA A 170 22.42 -20.60 3.35
C ALA A 170 23.04 -19.78 2.23
N ILE A 171 23.30 -20.43 1.10
CA ILE A 171 23.89 -19.82 -0.08
C ILE A 171 22.84 -19.77 -1.18
N THR A 172 22.62 -18.58 -1.74
CA THR A 172 21.70 -18.39 -2.86
C THR A 172 22.55 -18.04 -4.09
N GLN A 173 22.29 -18.71 -5.20
CA GLN A 173 23.03 -18.41 -6.43
C GLN A 173 22.44 -17.17 -7.08
N ALA A 174 23.30 -16.23 -7.46
CA ALA A 174 22.80 -15.07 -8.17
C ALA A 174 22.39 -15.50 -9.57
N CYS A 175 21.35 -14.89 -10.10
CA CYS A 175 20.91 -15.23 -11.44
C CYS A 175 21.98 -14.82 -12.47
N PRO A 176 22.41 -15.73 -13.35
CA PRO A 176 23.48 -15.37 -14.31
C PRO A 176 23.07 -14.32 -15.33
N LYS A 177 21.77 -14.10 -15.50
CA LYS A 177 21.23 -13.16 -16.47
C LYS A 177 21.07 -11.73 -15.94
N VAL A 178 21.37 -11.48 -14.67
CA VAL A 178 21.18 -10.15 -14.08
C VAL A 178 22.57 -9.57 -13.82
N SER A 179 22.84 -8.44 -14.47
CA SER A 179 24.13 -7.77 -14.40
C SER A 179 24.34 -7.07 -13.07
N PHE A 180 25.58 -7.08 -12.60
CA PHE A 180 25.98 -6.39 -11.37
C PHE A 180 26.62 -5.04 -11.67
N GLU A 181 26.54 -4.56 -12.90
CA GLU A 181 27.15 -3.29 -13.26
C GLU A 181 26.37 -2.13 -12.63
N PRO A 182 27.01 -1.24 -11.85
CA PRO A 182 26.26 -0.12 -11.27
C PRO A 182 25.59 0.74 -12.33
N ILE A 183 24.36 1.15 -12.04
CA ILE A 183 23.57 1.99 -12.93
C ILE A 183 23.20 3.25 -12.14
N PRO A 184 23.34 4.46 -12.69
CA PRO A 184 22.99 5.66 -11.91
C PRO A 184 21.55 5.65 -11.42
N ILE A 185 21.39 5.96 -10.15
CA ILE A 185 20.08 6.08 -9.50
C ILE A 185 19.94 7.51 -9.02
N HIS A 186 18.81 8.13 -9.34
CA HIS A 186 18.51 9.49 -8.91
C HIS A 186 17.49 9.39 -7.78
N TYR A 187 17.62 10.24 -6.76
CA TYR A 187 16.61 10.32 -5.71
C TYR A 187 15.83 11.62 -5.88
N CYS A 188 14.51 11.50 -5.88
CA CYS A 188 13.60 12.60 -6.12
C CYS A 188 12.70 12.77 -4.92
N ALA A 189 12.53 14.01 -4.49
CA ALA A 189 11.68 14.30 -3.36
C ALA A 189 10.20 14.16 -3.73
N PRO A 190 9.35 13.73 -2.79
CA PRO A 190 7.92 13.74 -3.07
C PRO A 190 7.42 15.18 -3.03
N ALA A 191 6.24 15.41 -3.62
CA ALA A 191 5.69 16.76 -3.61
C ALA A 191 5.55 17.25 -2.18
N GLY A 192 5.88 18.52 -1.97
CA GLY A 192 5.84 19.14 -0.67
C GLY A 192 7.21 19.25 -0.01
N PHE A 193 8.21 18.58 -0.59
CA PHE A 193 9.60 18.56 -0.12
C PHE A 193 10.50 19.04 -1.24
N ALA A 194 11.71 19.47 -0.87
CA ALA A 194 12.70 19.94 -1.83
C ALA A 194 14.08 19.49 -1.39
N ILE A 195 14.99 19.33 -2.36
CA ILE A 195 16.37 18.96 -2.05
C ILE A 195 17.27 20.16 -2.36
N LEU A 196 18.08 20.54 -1.37
CA LEU A 196 19.01 21.65 -1.49
C LEU A 196 20.40 21.10 -1.78
N LYS A 197 20.99 21.53 -2.91
CA LYS A 197 22.30 21.12 -3.35
C LYS A 197 23.29 22.24 -3.01
N CYS A 198 24.34 21.90 -2.27
CA CYS A 198 25.28 22.91 -1.77
C CYS A 198 25.94 23.70 -2.89
N LYS A 199 26.72 23.03 -3.75
CA LYS A 199 27.46 23.60 -4.87
C LYS A 199 28.60 24.53 -4.46
N ASP A 200 28.95 24.60 -3.17
CA ASP A 200 30.06 25.45 -2.78
C ASP A 200 31.38 24.70 -2.97
N LYS A 201 32.45 25.48 -3.06
CA LYS A 201 33.78 24.91 -3.27
C LYS A 201 34.41 24.68 -1.90
N LYS A 202 35.28 23.68 -1.83
CA LYS A 202 36.02 23.37 -0.60
C LYS A 202 35.06 23.16 0.57
N PHE A 203 33.94 22.50 0.29
CA PHE A 203 32.93 22.22 1.30
C PHE A 203 33.27 20.91 2.00
N ASN A 204 33.44 20.98 3.33
CA ASN A 204 33.91 19.85 4.11
C ASN A 204 32.77 19.03 4.69
N GLY A 205 31.57 19.14 4.13
CA GLY A 205 30.46 18.33 4.57
C GLY A 205 29.68 18.84 5.75
N THR A 206 29.98 20.03 6.26
CA THR A 206 29.28 20.54 7.43
C THR A 206 29.33 22.05 7.44
N GLY A 207 28.34 22.65 8.09
CA GLY A 207 28.30 24.08 8.27
C GLY A 207 27.55 24.79 7.15
N PRO A 208 27.59 26.12 7.16
CA PRO A 208 26.85 26.88 6.15
C PRO A 208 27.42 26.69 4.75
N CYS A 209 26.52 26.73 3.77
CA CYS A 209 26.86 26.63 2.36
C CYS A 209 26.35 27.89 1.68
N GLN A 210 27.22 28.56 0.91
CA GLN A 210 26.87 29.85 0.33
C GLN A 210 26.27 29.81 -1.07
N ASN A 211 26.31 28.69 -1.79
CA ASN A 211 25.85 28.63 -3.18
C ASN A 211 24.69 27.66 -3.35
N VAL A 212 23.86 27.55 -2.32
CA VAL A 212 22.78 26.57 -2.26
C VAL A 212 21.78 26.80 -3.39
N SER A 213 21.39 25.71 -4.06
CA SER A 213 20.39 25.73 -5.12
C SER A 213 19.34 24.67 -4.80
N THR A 214 18.14 24.83 -5.34
CA THR A 214 17.06 23.87 -5.13
C THR A 214 16.85 22.97 -6.35
N VAL A 215 16.80 21.66 -6.09
CA VAL A 215 16.53 20.65 -7.10
C VAL A 215 15.40 19.76 -6.58
N GLN A 216 14.75 19.08 -7.52
CA GLN A 216 13.77 18.06 -7.15
C GLN A 216 14.42 16.68 -7.09
N CYS A 217 15.37 16.43 -7.98
CA CYS A 217 16.07 15.15 -8.08
C CYS A 217 17.58 15.39 -7.95
N THR A 218 18.27 14.44 -7.34
CA THR A 218 19.72 14.51 -7.22
C THR A 218 20.38 14.11 -8.54
N HIS A 219 21.68 14.35 -8.65
CA HIS A 219 22.42 13.86 -9.81
C HIS A 219 22.40 12.34 -9.74
N GLY A 220 22.75 11.68 -10.85
CA GLY A 220 22.74 10.23 -10.81
C GLY A 220 23.90 9.75 -9.97
N ILE A 221 23.61 8.84 -9.06
CA ILE A 221 24.59 8.22 -8.17
C ILE A 221 24.66 6.75 -8.52
N LYS A 222 25.85 6.28 -8.85
CA LYS A 222 25.97 4.87 -9.19
C LYS A 222 26.13 4.06 -7.90
N PRO A 223 25.40 2.94 -7.73
CA PRO A 223 25.59 2.15 -6.51
C PRO A 223 26.86 1.31 -6.58
N VAL A 224 28.00 2.00 -6.60
CA VAL A 224 29.29 1.32 -6.70
C VAL A 224 29.63 0.83 -5.30
N VAL A 225 29.96 -0.46 -5.20
CA VAL A 225 30.30 -1.08 -3.93
C VAL A 225 31.79 -1.36 -3.91
N SER A 226 32.49 -0.72 -2.98
CA SER A 226 33.91 -0.90 -2.84
C SER A 226 34.30 -0.58 -1.40
N THR A 227 35.47 -1.03 -1.00
CA THR A 227 36.03 -0.69 0.30
C THR A 227 37.40 -0.05 0.09
N GLN A 228 37.86 0.67 1.11
CA GLN A 228 39.16 1.32 1.15
C GLN A 228 39.31 2.46 0.14
N LEU A 229 39.07 2.17 -1.14
CA LEU A 229 39.10 3.15 -2.21
C LEU A 229 37.68 3.39 -2.73
N LEU A 230 37.42 4.63 -3.13
CA LEU A 230 36.13 5.01 -3.71
C LEU A 230 36.29 5.05 -5.22
N LEU A 231 35.56 4.19 -5.92
CA LEU A 231 35.64 4.10 -7.37
C LEU A 231 34.45 4.77 -8.05
N ASN A 232 34.71 5.31 -9.23
CA ASN A 232 33.69 5.82 -10.15
C ASN A 232 32.76 6.84 -9.47
N GLY A 233 33.33 7.69 -8.62
CA GLY A 233 32.58 8.73 -7.95
C GLY A 233 32.77 10.09 -8.61
N SER A 234 32.32 11.12 -7.91
CA SER A 234 32.48 12.49 -8.37
C SER A 234 33.80 13.02 -7.84
N LEU A 235 34.25 14.15 -8.40
CA LEU A 235 35.53 14.74 -8.01
C LEU A 235 35.38 16.14 -7.45
N ALA A 236 36.32 16.50 -6.59
CA ALA A 236 36.37 17.84 -6.00
C ALA A 236 36.68 18.85 -7.11
N GLU A 237 36.03 20.01 -7.05
CA GLU A 237 36.25 20.98 -8.13
C GLU A 237 37.65 21.59 -8.11
N GLU A 238 38.20 21.92 -6.93
CA GLU A 238 39.50 22.61 -6.88
C GLU A 238 40.58 21.92 -6.07
N GLU A 239 40.25 21.32 -4.93
CA GLU A 239 41.26 20.74 -4.03
C GLU A 239 40.75 19.44 -3.46
N VAL A 240 41.67 18.62 -2.97
CA VAL A 240 41.25 17.41 -2.27
C VAL A 240 40.56 17.84 -0.98
N ILE A 241 39.38 17.28 -0.72
CA ILE A 241 38.57 17.64 0.44
C ILE A 241 38.57 16.47 1.42
N ILE A 242 38.96 16.73 2.65
CA ILE A 242 39.02 15.73 3.71
C ILE A 242 37.85 16.00 4.65
N ARG A 243 36.95 15.02 4.79
CA ARG A 243 35.73 15.18 5.57
C ARG A 243 35.70 14.15 6.69
N SER A 244 35.38 14.58 7.91
CA SER A 244 35.21 13.66 9.02
C SER A 244 34.20 14.24 10.00
N GLU A 245 33.37 13.36 10.56
CA GLU A 245 32.40 13.79 11.57
C GLU A 245 33.11 14.46 12.73
N ASN A 246 34.25 13.91 13.13
CA ASN A 246 35.05 14.44 14.24
C ASN A 246 36.49 14.04 13.94
N ILE A 247 37.27 14.98 13.41
CA ILE A 247 38.62 14.68 12.94
C ILE A 247 39.53 14.25 14.08
N THR A 248 39.22 14.63 15.31
CA THR A 248 40.02 14.27 16.48
C THR A 248 39.61 12.96 17.13
N ASN A 249 38.57 12.29 16.62
CA ASN A 249 38.06 11.03 17.18
C ASN A 249 38.53 9.86 16.32
N ASN A 250 39.40 9.02 16.90
CA ASN A 250 39.97 7.89 16.16
C ASN A 250 38.93 6.85 15.77
N ALA A 251 37.73 6.89 16.35
CA ALA A 251 36.68 5.93 16.04
C ALA A 251 35.87 6.29 14.78
N LYS A 252 36.13 7.44 14.17
CA LYS A 252 35.40 7.89 13.00
C LYS A 252 36.27 7.67 11.76
N ASN A 253 35.60 7.45 10.62
CA ASN A 253 36.33 7.33 9.37
C ASN A 253 36.50 8.71 8.76
N ILE A 254 37.57 8.85 7.97
CA ILE A 254 37.89 10.06 7.23
C ILE A 254 37.67 9.77 5.75
N LEU A 255 36.82 10.55 5.10
CA LEU A 255 36.53 10.37 3.69
C LEU A 255 37.28 11.45 2.92
N VAL A 256 38.11 11.05 1.97
CA VAL A 256 38.92 11.98 1.20
C VAL A 256 38.39 11.97 -0.22
N GLN A 257 37.94 13.13 -0.71
CA GLN A 257 37.43 13.25 -2.07
C GLN A 257 38.51 13.93 -2.90
N LEU A 258 38.98 13.26 -3.94
CA LEU A 258 40.06 13.77 -4.76
C LEU A 258 39.54 14.76 -5.78
N ASN A 259 40.40 15.70 -6.19
CA ASN A 259 40.03 16.62 -7.25
C ASN A 259 40.36 16.04 -8.61
N THR A 260 41.31 15.10 -8.68
CA THR A 260 41.68 14.40 -9.90
C THR A 260 41.62 12.91 -9.58
N SER A 261 41.22 12.12 -10.57
CA SER A 261 41.16 10.68 -10.40
C SER A 261 42.49 10.04 -10.77
N VAL A 262 42.70 8.82 -10.27
CA VAL A 262 43.82 7.99 -10.71
C VAL A 262 43.22 6.73 -11.30
N GLN A 263 43.63 6.39 -12.52
CA GLN A 263 43.04 5.28 -13.23
C GLN A 263 43.62 3.97 -12.73
N ILE A 264 42.75 2.99 -12.48
CA ILE A 264 43.13 1.66 -12.05
C ILE A 264 42.62 0.67 -13.09
N ASN A 265 43.54 -0.07 -13.71
CA ASN A 265 43.18 -1.08 -14.71
C ASN A 265 43.29 -2.43 -14.02
N CYS A 266 42.18 -3.12 -13.80
CA CYS A 266 42.23 -4.34 -13.01
C CYS A 266 41.70 -5.48 -13.87
N THR A 267 42.29 -6.66 -13.70
CA THR A 267 41.97 -7.78 -14.57
C THR A 267 42.14 -9.13 -13.90
N ARG A 268 41.46 -10.10 -14.54
CA ARG A 268 41.54 -11.54 -14.25
C ARG A 268 42.01 -12.12 -15.57
N PRO A 269 43.34 -12.20 -15.78
CA PRO A 269 43.87 -12.60 -17.10
C PRO A 269 43.51 -14.01 -17.53
N SER A 270 43.16 -14.90 -16.61
CA SER A 270 42.87 -16.28 -16.98
C SER A 270 41.62 -16.37 -17.86
N ASN A 271 41.68 -17.26 -18.84
CA ASN A 271 40.56 -17.52 -19.74
C ASN A 271 39.75 -18.67 -19.16
N ASN A 272 38.83 -18.34 -18.26
CA ASN A 272 38.08 -19.36 -17.53
C ASN A 272 36.92 -19.88 -18.36
N THR A 273 36.73 -21.19 -18.34
CA THR A 273 35.62 -21.84 -19.02
C THR A 273 34.62 -22.26 -17.95
N VAL A 274 33.38 -21.85 -18.15
CA VAL A 274 32.24 -22.10 -17.26
C VAL A 274 31.42 -23.25 -17.77
N LYS A 275 31.09 -24.17 -16.87
CA LYS A 275 30.28 -25.35 -17.15
C LYS A 275 29.06 -25.25 -16.25
N SER A 276 27.98 -25.95 -16.61
CA SER A 276 26.80 -25.97 -15.78
C SER A 276 26.14 -27.34 -15.79
N ILE A 277 25.45 -27.63 -14.70
CA ILE A 277 24.68 -28.85 -14.50
C ILE A 277 23.32 -28.49 -13.94
N ARG A 278 22.36 -29.41 -14.10
CA ARG A 278 21.06 -29.23 -13.49
C ARG A 278 21.08 -29.92 -12.13
N ILE A 279 20.45 -29.28 -11.14
CA ILE A 279 20.41 -29.79 -9.77
C ILE A 279 18.99 -30.05 -9.28
N GLY A 280 17.98 -29.81 -10.10
CA GLY A 280 16.61 -30.03 -9.72
C GLY A 280 15.68 -29.56 -10.82
N PRO A 281 14.39 -29.83 -10.70
CA PRO A 281 13.45 -29.36 -11.74
C PRO A 281 13.47 -27.83 -11.82
N GLY A 282 13.79 -27.31 -13.00
CA GLY A 282 13.79 -25.87 -13.17
C GLY A 282 14.93 -25.15 -12.49
N GLN A 283 15.98 -25.86 -12.11
CA GLN A 283 17.12 -25.29 -11.40
C GLN A 283 18.41 -25.76 -12.07
N ALA A 284 19.39 -24.87 -12.13
CA ALA A 284 20.69 -25.23 -12.69
C ALA A 284 21.78 -24.55 -11.87
N PHE A 285 22.89 -25.26 -11.70
CA PHE A 285 24.05 -24.79 -10.98
C PHE A 285 25.19 -24.49 -11.94
N TYR A 286 25.75 -23.28 -11.84
CA TYR A 286 26.86 -22.84 -12.66
C TYR A 286 28.12 -22.90 -11.81
N TYR A 287 29.20 -23.38 -12.40
CA TYR A 287 30.45 -23.51 -11.66
C TYR A 287 31.64 -23.30 -12.57
N PHE A 288 32.78 -23.06 -11.93
CA PHE A 288 34.03 -22.81 -12.61
C PHE A 288 34.60 -24.15 -13.08
N GLY A 289 34.68 -24.33 -14.40
CA GLY A 289 35.08 -25.60 -14.96
C GLY A 289 36.56 -25.78 -15.23
N ASP A 290 37.11 -24.98 -16.13
CA ASP A 290 38.50 -25.14 -16.57
C ASP A 290 39.15 -23.79 -16.78
N VAL A 291 40.48 -23.77 -16.77
CA VAL A 291 41.27 -22.61 -17.15
C VAL A 291 41.98 -22.96 -18.44
N LEU A 292 41.78 -22.14 -19.48
CA LEU A 292 42.46 -22.36 -20.75
C LEU A 292 43.73 -21.53 -20.71
N GLY A 293 44.80 -22.07 -21.29
CA GLY A 293 46.05 -21.34 -21.21
C GLY A 293 46.62 -21.52 -19.82
N HIS A 294 47.47 -20.59 -19.42
CA HIS A 294 48.12 -20.67 -18.12
C HIS A 294 47.21 -20.06 -17.07
N VAL A 295 47.39 -20.51 -15.82
CA VAL A 295 46.70 -19.92 -14.69
C VAL A 295 47.46 -18.66 -14.27
N ARG A 296 46.77 -17.52 -14.29
CA ARG A 296 47.38 -16.24 -13.99
C ARG A 296 46.65 -15.58 -12.82
N MET A 297 47.41 -14.81 -12.04
CA MET A 297 46.88 -14.13 -10.87
C MET A 297 46.11 -12.87 -11.24
N ALA A 298 44.95 -12.70 -10.59
CA ALA A 298 44.18 -11.48 -10.78
C ALA A 298 44.96 -10.33 -10.16
N HIS A 299 44.92 -9.16 -10.81
CA HIS A 299 45.70 -8.04 -10.27
C HIS A 299 45.17 -6.71 -10.80
N CYS A 300 45.57 -5.63 -10.11
CA CYS A 300 45.28 -4.27 -10.56
C CYS A 300 46.55 -3.48 -10.86
N ASN A 301 46.47 -2.66 -11.92
CA ASN A 301 47.53 -1.77 -12.39
C ASN A 301 47.24 -0.34 -11.95
N ILE A 302 48.08 0.23 -11.10
CA ILE A 302 47.96 1.63 -10.67
C ILE A 302 49.25 2.36 -10.99
N SER A 303 49.18 3.44 -11.74
CA SER A 303 50.40 4.17 -12.10
C SER A 303 51.07 4.69 -10.83
N LYS A 304 52.37 4.46 -10.70
CA LYS A 304 53.07 4.87 -9.48
C LYS A 304 53.16 6.39 -9.34
N ALA A 305 53.43 7.11 -10.44
CA ALA A 305 53.60 8.55 -10.33
C ALA A 305 52.29 9.25 -9.97
N THR A 306 51.18 8.81 -10.58
CA THR A 306 49.91 9.46 -10.31
C THR A 306 49.49 9.23 -8.88
N TRP A 307 49.66 8.00 -8.40
CA TRP A 307 49.32 7.69 -7.02
C TRP A 307 50.19 8.48 -6.06
N ASN A 308 51.50 8.56 -6.32
CA ASN A 308 52.38 9.30 -5.43
C ASN A 308 51.96 10.77 -5.34
N GLU A 309 51.58 11.35 -6.48
CA GLU A 309 51.11 12.74 -6.46
C GLU A 309 49.81 12.86 -5.69
N THR A 310 48.93 11.87 -5.84
CA THR A 310 47.64 11.86 -5.16
C THR A 310 47.87 11.84 -3.65
N LEU A 311 48.77 10.99 -3.18
CA LEU A 311 49.02 10.96 -1.75
C LEU A 311 49.69 12.24 -1.30
N GLY A 312 50.56 12.84 -2.12
CA GLY A 312 51.19 14.08 -1.70
C GLY A 312 50.13 15.15 -1.43
N LYS A 313 49.13 15.22 -2.31
CA LYS A 313 48.03 16.16 -2.14
C LYS A 313 47.23 15.86 -0.88
N VAL A 314 46.98 14.57 -0.63
CA VAL A 314 46.23 14.17 0.56
C VAL A 314 47.01 14.54 1.80
N VAL A 315 48.33 14.32 1.79
CA VAL A 315 49.16 14.65 2.94
C VAL A 315 49.13 16.15 3.20
N LYS A 316 49.21 16.97 2.16
CA LYS A 316 49.13 18.42 2.39
C LYS A 316 47.81 18.80 3.07
N GLN A 317 46.72 18.18 2.60
CA GLN A 317 45.43 18.53 3.20
C GLN A 317 45.30 17.98 4.61
N LEU A 318 45.92 16.83 4.90
CA LEU A 318 45.90 16.32 6.26
C LEU A 318 46.74 17.19 7.18
N ARG A 319 47.88 17.68 6.68
CA ARG A 319 48.73 18.55 7.49
C ARG A 319 47.97 19.81 7.87
N LYS A 320 47.08 20.29 7.00
CA LYS A 320 46.29 21.45 7.36
C LYS A 320 45.45 21.24 8.62
N HIS A 321 45.13 19.99 8.98
CA HIS A 321 44.35 19.69 10.18
C HIS A 321 45.18 19.13 11.33
N PHE A 322 46.32 18.50 11.05
CA PHE A 322 47.13 17.84 12.05
C PHE A 322 48.45 18.56 12.39
N GLY A 323 48.78 19.64 11.70
CA GLY A 323 49.97 20.41 11.99
C GLY A 323 50.98 20.34 10.85
N ASN A 324 51.55 21.50 10.53
CA ASN A 324 52.49 21.59 9.42
C ASN A 324 53.78 20.82 9.68
N ASN A 325 54.18 20.65 10.93
CA ASN A 325 55.43 19.98 11.27
C ASN A 325 55.29 18.51 11.69
N THR A 326 54.12 17.89 11.50
CA THR A 326 53.98 16.49 11.88
C THR A 326 54.47 15.61 10.73
N ILE A 327 54.59 14.32 11.01
CA ILE A 327 54.94 13.32 10.01
C ILE A 327 53.71 12.47 9.79
N ILE A 328 53.32 12.27 8.54
CA ILE A 328 52.15 11.47 8.19
C ILE A 328 52.63 10.17 7.56
N ARG A 329 52.13 9.05 8.08
CA ARG A 329 52.51 7.73 7.61
C ARG A 329 51.28 6.97 7.15
N PHE A 330 51.43 6.22 6.06
CA PHE A 330 50.39 5.34 5.56
C PHE A 330 50.88 3.91 5.76
N ALA A 331 49.94 3.04 6.13
CA ALA A 331 50.23 1.64 6.40
C ALA A 331 49.05 0.77 5.97
N GLN A 332 49.33 -0.52 5.83
CA GLN A 332 48.32 -1.48 5.42
C GLN A 332 47.28 -1.66 6.53
N SER A 333 46.10 -2.15 6.15
CA SER A 333 45.06 -2.41 7.13
C SER A 333 45.56 -3.40 8.18
N SER A 334 45.24 -3.11 9.44
CA SER A 334 45.76 -3.91 10.55
C SER A 334 45.07 -5.25 10.75
N GLY A 335 43.84 -5.43 10.29
CA GLY A 335 43.18 -6.70 10.53
C GLY A 335 41.68 -6.61 10.33
N GLY A 336 41.06 -7.78 10.46
CA GLY A 336 39.63 -7.97 10.28
C GLY A 336 39.35 -8.85 9.08
N ASP A 337 38.07 -8.88 8.70
CA ASP A 337 37.63 -9.72 7.60
C ASP A 337 38.30 -9.26 6.31
N LEU A 338 38.41 -10.19 5.35
CA LEU A 338 39.05 -9.85 4.08
C LEU A 338 38.37 -8.66 3.40
N GLU A 339 37.05 -8.51 3.60
CA GLU A 339 36.32 -7.39 3.02
C GLU A 339 36.88 -6.04 3.47
N VAL A 340 37.39 -5.94 4.69
CA VAL A 340 37.92 -4.67 5.21
C VAL A 340 39.44 -4.57 5.13
N THR A 341 40.16 -5.70 5.10
CA THR A 341 41.62 -5.66 5.03
C THR A 341 42.12 -5.46 3.62
N THR A 342 41.30 -5.78 2.62
CA THR A 342 41.60 -5.60 1.21
C THR A 342 40.61 -4.64 0.58
N HIS A 343 40.93 -4.23 -0.65
CA HIS A 343 40.07 -3.41 -1.48
C HIS A 343 39.11 -4.35 -2.19
N SER A 344 37.88 -4.39 -1.70
CA SER A 344 36.87 -5.25 -2.28
C SER A 344 36.18 -4.43 -3.37
N PHE A 345 35.88 -5.06 -4.49
CA PHE A 345 35.08 -4.40 -5.51
C PHE A 345 34.56 -5.45 -6.46
N ASN A 346 33.64 -5.05 -7.34
CA ASN A 346 33.08 -5.94 -8.35
C ASN A 346 33.19 -5.32 -9.73
N CYS A 347 33.87 -6.02 -10.65
CA CYS A 347 33.93 -5.57 -12.03
C CYS A 347 33.93 -6.81 -12.91
N GLY A 348 33.22 -6.71 -14.04
CA GLY A 348 33.19 -7.82 -14.96
C GLY A 348 32.28 -8.95 -14.49
N GLY A 349 31.60 -8.75 -13.37
CA GLY A 349 30.78 -9.74 -12.72
C GLY A 349 31.54 -10.55 -11.68
N GLU A 350 32.83 -10.24 -11.46
CA GLU A 350 33.64 -10.94 -10.47
C GLU A 350 33.97 -10.01 -9.32
N PHE A 351 34.11 -10.61 -8.13
CA PHE A 351 34.40 -9.89 -6.90
C PHE A 351 35.88 -10.01 -6.58
N PHE A 352 36.60 -8.89 -6.65
CA PHE A 352 38.03 -8.84 -6.45
C PHE A 352 38.32 -8.34 -5.05
N TYR A 353 39.36 -8.90 -4.43
CA TYR A 353 39.88 -8.47 -3.12
C TYR A 353 41.37 -8.20 -3.27
N CYS A 354 41.72 -6.94 -3.50
CA CYS A 354 43.09 -6.54 -3.83
C CYS A 354 43.82 -6.07 -2.58
N ASN A 355 45.08 -6.52 -2.41
CA ASN A 355 45.80 -6.28 -1.17
C ASN A 355 45.93 -4.79 -0.83
N THR A 356 46.41 -3.98 -1.77
CA THR A 356 46.66 -2.55 -1.61
C THR A 356 47.84 -2.23 -0.68
N SER A 357 48.55 -3.24 -0.16
CA SER A 357 49.67 -2.95 0.73
C SER A 357 50.78 -2.20 0.02
N GLY A 358 50.80 -2.22 -1.32
CA GLY A 358 51.79 -1.50 -2.09
C GLY A 358 51.48 -0.04 -2.29
N LEU A 359 50.29 0.41 -1.90
CA LEU A 359 49.88 1.81 -2.02
C LEU A 359 50.01 2.57 -0.72
N PHE A 360 49.48 1.99 0.36
CA PHE A 360 49.49 2.63 1.67
C PHE A 360 50.68 2.14 2.49
N ASN A 361 51.88 2.48 2.01
CA ASN A 361 53.12 2.10 2.70
C ASN A 361 54.12 3.23 2.44
N SER A 362 54.05 4.27 3.27
CA SER A 362 54.95 5.40 3.04
C SER A 362 55.02 6.27 4.29
N THR A 363 56.10 7.04 4.40
CA THR A 363 56.24 8.06 5.43
C THR A 363 56.54 9.39 4.76
N TRP A 364 55.73 10.40 5.08
CA TRP A 364 55.79 11.74 4.53
C TRP A 364 56.27 12.70 5.62
N ILE A 365 57.47 13.25 5.42
CA ILE A 365 58.12 14.14 6.38
C ILE A 365 58.31 15.47 5.68
N SER A 366 57.83 16.55 6.33
CA SER A 366 57.90 17.95 5.90
C SER A 366 58.75 18.31 4.67
N ASP A 380 56.91 3.23 -14.46
CA ASP A 380 56.43 1.87 -14.23
C ASP A 380 55.11 1.90 -13.46
N SER A 381 54.33 0.84 -13.62
CA SER A 381 53.05 0.68 -12.94
C SER A 381 53.19 -0.29 -11.78
N LEU A 382 52.44 -0.02 -10.72
CA LEU A 382 52.39 -0.89 -9.56
C LEU A 382 51.32 -1.94 -9.79
N ILE A 383 51.65 -3.19 -9.45
CA ILE A 383 50.73 -4.31 -9.58
C ILE A 383 50.29 -4.72 -8.18
N LEU A 384 48.97 -4.74 -7.95
CA LEU A 384 48.40 -5.16 -6.69
C LEU A 384 47.88 -6.58 -6.85
N PRO A 385 48.36 -7.57 -6.10
CA PRO A 385 47.74 -8.90 -6.17
C PRO A 385 46.30 -8.85 -5.69
N CYS A 386 45.44 -9.62 -6.36
CA CYS A 386 44.03 -9.69 -6.01
C CYS A 386 43.60 -11.14 -5.94
N TRP A 387 42.68 -11.41 -5.01
CA TRP A 387 42.05 -12.72 -4.88
C TRP A 387 40.61 -12.61 -5.34
N ILE A 388 40.07 -13.70 -5.86
CA ILE A 388 38.68 -13.74 -6.31
C ILE A 388 37.94 -14.78 -5.49
N LYS A 389 36.74 -14.41 -5.03
CA LYS A 389 35.89 -15.28 -4.24
C LYS A 389 34.57 -15.45 -4.99
N GLN A 390 33.98 -16.63 -4.86
CA GLN A 390 32.66 -16.89 -5.40
C GLN A 390 31.55 -16.75 -4.37
N ILE A 391 31.83 -16.96 -3.08
CA ILE A 391 30.81 -16.87 -2.03
C ILE A 391 31.02 -15.53 -1.33
N ILE A 392 30.05 -14.64 -1.49
CA ILE A 392 30.15 -13.24 -1.06
C ILE A 392 29.15 -13.02 0.06
N ASN A 393 29.57 -12.34 1.12
CA ASN A 393 28.69 -12.00 2.25
C ASN A 393 28.66 -10.47 2.32
N MET A 394 27.77 -9.87 1.53
CA MET A 394 27.72 -8.42 1.38
C MET A 394 26.92 -7.75 2.49
N TRP A 395 27.16 -6.46 2.62
CA TRP A 395 26.46 -5.54 3.52
C TRP A 395 26.66 -5.89 5.00
N GLN A 396 27.70 -6.65 5.31
CA GLN A 396 28.00 -7.09 6.66
C GLN A 396 26.83 -7.85 7.29
N ARG A 397 26.06 -8.57 6.49
CA ARG A 397 24.94 -9.37 6.98
C ARG A 397 25.35 -10.83 7.09
N ILE A 398 25.35 -11.36 8.30
CA ILE A 398 25.70 -12.75 8.55
C ILE A 398 24.40 -13.52 8.60
N GLY A 399 24.28 -14.55 7.78
CA GLY A 399 23.07 -15.35 7.67
C GLY A 399 22.46 -15.40 6.28
N GLN A 400 22.94 -14.60 5.32
CA GLN A 400 22.43 -14.61 3.94
C GLN A 400 23.60 -14.54 2.98
N ALA A 401 24.09 -15.67 2.45
CA ALA A 401 25.25 -15.64 1.58
C ALA A 401 24.81 -15.77 0.13
N MET A 402 25.62 -15.21 -0.77
CA MET A 402 25.37 -15.28 -2.20
C MET A 402 26.56 -15.91 -2.91
N TYR A 403 26.28 -16.73 -3.92
CA TYR A 403 27.28 -17.36 -4.75
C TYR A 403 27.33 -16.63 -6.08
N ALA A 404 28.48 -16.06 -6.41
CA ALA A 404 28.64 -15.33 -7.65
C ALA A 404 28.99 -16.30 -8.77
N PRO A 405 28.17 -16.47 -9.80
CA PRO A 405 28.53 -17.40 -10.86
C PRO A 405 29.82 -16.97 -11.52
N PRO A 406 30.64 -17.92 -12.00
CA PRO A 406 31.84 -17.51 -12.71
C PRO A 406 31.49 -16.93 -14.06
N ILE A 407 32.36 -16.04 -14.54
CA ILE A 407 32.22 -15.37 -15.82
C ILE A 407 33.16 -16.00 -16.82
N GLN A 408 32.62 -16.32 -18.00
CA GLN A 408 33.37 -16.93 -19.08
C GLN A 408 34.38 -15.93 -19.67
N GLY A 409 35.61 -16.39 -19.85
CA GLY A 409 36.64 -15.58 -20.48
C GLY A 409 37.49 -14.73 -19.54
N VAL A 410 38.22 -13.82 -20.18
CA VAL A 410 39.20 -12.96 -19.53
C VAL A 410 38.50 -11.66 -19.17
N ILE A 411 38.71 -11.19 -17.94
CA ILE A 411 38.07 -9.96 -17.45
C ILE A 411 39.07 -8.84 -17.36
N ARG A 412 38.73 -7.71 -17.97
CA ARG A 412 39.51 -6.49 -17.85
C ARG A 412 38.52 -5.37 -17.61
N CYS A 413 38.79 -4.53 -16.61
CA CYS A 413 37.94 -3.42 -16.25
C CYS A 413 38.85 -2.24 -15.96
N VAL A 414 38.42 -1.04 -16.32
CA VAL A 414 39.17 0.19 -16.02
C VAL A 414 38.26 1.09 -15.21
N SER A 415 38.69 1.45 -14.01
CA SER A 415 37.91 2.28 -13.10
C SER A 415 38.70 3.53 -12.74
N ASN A 416 37.98 4.53 -12.27
CA ASN A 416 38.56 5.77 -11.78
C ASN A 416 38.52 5.74 -10.25
N ILE A 417 39.67 5.92 -9.61
CA ILE A 417 39.70 6.08 -8.16
C ILE A 417 39.52 7.57 -7.94
N THR A 418 38.40 7.94 -7.31
CA THR A 418 38.03 9.33 -7.10
C THR A 418 38.08 9.73 -5.63
N GLY A 419 38.33 8.80 -4.73
CA GLY A 419 38.41 9.13 -3.32
C GLY A 419 38.97 7.97 -2.54
N LEU A 420 39.30 8.26 -1.29
CA LEU A 420 39.88 7.31 -0.36
C LEU A 420 39.07 7.28 0.93
N ILE A 421 39.09 6.15 1.60
CA ILE A 421 38.62 6.04 2.98
C ILE A 421 39.86 5.79 3.80
N LEU A 422 40.04 6.59 4.86
CA LEU A 422 41.16 6.41 5.76
C LEU A 422 40.69 6.36 7.20
N THR A 423 41.43 5.63 8.02
CA THR A 423 41.25 5.61 9.45
C THR A 423 42.62 5.94 10.02
N ARG A 424 42.70 6.28 11.30
CA ARG A 424 43.99 6.57 11.92
C ARG A 424 44.05 5.95 13.30
N ASP A 425 45.28 5.71 13.75
CA ASP A 425 45.53 5.14 15.06
C ASP A 425 45.47 6.20 16.14
N SER A 431 51.08 11.80 18.71
CA SER A 431 52.51 11.85 18.95
C SER A 431 53.20 12.57 17.78
N THR A 432 54.48 12.25 17.54
CA THR A 432 55.19 12.89 16.44
C THR A 432 54.65 12.45 15.09
N THR A 433 54.36 11.16 14.93
CA THR A 433 53.92 10.60 13.67
C THR A 433 52.49 10.09 13.78
N GLU A 434 51.65 10.53 12.84
CA GLU A 434 50.25 10.13 12.75
C GLU A 434 50.13 9.09 11.64
N THR A 435 49.69 7.88 11.98
CA THR A 435 49.59 6.79 11.03
C THR A 435 48.15 6.58 10.57
N PHE A 436 47.97 6.53 9.25
CA PHE A 436 46.68 6.34 8.60
C PHE A 436 46.62 4.99 7.92
N ARG A 437 45.45 4.36 7.94
CA ARG A 437 45.22 3.06 7.35
C ARG A 437 43.95 3.10 6.50
N PRO A 438 43.83 2.22 5.49
CA PRO A 438 42.61 2.20 4.66
C PRO A 438 41.27 2.14 5.38
N GLY A 439 41.15 1.44 6.51
CA GLY A 439 39.87 1.39 7.20
C GLY A 439 38.75 0.92 6.29
N GLY A 440 37.62 1.63 6.34
CA GLY A 440 36.49 1.30 5.49
C GLY A 440 35.70 0.11 5.98
N GLY A 441 34.83 -0.37 5.10
CA GLY A 441 33.97 -1.51 5.36
C GLY A 441 32.54 -1.16 5.68
N ASP A 442 32.25 0.07 6.12
CA ASP A 442 30.88 0.50 6.42
C ASP A 442 30.35 1.17 5.16
N MET A 443 29.42 0.50 4.49
CA MET A 443 28.92 0.98 3.19
C MET A 443 28.24 2.33 3.24
N ARG A 444 27.74 2.76 4.39
CA ARG A 444 27.07 4.05 4.44
C ARG A 444 28.02 5.18 4.08
N ASP A 445 29.31 5.00 4.34
CA ASP A 445 30.26 6.06 4.03
C ASP A 445 30.43 6.22 2.53
N ASN A 446 30.19 5.17 1.76
CA ASN A 446 30.35 5.33 0.32
C ASN A 446 29.22 6.18 -0.20
N TRP A 447 28.03 5.99 0.37
CA TRP A 447 26.90 6.77 -0.07
C TRP A 447 27.16 8.23 0.26
N ARG A 448 27.74 8.46 1.44
CA ARG A 448 28.04 9.82 1.87
C ARG A 448 28.97 10.51 0.90
N SER A 449 29.89 9.76 0.27
CA SER A 449 30.85 10.38 -0.64
C SER A 449 30.17 11.06 -1.82
N GLU A 450 28.91 10.70 -2.11
CA GLU A 450 28.15 11.34 -3.16
C GLU A 450 27.03 12.21 -2.62
N LEU A 451 26.45 11.84 -1.48
CA LEU A 451 25.31 12.54 -0.90
C LEU A 451 25.70 13.71 0.01
N TYR A 452 26.99 13.93 0.24
CA TYR A 452 27.42 15.01 1.12
C TYR A 452 26.92 16.39 0.71
N LYS A 453 26.58 16.62 -0.56
CA LYS A 453 26.15 17.94 -1.00
C LYS A 453 24.65 18.15 -0.98
N TYR A 454 23.85 17.16 -0.58
CA TYR A 454 22.40 17.28 -0.60
C TYR A 454 21.79 17.23 0.79
N LYS A 455 20.73 18.03 0.96
CA LYS A 455 19.90 18.06 2.16
C LYS A 455 18.45 18.05 1.70
N VAL A 456 17.57 17.36 2.44
CA VAL A 456 16.15 17.33 2.09
C VAL A 456 15.39 18.12 3.14
N VAL A 457 14.52 19.03 2.69
CA VAL A 457 13.73 19.88 3.58
C VAL A 457 12.26 19.81 3.23
N LYS A 458 11.43 20.12 4.23
CA LYS A 458 9.99 20.23 4.12
C LYS A 458 9.61 21.68 3.90
N ILE A 459 8.63 21.91 3.03
CA ILE A 459 8.11 23.24 2.74
C ILE A 459 6.98 23.52 3.70
N GLU A 460 6.98 24.72 4.30
CA GLU A 460 5.96 25.16 5.25
C GLU A 460 5.31 26.41 4.65
N PRO A 461 4.36 26.23 3.73
CA PRO A 461 3.86 27.34 2.91
C PRO A 461 3.07 28.40 3.66
N LEU A 462 2.63 28.12 4.89
CA LEU A 462 1.87 29.09 5.65
C LEU A 462 2.78 29.96 6.49
N GLY A 463 2.39 31.23 6.60
CA GLY A 463 3.06 32.16 7.48
C GLY A 463 2.17 33.35 7.68
N VAL A 464 2.54 34.17 8.65
CA VAL A 464 1.78 35.35 9.02
C VAL A 464 2.74 36.52 9.07
N ALA A 465 2.21 37.72 8.82
CA ALA A 465 3.06 38.90 8.92
C ALA A 465 2.19 40.13 9.15
N PRO A 466 2.70 41.16 9.82
CA PRO A 466 1.89 42.38 9.99
C PRO A 466 1.77 43.15 8.69
N THR A 467 0.58 43.69 8.46
CA THR A 467 0.33 44.59 7.33
C THR A 467 -0.61 45.67 7.84
N ARG A 468 -0.93 46.62 6.98
CA ARG A 468 -1.89 47.66 7.30
C ARG A 468 -3.31 47.28 6.93
N CYS A 469 -3.53 46.03 6.49
CA CYS A 469 -4.83 45.60 5.96
C CYS A 469 -5.77 45.05 7.03
N LYS A 470 -6.93 45.68 7.17
CA LYS A 470 -7.96 45.23 8.09
C LYS A 470 -9.04 44.55 7.26
N ARG A 471 -9.46 43.35 7.65
CA ARG A 471 -10.54 42.69 6.94
C ARG A 471 -11.80 43.53 7.05
N ARG A 472 -12.50 43.69 5.92
CA ARG A 472 -13.73 44.48 5.85
C ARG A 472 -13.61 45.83 6.54
N GLU B 1 16.33 67.00 -3.57
CA GLU B 1 16.72 65.56 -3.67
C GLU B 1 16.09 64.88 -4.87
N VAL B 2 14.88 65.32 -5.24
CA VAL B 2 14.12 64.73 -6.34
C VAL B 2 13.66 65.83 -7.28
N GLN B 3 13.26 65.43 -8.47
CA GLN B 3 12.70 66.31 -9.49
C GLN B 3 11.41 65.72 -10.03
N LEU B 4 10.39 66.56 -10.17
CA LEU B 4 9.11 66.18 -10.77
C LEU B 4 8.68 67.36 -11.63
N VAL B 5 8.54 67.16 -12.94
CA VAL B 5 8.28 68.27 -13.85
C VAL B 5 7.03 67.99 -14.70
N GLU B 6 6.07 68.92 -14.61
CA GLU B 6 4.83 68.94 -15.37
C GLU B 6 5.03 69.39 -16.82
N THR B 7 4.36 68.72 -17.74
CA THR B 7 4.28 69.09 -19.14
C THR B 7 2.80 69.11 -19.51
N GLY B 8 2.39 70.12 -20.28
CA GLY B 8 1.01 70.19 -20.71
C GLY B 8 0.77 71.42 -21.55
N GLY B 9 -0.47 71.51 -22.06
CA GLY B 9 -0.88 72.62 -22.90
C GLY B 9 -1.50 73.74 -22.10
N GLY B 10 -2.08 74.69 -22.84
CA GLY B 10 -2.70 75.87 -22.25
C GLY B 10 -4.20 75.99 -22.40
N LEU B 11 -4.63 76.90 -23.28
CA LEU B 11 -6.05 77.17 -23.46
C LEU B 11 -6.71 76.14 -24.38
N VAL B 12 -7.86 75.63 -23.96
CA VAL B 12 -8.68 74.72 -24.74
C VAL B 12 -10.10 75.27 -24.78
N GLN B 13 -10.90 74.73 -25.70
CA GLN B 13 -12.31 75.07 -25.76
C GLN B 13 -13.12 74.20 -24.80
N PRO B 14 -14.27 74.67 -24.30
CA PRO B 14 -15.15 73.79 -23.54
C PRO B 14 -15.57 72.58 -24.38
N GLY B 15 -15.65 71.41 -23.73
CA GLY B 15 -16.04 70.21 -24.44
C GLY B 15 -14.91 69.44 -25.08
N GLY B 16 -13.68 69.92 -25.01
CA GLY B 16 -12.53 69.28 -25.62
C GLY B 16 -11.80 68.37 -24.65
N SER B 17 -10.50 68.18 -24.89
CA SER B 17 -9.71 67.29 -24.07
C SER B 17 -8.26 67.75 -24.09
N LEU B 18 -7.51 67.31 -23.08
CA LEU B 18 -6.09 67.63 -23.00
C LEU B 18 -5.36 66.61 -22.13
N LYS B 19 -4.25 66.08 -22.63
CA LYS B 19 -3.43 65.15 -21.87
C LYS B 19 -2.23 65.88 -21.26
N LEU B 20 -2.06 65.71 -19.96
CA LEU B 20 -0.96 66.24 -19.17
C LEU B 20 -0.02 65.09 -18.81
N SER B 21 1.26 65.40 -18.64
CA SER B 21 2.23 64.35 -18.30
C SER B 21 3.31 64.93 -17.40
N CYS B 22 3.74 64.14 -16.42
CA CYS B 22 4.82 64.49 -15.52
C CYS B 22 5.93 63.46 -15.58
N ARG B 23 7.17 63.94 -15.58
CA ARG B 23 8.34 63.08 -15.49
C ARG B 23 8.97 63.21 -14.10
N ALA B 24 9.35 62.06 -13.53
CA ALA B 24 9.95 61.95 -12.23
C ALA B 24 11.42 61.54 -12.33
N SER B 25 12.23 62.05 -11.40
CA SER B 25 13.63 61.68 -11.30
C SER B 25 14.08 61.83 -9.85
N GLY B 26 15.06 61.02 -9.44
CA GLY B 26 15.66 61.11 -8.14
C GLY B 26 15.10 60.17 -7.08
N TYR B 27 14.08 59.40 -7.41
CA TYR B 27 13.46 58.45 -6.49
C TYR B 27 12.92 57.32 -7.34
N THR B 28 12.62 56.19 -6.71
CA THR B 28 12.06 55.08 -7.48
C THR B 28 10.58 55.40 -7.72
N PHE B 29 10.23 55.60 -8.99
CA PHE B 29 8.87 55.99 -9.32
C PHE B 29 7.87 54.91 -8.93
N SER B 30 8.19 53.66 -9.24
CA SER B 30 7.32 52.52 -8.98
C SER B 30 7.11 52.23 -7.50
N SER B 31 7.84 52.87 -6.59
CA SER B 31 7.66 52.64 -5.16
C SER B 31 6.67 53.58 -4.49
N PHE B 32 6.19 54.62 -5.17
CA PHE B 32 5.31 55.60 -4.55
C PHE B 32 4.03 55.79 -5.36
N ALA B 33 2.95 56.04 -4.63
CA ALA B 33 1.68 56.44 -5.23
C ALA B 33 1.81 57.87 -5.70
N MET B 34 1.03 58.23 -6.73
CA MET B 34 1.06 59.58 -7.29
C MET B 34 -0.34 60.17 -7.30
N SER B 35 -0.41 61.49 -7.15
CA SER B 35 -1.68 62.20 -7.19
C SER B 35 -1.58 63.44 -8.04
N TRP B 36 -2.75 63.94 -8.45
CA TRP B 36 -2.89 65.24 -9.07
C TRP B 36 -3.72 66.10 -8.13
N VAL B 37 -3.24 67.33 -7.94
CA VAL B 37 -3.87 68.36 -7.11
C VAL B 37 -3.96 69.62 -7.95
N ARG B 38 -5.08 70.33 -7.89
CA ARG B 38 -5.23 71.53 -8.71
C ARG B 38 -5.60 72.73 -7.86
N GLN B 39 -5.18 73.90 -8.34
CA GLN B 39 -5.47 75.18 -7.69
C GLN B 39 -6.03 76.16 -8.71
N ALA B 40 -7.28 76.60 -8.50
CA ALA B 40 -7.86 77.57 -9.41
C ALA B 40 -7.07 78.87 -9.25
N PRO B 41 -6.98 79.70 -10.31
CA PRO B 41 -6.19 80.94 -10.19
C PRO B 41 -6.49 81.82 -8.98
N GLY B 42 -7.74 81.89 -8.53
CA GLY B 42 -8.09 82.71 -7.38
C GLY B 42 -8.51 81.97 -6.12
N LYS B 43 -8.34 80.65 -6.07
CA LYS B 43 -8.80 79.81 -4.96
C LYS B 43 -7.62 79.04 -4.40
N GLY B 44 -7.91 78.25 -3.36
CA GLY B 44 -6.92 77.37 -2.79
C GLY B 44 -6.85 76.11 -3.62
N LEU B 45 -5.98 75.20 -3.21
CA LEU B 45 -5.77 73.96 -3.95
C LEU B 45 -6.65 72.84 -3.42
N GLU B 46 -7.00 71.90 -4.32
CA GLU B 46 -7.84 70.76 -3.98
C GLU B 46 -7.34 69.51 -4.70
N TRP B 47 -7.65 68.36 -4.11
CA TRP B 47 -7.26 67.07 -4.70
C TRP B 47 -8.11 66.75 -5.92
N VAL B 48 -7.46 66.22 -6.96
CA VAL B 48 -8.10 65.84 -8.20
C VAL B 48 -8.13 64.33 -8.38
N SER B 49 -6.99 63.67 -8.21
CA SER B 49 -6.96 62.23 -8.48
C SER B 49 -5.80 61.57 -7.74
N LEU B 50 -5.92 60.25 -7.60
CA LEU B 50 -4.90 59.42 -6.95
C LEU B 50 -4.74 58.11 -7.70
N ILE B 51 -3.49 57.71 -7.93
CA ILE B 51 -3.14 56.43 -8.53
C ILE B 51 -2.17 55.72 -7.61
N ASN B 52 -2.29 54.40 -7.53
CA ASN B 52 -1.44 53.60 -6.67
C ASN B 52 -0.05 53.49 -7.30
N ASP B 53 0.85 52.79 -6.61
CA ASP B 53 2.21 52.69 -7.12
C ASP B 53 2.29 51.76 -8.33
N ARG B 54 1.54 50.65 -8.29
CA ARG B 54 1.52 49.75 -9.43
C ARG B 54 0.71 50.33 -10.59
N GLY B 55 -0.32 51.11 -10.28
CA GLY B 55 -1.17 51.73 -11.28
C GLY B 55 -2.50 51.04 -11.50
N GLY B 56 -2.70 49.87 -10.91
CA GLY B 56 -3.96 49.15 -11.10
C GLY B 56 -5.17 49.86 -10.52
N LEU B 57 -5.01 50.58 -9.42
CA LEU B 57 -6.10 51.26 -8.74
C LEU B 57 -6.03 52.76 -8.98
N THR B 58 -7.18 53.35 -9.29
CA THR B 58 -7.30 54.79 -9.48
C THR B 58 -8.51 55.29 -8.72
N PHE B 59 -8.41 56.53 -8.22
CA PHE B 59 -9.48 57.19 -7.50
C PHE B 59 -9.57 58.62 -8.04
N TYR B 60 -10.78 59.18 -8.04
CA TYR B 60 -10.99 60.53 -8.52
C TYR B 60 -11.88 61.31 -7.58
N VAL B 61 -11.74 62.63 -7.61
CA VAL B 61 -12.70 63.50 -6.93
C VAL B 61 -13.97 63.51 -7.76
N ASP B 62 -15.12 63.53 -7.08
CA ASP B 62 -16.42 63.45 -7.76
C ASP B 62 -16.58 64.46 -8.89
N SER B 63 -16.06 65.67 -8.74
CA SER B 63 -16.29 66.69 -9.76
C SER B 63 -15.68 66.34 -11.13
N VAL B 64 -14.75 65.39 -11.18
CA VAL B 64 -14.11 64.97 -12.43
C VAL B 64 -14.23 63.47 -12.67
N LYS B 65 -14.97 62.75 -11.83
CA LYS B 65 -14.94 61.28 -11.83
C LYS B 65 -15.32 60.69 -13.18
N GLY B 66 -16.25 61.31 -13.89
CA GLY B 66 -16.68 60.76 -15.16
C GLY B 66 -15.89 61.18 -16.39
N ARG B 67 -14.89 62.05 -16.25
CA ARG B 67 -14.14 62.54 -17.41
C ARG B 67 -12.66 62.21 -17.38
N PHE B 68 -12.01 62.30 -16.22
CA PHE B 68 -10.54 62.22 -16.16
C PHE B 68 -10.09 60.77 -16.07
N THR B 69 -8.97 60.48 -16.73
CA THR B 69 -8.30 59.18 -16.64
C THR B 69 -6.88 59.41 -16.16
N ILE B 70 -6.48 58.70 -15.10
CA ILE B 70 -5.13 58.79 -14.56
C ILE B 70 -4.42 57.48 -14.87
N SER B 71 -3.18 57.59 -15.36
CA SER B 71 -2.41 56.42 -15.76
C SER B 71 -0.94 56.70 -15.48
N ARG B 72 -0.18 55.66 -15.17
CA ARG B 72 1.25 55.80 -14.93
C ARG B 72 1.99 54.71 -15.67
N ASP B 73 3.25 54.99 -15.99
CA ASP B 73 4.14 54.06 -16.67
C ASP B 73 5.42 53.97 -15.86
N ASN B 74 5.62 52.84 -15.19
CA ASN B 74 6.74 52.64 -14.29
C ASN B 74 8.03 52.30 -15.04
N SER B 75 7.97 52.06 -16.34
CA SER B 75 9.16 51.80 -17.14
C SER B 75 9.72 53.10 -17.68
N LYS B 76 8.84 54.06 -17.92
CA LYS B 76 9.19 55.38 -18.41
C LYS B 76 9.38 56.35 -17.26
N ASN B 77 8.89 56.01 -16.07
CA ASN B 77 8.91 56.89 -14.91
C ASN B 77 8.07 58.13 -15.19
N THR B 78 6.90 57.94 -15.80
CA THR B 78 6.00 59.07 -16.08
C THR B 78 4.59 58.81 -15.58
N LEU B 79 3.91 59.91 -15.28
CA LEU B 79 2.51 59.94 -14.88
C LEU B 79 1.74 60.74 -15.92
N SER B 80 0.59 60.23 -16.37
CA SER B 80 -0.23 60.93 -17.34
C SER B 80 -1.63 61.12 -16.78
N LEU B 81 -2.27 62.22 -17.19
CA LEU B 81 -3.67 62.50 -16.89
C LEU B 81 -4.35 62.97 -18.15
N GLN B 82 -5.37 62.24 -18.59
CA GLN B 82 -6.12 62.60 -19.78
C GLN B 82 -7.44 63.20 -19.31
N MET B 83 -7.65 64.48 -19.60
CA MET B 83 -8.85 65.18 -19.17
C MET B 83 -9.78 65.47 -20.35
N HIS B 84 -11.07 65.23 -20.13
CA HIS B 84 -12.10 65.53 -21.12
C HIS B 84 -13.20 66.45 -20.62
N SER B 85 -13.80 67.20 -21.54
CA SER B 85 -14.92 68.12 -21.16
C SER B 85 -14.42 69.15 -20.14
N LEU B 86 -13.24 69.72 -20.44
CA LEU B 86 -12.68 70.81 -19.60
C LEU B 86 -13.76 71.87 -19.50
N ARG B 87 -14.16 72.20 -18.28
CA ARG B 87 -15.27 73.12 -18.06
C ARG B 87 -14.54 74.34 -17.51
N ASP B 88 -15.28 75.45 -17.39
CA ASP B 88 -14.68 76.65 -16.84
C ASP B 88 -14.33 76.45 -15.38
N GLY B 89 -15.08 75.59 -14.68
CA GLY B 89 -14.79 75.28 -13.30
C GLY B 89 -13.54 74.42 -13.13
N ASP B 90 -13.01 73.88 -14.23
CA ASP B 90 -11.82 73.05 -14.23
C ASP B 90 -10.54 73.83 -14.57
N THR B 91 -10.62 75.15 -14.72
CA THR B 91 -9.43 75.92 -15.04
C THR B 91 -8.59 76.03 -13.77
N ALA B 92 -7.31 75.66 -13.87
CA ALA B 92 -6.48 75.61 -12.68
C ALA B 92 -5.05 75.29 -13.08
N VAL B 93 -4.14 75.45 -12.13
CA VAL B 93 -2.79 74.90 -12.28
C VAL B 93 -2.82 73.53 -11.62
N TYR B 94 -2.40 72.52 -12.38
CA TYR B 94 -2.40 71.12 -11.98
C TYR B 94 -1.01 70.64 -11.60
N TYR B 95 -0.84 70.24 -10.35
CA TYR B 95 0.44 69.81 -9.83
C TYR B 95 0.43 68.29 -9.71
N CYS B 96 1.55 67.67 -10.04
CA CYS B 96 1.79 66.26 -9.73
C CYS B 96 2.42 66.19 -8.36
N ALA B 97 2.05 65.18 -7.57
CA ALA B 97 2.73 65.00 -6.31
C ALA B 97 2.90 63.54 -5.97
N THR B 98 4.03 63.26 -5.31
CA THR B 98 4.39 61.93 -4.86
C THR B 98 3.90 61.81 -3.42
N GLY B 99 3.08 60.78 -3.17
CA GLY B 99 2.47 60.49 -1.90
C GLY B 99 0.98 60.29 -2.06
N GLY B 100 0.29 60.29 -0.92
CA GLY B 100 -1.13 60.09 -0.88
C GLY B 100 -1.61 58.67 -0.65
N MET B 101 -0.75 57.67 -0.75
CA MET B 101 -1.19 56.29 -0.55
C MET B 101 0.04 55.41 -0.42
N SER B 102 -0.15 54.21 0.13
CA SER B 102 0.89 53.21 0.20
C SER B 102 0.28 51.83 -0.02
N SER B 103 1.07 50.95 -0.63
CA SER B 103 0.58 49.63 -1.05
C SER B 103 0.64 48.59 0.07
N ALA B 104 -0.08 48.87 1.16
CA ALA B 104 -0.30 47.89 2.25
C ALA B 104 0.91 47.42 3.03
N LEU B 105 2.06 47.19 2.38
CA LEU B 105 3.24 46.68 3.05
C LEU B 105 4.24 47.78 3.42
N GLN B 106 3.90 49.04 3.15
CA GLN B 106 4.73 50.20 3.42
C GLN B 106 4.05 51.03 4.49
N SER B 107 4.83 51.84 5.18
CA SER B 107 4.27 52.72 6.19
C SER B 107 3.25 53.66 5.54
N SER B 108 2.22 54.00 6.29
CA SER B 108 1.17 54.84 5.75
C SER B 108 1.69 56.25 5.46
N LYS B 109 0.98 56.92 4.54
CA LYS B 109 1.27 58.32 4.23
C LYS B 109 0.05 59.21 4.40
N TYR B 110 -0.85 59.19 3.42
CA TYR B 110 -2.01 60.07 3.39
C TYR B 110 -1.56 61.52 3.38
N TYR B 111 -0.45 61.79 2.71
CA TYR B 111 0.08 63.13 2.53
C TYR B 111 0.80 63.15 1.20
N PHE B 112 1.10 64.35 0.71
CA PHE B 112 1.78 64.51 -0.57
C PHE B 112 3.21 64.91 -0.25
N ASP B 113 4.13 63.97 -0.45
CA ASP B 113 5.52 64.12 0.00
C ASP B 113 6.34 65.05 -0.88
N PHE B 114 6.22 64.92 -2.21
CA PHE B 114 7.00 65.74 -3.13
C PHE B 114 6.08 66.38 -4.16
N TRP B 115 6.39 67.62 -4.56
CA TRP B 115 5.59 68.36 -5.51
C TRP B 115 6.41 68.89 -6.69
N GLY B 116 5.73 68.97 -7.84
CA GLY B 116 6.27 69.60 -9.03
C GLY B 116 5.90 71.07 -8.97
N GLN B 117 6.03 71.77 -10.11
CA GLN B 117 5.75 73.20 -10.11
C GLN B 117 4.39 73.58 -10.71
N GLY B 118 3.80 72.71 -11.51
CA GLY B 118 2.44 72.87 -12.02
C GLY B 118 2.26 73.30 -13.46
N ALA B 119 1.35 72.62 -14.16
CA ALA B 119 0.97 72.98 -15.53
C ALA B 119 -0.29 73.83 -15.43
N LEU B 120 -0.37 74.93 -16.17
CA LEU B 120 -1.54 75.79 -16.12
C LEU B 120 -2.48 75.49 -17.28
N VAL B 121 -3.69 75.02 -16.96
CA VAL B 121 -4.70 74.63 -17.94
C VAL B 121 -5.87 75.59 -17.79
N THR B 122 -6.24 76.23 -18.90
CA THR B 122 -7.30 77.22 -18.97
C THR B 122 -8.34 76.80 -20.00
N VAL B 123 -9.50 77.45 -19.93
CA VAL B 123 -10.63 77.14 -20.80
C VAL B 123 -11.22 78.46 -21.28
N ALA C 1 -15.16 71.24 2.26
CA ALA C 1 -13.89 71.90 2.56
C ALA C 1 -13.69 72.04 4.06
N LEU C 2 -12.45 72.31 4.46
CA LEU C 2 -12.10 72.56 5.86
C LEU C 2 -12.07 74.06 6.09
N THR C 3 -12.33 74.47 7.33
CA THR C 3 -12.37 75.88 7.70
C THR C 3 -11.04 76.32 8.30
N GLN C 4 -10.49 77.39 7.74
CA GLN C 4 -9.25 78.04 8.16
C GLN C 4 -9.51 79.55 8.21
N PRO C 5 -8.80 80.29 9.05
CA PRO C 5 -8.94 81.75 9.02
C PRO C 5 -8.41 82.28 7.69
N PRO C 6 -9.09 83.24 7.05
CA PRO C 6 -8.53 83.80 5.81
C PRO C 6 -7.20 84.52 5.99
N SER C 7 -6.89 85.01 7.19
CA SER C 7 -5.65 85.74 7.38
C SER C 7 -5.21 85.68 8.84
N VAL C 8 -3.92 85.46 9.05
CA VAL C 8 -3.30 85.41 10.37
C VAL C 8 -2.04 86.25 10.28
N SER C 9 -1.69 86.92 11.39
CA SER C 9 -0.51 87.77 11.41
C SER C 9 0.07 87.82 12.81
N GLY C 10 1.27 88.40 12.90
CA GLY C 10 1.93 88.59 14.18
C GLY C 10 3.29 89.21 13.96
N SER C 11 3.89 89.61 15.08
CA SER C 11 5.22 90.23 15.04
C SER C 11 6.30 89.16 14.83
N PRO C 12 7.45 89.53 14.24
CA PRO C 12 8.57 88.57 14.17
C PRO C 12 8.96 88.08 15.56
N GLY C 13 9.18 86.77 15.65
CA GLY C 13 9.54 86.11 16.89
C GLY C 13 8.34 85.60 17.67
N GLN C 14 7.14 85.98 17.26
CA GLN C 14 5.91 85.58 17.93
C GLN C 14 5.54 84.16 17.55
N SER C 15 4.86 83.47 18.46
CA SER C 15 4.29 82.17 18.18
C SER C 15 2.91 82.40 17.56
N VAL C 16 2.73 81.94 16.32
CA VAL C 16 1.52 82.15 15.54
C VAL C 16 0.86 80.80 15.29
N THR C 17 -0.43 80.69 15.57
CA THR C 17 -1.16 79.45 15.36
C THR C 17 -2.20 79.63 14.26
N ILE C 18 -2.28 78.62 13.40
CA ILE C 18 -3.27 78.55 12.33
C ILE C 18 -4.19 77.36 12.61
N SER C 19 -5.48 77.64 12.77
CA SER C 19 -6.46 76.61 13.05
C SER C 19 -7.01 76.01 11.75
N CYS C 20 -7.36 74.73 11.82
CA CYS C 20 -8.03 73.99 10.75
C CYS C 20 -9.18 73.23 11.38
N THR C 21 -10.42 73.61 11.05
CA THR C 21 -11.60 73.00 11.66
C THR C 21 -12.37 72.21 10.61
N GLY C 22 -12.66 70.96 10.93
CA GLY C 22 -13.42 70.07 10.07
C GLY C 22 -14.53 69.41 10.87
N THR C 23 -15.13 68.35 10.33
CA THR C 23 -16.18 67.61 11.02
C THR C 23 -15.60 66.35 11.66
N SER C 24 -16.48 65.58 12.31
CA SER C 24 -16.05 64.37 13.02
C SER C 24 -15.50 63.31 12.07
N SER C 25 -15.94 63.31 10.82
CA SER C 25 -15.48 62.33 9.84
C SER C 25 -14.17 62.72 9.16
N ASP C 26 -13.65 63.91 9.38
CA ASP C 26 -12.44 64.40 8.71
C ASP C 26 -11.28 64.47 9.69
N ILE C 27 -11.35 65.33 10.70
CA ILE C 27 -10.22 65.54 11.59
C ILE C 27 -10.30 64.61 12.79
N GLY C 28 -11.51 64.44 13.33
CA GLY C 28 -11.75 63.59 14.48
C GLY C 28 -11.41 62.12 14.34
N SER C 29 -12.06 61.48 13.37
CA SER C 29 -11.86 60.05 13.13
C SER C 29 -10.48 59.71 12.60
N TYR C 30 -9.91 60.53 11.72
CA TYR C 30 -8.62 60.24 11.10
C TYR C 30 -7.55 61.21 11.53
N ASN C 31 -6.48 60.67 12.12
CA ASN C 31 -5.34 61.48 12.58
C ASN C 31 -4.29 61.60 11.48
N TYR C 32 -4.72 62.04 10.30
CA TYR C 32 -3.85 62.24 9.15
C TYR C 32 -4.11 63.65 8.61
N VAL C 33 -3.71 64.66 9.36
CA VAL C 33 -3.93 66.05 8.98
C VAL C 33 -2.56 66.68 8.75
N SER C 34 -2.25 66.95 7.49
CA SER C 34 -0.97 67.50 7.08
C SER C 34 -1.10 69.01 6.85
N TRP C 35 0.04 69.70 6.83
CA TRP C 35 0.09 71.13 6.53
C TRP C 35 1.12 71.42 5.44
N TYR C 36 0.75 72.33 4.54
CA TYR C 36 1.57 72.75 3.40
C TYR C 36 1.80 74.25 3.42
N GLN C 37 3.00 74.66 3.00
CA GLN C 37 3.43 76.05 2.92
C GLN C 37 3.63 76.41 1.45
N GLN C 38 2.79 77.30 0.92
CA GLN C 38 2.81 77.71 -0.48
C GLN C 38 3.24 79.16 -0.61
N HIS C 39 4.40 79.41 -1.27
CA HIS C 39 4.83 80.77 -1.52
C HIS C 39 4.17 81.26 -2.80
N PRO C 40 3.83 82.54 -2.93
CA PRO C 40 3.17 83.01 -4.17
C PRO C 40 3.98 82.65 -5.42
N GLY C 41 3.28 82.10 -6.41
CA GLY C 41 3.90 81.74 -7.67
C GLY C 41 4.57 80.39 -7.67
N LYS C 42 4.61 79.70 -6.53
CA LYS C 42 5.29 78.42 -6.39
C LYS C 42 4.31 77.34 -5.91
N ALA C 43 4.71 76.10 -6.16
CA ALA C 43 3.98 74.94 -5.66
C ALA C 43 4.12 74.84 -4.14
N PRO C 44 3.13 74.27 -3.45
CA PRO C 44 3.27 74.10 -2.01
C PRO C 44 4.35 73.10 -1.63
N LYS C 45 4.98 73.36 -0.49
CA LYS C 45 5.95 72.47 0.13
C LYS C 45 5.29 71.84 1.35
N LEU C 46 5.62 70.58 1.61
CA LEU C 46 5.10 69.91 2.79
C LEU C 46 5.85 70.35 4.04
N MET C 47 5.11 70.84 5.03
CA MET C 47 5.66 71.25 6.31
C MET C 47 5.42 70.20 7.38
N ILE C 48 4.17 69.75 7.51
CA ILE C 48 3.79 68.79 8.53
C ILE C 48 3.08 67.63 7.86
N TYR C 49 3.42 66.40 8.27
CA TYR C 49 2.72 65.22 7.82
C TYR C 49 2.32 64.51 9.09
N ASP C 50 1.24 63.72 9.03
CA ASP C 50 0.67 63.12 10.24
C ASP C 50 0.27 64.27 11.17
N VAL C 51 -0.22 63.99 12.37
CA VAL C 51 -0.61 65.10 13.21
C VAL C 51 0.61 65.88 13.71
N THR C 52 1.67 65.19 14.15
CA THR C 52 2.81 65.82 14.80
C THR C 52 4.16 65.69 14.08
N GLN C 53 4.25 65.12 12.88
CA GLN C 53 5.56 64.85 12.29
C GLN C 53 5.99 65.91 11.29
N ARG C 54 7.31 66.06 11.16
CA ARG C 54 7.96 66.98 10.23
C ARG C 54 8.82 66.24 9.21
N PRO C 55 8.69 66.49 7.90
CA PRO C 55 9.61 65.88 6.95
C PRO C 55 11.03 66.36 7.23
N SER C 56 12.02 65.52 6.92
CA SER C 56 13.40 65.96 7.10
C SER C 56 13.64 67.20 6.24
N GLY C 57 14.37 68.16 6.79
CA GLY C 57 14.65 69.41 6.11
C GLY C 57 13.79 70.55 6.59
N VAL C 58 12.72 70.25 7.32
CA VAL C 58 11.82 71.25 7.89
C VAL C 58 12.20 71.45 9.34
N SER C 59 12.41 72.72 9.71
CA SER C 59 12.86 73.06 11.05
C SER C 59 11.76 72.85 12.08
N ASP C 60 12.17 72.84 13.34
CA ASP C 60 11.30 72.57 14.48
C ASP C 60 10.39 73.75 14.83
N ARG C 61 10.47 74.85 14.09
CA ARG C 61 9.55 75.97 14.30
C ARG C 61 8.11 75.57 14.01
N PHE C 62 7.90 74.60 13.13
CA PHE C 62 6.56 74.17 12.71
C PHE C 62 6.14 72.98 13.54
N SER C 63 5.18 73.18 14.45
CA SER C 63 4.74 72.17 15.40
C SER C 63 3.24 71.95 15.25
N GLY C 64 2.86 70.73 14.84
CA GLY C 64 1.46 70.40 14.64
C GLY C 64 0.83 69.85 15.89
N SER C 65 -0.50 69.97 15.97
CA SER C 65 -1.26 69.38 17.07
C SER C 65 -2.69 69.18 16.60
N LYS C 66 -3.43 68.38 17.38
CA LYS C 66 -4.84 68.15 17.10
C LYS C 66 -5.58 67.98 18.42
N SER C 67 -6.77 68.57 18.51
CA SER C 67 -7.64 68.43 19.67
C SER C 67 -9.07 68.35 19.17
N GLY C 68 -9.78 67.29 19.55
CA GLY C 68 -11.15 67.13 19.10
C GLY C 68 -11.14 67.04 17.58
N ASN C 69 -11.91 67.91 16.95
CA ASN C 69 -12.04 67.96 15.50
C ASN C 69 -11.29 69.15 14.92
N THR C 70 -10.41 69.79 15.69
CA THR C 70 -9.65 70.94 15.24
C THR C 70 -8.16 70.66 15.29
N ALA C 71 -7.49 70.88 14.17
CA ALA C 71 -6.05 70.72 14.02
C ALA C 71 -5.43 72.11 14.10
N SER C 72 -4.16 72.18 14.47
CA SER C 72 -3.49 73.47 14.58
C SER C 72 -2.03 73.34 14.22
N LEU C 73 -1.53 74.37 13.54
CA LEU C 73 -0.12 74.51 13.22
C LEU C 73 0.43 75.72 13.96
N THR C 74 1.43 75.50 14.81
CA THR C 74 2.07 76.58 15.56
C THR C 74 3.43 76.84 14.92
N ILE C 75 3.67 78.09 14.55
CA ILE C 75 4.95 78.53 13.99
C ILE C 75 5.61 79.43 15.02
N SER C 76 6.65 78.92 15.68
CA SER C 76 7.36 79.70 16.67
C SER C 76 8.43 80.49 15.93
N GLY C 77 8.93 81.55 16.56
CA GLY C 77 10.06 82.23 15.96
C GLY C 77 9.74 82.89 14.62
N LEU C 78 8.55 83.46 14.48
CA LEU C 78 8.08 84.01 13.21
C LEU C 78 9.12 84.93 12.57
N GLN C 79 9.36 84.71 11.28
CA GLN C 79 10.29 85.51 10.50
C GLN C 79 9.66 85.80 9.15
N ALA C 80 10.11 86.90 8.52
CA ALA C 80 9.61 87.28 7.21
C ALA C 80 9.83 86.19 6.17
N ASP C 81 10.93 85.44 6.31
CA ASP C 81 11.25 84.38 5.34
C ASP C 81 10.21 83.27 5.32
N ASP C 82 9.43 83.12 6.39
CA ASP C 82 8.42 82.06 6.48
C ASP C 82 7.01 82.55 6.18
N GLU C 83 6.84 83.76 5.66
CA GLU C 83 5.51 84.22 5.31
C GLU C 83 5.07 83.55 4.02
N ALA C 84 3.89 82.92 4.05
CA ALA C 84 3.40 82.13 2.94
C ALA C 84 1.92 81.86 3.17
N ASP C 85 1.26 81.33 2.14
CA ASP C 85 -0.11 80.84 2.30
C ASP C 85 -0.07 79.41 2.82
N TYR C 86 -0.67 79.18 3.98
CA TYR C 86 -0.68 77.86 4.61
C TYR C 86 -2.00 77.15 4.40
N TYR C 87 -1.92 75.84 4.13
CA TYR C 87 -3.09 75.00 3.92
C TYR C 87 -3.03 73.78 4.81
N CYS C 88 -4.20 73.32 5.25
CA CYS C 88 -4.35 72.04 5.93
C CYS C 88 -4.98 71.06 4.95
N SER C 89 -4.64 69.78 5.12
CA SER C 89 -5.19 68.72 4.28
C SER C 89 -5.50 67.52 5.16
N ALA C 90 -6.75 67.06 5.13
CA ALA C 90 -7.17 65.93 5.95
C ALA C 90 -7.64 64.78 5.08
N TYR C 91 -7.35 63.57 5.55
CA TYR C 91 -7.85 62.35 4.93
C TYR C 91 -9.31 62.17 5.36
N ALA C 92 -10.22 62.06 4.40
CA ALA C 92 -11.63 61.96 4.70
C ALA C 92 -12.18 60.55 4.74
N GLY C 93 -11.53 59.58 4.10
CA GLY C 93 -12.03 58.23 4.05
C GLY C 93 -11.74 57.59 2.70
N ARG C 94 -12.43 56.48 2.44
CA ARG C 94 -12.24 55.72 1.21
C ARG C 94 -13.12 56.27 0.08
N GLN C 95 -14.28 56.83 0.41
CA GLN C 95 -15.18 57.35 -0.62
C GLN C 95 -14.70 58.72 -1.07
N THR C 96 -14.23 59.52 -0.12
CA THR C 96 -13.66 60.84 -0.35
C THR C 96 -12.27 60.74 0.25
N PHE C 97 -11.24 61.02 -0.55
CA PHE C 97 -9.88 60.84 -0.05
C PHE C 97 -9.32 62.04 0.70
N TYR C 98 -9.23 63.21 0.08
CA TYR C 98 -8.64 64.35 0.76
C TYR C 98 -9.53 65.58 0.67
N ILE C 99 -9.56 66.33 1.76
CA ILE C 99 -10.27 67.60 1.83
C ILE C 99 -9.24 68.65 2.22
N PHE C 100 -9.18 69.74 1.45
CA PHE C 100 -8.29 70.84 1.75
C PHE C 100 -9.09 72.03 2.26
N GLY C 101 -8.46 72.81 3.13
CA GLY C 101 -9.06 74.04 3.61
C GLY C 101 -8.66 75.22 2.73
N GLY C 102 -9.17 76.39 3.10
CA GLY C 102 -8.81 77.58 2.38
C GLY C 102 -7.41 78.01 2.81
N GLY C 103 -6.74 78.82 2.01
CA GLY C 103 -5.42 79.25 2.42
C GLY C 103 -5.48 80.34 3.46
N THR C 104 -4.52 80.29 4.38
CA THR C 104 -4.33 81.31 5.40
C THR C 104 -3.12 82.13 4.98
N ARG C 105 -3.30 83.44 4.82
CA ARG C 105 -2.22 84.30 4.38
C ARG C 105 -1.48 84.83 5.61
N LEU C 106 -0.18 84.54 5.68
CA LEU C 106 0.67 84.98 6.78
C LEU C 106 1.83 85.80 6.25
N GLY D 10 10.89 30.53 -10.56
CA GLY D 10 11.48 29.28 -10.12
C GLY D 10 11.06 28.91 -8.72
N PHE D 11 10.93 27.61 -8.46
CA PHE D 11 10.49 27.14 -7.16
C PHE D 11 11.49 27.49 -6.08
N LEU D 12 11.02 28.24 -5.08
CA LEU D 12 11.81 28.79 -3.99
C LEU D 12 12.86 29.79 -4.46
N GLY D 13 12.77 30.28 -5.69
CA GLY D 13 13.76 31.23 -6.17
C GLY D 13 13.81 32.50 -5.33
N ALA D 14 12.67 32.87 -4.75
CA ALA D 14 12.55 34.05 -3.93
C ALA D 14 12.89 33.78 -2.47
N ALA D 15 13.31 32.57 -2.13
CA ALA D 15 13.57 32.22 -0.73
C ALA D 15 14.57 33.16 -0.08
N GLY D 16 15.56 33.62 -0.83
CA GLY D 16 16.54 34.53 -0.31
C GLY D 16 16.21 35.99 -0.54
N SER D 17 15.05 36.25 -1.14
CA SER D 17 14.58 37.58 -1.47
C SER D 17 13.80 38.12 -0.28
N THR D 18 13.66 39.44 -0.23
CA THR D 18 12.98 40.02 0.91
C THR D 18 11.50 39.67 0.86
N MET D 19 10.83 39.83 2.02
CA MET D 19 9.44 39.42 2.14
C MET D 19 8.54 40.11 1.12
N GLY D 20 8.77 41.40 0.88
CA GLY D 20 7.95 42.14 -0.07
C GLY D 20 8.02 41.54 -1.46
N ALA D 21 9.24 41.46 -2.01
CA ALA D 21 9.41 40.89 -3.35
C ALA D 21 9.01 39.42 -3.38
N ALA D 22 9.30 38.69 -2.30
CA ALA D 22 8.98 37.27 -2.26
C ALA D 22 7.48 37.01 -2.27
N SER D 23 6.68 37.94 -1.75
CA SER D 23 5.24 37.73 -1.72
C SER D 23 4.60 37.75 -3.11
N MET D 24 5.32 38.17 -4.15
CA MET D 24 4.79 38.24 -5.50
C MET D 24 4.82 36.91 -6.25
N THR D 25 5.45 35.87 -5.70
CA THR D 25 5.60 34.57 -6.37
C THR D 25 4.92 33.43 -5.64
N LEU D 26 3.91 33.72 -4.82
CA LEU D 26 3.29 32.69 -3.98
C LEU D 26 2.70 31.54 -4.80
N THR D 27 2.22 31.81 -6.02
CA THR D 27 1.62 30.75 -6.80
C THR D 27 2.63 29.70 -7.26
N VAL D 28 3.91 30.05 -7.30
CA VAL D 28 4.91 29.08 -7.75
C VAL D 28 5.04 27.98 -6.71
N GLN D 29 5.11 28.38 -5.44
CA GLN D 29 5.24 27.39 -4.41
C GLN D 29 3.91 26.69 -4.21
N ALA D 30 2.79 27.42 -4.32
CA ALA D 30 1.50 26.77 -4.12
C ALA D 30 1.31 25.64 -5.12
N ARG D 31 1.71 25.86 -6.38
CA ARG D 31 1.57 24.82 -7.39
C ARG D 31 2.53 23.67 -7.13
N ASN D 32 3.76 23.99 -6.69
CA ASN D 32 4.76 22.95 -6.46
C ASN D 32 4.47 22.08 -5.23
N LEU D 33 3.73 22.60 -4.26
CA LEU D 33 3.45 21.80 -3.06
C LEU D 33 2.68 20.53 -3.37
N LEU D 34 1.77 20.57 -4.33
CA LEU D 34 0.95 19.41 -4.65
C LEU D 34 1.48 18.59 -5.82
N SER D 35 2.04 19.26 -6.84
CA SER D 35 2.54 18.59 -8.04
C SER D 35 3.51 17.45 -7.73
N GLY D 61 6.30 1.21 -4.41
CA GLY D 61 6.34 0.50 -3.15
C GLY D 61 5.43 1.13 -2.11
N ILE D 62 5.26 0.43 -0.98
CA ILE D 62 4.37 0.93 0.06
C ILE D 62 4.91 2.22 0.66
N LYS D 63 6.23 2.35 0.77
CA LYS D 63 6.81 3.55 1.36
C LYS D 63 6.55 4.79 0.51
N GLN D 64 6.62 4.66 -0.82
CA GLN D 64 6.36 5.82 -1.66
C GLN D 64 4.88 6.18 -1.60
N LEU D 65 4.01 5.19 -1.52
CA LEU D 65 2.60 5.50 -1.46
C LEU D 65 2.29 6.20 -0.14
N GLN D 66 2.96 5.78 0.94
CA GLN D 66 2.78 6.45 2.22
C GLN D 66 3.26 7.89 2.11
N ALA D 67 4.37 8.11 1.41
CA ALA D 67 4.88 9.47 1.24
C ALA D 67 3.89 10.34 0.47
N ARG D 68 3.21 9.77 -0.52
CA ARG D 68 2.25 10.54 -1.29
C ARG D 68 1.02 10.85 -0.46
N VAL D 69 0.56 9.88 0.34
CA VAL D 69 -0.59 10.11 1.19
C VAL D 69 -0.26 11.17 2.23
N LEU D 70 0.95 11.11 2.80
CA LEU D 70 1.34 12.10 3.80
C LEU D 70 1.40 13.49 3.18
N ALA D 71 1.94 13.59 1.96
CA ALA D 71 1.99 14.89 1.31
C ALA D 71 0.58 15.45 1.09
N VAL D 72 -0.36 14.58 0.73
CA VAL D 72 -1.75 15.01 0.56
C VAL D 72 -2.34 15.44 1.90
N GLU D 73 -2.09 14.67 2.96
CA GLU D 73 -2.62 15.04 4.26
C GLU D 73 -2.07 16.38 4.73
N HIS D 74 -0.79 16.64 4.49
CA HIS D 74 -0.22 17.92 4.91
C HIS D 74 -0.83 19.06 4.11
N TYR D 75 -1.03 18.86 2.80
CA TYR D 75 -1.65 19.87 1.97
C TYR D 75 -3.05 20.19 2.50
N LEU D 76 -3.82 19.14 2.78
CA LEU D 76 -5.17 19.35 3.25
C LEU D 76 -5.19 19.99 4.63
N ARG D 77 -4.23 19.67 5.49
CA ARG D 77 -4.20 20.32 6.80
C ARG D 77 -4.00 21.82 6.63
N ASP D 78 -3.14 22.21 5.68
CA ASP D 78 -2.94 23.65 5.48
C ASP D 78 -4.19 24.29 4.85
N GLN D 79 -4.84 23.59 3.93
CA GLN D 79 -6.04 24.17 3.33
C GLN D 79 -7.18 24.24 4.34
N GLN D 80 -7.29 23.24 5.21
CA GLN D 80 -8.33 23.25 6.23
C GLN D 80 -8.08 24.40 7.19
N LEU D 81 -6.81 24.63 7.53
CA LEU D 81 -6.51 25.69 8.48
C LEU D 81 -6.85 27.04 7.86
N LEU D 82 -6.56 27.21 6.56
CA LEU D 82 -6.96 28.45 5.91
C LEU D 82 -8.47 28.59 5.88
N GLY D 83 -9.18 27.48 5.67
CA GLY D 83 -10.64 27.51 5.67
C GLY D 83 -11.21 27.94 7.00
N ILE D 84 -10.63 27.43 8.09
CA ILE D 84 -11.07 27.77 9.45
C ILE D 84 -10.94 29.26 9.68
N TRP D 85 -9.91 29.88 9.12
CA TRP D 85 -9.69 31.31 9.25
C TRP D 85 -10.48 32.14 8.25
N GLY D 86 -11.25 31.51 7.36
CA GLY D 86 -11.99 32.23 6.34
C GLY D 86 -11.14 32.64 5.15
N CYS D 87 -10.04 31.93 4.91
CA CYS D 87 -9.08 32.26 3.86
C CYS D 87 -9.02 31.15 2.80
N SER D 88 -10.10 30.37 2.66
CA SER D 88 -10.07 29.18 1.81
C SER D 88 -9.73 29.45 0.36
N GLY D 89 -10.08 30.62 -0.18
CA GLY D 89 -9.83 30.92 -1.58
C GLY D 89 -8.74 31.92 -1.90
N LYS D 90 -7.92 32.32 -0.94
CA LYS D 90 -6.94 33.37 -1.14
C LYS D 90 -5.55 32.90 -0.75
N LEU D 91 -4.55 33.50 -1.39
CA LEU D 91 -3.15 33.30 -1.04
C LEU D 91 -2.67 34.39 -0.09
N ILE D 92 -3.21 35.59 -0.27
CA ILE D 92 -2.93 36.73 0.61
C ILE D 92 -4.28 37.04 1.23
N CYS D 93 -4.43 36.73 2.51
CA CYS D 93 -5.71 36.83 3.21
C CYS D 93 -5.59 37.84 4.35
N CYS D 94 -6.40 38.88 4.31
CA CYS D 94 -6.41 39.91 5.33
C CYS D 94 -7.36 39.48 6.44
N THR D 95 -7.02 39.81 7.69
CA THR D 95 -7.83 39.40 8.83
C THR D 95 -8.13 40.59 9.73
N ASN D 96 -8.89 40.31 10.79
CA ASN D 96 -9.27 41.26 11.83
C ASN D 96 -8.50 41.08 13.13
N VAL D 97 -7.42 40.32 13.15
CA VAL D 97 -6.62 40.13 14.35
C VAL D 97 -5.54 41.20 14.41
N PRO D 98 -5.50 42.04 15.45
CA PRO D 98 -4.48 43.09 15.52
C PRO D 98 -3.12 42.49 15.83
N TRP D 99 -2.08 43.17 15.40
CA TRP D 99 -0.73 42.73 15.75
C TRP D 99 -0.45 43.23 17.17
N ASN D 100 0.01 42.32 18.02
CA ASN D 100 0.25 42.65 19.42
C ASN D 100 1.46 43.56 19.60
N SER D 101 2.45 43.42 18.70
CA SER D 101 3.74 44.12 18.73
C SER D 101 4.71 43.46 19.70
N SER D 102 4.22 42.59 20.60
CA SER D 102 5.13 41.84 21.47
C SER D 102 5.70 40.67 20.69
N TRP D 103 4.95 40.19 19.69
CA TRP D 103 5.40 39.08 18.86
C TRP D 103 6.62 39.49 18.07
N SER D 104 6.60 40.72 17.56
CA SER D 104 7.71 41.35 16.87
C SER D 104 7.39 42.84 16.82
N ASN D 105 8.33 43.67 17.26
CA ASN D 105 8.14 45.12 17.31
C ASN D 105 8.92 45.83 16.22
N ARG D 106 9.26 45.12 15.14
CA ARG D 106 9.99 45.74 14.05
C ARG D 106 9.08 46.66 13.27
N ASN D 107 9.69 47.63 12.59
CA ASN D 107 8.92 48.54 11.74
C ASN D 107 8.43 47.78 10.51
N LEU D 108 7.33 48.24 9.93
CA LEU D 108 6.75 47.53 8.80
C LEU D 108 7.73 47.52 7.63
N SER D 109 8.48 48.61 7.44
CA SER D 109 9.43 48.65 6.36
C SER D 109 10.61 47.73 6.63
N GLU D 110 10.95 47.53 7.91
CA GLU D 110 12.05 46.63 8.22
C GLU D 110 11.65 45.18 7.93
N ILE D 111 10.41 44.82 8.26
CA ILE D 111 9.94 43.47 8.04
C ILE D 111 9.81 43.17 6.56
N TRP D 112 9.20 44.08 5.81
CA TRP D 112 8.95 43.78 4.40
C TRP D 112 10.08 44.12 3.43
N ASP D 113 10.94 45.11 3.72
CA ASP D 113 12.00 45.47 2.79
C ASP D 113 13.38 44.91 3.16
N ASN D 114 13.66 44.61 4.43
CA ASN D 114 14.97 44.11 4.83
C ASN D 114 15.02 42.63 5.21
N MET D 115 13.92 42.03 5.65
CA MET D 115 13.92 40.65 6.10
C MET D 115 13.46 39.70 5.01
N THR D 116 13.95 38.46 5.11
CA THR D 116 13.50 37.37 4.27
C THR D 116 12.43 36.58 5.02
N TRP D 117 11.73 35.70 4.31
CA TRP D 117 10.70 34.92 4.98
C TRP D 117 11.27 33.91 5.97
N LEU D 118 12.50 33.44 5.75
CA LEU D 118 13.05 32.46 6.68
C LEU D 118 13.39 33.12 8.01
N GLN D 119 13.96 34.32 7.97
CA GLN D 119 14.30 35.00 9.22
C GLN D 119 13.02 35.35 9.96
N TRP D 120 12.00 35.77 9.23
CA TRP D 120 10.73 36.11 9.84
C TRP D 120 10.11 34.89 10.52
N ASP D 121 10.12 33.76 9.82
CA ASP D 121 9.55 32.55 10.43
C ASP D 121 10.33 32.17 11.68
N LYS D 122 11.65 32.33 11.66
CA LYS D 122 12.46 32.02 12.83
C LYS D 122 12.08 32.91 14.01
N GLU D 123 11.75 34.17 13.72
CA GLU D 123 11.35 35.12 14.75
C GLU D 123 9.94 34.84 15.30
N ILE D 124 9.00 34.48 14.43
CA ILE D 124 7.61 34.30 14.84
C ILE D 124 7.23 32.89 15.28
N SER D 125 8.09 31.88 15.06
CA SER D 125 7.69 30.52 15.40
C SER D 125 7.31 30.37 16.86
N ASN D 126 7.89 31.18 17.76
CA ASN D 126 7.52 31.08 19.17
C ASN D 126 6.08 31.53 19.42
N TYR D 127 5.50 32.35 18.54
CA TYR D 127 4.17 32.91 18.72
C TYR D 127 3.18 32.41 17.68
N THR D 128 3.60 31.48 16.83
CA THR D 128 2.75 31.04 15.73
C THR D 128 1.46 30.39 16.24
N GLN D 129 1.53 29.58 17.30
CA GLN D 129 0.31 28.94 17.77
C GLN D 129 -0.63 29.94 18.41
N ILE D 130 -0.09 31.01 18.99
CA ILE D 130 -0.93 32.04 19.59
C ILE D 130 -1.68 32.76 18.48
N ILE D 131 -0.95 33.10 17.41
CA ILE D 131 -1.56 33.81 16.29
C ILE D 131 -2.63 32.94 15.67
N TYR D 132 -2.36 31.65 15.48
CA TYR D 132 -3.34 30.78 14.86
C TYR D 132 -4.60 30.67 15.72
N GLY D 133 -4.43 30.59 17.04
CA GLY D 133 -5.60 30.55 17.91
C GLY D 133 -6.44 31.81 17.82
N LEU D 134 -5.77 32.96 17.74
CA LEU D 134 -6.50 34.21 17.60
C LEU D 134 -7.24 34.27 16.27
N LEU D 135 -6.61 33.78 15.20
CA LEU D 135 -7.25 33.80 13.90
C LEU D 135 -8.50 32.92 13.88
N GLU D 136 -8.42 31.75 14.51
CA GLU D 136 -9.59 30.88 14.58
C GLU D 136 -10.71 31.54 15.37
N GLU D 137 -10.38 32.17 16.50
CA GLU D 137 -11.44 32.79 17.30
C GLU D 137 -12.05 33.96 16.54
N SER D 138 -11.22 34.74 15.84
CA SER D 138 -11.74 35.88 15.09
C SER D 138 -12.69 35.41 14.00
N GLN D 139 -12.34 34.34 13.29
CA GLN D 139 -13.24 33.88 12.24
C GLN D 139 -14.54 33.35 12.83
N ASN D 140 -14.48 32.67 13.98
CA ASN D 140 -15.74 32.19 14.57
C ASN D 140 -16.64 33.37 14.93
N GLN D 141 -16.05 34.45 15.43
CA GLN D 141 -16.85 35.63 15.77
C GLN D 141 -17.41 36.27 14.52
N GLN D 142 -16.61 36.33 13.45
CA GLN D 142 -17.08 36.92 12.21
C GLN D 142 -18.23 36.12 11.62
N GLU D 143 -18.13 34.79 11.66
CA GLU D 143 -19.21 33.99 11.09
C GLU D 143 -20.49 34.14 11.90
N LYS D 144 -20.38 34.24 13.23
CA LYS D 144 -21.60 34.47 14.01
C LYS D 144 -22.18 35.85 13.71
N ASN D 145 -21.32 36.85 13.53
CA ASN D 145 -21.83 38.19 13.24
C ASN D 145 -22.49 38.25 11.88
N GLU D 146 -21.93 37.55 10.88
CA GLU D 146 -22.56 37.57 9.57
C GLU D 146 -23.89 36.82 9.63
N GLN D 147 -23.94 35.73 10.42
CA GLN D 147 -25.18 35.00 10.56
C GLN D 147 -26.26 35.91 11.15
N ASP D 148 -25.89 36.71 12.15
CA ASP D 148 -26.90 37.58 12.75
C ASP D 148 -27.30 38.69 11.80
N LEU D 149 -26.36 39.21 11.01
CA LEU D 149 -26.74 40.25 10.05
C LEU D 149 -27.68 39.69 8.98
N LEU D 150 -27.44 38.45 8.57
CA LEU D 150 -28.31 37.79 7.60
C LEU D 150 -29.68 37.47 8.18
N ALA D 151 -29.75 37.27 9.50
CA ALA D 151 -31.06 37.04 10.12
C ALA D 151 -31.94 38.27 10.06
N LEU D 152 -31.38 39.48 10.13
CA LEU D 152 -32.20 40.67 10.04
C LEU D 152 -32.89 40.71 8.69
N ASP D 153 -34.21 40.93 8.70
CA ASP D 153 -35.00 40.97 7.47
C ASP D 153 -35.24 42.43 7.10
N VAL E 2 61.53 -19.34 -34.27
CA VAL E 2 62.47 -18.73 -33.29
C VAL E 2 63.83 -19.36 -33.45
N GLN E 3 64.86 -18.51 -33.46
CA GLN E 3 66.25 -18.92 -33.54
C GLN E 3 67.02 -18.28 -32.40
N LEU E 4 68.09 -18.95 -31.98
CA LEU E 4 69.03 -18.41 -31.01
C LEU E 4 70.44 -18.70 -31.48
N GLN E 5 71.29 -17.68 -31.45
CA GLN E 5 72.70 -17.80 -31.82
C GLN E 5 73.59 -17.43 -30.63
N GLU E 6 74.34 -18.42 -30.14
CA GLU E 6 75.30 -18.24 -29.06
C GLU E 6 76.60 -17.67 -29.62
N SER E 7 77.29 -16.86 -28.82
CA SER E 7 78.62 -16.39 -29.19
C SER E 7 79.45 -16.13 -27.95
N GLY E 8 80.75 -16.39 -28.04
CA GLY E 8 81.65 -16.12 -26.95
C GLY E 8 83.10 -16.53 -27.17
N PRO E 9 83.93 -16.29 -26.14
CA PRO E 9 85.35 -16.67 -26.23
C PRO E 9 85.55 -18.17 -26.38
N GLY E 10 86.68 -18.52 -27.02
CA GLY E 10 87.06 -19.90 -27.16
C GLY E 10 87.89 -20.35 -25.98
N LEU E 11 89.20 -20.11 -26.01
CA LEU E 11 90.07 -20.46 -24.89
C LEU E 11 90.23 -19.25 -23.98
N VAL E 12 89.88 -19.43 -22.71
CA VAL E 12 90.00 -18.40 -21.67
C VAL E 12 91.01 -18.92 -20.65
N LYS E 13 92.03 -18.12 -20.36
CA LYS E 13 93.07 -18.57 -19.46
C LYS E 13 92.52 -18.69 -18.03
N PRO E 14 93.11 -19.57 -17.20
CA PRO E 14 92.67 -19.68 -15.80
C PRO E 14 92.67 -18.35 -15.07
N SER E 15 91.65 -18.14 -14.24
CA SER E 15 91.40 -16.94 -13.45
C SER E 15 90.97 -15.73 -14.28
N GLU E 16 90.82 -15.87 -15.59
CA GLU E 16 90.32 -14.77 -16.42
C GLU E 16 88.79 -14.84 -16.48
N THR E 17 88.18 -13.72 -16.86
CA THR E 17 86.73 -13.67 -16.97
C THR E 17 86.26 -14.22 -18.31
N LEU E 18 85.23 -15.06 -18.25
CA LEU E 18 84.54 -15.63 -19.39
C LEU E 18 83.22 -14.90 -19.56
N SER E 19 82.94 -14.41 -20.77
CA SER E 19 81.70 -13.67 -21.02
C SER E 19 81.09 -14.14 -22.33
N LEU E 20 79.85 -14.62 -22.26
CA LEU E 20 79.13 -15.13 -23.42
C LEU E 20 77.85 -14.34 -23.62
N THR E 21 77.42 -14.20 -24.89
CA THR E 21 76.17 -13.54 -25.22
C THR E 21 75.37 -14.39 -26.21
N CYS E 22 74.05 -14.37 -26.04
CA CYS E 22 73.11 -15.04 -26.91
C CYS E 22 72.14 -14.03 -27.50
N ALA E 23 71.90 -14.13 -28.80
CA ALA E 23 70.92 -13.30 -29.50
C ALA E 23 69.78 -14.17 -30.01
N VAL E 24 68.56 -13.63 -30.01
CA VAL E 24 67.39 -14.35 -30.51
C VAL E 24 66.71 -13.51 -31.58
N SER E 25 65.92 -14.20 -32.42
CA SER E 25 65.22 -13.53 -33.53
C SER E 25 63.75 -13.23 -33.28
N GLY E 26 62.87 -14.20 -33.58
CA GLY E 26 61.44 -13.99 -33.53
C GLY E 26 60.76 -14.05 -32.18
N ALA E 27 61.47 -14.44 -31.12
CA ALA E 27 60.88 -14.52 -29.79
C ALA E 27 61.09 -13.19 -29.07
N SER E 28 60.00 -12.54 -28.68
CA SER E 28 60.14 -11.27 -27.97
C SER E 28 60.92 -11.55 -26.69
N PHE E 29 61.99 -10.79 -26.48
CA PHE E 29 62.86 -11.07 -25.35
C PHE E 29 62.10 -10.93 -24.02
N SER E 30 61.34 -9.86 -23.88
CA SER E 30 60.65 -9.51 -22.64
C SER E 30 59.54 -10.47 -22.24
N SER E 31 59.08 -11.36 -23.13
CA SER E 31 57.98 -12.26 -22.79
C SER E 31 58.40 -13.58 -22.16
N PHE E 32 59.68 -13.91 -22.11
CA PHE E 32 60.12 -15.23 -21.63
C PHE E 32 61.23 -15.14 -20.59
N TRP E 33 61.34 -16.21 -19.80
CA TRP E 33 62.49 -16.48 -18.97
C TRP E 33 63.50 -17.21 -19.83
N TRP E 34 64.76 -16.78 -19.72
CA TRP E 34 65.89 -17.33 -20.46
C TRP E 34 66.88 -17.88 -19.44
N ASP E 35 67.59 -18.95 -19.80
CA ASP E 35 68.61 -19.50 -18.92
C ASP E 35 69.85 -19.96 -19.68
N TRP E 36 70.87 -20.31 -18.90
CA TRP E 36 72.14 -20.87 -19.36
C TRP E 36 72.30 -22.26 -18.80
N ILE E 37 72.71 -23.19 -19.66
CA ILE E 37 72.92 -24.58 -19.31
C ILE E 37 74.25 -24.96 -19.93
N ARG E 38 75.03 -25.79 -19.24
CA ARG E 38 76.31 -26.25 -19.79
C ARG E 38 76.50 -27.73 -19.55
N GLN E 39 77.33 -28.35 -20.40
CA GLN E 39 77.77 -29.72 -20.17
C GLN E 39 79.17 -29.97 -20.73
N PRO E 40 80.09 -30.56 -19.96
CA PRO E 40 81.33 -31.02 -20.58
C PRO E 40 81.01 -32.12 -21.57
N PRO E 41 81.82 -32.29 -22.62
CA PRO E 41 81.59 -33.46 -23.48
C PRO E 41 81.75 -34.73 -22.65
N GLY E 42 80.84 -35.68 -22.87
CA GLY E 42 80.92 -36.94 -22.17
C GLY E 42 80.31 -36.90 -20.77
N ARG E 43 79.73 -35.76 -20.36
CA ARG E 43 79.14 -35.57 -19.05
C ARG E 43 77.74 -34.99 -19.19
N GLY E 44 76.98 -35.05 -18.10
CA GLY E 44 75.62 -34.56 -18.11
C GLY E 44 75.57 -33.05 -18.03
N LEU E 45 74.34 -32.53 -17.94
CA LEU E 45 74.09 -31.10 -18.01
C LEU E 45 73.89 -30.49 -16.62
N GLU E 46 74.36 -29.25 -16.48
CA GLU E 46 74.21 -28.47 -15.26
C GLU E 46 73.59 -27.11 -15.56
N TRP E 47 72.54 -26.76 -14.82
CA TRP E 47 71.86 -25.48 -14.96
C TRP E 47 72.70 -24.40 -14.28
N ILE E 48 72.86 -23.26 -14.93
CA ILE E 48 73.64 -22.14 -14.40
C ILE E 48 72.78 -21.09 -13.72
N GLY E 49 71.73 -20.63 -14.40
CA GLY E 49 70.90 -19.56 -13.87
C GLY E 49 69.97 -19.04 -14.93
N ASP E 50 69.11 -18.11 -14.54
CA ASP E 50 68.15 -17.55 -15.48
C ASP E 50 67.89 -16.07 -15.22
N ILE E 51 67.10 -15.49 -16.13
CA ILE E 51 66.66 -14.10 -16.17
C ILE E 51 65.17 -13.99 -16.43
N ASN E 52 64.53 -13.06 -15.72
CA ASN E 52 63.15 -12.69 -16.00
C ASN E 52 63.25 -11.62 -17.09
N GLY E 53 62.75 -11.94 -18.29
CA GLY E 53 62.90 -11.03 -19.42
C GLY E 53 62.33 -9.65 -19.23
N ASN E 54 61.42 -9.47 -18.28
CA ASN E 54 60.82 -8.17 -17.99
C ASN E 54 61.56 -7.42 -16.89
N SER E 55 61.60 -8.00 -15.70
CA SER E 55 62.09 -7.34 -14.50
C SER E 55 63.60 -7.34 -14.33
N GLY E 56 64.32 -8.26 -14.99
CA GLY E 56 65.74 -8.33 -14.78
C GLY E 56 66.14 -9.20 -13.61
N SER E 57 65.17 -9.80 -12.93
CA SER E 57 65.41 -10.67 -11.78
C SER E 57 66.24 -11.87 -12.23
N THR E 58 67.09 -12.36 -11.33
CA THR E 58 67.96 -13.48 -11.65
C THR E 58 67.80 -14.63 -10.67
N ASN E 59 68.26 -15.80 -11.12
CA ASN E 59 68.36 -16.99 -10.29
C ASN E 59 69.66 -17.68 -10.65
N TYR E 60 70.38 -18.20 -9.65
CA TYR E 60 71.63 -18.89 -9.89
C TYR E 60 71.67 -20.24 -9.18
N ASN E 61 72.45 -21.14 -9.74
CA ASN E 61 72.71 -22.44 -9.13
C ASN E 61 73.55 -22.23 -7.86
N PRO E 62 73.08 -22.64 -6.66
CA PRO E 62 73.87 -22.38 -5.44
C PRO E 62 75.33 -22.83 -5.49
N SER E 63 75.66 -23.86 -6.28
CA SER E 63 77.04 -24.31 -6.33
C SER E 63 77.94 -23.39 -7.15
N LEU E 64 77.35 -22.55 -8.01
CA LEU E 64 78.08 -21.63 -8.88
C LEU E 64 77.95 -20.18 -8.47
N LYS E 65 76.83 -19.83 -7.83
CA LYS E 65 76.38 -18.47 -7.49
C LYS E 65 77.47 -17.44 -7.24
N SER E 66 78.45 -17.77 -6.38
CA SER E 66 79.44 -16.77 -5.99
C SER E 66 80.35 -16.34 -7.14
N ARG E 67 80.41 -17.11 -8.22
CA ARG E 67 81.26 -16.81 -9.37
C ARG E 67 80.50 -16.47 -10.64
N VAL E 68 79.17 -16.41 -10.61
CA VAL E 68 78.37 -16.24 -11.81
C VAL E 68 77.43 -15.04 -11.68
N THR E 69 77.39 -14.22 -12.73
CA THR E 69 76.48 -13.11 -12.89
C THR E 69 75.82 -13.27 -14.24
N ILE E 70 74.49 -13.13 -14.29
CA ILE E 70 73.75 -13.19 -15.55
C ILE E 70 73.02 -11.86 -15.69
N SER E 71 73.04 -11.32 -16.91
CA SER E 71 72.43 -10.02 -17.18
C SER E 71 71.76 -10.06 -18.55
N LYS E 72 70.90 -9.08 -18.79
CA LYS E 72 70.16 -8.99 -20.03
C LYS E 72 70.13 -7.56 -20.53
N ASP E 73 69.84 -7.42 -21.83
CA ASP E 73 69.58 -6.13 -22.44
C ASP E 73 68.45 -6.33 -23.44
N ALA E 74 67.28 -5.74 -23.14
CA ALA E 74 66.15 -5.89 -24.04
C ALA E 74 66.47 -5.32 -25.40
N SER E 75 67.26 -4.25 -25.44
CA SER E 75 67.66 -3.69 -26.71
C SER E 75 68.55 -4.71 -27.39
N LYS E 76 68.31 -4.95 -28.67
CA LYS E 76 69.02 -5.93 -29.48
C LYS E 76 68.71 -7.36 -29.06
N SER E 77 67.75 -7.57 -28.14
CA SER E 77 67.33 -8.90 -27.70
C SER E 77 68.52 -9.77 -27.28
N GLN E 78 69.34 -9.29 -26.34
CA GLN E 78 70.52 -10.05 -25.94
C GLN E 78 70.50 -10.47 -24.48
N PHE E 79 71.07 -11.66 -24.26
CA PHE E 79 71.19 -12.33 -22.97
C PHE E 79 72.66 -12.64 -22.73
N SER E 80 73.23 -12.24 -21.57
CA SER E 80 74.66 -12.46 -21.31
C SER E 80 74.94 -13.15 -19.99
N LEU E 81 76.05 -13.92 -19.99
CA LEU E 81 76.58 -14.64 -18.84
C LEU E 81 78.03 -14.25 -18.59
N LYS E 82 78.35 -13.88 -17.34
CA LYS E 82 79.69 -13.52 -16.93
C LYS E 82 80.12 -14.49 -15.83
N LEU E 83 81.20 -15.21 -16.06
CA LEU E 83 81.75 -16.21 -15.14
C LEU E 83 83.20 -15.84 -14.82
N THR E 84 83.54 -15.81 -13.53
CA THR E 84 84.89 -15.50 -13.09
C THR E 84 85.54 -16.73 -12.48
N SER E 85 86.83 -16.60 -12.16
CA SER E 85 87.63 -17.65 -11.53
C SER E 85 87.46 -18.99 -12.26
N VAL E 86 87.56 -18.96 -13.58
CA VAL E 86 87.35 -20.15 -14.39
C VAL E 86 88.56 -21.07 -14.30
N THR E 87 88.28 -22.38 -14.30
CA THR E 87 89.32 -23.41 -14.28
C THR E 87 88.95 -24.48 -15.30
N ALA E 88 89.94 -25.28 -15.68
CA ALA E 88 89.69 -26.35 -16.65
C ALA E 88 88.65 -27.32 -16.13
N ALA E 89 88.66 -27.58 -14.82
CA ALA E 89 87.70 -28.50 -14.23
C ALA E 89 86.26 -28.04 -14.42
N ASP E 90 86.05 -26.73 -14.57
CA ASP E 90 84.72 -26.12 -14.68
C ASP E 90 84.36 -25.65 -16.09
N THR E 91 85.05 -26.09 -17.13
CA THR E 91 84.69 -25.63 -18.46
C THR E 91 83.62 -26.56 -19.04
N ALA E 92 83.10 -26.23 -20.23
CA ALA E 92 81.99 -26.98 -20.80
C ALA E 92 81.61 -26.43 -22.17
N VAL E 93 80.69 -27.14 -22.81
CA VAL E 93 79.94 -26.59 -23.93
C VAL E 93 78.81 -25.78 -23.31
N TYR E 94 78.67 -24.52 -23.69
CA TYR E 94 77.65 -23.63 -23.15
C TYR E 94 76.51 -23.46 -24.15
N TYR E 95 75.29 -23.46 -23.61
CA TYR E 95 74.07 -23.30 -24.38
C TYR E 95 73.16 -22.27 -23.73
N CYS E 96 72.34 -21.63 -24.56
CA CYS E 96 71.20 -20.83 -24.10
C CYS E 96 69.94 -21.52 -24.58
N ALA E 97 68.87 -21.35 -23.82
CA ALA E 97 67.59 -21.88 -24.23
C ALA E 97 66.48 -21.03 -23.67
N LEU E 98 65.33 -21.06 -24.34
CA LEU E 98 64.14 -20.44 -23.78
C LEU E 98 63.69 -21.35 -22.65
N GLN E 99 63.47 -20.78 -21.48
CA GLN E 99 63.12 -21.57 -20.30
C GLN E 99 61.64 -21.56 -20.01
N SER E 100 60.98 -20.40 -20.02
CA SER E 100 59.57 -20.40 -19.65
C SER E 100 58.93 -19.06 -20.03
N VAL E 101 57.61 -18.98 -19.88
CA VAL E 101 56.87 -17.75 -20.10
C VAL E 101 56.86 -16.93 -18.81
N THR E 102 57.11 -15.63 -18.91
CA THR E 102 57.05 -14.71 -17.78
C THR E 102 55.90 -13.73 -17.99
N TYR E 103 55.18 -13.42 -16.92
CA TYR E 103 54.12 -12.41 -16.97
C TYR E 103 54.47 -11.27 -16.03
N TYR E 104 54.01 -10.08 -16.43
CA TYR E 104 54.30 -8.87 -15.68
C TYR E 104 53.70 -8.87 -14.28
N GLU E 105 52.61 -9.62 -14.06
CA GLU E 105 51.98 -9.63 -12.74
C GLU E 105 52.61 -10.62 -11.77
N ASP E 106 53.53 -11.47 -12.23
CA ASP E 106 54.07 -12.54 -11.39
C ASP E 106 55.54 -12.72 -11.72
N ASP E 107 56.42 -12.24 -10.84
CA ASP E 107 57.84 -12.24 -11.12
C ASP E 107 58.49 -13.58 -10.79
N SER E 108 57.69 -14.56 -10.34
CA SER E 108 58.14 -15.91 -10.03
C SER E 108 57.41 -16.94 -10.89
N GLY E 109 56.74 -16.50 -11.96
CA GLY E 109 55.91 -17.35 -12.78
C GLY E 109 56.54 -18.63 -13.29
N HIS E 110 57.60 -18.55 -14.10
CA HIS E 110 58.23 -19.75 -14.67
C HIS E 110 57.19 -20.70 -15.28
N TYR E 111 56.34 -20.14 -16.14
CA TYR E 111 55.23 -20.92 -16.68
C TYR E 111 55.68 -21.82 -17.83
N GLU E 112 55.31 -23.09 -17.74
CA GLU E 112 55.73 -24.09 -18.72
C GLU E 112 55.16 -23.76 -20.10
N THR E 113 55.95 -24.03 -21.14
CA THR E 113 55.50 -23.75 -22.50
C THR E 113 56.23 -24.62 -23.50
N GLU E 114 55.56 -24.87 -24.63
CA GLU E 114 56.18 -25.56 -25.75
C GLU E 114 57.41 -24.81 -26.26
N MET E 115 57.38 -23.47 -26.17
CA MET E 115 58.45 -22.63 -26.69
C MET E 115 59.81 -22.96 -26.07
N ALA E 116 59.84 -23.68 -24.95
CA ALA E 116 61.11 -24.02 -24.31
C ALA E 116 61.95 -24.94 -25.18
N LYS E 117 61.38 -25.51 -26.25
CA LYS E 117 62.13 -26.36 -27.16
C LYS E 117 63.16 -25.61 -28.00
N PHE E 118 63.07 -24.27 -28.05
CA PHE E 118 63.95 -23.47 -28.92
C PHE E 118 65.33 -23.27 -28.30
N TRP E 119 66.13 -24.32 -28.41
CA TRP E 119 67.52 -24.35 -27.99
C TRP E 119 68.43 -23.96 -29.14
N GLY E 120 69.55 -23.32 -28.81
CA GLY E 120 70.59 -23.05 -29.78
C GLY E 120 71.50 -24.25 -29.89
N GLN E 121 72.58 -24.10 -30.67
CA GLN E 121 73.51 -25.21 -30.84
C GLN E 121 74.69 -25.17 -29.89
N GLY E 122 74.96 -24.03 -29.27
CA GLY E 122 75.99 -23.93 -28.26
C GLY E 122 77.37 -23.64 -28.81
N VAL E 123 78.29 -23.36 -27.88
CA VAL E 123 79.70 -23.12 -28.20
C VAL E 123 80.52 -23.93 -27.22
N LEU E 124 81.74 -24.30 -27.61
CA LEU E 124 82.65 -25.02 -26.72
C LEU E 124 83.64 -24.03 -26.13
N VAL E 125 83.70 -23.97 -24.79
CA VAL E 125 84.60 -23.09 -24.07
C VAL E 125 85.66 -23.97 -23.44
N THR E 126 86.93 -23.58 -23.57
CA THR E 126 88.04 -24.31 -22.99
C THR E 126 88.79 -23.39 -22.03
N VAL E 127 89.52 -24.02 -21.10
CA VAL E 127 90.32 -23.30 -20.11
C VAL E 127 91.60 -24.11 -19.89
N VAL F 3 70.03 -34.85 -8.46
CA VAL F 3 69.15 -35.06 -7.29
C VAL F 3 68.07 -35.97 -7.87
N LEU F 4 67.67 -35.73 -9.11
CA LEU F 4 66.77 -36.70 -9.73
C LEU F 4 67.72 -37.77 -10.25
N THR F 5 67.60 -39.01 -9.77
CA THR F 5 68.42 -40.14 -10.28
C THR F 5 67.88 -40.61 -11.62
N GLN F 6 68.72 -41.22 -12.43
CA GLN F 6 68.27 -41.80 -13.71
C GLN F 6 69.00 -43.13 -13.88
N PRO F 7 68.55 -44.09 -14.72
CA PRO F 7 69.32 -45.31 -14.96
C PRO F 7 70.70 -45.05 -15.57
N PRO F 8 71.75 -45.83 -15.26
CA PRO F 8 73.07 -45.58 -15.81
C PRO F 8 73.00 -45.72 -17.33
N SER F 9 72.26 -46.72 -17.83
CA SER F 9 72.09 -46.91 -19.29
C SER F 9 70.83 -47.73 -19.50
N VAL F 10 70.60 -48.24 -20.72
CA VAL F 10 69.30 -48.88 -20.89
C VAL F 10 69.28 -49.59 -22.25
N SER F 11 68.88 -50.86 -22.22
CA SER F 11 68.74 -51.70 -23.40
C SER F 11 67.35 -51.58 -24.00
N GLY F 12 67.18 -52.16 -25.19
CA GLY F 12 65.89 -52.15 -25.84
C GLY F 12 65.94 -52.93 -27.14
N ALA F 13 64.80 -52.96 -27.82
CA ALA F 13 64.69 -53.69 -29.07
C ALA F 13 63.52 -53.11 -29.87
N PRO F 14 63.54 -53.22 -31.20
CA PRO F 14 62.34 -52.87 -31.98
C PRO F 14 61.14 -53.71 -31.57
N GLY F 15 59.99 -53.05 -31.43
CA GLY F 15 58.74 -53.70 -31.10
C GLY F 15 58.46 -53.86 -29.62
N GLN F 16 59.43 -53.57 -28.75
CA GLN F 16 59.28 -53.68 -27.30
C GLN F 16 59.42 -52.30 -26.70
N ARG F 17 58.62 -52.00 -25.68
CA ARG F 17 58.73 -50.70 -25.04
C ARG F 17 60.03 -50.60 -24.26
N VAL F 18 60.62 -49.41 -24.26
CA VAL F 18 61.83 -49.09 -23.52
C VAL F 18 61.48 -47.95 -22.58
N THR F 19 61.81 -48.10 -21.29
CA THR F 19 61.49 -47.04 -20.34
C THR F 19 62.73 -46.53 -19.62
N ILE F 20 62.70 -45.22 -19.34
CA ILE F 20 63.73 -44.51 -18.61
C ILE F 20 63.08 -43.88 -17.38
N SER F 21 63.64 -44.09 -16.20
CA SER F 21 63.04 -43.60 -14.98
C SER F 21 63.86 -42.46 -14.38
N CYS F 22 63.14 -41.62 -13.61
CA CYS F 22 63.73 -40.58 -12.77
C CYS F 22 63.12 -40.74 -11.38
N SER F 23 63.95 -40.58 -10.35
CA SER F 23 63.51 -40.68 -8.97
C SER F 23 64.10 -39.54 -8.16
N GLY F 24 63.22 -38.73 -7.59
CA GLY F 24 63.56 -37.55 -6.82
C GLY F 24 62.86 -37.59 -5.48
N SER F 25 62.32 -36.44 -5.08
CA SER F 25 61.65 -36.29 -3.80
C SER F 25 60.46 -35.36 -3.99
N SER F 26 59.73 -35.13 -2.88
CA SER F 26 58.55 -34.27 -2.91
C SER F 26 58.88 -32.81 -3.19
N SER F 27 60.15 -32.41 -3.06
CA SER F 27 60.56 -31.03 -3.28
C SER F 27 61.00 -30.75 -4.70
N ASN F 28 61.10 -31.75 -5.58
CA ASN F 28 61.61 -31.52 -6.93
C ASN F 28 60.77 -32.16 -8.04
N ILE F 29 60.36 -33.41 -7.88
CA ILE F 29 59.47 -34.08 -8.83
C ILE F 29 58.03 -34.07 -8.33
N GLY F 30 57.82 -34.40 -7.05
CA GLY F 30 56.47 -34.54 -6.54
C GLY F 30 55.62 -33.28 -6.68
N GLY F 31 56.24 -32.10 -6.55
CA GLY F 31 55.53 -30.85 -6.63
C GLY F 31 55.76 -30.00 -7.85
N TYR F 32 56.49 -30.48 -8.86
CA TYR F 32 56.82 -29.68 -10.03
C TYR F 32 56.76 -30.54 -11.29
N HIS F 33 56.59 -29.86 -12.43
CA HIS F 33 56.59 -30.55 -13.71
C HIS F 33 57.99 -31.04 -14.05
N VAL F 34 58.04 -32.20 -14.71
CA VAL F 34 59.29 -32.82 -15.14
C VAL F 34 59.34 -32.80 -16.66
N GLN F 35 60.37 -32.16 -17.22
CA GLN F 35 60.53 -32.08 -18.66
C GLN F 35 61.46 -33.20 -19.10
N TRP F 36 61.25 -33.71 -20.32
CA TRP F 36 62.10 -34.75 -20.88
C TRP F 36 62.79 -34.25 -22.14
N TYR F 37 64.10 -34.51 -22.21
CA TYR F 37 65.03 -34.10 -23.26
C TYR F 37 65.76 -35.30 -23.88
N GLN F 38 66.08 -35.18 -25.16
CA GLN F 38 66.85 -36.17 -25.92
C GLN F 38 67.95 -35.46 -26.70
N GLN F 39 69.18 -35.96 -26.60
CA GLN F 39 70.30 -35.40 -27.35
C GLN F 39 71.17 -36.49 -27.95
N LEU F 40 71.83 -36.15 -29.07
CA LEU F 40 72.86 -36.97 -29.69
C LEU F 40 74.22 -36.30 -29.49
N PRO F 41 75.32 -37.05 -29.43
CA PRO F 41 76.63 -36.41 -29.25
C PRO F 41 76.91 -35.36 -30.31
N GLY F 42 77.43 -34.22 -29.88
CA GLY F 42 77.78 -33.14 -30.79
C GLY F 42 76.63 -32.21 -31.14
N THR F 43 75.42 -32.49 -30.68
CA THR F 43 74.24 -31.69 -30.99
C THR F 43 73.60 -31.22 -29.69
N ALA F 44 73.03 -30.02 -29.72
CA ALA F 44 72.34 -29.52 -28.55
C ALA F 44 71.10 -30.38 -28.26
N PRO F 45 70.70 -30.49 -27.00
CA PRO F 45 69.46 -31.24 -26.71
C PRO F 45 68.24 -30.49 -27.19
N LYS F 46 67.20 -31.28 -27.50
CA LYS F 46 65.88 -30.76 -27.79
C LYS F 46 64.97 -31.41 -26.78
N LEU F 47 63.86 -30.77 -26.44
CA LEU F 47 62.97 -31.42 -25.50
C LEU F 47 62.00 -32.31 -26.26
N LEU F 48 61.56 -33.37 -25.57
CA LEU F 48 60.53 -34.26 -26.09
C LEU F 48 59.21 -33.97 -25.42
N ILE F 49 59.25 -33.69 -24.11
CA ILE F 49 58.03 -33.49 -23.34
C ILE F 49 58.25 -32.22 -22.51
N TYR F 50 57.35 -31.24 -22.62
CA TYR F 50 57.54 -29.96 -21.91
C TYR F 50 56.77 -29.85 -20.59
N GLU F 51 55.74 -30.65 -20.39
CA GLU F 51 55.00 -30.79 -19.12
C GLU F 51 55.22 -32.23 -18.72
N SER F 52 54.67 -32.67 -17.59
CA SER F 52 54.88 -34.09 -17.28
C SER F 52 54.27 -34.98 -18.35
N ASN F 53 53.16 -34.57 -18.97
CA ASN F 53 52.50 -35.34 -20.02
C ASN F 53 52.53 -34.75 -21.43
N LYS F 54 52.61 -33.43 -21.59
CA LYS F 54 52.43 -32.80 -22.90
C LYS F 54 53.70 -32.75 -23.74
N ARG F 55 53.53 -33.02 -25.06
CA ARG F 55 54.59 -33.01 -26.07
C ARG F 55 54.45 -31.83 -27.04
N PRO F 56 55.55 -31.36 -27.63
CA PRO F 56 55.43 -30.40 -28.74
C PRO F 56 54.80 -31.06 -29.96
N SER F 57 54.26 -30.20 -30.84
CA SER F 57 53.67 -30.69 -32.08
C SER F 57 54.71 -31.31 -33.02
N GLY F 58 56.00 -31.04 -32.81
CA GLY F 58 57.06 -31.54 -33.64
C GLY F 58 57.65 -32.88 -33.22
N ILE F 59 57.11 -33.51 -32.19
CA ILE F 59 57.61 -34.77 -31.65
C ILE F 59 56.61 -35.86 -32.02
N SER F 60 57.14 -36.98 -32.51
CA SER F 60 56.33 -38.12 -32.92
C SER F 60 55.71 -38.82 -31.72
N ASP F 61 54.74 -39.69 -32.03
CA ASP F 61 53.93 -40.39 -31.03
C ASP F 61 54.65 -41.60 -30.43
N ARG F 62 55.90 -41.86 -30.80
CA ARG F 62 56.65 -42.96 -30.23
C ARG F 62 57.09 -42.68 -28.79
N PHE F 63 57.05 -41.42 -28.36
CA PHE F 63 57.50 -41.02 -27.04
C PHE F 63 56.31 -40.55 -26.20
N SER F 64 56.27 -40.97 -24.95
CA SER F 64 55.24 -40.54 -24.01
C SER F 64 55.83 -40.65 -22.61
N ALA F 65 55.19 -40.03 -21.63
CA ALA F 65 55.70 -40.12 -20.26
C ALA F 65 54.58 -39.95 -19.26
N SER F 66 54.88 -40.33 -18.02
CA SER F 66 53.96 -40.14 -16.92
C SER F 66 54.77 -39.88 -15.66
N GLN F 67 54.08 -39.37 -14.64
CA GLN F 67 54.68 -39.09 -13.34
C GLN F 67 53.76 -39.61 -12.25
N PHE F 68 54.35 -40.18 -11.20
CA PHE F 68 53.57 -40.61 -10.05
C PHE F 68 54.41 -40.46 -8.80
N GLY F 69 53.83 -39.83 -7.79
CA GLY F 69 54.55 -39.65 -6.54
C GLY F 69 55.78 -38.81 -6.80
N THR F 70 56.91 -39.30 -6.33
CA THR F 70 58.19 -38.62 -6.44
C THR F 70 59.04 -39.21 -7.56
N SER F 71 58.45 -40.01 -8.46
CA SER F 71 59.16 -40.58 -9.58
C SER F 71 58.42 -40.29 -10.88
N ALA F 72 59.12 -40.51 -11.99
CA ALA F 72 58.57 -40.27 -13.31
C ALA F 72 59.21 -41.26 -14.29
N SER F 73 58.52 -41.48 -15.41
CA SER F 73 59.01 -42.42 -16.41
C SER F 73 58.68 -41.97 -17.83
N LEU F 74 59.68 -42.11 -18.70
CA LEU F 74 59.57 -41.86 -20.13
C LEU F 74 59.47 -43.21 -20.80
N THR F 75 58.48 -43.39 -21.67
CA THR F 75 58.26 -44.62 -22.41
C THR F 75 58.43 -44.37 -23.91
N ILE F 76 59.21 -45.25 -24.54
CA ILE F 76 59.42 -45.28 -25.97
C ILE F 76 58.69 -46.53 -26.46
N THR F 77 57.80 -46.36 -27.45
CA THR F 77 56.94 -47.45 -27.88
C THR F 77 57.68 -48.52 -28.69
N GLY F 78 58.92 -48.27 -29.09
CA GLY F 78 59.71 -49.23 -29.84
C GLY F 78 61.01 -48.59 -30.26
N LEU F 79 62.11 -49.32 -30.10
CA LEU F 79 63.42 -48.76 -30.41
C LEU F 79 63.72 -48.79 -31.90
N GLN F 80 63.99 -47.63 -32.47
CA GLN F 80 64.39 -47.49 -33.86
C GLN F 80 65.89 -47.27 -33.87
N SER F 81 66.55 -47.57 -34.99
CA SER F 81 67.99 -47.36 -35.02
C SER F 81 68.34 -45.89 -34.89
N GLU F 82 67.47 -45.00 -35.36
CA GLU F 82 67.66 -43.56 -35.24
C GLU F 82 67.32 -43.01 -33.87
N ASP F 83 66.68 -43.80 -33.00
CA ASP F 83 66.24 -43.30 -31.69
C ASP F 83 67.27 -43.41 -30.58
N GLU F 84 68.37 -44.14 -30.74
CA GLU F 84 69.30 -44.24 -29.62
C GLU F 84 69.88 -42.86 -29.34
N ALA F 85 69.90 -42.48 -28.07
CA ALA F 85 70.32 -41.14 -27.70
C ALA F 85 70.55 -41.07 -26.20
N ASP F 86 71.13 -39.96 -25.77
CA ASP F 86 71.28 -39.64 -24.35
C ASP F 86 70.04 -38.88 -23.89
N TYR F 87 69.33 -39.43 -22.91
CA TYR F 87 68.09 -38.86 -22.40
C TYR F 87 68.31 -38.21 -21.04
N TYR F 88 67.65 -37.07 -20.83
CA TYR F 88 67.71 -36.34 -19.58
C TYR F 88 66.32 -35.90 -19.13
N CYS F 89 66.12 -35.85 -17.81
CA CYS F 89 64.94 -35.24 -17.21
C CYS F 89 65.37 -34.02 -16.42
N GLN F 90 64.49 -33.01 -16.36
CA GLN F 90 64.72 -31.79 -15.60
C GLN F 90 63.51 -31.41 -14.77
N SER F 91 63.77 -30.85 -13.59
CA SER F 91 62.68 -30.31 -12.77
C SER F 91 63.24 -29.23 -11.86
N TYR F 92 62.34 -28.41 -11.32
CA TYR F 92 62.73 -27.39 -10.35
C TYR F 92 62.77 -28.00 -8.97
N ASP F 93 63.88 -27.84 -8.26
CA ASP F 93 64.07 -28.38 -6.92
C ASP F 93 63.95 -27.23 -5.93
N SER F 94 62.86 -27.26 -5.14
CA SER F 94 62.54 -26.19 -4.21
C SER F 94 63.38 -26.26 -2.94
N SER F 95 64.09 -27.37 -2.71
CA SER F 95 64.96 -27.47 -1.55
C SER F 95 66.27 -26.79 -1.90
N VAL F 96 66.78 -27.14 -3.09
CA VAL F 96 68.00 -26.56 -3.62
C VAL F 96 67.70 -25.12 -4.02
N SER F 97 66.47 -24.88 -4.52
CA SER F 97 66.04 -23.60 -5.09
C SER F 97 66.79 -23.37 -6.40
N ALA F 98 66.83 -24.42 -7.21
CA ALA F 98 67.47 -24.34 -8.52
C ALA F 98 66.85 -25.41 -9.41
N GLN F 99 66.98 -25.22 -10.72
CA GLN F 99 66.55 -26.27 -11.63
C GLN F 99 67.62 -27.34 -11.62
N VAL F 100 67.19 -28.59 -11.52
CA VAL F 100 68.05 -29.76 -11.35
C VAL F 100 67.86 -30.72 -12.52
N PHE F 101 69.00 -31.18 -13.04
CA PHE F 101 69.12 -32.20 -14.08
C PHE F 101 69.43 -33.54 -13.44
N GLY F 102 68.93 -34.60 -14.05
CA GLY F 102 69.37 -35.92 -13.68
C GLY F 102 70.68 -36.19 -14.38
N GLY F 103 71.33 -37.30 -14.02
CA GLY F 103 72.59 -37.55 -14.69
C GLY F 103 72.44 -38.09 -16.10
N GLY F 104 71.22 -38.48 -16.46
CA GLY F 104 70.91 -38.98 -17.77
C GLY F 104 71.19 -40.47 -17.92
N THR F 105 70.74 -41.00 -19.06
CA THR F 105 70.93 -42.39 -19.42
C THR F 105 71.40 -42.43 -20.87
N ARG F 106 72.17 -43.47 -21.21
CA ARG F 106 72.59 -43.68 -22.59
C ARG F 106 71.81 -44.87 -23.12
N LEU F 107 71.05 -44.67 -24.18
CA LEU F 107 70.29 -45.72 -24.83
C LEU F 107 71.13 -46.34 -25.95
N THR F 108 71.12 -47.68 -26.00
CA THR F 108 71.84 -48.42 -27.03
C THR F 108 70.89 -49.32 -27.82
N ASN G 3 -41.15 30.69 7.63
CA ASN G 3 -40.19 31.79 7.60
C ASN G 3 -38.75 31.33 7.92
N LEU G 4 -38.51 30.02 7.96
CA LEU G 4 -37.21 29.47 8.30
C LEU G 4 -36.51 28.96 7.05
N TRP G 5 -35.18 29.02 7.06
CA TRP G 5 -34.33 28.64 5.95
C TRP G 5 -33.34 27.57 6.38
N VAL G 6 -32.92 26.74 5.44
CA VAL G 6 -31.95 25.69 5.73
C VAL G 6 -30.57 26.31 5.90
N THR G 7 -29.93 26.03 7.03
CA THR G 7 -28.54 26.44 7.29
C THR G 7 -27.68 25.20 7.40
N VAL G 8 -26.56 25.21 6.69
CA VAL G 8 -25.63 24.09 6.62
C VAL G 8 -24.53 24.31 7.65
N TYR G 9 -24.30 23.31 8.50
CA TYR G 9 -23.28 23.34 9.55
C TYR G 9 -22.29 22.22 9.30
N TYR G 10 -21.00 22.55 9.35
CA TYR G 10 -19.92 21.58 9.20
C TYR G 10 -19.13 21.58 10.50
N GLY G 11 -18.93 20.40 11.05
CA GLY G 11 -18.25 20.23 12.32
C GLY G 11 -19.23 19.87 13.41
N VAL G 12 -20.37 19.29 13.04
CA VAL G 12 -21.42 18.92 13.99
C VAL G 12 -20.95 17.74 14.85
N PRO G 13 -21.06 17.81 16.20
CA PRO G 13 -20.60 16.68 17.04
C PRO G 13 -21.61 15.54 17.03
N VAL G 14 -21.75 14.91 15.87
CA VAL G 14 -22.68 13.80 15.67
C VAL G 14 -21.90 12.65 15.05
N TRP G 15 -22.32 11.42 15.38
CA TRP G 15 -21.64 10.23 14.88
C TRP G 15 -22.62 9.09 14.66
N LYS G 16 -22.17 8.12 13.89
CA LYS G 16 -22.91 6.89 13.60
C LYS G 16 -21.99 5.69 13.80
N ASP G 17 -22.60 4.54 14.09
CA ASP G 17 -21.83 3.32 14.25
C ASP G 17 -21.05 3.04 12.98
N ALA G 18 -19.79 2.62 13.13
CA ALA G 18 -18.97 2.32 11.95
C ALA G 18 -17.97 1.22 12.27
N GLU G 19 -17.55 0.54 11.20
CA GLU G 19 -16.55 -0.52 11.25
C GLU G 19 -15.34 -0.04 10.45
N THR G 20 -14.23 0.22 11.12
CA THR G 20 -13.02 0.70 10.47
C THR G 20 -11.81 -0.05 10.99
N THR G 21 -10.65 0.30 10.44
CA THR G 21 -9.37 -0.28 10.82
C THR G 21 -8.69 0.62 11.86
N LEU G 22 -8.40 0.06 13.02
CA LEU G 22 -7.72 0.77 14.09
C LEU G 22 -6.25 0.43 14.01
N PHE G 23 -5.41 1.38 14.44
CA PHE G 23 -3.93 1.18 14.32
C PHE G 23 -3.31 0.94 15.70
N CYS G 24 -2.39 -0.02 15.78
CA CYS G 24 -1.71 -0.31 17.03
C CYS G 24 -0.87 0.88 17.47
N ALA G 25 -0.60 0.94 18.76
CA ALA G 25 0.35 1.87 19.30
C ALA G 25 0.98 1.22 20.53
N SER G 26 2.19 1.66 20.87
CA SER G 26 2.91 1.11 22.01
C SER G 26 3.71 2.21 22.68
N ASP G 27 3.80 2.13 24.00
CA ASP G 27 4.59 3.09 24.77
C ASP G 27 6.06 2.68 24.71
N HIS G 36 13.64 -8.22 21.90
CA HIS G 36 12.59 -8.24 20.88
C HIS G 36 11.37 -9.00 21.41
N ASN G 37 10.19 -8.48 21.11
CA ASN G 37 8.93 -9.05 21.58
C ASN G 37 8.06 -9.43 20.41
N VAL G 38 7.29 -10.52 20.57
CA VAL G 38 6.42 -11.02 19.52
C VAL G 38 5.44 -9.93 19.07
N TRP G 39 4.89 -9.15 20.00
CA TRP G 39 3.85 -8.19 19.66
C TRP G 39 4.37 -6.76 19.59
N ALA G 40 5.68 -6.58 19.47
CA ALA G 40 6.30 -5.26 19.34
C ALA G 40 6.89 -5.15 17.94
N THR G 41 6.87 -3.94 17.39
CA THR G 41 7.49 -3.74 16.10
C THR G 41 7.83 -2.26 15.92
N HIS G 42 8.86 -2.00 15.12
CA HIS G 42 9.24 -0.63 14.80
C HIS G 42 8.22 0.04 13.90
N ALA G 43 7.34 -0.74 13.27
CA ALA G 43 6.28 -0.24 12.40
C ALA G 43 5.05 0.22 13.19
N CYS G 44 5.01 0.01 14.50
CA CYS G 44 3.86 0.37 15.32
C CYS G 44 4.17 1.72 15.96
N VAL G 45 3.30 2.69 15.71
CA VAL G 45 3.54 4.09 16.09
C VAL G 45 3.65 4.24 17.61
N PRO G 46 4.59 5.05 18.13
CA PRO G 46 4.62 5.34 19.56
C PRO G 46 3.35 6.03 20.04
N THR G 47 2.95 5.75 21.28
CA THR G 47 1.79 6.41 21.85
C THR G 47 2.15 7.81 22.33
N ASP G 48 1.11 8.62 22.53
CA ASP G 48 1.28 9.91 23.15
C ASP G 48 1.75 9.73 24.60
N PRO G 49 2.58 10.65 25.12
CA PRO G 49 2.94 10.53 26.55
C PRO G 49 1.78 10.75 27.49
N ASN G 50 0.70 11.40 27.04
CA ASN G 50 -0.45 11.68 27.88
C ASN G 50 -1.70 11.75 26.99
N PRO G 51 -2.51 10.70 26.92
CA PRO G 51 -3.70 10.77 26.06
C PRO G 51 -4.73 11.71 26.68
N GLN G 52 -5.52 12.34 25.81
CA GLN G 52 -6.57 13.25 26.25
C GLN G 52 -7.93 12.58 26.15
N GLU G 53 -8.59 12.44 27.29
CA GLU G 53 -9.92 11.86 27.40
C GLU G 53 -10.93 12.98 27.59
N ILE G 54 -11.94 13.04 26.73
CA ILE G 54 -12.97 14.08 26.80
C ILE G 54 -14.27 13.46 27.28
N HIS G 55 -14.70 13.83 28.48
CA HIS G 55 -15.94 13.29 29.04
C HIS G 55 -17.12 13.92 28.31
N LEU G 56 -18.12 13.09 27.97
CA LEU G 56 -19.30 13.57 27.25
C LEU G 56 -20.49 13.62 28.21
N GLU G 57 -20.84 14.82 28.66
CA GLU G 57 -21.94 14.98 29.59
C GLU G 57 -23.26 14.86 28.84
N ASN G 58 -24.25 14.24 29.47
CA ASN G 58 -25.59 14.07 28.90
C ASN G 58 -25.58 13.30 27.58
N VAL G 59 -24.71 12.30 27.46
CA VAL G 59 -24.63 11.43 26.29
C VAL G 59 -24.84 10.00 26.76
N THR G 60 -25.81 9.31 26.16
CA THR G 60 -26.13 7.93 26.53
C THR G 60 -26.02 7.02 25.31
N GLU G 61 -24.80 6.61 25.00
CA GLU G 61 -24.50 5.79 23.85
C GLU G 61 -24.89 4.35 24.15
N GLU G 62 -25.46 3.66 23.17
CA GLU G 62 -25.81 2.26 23.31
C GLU G 62 -24.64 1.38 22.84
N PHE G 63 -24.19 0.49 23.73
CA PHE G 63 -23.05 -0.39 23.50
C PHE G 63 -23.52 -1.83 23.34
N ASN G 64 -22.72 -2.63 22.64
CA ASN G 64 -22.95 -4.07 22.56
C ASN G 64 -21.59 -4.74 22.35
N MET G 65 -21.05 -5.33 23.42
CA MET G 65 -19.70 -5.89 23.36
C MET G 65 -19.60 -7.09 22.43
N TRP G 66 -20.71 -7.74 22.07
CA TRP G 66 -20.66 -8.94 21.24
C TRP G 66 -20.84 -8.65 19.76
N LYS G 67 -21.02 -7.38 19.40
CA LYS G 67 -21.17 -6.94 18.02
C LYS G 67 -20.05 -5.96 17.69
N ASN G 68 -19.06 -5.85 18.58
CA ASN G 68 -17.95 -4.92 18.51
C ASN G 68 -16.95 -5.39 17.47
N ASN G 69 -16.62 -4.53 16.51
CA ASN G 69 -15.70 -4.91 15.45
C ASN G 69 -14.25 -4.74 15.89
N MET G 70 -14.02 -4.25 17.10
CA MET G 70 -12.66 -4.08 17.61
C MET G 70 -12.09 -5.42 18.03
N VAL G 71 -12.96 -6.39 18.32
CA VAL G 71 -12.54 -7.71 18.76
C VAL G 71 -11.94 -8.48 17.59
N GLU G 72 -12.60 -8.42 16.44
CA GLU G 72 -12.07 -9.11 15.26
C GLU G 72 -10.76 -8.47 14.83
N GLN G 73 -10.67 -7.14 14.92
CA GLN G 73 -9.42 -6.48 14.56
C GLN G 73 -8.31 -6.89 15.51
N MET G 74 -8.64 -6.98 16.81
CA MET G 74 -7.65 -7.40 17.81
C MET G 74 -7.15 -8.81 17.51
N HIS G 75 -8.09 -9.72 17.22
CA HIS G 75 -7.76 -11.11 17.00
C HIS G 75 -6.91 -11.27 15.74
N GLU G 76 -7.34 -10.66 14.64
CA GLU G 76 -6.61 -10.76 13.39
C GLU G 76 -5.22 -10.14 13.52
N ASP G 77 -5.11 -8.99 14.18
CA ASP G 77 -3.80 -8.36 14.28
C ASP G 77 -2.85 -9.17 15.17
N ILE G 78 -3.39 -9.78 16.23
CA ILE G 78 -2.54 -10.62 17.08
C ILE G 78 -2.05 -11.83 16.29
N ILE G 79 -2.93 -12.46 15.52
CA ILE G 79 -2.50 -13.61 14.71
C ILE G 79 -1.45 -13.17 13.70
N SER G 80 -1.68 -12.03 13.05
CA SER G 80 -0.72 -11.55 12.06
C SER G 80 0.64 -11.30 12.70
N LEU G 81 0.67 -10.67 13.88
CA LEU G 81 1.94 -10.41 14.55
C LEU G 81 2.61 -11.73 14.92
N TRP G 82 1.81 -12.70 15.38
CA TRP G 82 2.33 -14.01 15.74
C TRP G 82 3.05 -14.65 14.55
N ASP G 83 2.38 -14.68 13.40
CA ASP G 83 2.98 -15.32 12.24
C ASP G 83 4.19 -14.54 11.75
N GLN G 84 4.14 -13.20 11.82
CA GLN G 84 5.28 -12.41 11.40
C GLN G 84 6.49 -12.70 12.28
N SER G 85 6.26 -12.89 13.58
CA SER G 85 7.37 -13.18 14.49
C SER G 85 7.93 -14.58 14.29
N LEU G 86 7.09 -15.56 13.96
CA LEU G 86 7.61 -16.92 13.75
C LEU G 86 8.19 -17.15 12.37
N LYS G 87 7.76 -16.39 11.35
CA LYS G 87 8.22 -16.57 9.98
C LYS G 87 9.75 -16.56 9.88
N PRO G 88 10.47 -15.52 10.34
CA PRO G 88 11.94 -15.53 10.19
C PRO G 88 12.64 -16.37 11.26
N CYS G 89 12.32 -17.67 11.30
CA CYS G 89 12.87 -18.56 12.32
C CYS G 89 13.19 -19.91 11.68
N VAL G 90 13.82 -20.77 12.48
CA VAL G 90 14.26 -22.08 12.01
C VAL G 90 13.09 -23.02 11.83
N LYS G 91 13.00 -23.66 10.67
CA LYS G 91 11.98 -24.66 10.40
C LYS G 91 12.47 -25.99 10.93
N LEU G 92 11.56 -26.79 11.47
CA LEU G 92 11.90 -28.10 12.02
C LEU G 92 11.44 -29.28 11.16
N THR G 93 11.23 -29.07 9.85
CA THR G 93 10.88 -30.17 8.95
C THR G 93 11.71 -31.44 9.19
N PRO G 94 13.04 -31.39 9.30
CA PRO G 94 13.81 -32.62 9.52
C PRO G 94 13.50 -33.36 10.82
N LEU G 95 12.78 -32.77 11.78
CA LEU G 95 12.47 -33.47 13.01
C LEU G 95 11.49 -34.61 12.86
N CYS G 96 10.76 -34.70 11.75
CA CYS G 96 9.80 -35.77 11.55
C CYS G 96 10.52 -37.03 11.08
N VAL G 97 11.15 -37.68 12.05
CA VAL G 97 11.94 -38.90 11.89
C VAL G 97 11.41 -39.90 12.90
N THR G 98 11.80 -41.16 12.75
CA THR G 98 11.40 -42.13 13.74
C THR G 98 12.31 -41.97 14.94
N LEU G 99 11.69 -41.87 16.12
CA LEU G 99 12.40 -41.71 17.37
C LEU G 99 12.46 -43.05 18.09
N GLN G 100 13.59 -43.34 18.72
CA GLN G 100 13.70 -44.52 19.58
C GLN G 100 13.78 -43.96 20.98
N CYS G 101 12.79 -44.27 21.82
CA CYS G 101 12.68 -43.62 23.12
C CYS G 101 12.53 -44.63 24.24
N THR G 102 13.03 -44.21 25.40
CA THR G 102 12.86 -44.89 26.68
C THR G 102 12.35 -43.83 27.64
N ASN G 103 11.88 -44.23 28.81
CA ASN G 103 11.43 -43.23 29.75
C ASN G 103 12.63 -42.55 30.40
N TYR G 104 12.49 -41.26 30.68
CA TYR G 104 13.50 -40.53 31.42
C TYR G 104 13.29 -40.79 32.90
N ALA G 105 14.37 -41.08 33.61
CA ALA G 105 14.30 -41.42 35.04
C ALA G 105 13.27 -42.53 35.23
N PRO G 106 13.46 -43.68 34.57
CA PRO G 106 12.44 -44.74 34.63
C PRO G 106 12.24 -45.35 36.00
N LYS G 107 13.18 -45.15 36.93
CA LYS G 107 13.12 -45.72 38.26
C LYS G 107 12.65 -44.70 39.29
N LEU G 108 12.26 -43.51 38.85
CA LEU G 108 11.86 -42.44 39.75
C LEU G 108 10.45 -42.65 40.27
N ARG G 109 10.27 -42.45 41.57
CA ARG G 109 8.94 -42.39 42.17
C ARG G 109 8.54 -40.92 42.16
N SER G 110 7.43 -40.62 41.51
CA SER G 110 6.95 -39.24 41.39
C SER G 110 5.64 -39.28 40.64
N MET G 111 4.96 -38.13 40.61
CA MET G 111 3.86 -37.97 39.68
C MET G 111 4.39 -37.94 38.24
N MET G 112 5.60 -37.42 38.04
CA MET G 112 6.20 -37.40 36.71
C MET G 112 6.99 -38.68 36.46
N ARG G 113 6.25 -39.79 36.32
CA ARG G 113 6.84 -41.09 36.06
C ARG G 113 6.39 -41.46 34.65
N GLY G 114 7.30 -41.30 33.70
CA GLY G 114 6.98 -41.50 32.30
C GLY G 114 6.60 -40.23 31.56
N GLU G 115 6.53 -39.09 32.26
CA GLU G 115 6.16 -37.84 31.62
C GLU G 115 7.23 -37.34 30.67
N ILE G 116 8.51 -37.59 30.97
CA ILE G 116 9.61 -37.18 30.11
C ILE G 116 10.22 -38.43 29.51
N LYS G 117 10.37 -38.44 28.18
CA LYS G 117 10.96 -39.54 27.44
C LYS G 117 12.29 -39.11 26.85
N ASN G 118 13.26 -40.02 26.92
CA ASN G 118 14.61 -39.84 26.42
C ASN G 118 14.69 -40.52 25.06
N CYS G 119 14.65 -39.70 24.00
CA CYS G 119 14.53 -40.14 22.62
C CYS G 119 15.85 -39.95 21.87
N SER G 120 16.14 -40.90 20.98
CA SER G 120 17.31 -40.90 20.12
C SER G 120 16.88 -40.89 18.65
N PHE G 121 17.55 -40.07 17.85
CA PHE G 121 17.23 -39.96 16.44
C PHE G 121 18.44 -39.50 15.63
N ASN G 122 18.40 -39.74 14.32
CA ASN G 122 19.56 -39.41 13.45
C ASN G 122 19.56 -37.95 13.00
N MET G 123 18.39 -37.42 12.63
CA MET G 123 18.33 -36.02 12.12
C MET G 123 19.35 -35.83 10.99
N THR G 124 20.15 -34.77 11.05
CA THR G 124 21.12 -34.45 9.96
C THR G 124 22.02 -33.36 10.52
N THR G 125 22.88 -32.76 9.68
CA THR G 125 23.79 -31.71 10.14
C THR G 125 24.19 -30.80 8.99
N GLU G 126 25.13 -29.89 9.29
CA GLU G 126 25.54 -28.88 8.33
C GLU G 126 25.83 -29.40 6.93
N LEU G 127 26.41 -30.59 6.81
CA LEU G 127 26.68 -31.19 5.52
C LEU G 127 25.65 -32.28 5.23
N ARG G 128 25.08 -32.22 4.03
CA ARG G 128 24.02 -33.13 3.59
C ARG G 128 24.43 -34.59 3.58
N ASP G 129 25.73 -34.90 3.48
CA ASP G 129 26.18 -36.28 3.41
C ASP G 129 26.31 -36.96 4.76
N LYS G 130 26.23 -36.22 5.88
CA LYS G 130 26.45 -36.77 7.20
C LYS G 130 25.21 -36.56 8.07
N LYS G 131 25.12 -37.38 9.12
CA LYS G 131 24.06 -37.27 10.11
C LYS G 131 24.66 -37.29 11.50
N GLN G 132 24.06 -36.52 12.40
CA GLN G 132 24.48 -36.38 13.79
C GLN G 132 23.45 -37.03 14.70
N LYS G 133 23.81 -38.12 15.37
CA LYS G 133 22.86 -38.75 16.27
C LYS G 133 22.62 -37.82 17.44
N VAL G 134 21.34 -37.67 17.81
CA VAL G 134 20.93 -36.75 18.87
C VAL G 134 20.13 -37.50 19.92
N TYR G 135 20.42 -37.21 21.19
CA TYR G 135 19.64 -37.68 22.33
C TYR G 135 19.00 -36.45 22.94
N SER G 136 17.68 -36.48 23.13
CA SER G 136 16.98 -35.33 23.69
C SER G 136 15.80 -35.81 24.52
N LEU G 137 15.32 -34.93 25.39
CA LEU G 137 14.18 -35.21 26.23
C LEU G 137 12.95 -34.49 25.69
N PHE G 138 11.84 -35.21 25.62
CA PHE G 138 10.55 -34.66 25.20
C PHE G 138 9.51 -34.98 26.25
N TYR G 139 8.49 -34.14 26.34
CA TYR G 139 7.40 -34.44 27.26
C TYR G 139 6.49 -35.47 26.61
N ARG G 140 5.85 -36.29 27.43
CA ARG G 140 4.94 -37.33 26.94
C ARG G 140 3.90 -36.77 25.97
N LEU G 141 3.40 -35.56 26.25
CA LEU G 141 2.34 -34.99 25.43
C LEU G 141 2.79 -34.58 24.03
N ASP G 142 4.11 -34.50 23.78
CA ASP G 142 4.63 -34.14 22.47
C ASP G 142 5.02 -35.34 21.61
N VAL G 143 5.04 -36.53 22.19
CA VAL G 143 5.56 -37.73 21.53
C VAL G 143 4.48 -38.80 21.57
N VAL G 144 4.16 -39.37 20.40
CA VAL G 144 3.13 -40.40 20.26
C VAL G 144 3.73 -41.67 19.69
N GLN G 145 3.35 -42.81 20.26
CA GLN G 145 3.87 -44.11 19.84
C GLN G 145 3.44 -44.44 18.42
N ILE G 146 4.35 -45.05 17.67
CA ILE G 146 4.10 -45.45 16.29
C ILE G 146 4.96 -46.66 15.95
N ASN G 158 13.82 -49.78 24.00
CA ASN G 158 13.50 -48.70 23.07
C ASN G 158 12.22 -48.99 22.31
N LYS G 159 11.29 -48.04 22.32
CA LYS G 159 10.08 -48.12 21.52
C LYS G 159 10.12 -47.03 20.45
N GLU G 160 9.42 -47.27 19.34
CA GLU G 160 9.36 -46.28 18.28
C GLU G 160 8.25 -45.27 18.53
N TYR G 161 8.60 -43.99 18.42
CA TYR G 161 7.70 -42.86 18.61
C TYR G 161 7.93 -41.84 17.50
N ARG G 162 6.95 -40.96 17.32
CA ARG G 162 7.07 -39.82 16.42
C ARG G 162 6.58 -38.59 17.17
N LEU G 163 6.91 -37.41 16.66
CA LEU G 163 6.36 -36.21 17.28
C LEU G 163 4.86 -36.17 16.97
N ILE G 164 4.09 -35.70 17.94
CA ILE G 164 2.63 -35.68 17.80
C ILE G 164 2.17 -34.91 16.57
N ASN G 165 2.88 -33.87 16.17
CA ASN G 165 2.44 -33.06 15.05
C ASN G 165 2.87 -33.56 13.66
N CYS G 166 3.67 -34.61 13.55
CA CYS G 166 4.11 -35.01 12.21
C CYS G 166 3.00 -35.62 11.37
N ASN G 167 1.88 -35.97 12.00
CA ASN G 167 0.70 -36.50 11.35
C ASN G 167 -0.29 -35.41 10.95
N THR G 168 -0.05 -34.16 11.35
CA THR G 168 -0.97 -33.06 11.13
C THR G 168 -0.35 -31.89 10.38
N SER G 169 0.84 -31.43 10.75
CA SER G 169 1.32 -30.17 10.16
C SER G 169 2.83 -30.05 10.26
N ALA G 170 3.35 -29.03 9.57
CA ALA G 170 4.75 -28.67 9.69
C ALA G 170 4.95 -27.95 11.01
N ILE G 171 6.15 -28.11 11.56
CA ILE G 171 6.55 -27.50 12.82
C ILE G 171 7.59 -26.44 12.54
N THR G 172 7.36 -25.22 13.03
CA THR G 172 8.31 -24.11 12.92
C THR G 172 8.84 -23.82 14.31
N GLN G 173 10.15 -23.71 14.45
CA GLN G 173 10.73 -23.39 15.76
C GLN G 173 10.63 -21.89 16.00
N ALA G 174 10.14 -21.53 17.19
CA ALA G 174 10.10 -20.11 17.52
C ALA G 174 11.53 -19.63 17.75
N CYS G 175 11.80 -18.39 17.37
CA CYS G 175 13.13 -17.85 17.59
C CYS G 175 13.42 -17.72 19.08
N PRO G 176 14.55 -18.25 19.58
CA PRO G 176 14.82 -18.18 21.03
C PRO G 176 15.06 -16.77 21.54
N LYS G 177 15.34 -15.83 20.66
CA LYS G 177 15.64 -14.45 21.00
C LYS G 177 14.41 -13.54 21.09
N VAL G 178 13.21 -14.05 20.77
CA VAL G 178 12.01 -13.22 20.76
C VAL G 178 11.15 -13.66 21.94
N SER G 179 10.90 -12.72 22.84
CA SER G 179 10.15 -12.96 24.06
C SER G 179 8.65 -13.12 23.79
N PHE G 180 8.01 -14.00 24.55
CA PHE G 180 6.58 -14.22 24.49
C PHE G 180 5.84 -13.47 25.59
N GLU G 181 6.51 -12.57 26.30
CA GLU G 181 5.87 -11.83 27.38
C GLU G 181 4.87 -10.82 26.81
N PRO G 182 3.59 -10.84 27.22
CA PRO G 182 2.64 -9.86 26.69
C PRO G 182 3.09 -8.42 26.96
N ILE G 183 2.91 -7.57 25.96
CA ILE G 183 3.25 -6.16 26.04
C ILE G 183 1.97 -5.36 25.75
N PRO G 184 1.64 -4.33 26.54
CA PRO G 184 0.39 -3.59 26.26
C PRO G 184 0.36 -3.00 24.86
N ILE G 185 -0.77 -3.21 24.19
CA ILE G 185 -1.03 -2.68 22.86
C ILE G 185 -2.24 -1.76 22.96
N HIS G 186 -2.11 -0.56 22.42
CA HIS G 186 -3.18 0.42 22.39
C HIS G 186 -3.75 0.44 20.99
N TYR G 187 -5.07 0.57 20.85
CA TYR G 187 -5.69 0.76 19.55
C TYR G 187 -6.17 2.20 19.43
N CYS G 188 -5.79 2.83 18.32
CA CYS G 188 -6.06 4.23 18.08
C CYS G 188 -6.87 4.36 16.80
N ALA G 189 -7.92 5.17 16.85
CA ALA G 189 -8.76 5.39 15.69
C ALA G 189 -8.05 6.25 14.65
N PRO G 190 -8.30 6.02 13.36
CA PRO G 190 -7.77 6.93 12.35
C PRO G 190 -8.55 8.23 12.39
N ALA G 191 -7.98 9.29 11.82
CA ALA G 191 -8.67 10.56 11.81
C ALA G 191 -10.04 10.41 11.14
N GLY G 192 -11.03 11.07 11.72
CA GLY G 192 -12.39 11.01 11.24
C GLY G 192 -13.27 10.07 12.05
N PHE G 193 -12.66 9.26 12.92
CA PHE G 193 -13.32 8.30 13.78
C PHE G 193 -12.97 8.61 15.24
N ALA G 194 -13.79 8.11 16.15
CA ALA G 194 -13.56 8.31 17.58
C ALA G 194 -13.94 7.04 18.33
N ILE G 195 -13.32 6.82 19.49
CA ILE G 195 -13.65 5.67 20.33
C ILE G 195 -14.34 6.17 21.59
N LEU G 196 -15.51 5.60 21.88
CA LEU G 196 -16.30 5.95 23.05
C LEU G 196 -16.07 4.90 24.13
N LYS G 197 -15.61 5.35 25.29
CA LYS G 197 -15.32 4.53 26.46
C LYS G 197 -16.48 4.66 27.42
N CYS G 198 -17.09 3.52 27.80
CA CYS G 198 -18.29 3.54 28.63
C CYS G 198 -18.07 4.21 29.98
N LYS G 199 -17.19 3.65 30.81
CA LYS G 199 -16.84 4.13 32.16
C LYS G 199 -17.98 4.00 33.17
N ASP G 200 -19.08 3.34 32.83
CA ASP G 200 -20.15 3.18 33.80
C ASP G 200 -19.86 1.99 34.72
N LYS G 201 -20.51 2.01 35.88
CA LYS G 201 -20.32 0.95 36.86
C LYS G 201 -21.36 -0.12 36.62
N LYS G 202 -21.01 -1.36 36.95
CA LYS G 202 -21.93 -2.49 36.84
C LYS G 202 -22.47 -2.60 35.42
N PHE G 203 -21.61 -2.35 34.44
CA PHE G 203 -21.97 -2.42 33.02
C PHE G 203 -21.80 -3.85 32.53
N ASN G 204 -22.89 -4.43 32.03
CA ASN G 204 -22.91 -5.84 31.66
C ASN G 204 -22.60 -6.05 30.18
N GLY G 205 -21.96 -5.08 29.53
CA GLY G 205 -21.55 -5.24 28.16
C GLY G 205 -22.59 -4.93 27.10
N THR G 206 -23.75 -4.44 27.48
CA THR G 206 -24.80 -4.16 26.50
C THR G 206 -25.74 -3.09 27.02
N GLY G 207 -26.35 -2.38 26.10
CA GLY G 207 -27.36 -1.39 26.44
C GLY G 207 -26.76 -0.01 26.63
N PRO G 208 -27.58 0.94 27.08
CA PRO G 208 -27.09 2.31 27.24
C PRO G 208 -26.04 2.44 28.33
N CYS G 209 -25.11 3.36 28.11
CA CYS G 209 -24.05 3.68 29.06
C CYS G 209 -24.18 5.16 29.39
N GLN G 210 -24.20 5.48 30.68
CA GLN G 210 -24.46 6.86 31.12
C GLN G 210 -23.22 7.73 31.31
N ASN G 211 -22.01 7.19 31.35
CA ASN G 211 -20.80 7.97 31.66
C ASN G 211 -19.82 7.97 30.49
N VAL G 212 -20.35 7.92 29.27
CA VAL G 212 -19.55 7.78 28.06
C VAL G 212 -18.61 8.96 27.88
N SER G 213 -17.34 8.66 27.55
CA SER G 213 -16.32 9.66 27.29
C SER G 213 -15.68 9.33 25.94
N THR G 214 -15.09 10.33 25.29
CA THR G 214 -14.42 10.13 24.00
C THR G 214 -12.91 10.09 24.16
N VAL G 215 -12.29 9.06 23.56
CA VAL G 215 -10.85 8.89 23.52
C VAL G 215 -10.45 8.65 22.07
N GLN G 216 -9.17 8.89 21.79
CA GLN G 216 -8.61 8.54 20.50
C GLN G 216 -7.98 7.15 20.53
N CYS G 217 -7.36 6.81 21.67
CA CYS G 217 -6.68 5.53 21.87
C CYS G 217 -7.26 4.83 23.09
N THR G 218 -7.32 3.51 23.03
CA THR G 218 -7.78 2.72 24.17
C THR G 218 -6.68 2.61 25.22
N HIS G 219 -7.05 2.11 26.39
CA HIS G 219 -6.04 1.83 27.41
C HIS G 219 -5.16 0.71 26.88
N GLY G 220 -4.00 0.49 27.49
CA GLY G 220 -3.15 -0.57 26.99
C GLY G 220 -3.77 -1.91 27.34
N ILE G 221 -3.84 -2.79 26.36
CA ILE G 221 -4.38 -4.14 26.51
C ILE G 221 -3.23 -5.10 26.26
N LYS G 222 -2.97 -5.96 27.22
CA LYS G 222 -1.89 -6.92 27.05
C LYS G 222 -2.41 -8.12 26.26
N PRO G 223 -1.70 -8.61 25.23
CA PRO G 223 -2.21 -9.79 24.52
C PRO G 223 -1.94 -11.08 25.31
N VAL G 224 -2.59 -11.19 26.45
CA VAL G 224 -2.41 -12.35 27.31
C VAL G 224 -3.26 -13.47 26.74
N VAL G 225 -2.63 -14.63 26.54
CA VAL G 225 -3.30 -15.79 25.97
C VAL G 225 -3.50 -16.81 27.07
N SER G 226 -4.75 -17.12 27.37
CA SER G 226 -5.08 -18.09 28.39
C SER G 226 -6.46 -18.65 28.08
N THR G 227 -6.76 -19.79 28.69
CA THR G 227 -8.09 -20.39 28.60
C THR G 227 -8.62 -20.59 30.01
N GLN G 228 -9.94 -20.73 30.10
CA GLN G 228 -10.67 -20.99 31.35
C GLN G 228 -10.62 -19.83 32.34
N LEU G 229 -9.41 -19.38 32.68
CA LEU G 229 -9.19 -18.24 33.56
C LEU G 229 -8.62 -17.08 32.76
N LEU G 230 -8.99 -15.86 33.14
CA LEU G 230 -8.49 -14.64 32.52
C LEU G 230 -7.40 -14.08 33.42
N LEU G 231 -6.17 -14.02 32.90
CA LEU G 231 -5.03 -13.53 33.65
C LEU G 231 -4.65 -12.11 33.26
N ASN G 232 -4.12 -11.37 34.23
CA ASN G 232 -3.51 -10.06 34.03
C ASN G 232 -4.42 -9.09 33.27
N GLY G 233 -5.71 -9.14 33.59
CA GLY G 233 -6.68 -8.24 32.99
C GLY G 233 -7.05 -7.09 33.92
N SER G 234 -8.11 -6.38 33.54
CA SER G 234 -8.62 -5.28 34.33
C SER G 234 -9.64 -5.83 35.32
N LEU G 235 -10.00 -5.03 36.31
CA LEU G 235 -10.95 -5.46 37.34
C LEU G 235 -12.19 -4.59 37.39
N ALA G 236 -13.28 -5.20 37.84
CA ALA G 236 -14.54 -4.49 38.01
C ALA G 236 -14.38 -3.47 39.14
N GLU G 237 -14.97 -2.29 38.98
CA GLU G 237 -14.79 -1.27 40.00
C GLU G 237 -15.49 -1.59 41.32
N GLU G 238 -16.72 -2.15 41.28
CA GLU G 238 -17.48 -2.37 42.51
C GLU G 238 -17.93 -3.80 42.76
N GLU G 239 -18.36 -4.53 41.74
CA GLU G 239 -18.92 -5.87 41.91
C GLU G 239 -18.45 -6.77 40.79
N VAL G 240 -18.54 -8.07 41.02
CA VAL G 240 -18.26 -9.02 39.95
C VAL G 240 -19.34 -8.85 38.89
N ILE G 241 -18.93 -8.72 37.63
CA ILE G 241 -19.85 -8.49 36.52
C ILE G 241 -19.88 -9.74 35.64
N ILE G 242 -21.08 -10.28 35.42
CA ILE G 242 -21.29 -11.47 34.62
C ILE G 242 -21.91 -11.03 33.30
N ARG G 243 -21.22 -11.30 32.19
CA ARG G 243 -21.62 -10.84 30.87
C ARG G 243 -21.84 -12.03 29.95
N SER G 244 -22.96 -12.04 29.23
CA SER G 244 -23.22 -13.08 28.24
C SER G 244 -24.08 -12.50 27.13
N GLU G 245 -23.78 -12.92 25.89
CA GLU G 245 -24.60 -12.49 24.75
C GLU G 245 -26.06 -12.87 24.96
N ASN G 246 -26.29 -14.06 25.50
CA ASN G 246 -27.63 -14.57 25.77
C ASN G 246 -27.50 -15.53 26.95
N ILE G 247 -27.84 -15.05 28.14
CA ILE G 247 -27.60 -15.81 29.36
C ILE G 247 -28.43 -17.09 29.38
N THR G 248 -29.52 -17.16 28.64
CA THR G 248 -30.39 -18.34 28.59
C THR G 248 -29.99 -19.33 27.51
N ASN G 249 -28.96 -19.04 26.71
CA ASN G 249 -28.52 -19.91 25.62
C ASN G 249 -27.27 -20.67 26.03
N ASN G 250 -27.39 -21.99 26.19
CA ASN G 250 -26.28 -22.82 26.64
C ASN G 250 -25.12 -22.86 25.66
N ALA G 251 -25.29 -22.39 24.42
CA ALA G 251 -24.24 -22.39 23.42
C ALA G 251 -23.32 -21.18 23.51
N LYS G 252 -23.60 -20.23 24.40
CA LYS G 252 -22.81 -19.02 24.54
C LYS G 252 -21.93 -19.15 25.77
N ASN G 253 -20.78 -18.48 25.75
CA ASN G 253 -19.92 -18.44 26.92
C ASN G 253 -20.32 -17.28 27.82
N ILE G 254 -20.05 -17.44 29.11
CA ILE G 254 -20.30 -16.43 30.12
C ILE G 254 -18.94 -15.92 30.59
N LEU G 255 -18.72 -14.61 30.48
CA LEU G 255 -17.46 -14.01 30.90
C LEU G 255 -17.71 -13.31 32.23
N VAL G 256 -16.92 -13.67 33.24
CA VAL G 256 -17.08 -13.12 34.58
C VAL G 256 -15.87 -12.24 34.86
N GLN G 257 -16.09 -10.96 35.10
CA GLN G 257 -15.02 -10.04 35.42
C GLN G 257 -15.05 -9.79 36.93
N LEU G 258 -13.95 -10.11 37.60
CA LEU G 258 -13.89 -9.99 39.05
C LEU G 258 -13.59 -8.57 39.46
N ASN G 259 -14.04 -8.19 40.65
CA ASN G 259 -13.69 -6.87 41.19
C ASN G 259 -12.37 -6.91 41.94
N THR G 260 -11.98 -8.09 42.43
CA THR G 260 -10.71 -8.30 43.11
C THR G 260 -10.04 -9.48 42.42
N SER G 261 -8.72 -9.44 42.33
CA SER G 261 -7.96 -10.52 41.73
C SER G 261 -7.60 -11.56 42.78
N VAL G 262 -7.29 -12.77 42.30
CA VAL G 262 -6.72 -13.81 43.15
C VAL G 262 -5.36 -14.15 42.56
N GLN G 263 -4.33 -14.13 43.39
CA GLN G 263 -2.97 -14.31 42.91
C GLN G 263 -2.71 -15.80 42.70
N ILE G 264 -2.09 -16.13 41.57
CA ILE G 264 -1.71 -17.50 41.22
C ILE G 264 -0.21 -17.51 41.01
N ASN G 265 0.51 -18.29 41.82
CA ASN G 265 1.97 -18.42 41.70
C ASN G 265 2.23 -19.75 41.01
N CYS G 266 2.73 -19.73 39.79
CA CYS G 266 2.86 -20.97 39.02
C CYS G 266 4.32 -21.15 38.68
N THR G 267 4.76 -22.41 38.67
CA THR G 267 6.18 -22.69 38.49
C THR G 267 6.46 -24.04 37.85
N ARG G 268 7.68 -24.12 37.30
CA ARG G 268 8.31 -25.32 36.76
C ARG G 268 9.56 -25.47 37.62
N PRO G 269 9.47 -26.17 38.76
CA PRO G 269 10.59 -26.20 39.71
C PRO G 269 11.85 -26.86 39.18
N SER G 270 11.77 -27.69 38.15
CA SER G 270 12.95 -28.38 37.65
C SER G 270 13.96 -27.40 37.07
N ASN G 271 15.24 -27.68 37.31
CA ASN G 271 16.34 -26.88 36.77
C ASN G 271 16.77 -27.52 35.46
N ASN G 272 16.10 -27.14 34.38
CA ASN G 272 16.33 -27.77 33.08
C ASN G 272 17.54 -27.17 32.39
N THR G 273 18.36 -28.03 31.80
CA THR G 273 19.53 -27.62 31.04
C THR G 273 19.19 -27.82 29.57
N VAL G 274 19.39 -26.75 28.81
CA VAL G 274 19.12 -26.67 27.38
C VAL G 274 20.39 -26.85 26.58
N LYS G 275 20.34 -27.71 25.57
CA LYS G 275 21.45 -28.00 24.68
C LYS G 275 20.98 -27.63 23.27
N SER G 276 21.93 -27.41 22.37
CA SER G 276 21.57 -27.12 21.00
C SER G 276 22.57 -27.74 20.03
N ILE G 277 22.07 -28.03 18.83
CA ILE G 277 22.82 -28.58 17.73
C ILE G 277 22.49 -27.80 16.47
N ARG G 278 23.39 -27.87 15.49
CA ARG G 278 23.12 -27.28 14.18
C ARG G 278 22.49 -28.35 13.29
N ILE G 279 21.49 -27.95 12.50
CA ILE G 279 20.77 -28.86 11.62
C ILE G 279 20.88 -28.48 10.15
N GLY G 280 21.59 -27.41 9.83
CA GLY G 280 21.74 -26.97 8.46
C GLY G 280 22.51 -25.67 8.43
N PRO G 281 22.89 -25.21 7.24
CA PRO G 281 23.61 -23.92 7.16
C PRO G 281 22.74 -22.78 7.70
N GLY G 282 23.25 -22.10 8.72
CA GLY G 282 22.51 -20.98 9.27
C GLY G 282 21.30 -21.36 10.08
N GLN G 283 21.20 -22.61 10.51
CA GLN G 283 20.05 -23.12 11.25
C GLN G 283 20.54 -23.89 12.46
N ALA G 284 19.84 -23.75 13.58
CA ALA G 284 20.17 -24.50 14.78
C ALA G 284 18.89 -24.93 15.48
N PHE G 285 18.93 -26.13 16.05
CA PHE G 285 17.83 -26.72 16.78
C PHE G 285 18.12 -26.73 18.27
N TYR G 286 17.19 -26.20 19.05
CA TYR G 286 17.30 -26.15 20.50
C TYR G 286 16.40 -27.23 21.07
N TYR G 287 16.88 -27.94 22.09
CA TYR G 287 16.11 -29.02 22.67
C TYR G 287 16.40 -29.14 24.15
N PHE G 288 15.51 -29.86 24.83
CA PHE G 288 15.59 -30.08 26.26
C PHE G 288 16.62 -31.18 26.52
N GLY G 289 17.72 -30.82 27.17
CA GLY G 289 18.83 -31.72 27.37
C GLY G 289 18.80 -32.56 28.63
N ASP G 290 18.88 -31.90 29.78
CA ASP G 290 18.99 -32.60 31.07
C ASP G 290 18.19 -31.89 32.14
N VAL G 291 17.86 -32.61 33.19
CA VAL G 291 17.26 -32.04 34.40
C VAL G 291 18.31 -32.16 35.50
N LEU G 292 18.64 -31.03 36.14
CA LEU G 292 19.59 -31.03 37.23
C LEU G 292 18.78 -31.14 38.51
N GLY G 293 19.29 -31.89 39.48
CA GLY G 293 18.51 -32.07 40.68
C GLY G 293 17.43 -33.08 40.38
N HIS G 294 16.36 -33.04 41.17
CA HIS G 294 15.26 -33.99 41.02
C HIS G 294 14.30 -33.48 39.97
N VAL G 295 13.59 -34.41 39.34
CA VAL G 295 12.51 -34.08 38.41
C VAL G 295 11.28 -33.74 39.22
N ARG G 296 10.76 -32.52 39.05
CA ARG G 296 9.60 -32.05 39.80
C ARG G 296 8.49 -31.65 38.85
N MET G 297 7.25 -31.83 39.32
CA MET G 297 6.07 -31.52 38.53
C MET G 297 5.76 -30.03 38.51
N ALA G 298 5.44 -29.54 37.32
CA ALA G 298 5.02 -28.15 37.17
C ALA G 298 3.68 -28.00 37.88
N HIS G 299 3.46 -26.86 38.54
CA HIS G 299 2.22 -26.69 39.25
C HIS G 299 1.92 -25.22 39.53
N CYS G 300 0.66 -24.93 39.85
CA CYS G 300 0.23 -23.60 40.28
C CYS G 300 -0.29 -23.60 41.71
N ASN G 301 0.03 -22.53 42.44
CA ASN G 301 -0.39 -22.25 43.82
C ASN G 301 -1.52 -21.24 43.82
N ILE G 302 -2.71 -21.64 44.27
CA ILE G 302 -3.85 -20.73 44.40
C ILE G 302 -4.35 -20.78 45.85
N SER G 303 -4.41 -19.64 46.51
CA SER G 303 -4.85 -19.63 47.90
C SER G 303 -6.29 -20.14 47.98
N LYS G 304 -6.55 -21.08 48.89
CA LYS G 304 -7.89 -21.66 48.98
C LYS G 304 -8.94 -20.66 49.47
N ALA G 305 -8.59 -19.83 50.46
CA ALA G 305 -9.59 -18.92 51.01
C ALA G 305 -9.99 -17.84 50.02
N THR G 306 -9.01 -17.31 49.29
CA THR G 306 -9.30 -16.24 48.34
C THR G 306 -10.17 -16.78 47.21
N TRP G 307 -9.82 -17.96 46.71
CA TRP G 307 -10.61 -18.57 45.64
C TRP G 307 -12.03 -18.86 46.12
N ASN G 308 -12.17 -19.42 47.33
CA ASN G 308 -13.50 -19.72 47.84
C ASN G 308 -14.35 -18.46 47.93
N GLU G 309 -13.76 -17.36 48.38
CA GLU G 309 -14.50 -16.10 48.45
C GLU G 309 -14.87 -15.62 47.05
N THR G 310 -13.94 -15.79 46.11
CA THR G 310 -14.17 -15.37 44.73
C THR G 310 -15.36 -16.13 44.14
N LEU G 311 -15.41 -17.44 44.37
CA LEU G 311 -16.54 -18.19 43.85
C LEU G 311 -17.81 -17.80 44.58
N GLY G 312 -17.75 -17.51 45.87
CA GLY G 312 -18.96 -17.12 46.57
C GLY G 312 -19.57 -15.87 45.94
N LYS G 313 -18.70 -14.92 45.58
CA LYS G 313 -19.16 -13.69 44.93
C LYS G 313 -19.74 -14.00 43.55
N VAL G 314 -19.10 -14.90 42.81
CA VAL G 314 -19.59 -15.27 41.49
C VAL G 314 -20.96 -15.94 41.61
N VAL G 315 -21.11 -16.81 42.60
CA VAL G 315 -22.37 -17.50 42.81
C VAL G 315 -23.48 -16.51 43.14
N LYS G 316 -23.20 -15.52 43.99
CA LYS G 316 -24.23 -14.52 44.28
C LYS G 316 -24.67 -13.80 43.01
N GLN G 317 -23.70 -13.46 42.16
CA GLN G 317 -24.06 -12.74 40.94
C GLN G 317 -24.78 -13.66 39.95
N LEU G 318 -24.44 -14.95 39.94
CA LEU G 318 -25.16 -15.87 39.08
C LEU G 318 -26.59 -16.07 39.57
N ARG G 319 -26.77 -16.14 40.90
CA ARG G 319 -28.10 -16.30 41.47
C ARG G 319 -28.98 -15.13 41.07
N LYS G 320 -28.40 -13.93 40.94
CA LYS G 320 -29.20 -12.80 40.50
C LYS G 320 -29.84 -13.01 39.12
N HIS G 321 -29.29 -13.89 38.28
CA HIS G 321 -29.84 -14.17 36.96
C HIS G 321 -30.58 -15.52 36.88
N PHE G 322 -30.24 -16.47 37.73
CA PHE G 322 -30.79 -17.82 37.67
C PHE G 322 -31.78 -18.16 38.78
N GLY G 323 -31.99 -17.27 39.75
CA GLY G 323 -32.95 -17.48 40.82
C GLY G 323 -32.28 -17.62 42.18
N ASN G 324 -32.85 -16.95 43.17
CA ASN G 324 -32.28 -16.95 44.51
C ASN G 324 -32.30 -18.32 45.17
N ASN G 325 -33.26 -19.18 44.81
CA ASN G 325 -33.40 -20.49 45.43
C ASN G 325 -32.80 -21.65 44.63
N THR G 326 -32.01 -21.39 43.59
CA THR G 326 -31.42 -22.49 42.83
C THR G 326 -30.12 -22.92 43.50
N ILE G 327 -29.58 -24.04 43.04
CA ILE G 327 -28.29 -24.55 43.50
C ILE G 327 -27.33 -24.41 42.33
N ILE G 328 -26.16 -23.82 42.60
CA ILE G 328 -25.15 -23.62 41.56
C ILE G 328 -24.00 -24.58 41.83
N ARG G 329 -23.60 -25.33 40.82
CA ARG G 329 -22.52 -26.30 40.93
C ARG G 329 -21.44 -26.00 39.92
N PHE G 330 -20.19 -26.17 40.34
CA PHE G 330 -19.03 -26.03 39.48
C PHE G 330 -18.44 -27.43 39.31
N ALA G 331 -17.98 -27.70 38.09
CA ALA G 331 -17.41 -28.99 37.73
C ALA G 331 -16.28 -28.79 36.72
N GLN G 332 -15.45 -29.83 36.58
CA GLN G 332 -14.33 -29.81 35.67
C GLN G 332 -14.83 -29.83 34.23
N SER G 333 -13.97 -29.38 33.31
CA SER G 333 -14.34 -29.40 31.89
C SER G 333 -14.64 -30.82 31.46
N SER G 334 -15.71 -30.96 30.66
CA SER G 334 -16.19 -32.28 30.27
C SER G 334 -15.37 -32.96 29.18
N GLY G 335 -14.64 -32.23 28.36
CA GLY G 335 -13.91 -32.89 27.30
C GLY G 335 -13.46 -31.92 26.22
N GLY G 336 -12.71 -32.49 25.27
CA GLY G 336 -12.13 -31.77 24.15
C GLY G 336 -10.61 -31.76 24.24
N ASP G 337 -10.02 -30.93 23.39
CA ASP G 337 -8.57 -30.84 23.31
C ASP G 337 -8.02 -30.34 24.65
N LEU G 338 -6.74 -30.68 24.92
CA LEU G 338 -6.13 -30.26 26.16
C LEU G 338 -6.18 -28.75 26.34
N GLU G 339 -6.11 -28.00 25.24
CA GLU G 339 -6.18 -26.55 25.31
C GLU G 339 -7.46 -26.05 25.97
N VAL G 340 -8.58 -26.76 25.80
CA VAL G 340 -9.85 -26.34 26.38
C VAL G 340 -10.20 -27.07 27.68
N THR G 341 -9.67 -28.27 27.90
CA THR G 341 -9.98 -29.01 29.13
C THR G 341 -9.13 -28.56 30.30
N THR G 342 -7.98 -27.93 30.03
CA THR G 342 -7.09 -27.39 31.03
C THR G 342 -6.96 -25.89 30.86
N HIS G 343 -6.35 -25.27 31.86
CA HIS G 343 -6.02 -23.85 31.85
C HIS G 343 -4.68 -23.71 31.13
N SER G 344 -4.74 -23.27 29.89
CA SER G 344 -3.55 -23.10 29.09
C SER G 344 -3.06 -21.68 29.33
N PHE G 345 -1.75 -21.52 29.45
CA PHE G 345 -1.19 -20.18 29.53
C PHE G 345 0.30 -20.26 29.23
N ASN G 346 0.93 -19.11 29.07
CA ASN G 346 2.37 -19.03 28.83
C ASN G 346 3.02 -18.08 29.81
N CYS G 347 3.99 -18.58 30.59
CA CYS G 347 4.75 -17.72 31.47
C CYS G 347 6.18 -18.25 31.51
N GLY G 348 7.14 -17.33 31.54
CA GLY G 348 8.53 -17.74 31.60
C GLY G 348 9.05 -18.26 30.29
N GLY G 349 8.24 -18.21 29.23
CA GLY G 349 8.53 -18.75 27.94
C GLY G 349 8.05 -20.17 27.77
N GLU G 350 7.40 -20.75 28.79
CA GLU G 350 6.88 -22.11 28.72
C GLU G 350 5.36 -22.08 28.71
N PHE G 351 4.78 -23.09 28.04
CA PHE G 351 3.34 -23.23 27.89
C PHE G 351 2.83 -24.26 28.88
N PHE G 352 2.05 -23.81 29.86
CA PHE G 352 1.53 -24.64 30.94
C PHE G 352 0.09 -25.01 30.63
N TYR G 353 -0.29 -26.24 30.97
CA TYR G 353 -1.66 -26.76 30.87
C TYR G 353 -2.05 -27.32 32.23
N CYS G 354 -2.72 -26.50 33.03
CA CYS G 354 -3.02 -26.82 34.43
C CYS G 354 -4.42 -27.40 34.55
N ASN G 355 -4.57 -28.47 35.33
CA ASN G 355 -5.84 -29.21 35.36
C ASN G 355 -7.01 -28.33 35.79
N THR G 356 -6.89 -27.62 36.91
CA THR G 356 -7.95 -26.79 37.50
C THR G 356 -9.12 -27.58 38.08
N SER G 357 -9.07 -28.92 38.07
CA SER G 357 -10.18 -29.69 38.61
C SER G 357 -10.34 -29.46 40.12
N GLY G 358 -9.32 -28.94 40.79
CA GLY G 358 -9.39 -28.64 42.20
C GLY G 358 -10.04 -27.32 42.53
N LEU G 359 -10.35 -26.50 41.51
CA LEU G 359 -11.00 -25.21 41.71
C LEU G 359 -12.48 -25.27 41.40
N PHE G 360 -12.84 -25.84 40.26
CA PHE G 360 -14.22 -25.92 39.81
C PHE G 360 -14.83 -27.26 40.21
N ASN G 361 -14.94 -27.47 41.51
CA ASN G 361 -15.52 -28.71 42.04
C ASN G 361 -16.24 -28.34 43.34
N SER G 362 -17.48 -27.88 43.21
CA SER G 362 -18.20 -27.46 44.41
C SER G 362 -19.69 -27.38 44.13
N THR G 363 -20.49 -27.45 45.20
CA THR G 363 -21.92 -27.21 45.12
C THR G 363 -22.29 -26.13 46.13
N TRP G 364 -22.95 -25.09 45.65
CA TRP G 364 -23.36 -23.91 46.40
C TRP G 364 -24.88 -23.92 46.55
N ILE G 365 -25.34 -24.11 47.80
CA ILE G 365 -26.76 -24.21 48.14
C ILE G 365 -27.06 -23.05 49.06
N SER G 366 -28.10 -22.28 48.70
CA SER G 366 -28.63 -21.11 49.43
C SER G 366 -28.11 -20.81 50.84
N ASP G 380 -3.98 -22.92 54.01
CA ASP G 380 -3.23 -23.74 53.07
C ASP G 380 -3.53 -23.31 51.64
N SER G 381 -2.58 -23.58 50.74
CA SER G 381 -2.71 -23.27 49.33
C SER G 381 -3.04 -24.54 48.54
N LEU G 382 -3.85 -24.37 47.50
CA LEU G 382 -4.20 -25.45 46.59
C LEU G 382 -3.14 -25.53 45.51
N ILE G 383 -2.71 -26.76 45.21
CA ILE G 383 -1.73 -27.02 44.17
C ILE G 383 -2.46 -27.65 42.99
N LEU G 384 -2.31 -27.04 41.81
CA LEU G 384 -2.88 -27.55 40.57
C LEU G 384 -1.78 -28.23 39.77
N PRO G 385 -1.87 -29.53 39.47
CA PRO G 385 -0.87 -30.13 38.57
C PRO G 385 -0.93 -29.50 37.20
N CYS G 386 0.23 -29.31 36.59
CA CYS G 386 0.32 -28.74 35.26
C CYS G 386 1.25 -29.58 34.40
N TRP G 387 0.92 -29.66 33.11
CA TRP G 387 1.75 -30.32 32.12
C TRP G 387 2.37 -29.25 31.23
N ILE G 388 3.55 -29.54 30.70
CA ILE G 388 4.24 -28.63 29.80
C ILE G 388 4.40 -29.32 28.45
N LYS G 389 4.11 -28.58 27.39
CA LYS G 389 4.24 -29.06 26.02
C LYS G 389 5.21 -28.16 25.28
N GLN G 390 5.95 -28.75 24.35
CA GLN G 390 6.82 -27.99 23.47
C GLN G 390 6.21 -27.70 22.11
N ILE G 391 5.29 -28.54 21.63
CA ILE G 391 4.67 -28.34 20.33
C ILE G 391 3.28 -27.77 20.57
N ILE G 392 3.08 -26.53 20.16
CA ILE G 392 1.89 -25.74 20.48
C ILE G 392 1.12 -25.49 19.19
N ASN G 393 -0.19 -25.67 19.22
CA ASN G 393 -1.06 -25.40 18.07
C ASN G 393 -2.03 -24.30 18.50
N MET G 394 -1.59 -23.05 18.37
CA MET G 394 -2.33 -21.90 18.87
C MET G 394 -3.39 -21.43 17.89
N TRP G 395 -4.34 -20.68 18.44
CA TRP G 395 -5.42 -19.99 17.72
C TRP G 395 -6.37 -20.96 17.04
N GLN G 396 -6.39 -22.22 17.47
CA GLN G 396 -7.23 -23.26 16.89
C GLN G 396 -6.99 -23.43 15.39
N ARG G 397 -5.75 -23.20 14.95
CA ARG G 397 -5.39 -23.37 13.54
C ARG G 397 -4.68 -24.70 13.35
N ILE G 398 -5.30 -25.59 12.57
CA ILE G 398 -4.73 -26.89 12.28
C ILE G 398 -4.00 -26.77 10.94
N GLY G 399 -2.72 -27.10 10.93
CA GLY G 399 -1.87 -26.98 9.75
C GLY G 399 -0.65 -26.11 9.94
N GLN G 400 -0.51 -25.40 11.06
CA GLN G 400 0.67 -24.56 11.33
C GLN G 400 1.09 -24.75 12.79
N ALA G 401 2.08 -25.63 13.06
CA ALA G 401 2.44 -25.88 14.44
C ALA G 401 3.74 -25.14 14.77
N MET G 402 3.90 -24.81 16.05
CA MET G 402 5.08 -24.14 16.55
C MET G 402 5.73 -24.95 17.66
N TYR G 403 7.06 -24.98 17.65
CA TYR G 403 7.85 -25.65 18.68
C TYR G 403 8.41 -24.60 19.62
N ALA G 404 8.05 -24.68 20.89
CA ALA G 404 8.52 -23.72 21.87
C ALA G 404 9.88 -24.16 22.40
N PRO G 405 10.96 -23.41 22.19
CA PRO G 405 12.25 -23.85 22.72
C PRO G 405 12.21 -23.97 24.22
N PRO G 406 12.95 -24.92 24.80
CA PRO G 406 12.98 -24.98 26.27
C PRO G 406 13.73 -23.81 26.85
N ILE G 407 13.35 -23.45 28.06
CA ILE G 407 13.96 -22.36 28.81
C ILE G 407 14.90 -22.92 29.86
N GLN G 408 16.10 -22.37 29.90
CA GLN G 408 17.12 -22.79 30.86
C GLN G 408 16.75 -22.36 32.28
N GLY G 409 16.87 -23.30 33.22
CA GLY G 409 16.63 -23.02 34.61
C GLY G 409 15.21 -23.25 35.10
N VAL G 410 14.98 -22.73 36.31
CA VAL G 410 13.73 -22.91 37.05
C VAL G 410 12.83 -21.72 36.73
N ILE G 411 11.56 -22.00 36.44
CA ILE G 411 10.60 -20.95 36.08
C ILE G 411 9.62 -20.72 37.21
N ARG G 412 9.48 -19.47 37.61
CA ARG G 412 8.47 -19.06 38.57
C ARG G 412 7.84 -17.79 38.01
N CYS G 413 6.51 -17.75 37.99
CA CYS G 413 5.76 -16.61 37.50
C CYS G 413 4.61 -16.37 38.47
N VAL G 414 4.26 -15.12 38.69
CA VAL G 414 3.13 -14.76 39.54
C VAL G 414 2.17 -13.93 38.70
N SER G 415 0.93 -14.41 38.56
CA SER G 415 -0.08 -13.74 37.75
C SER G 415 -1.29 -13.41 38.61
N ASN G 416 -2.09 -12.48 38.12
CA ASN G 416 -3.35 -12.11 38.75
C ASN G 416 -4.48 -12.74 37.95
N ILE G 417 -5.35 -13.50 38.60
CA ILE G 417 -6.55 -13.98 37.95
C ILE G 417 -7.59 -12.90 38.18
N THR G 418 -8.03 -12.28 37.09
CA THR G 418 -8.95 -11.15 37.14
C THR G 418 -10.32 -11.48 36.57
N GLY G 419 -10.51 -12.67 36.02
CA GLY G 419 -11.80 -13.05 35.50
C GLY G 419 -11.82 -14.53 35.19
N LEU G 420 -13.03 -15.01 34.92
CA LEU G 420 -13.29 -16.40 34.62
C LEU G 420 -14.08 -16.51 33.32
N ILE G 421 -13.91 -17.62 32.63
CA ILE G 421 -14.78 -18.01 31.52
C ILE G 421 -15.55 -19.21 32.02
N LEU G 422 -16.88 -19.16 31.91
CA LEU G 422 -17.72 -20.28 32.31
C LEU G 422 -18.68 -20.65 31.18
N THR G 423 -19.03 -21.93 31.14
CA THR G 423 -20.08 -22.43 30.27
C THR G 423 -21.02 -23.18 31.20
N ARG G 424 -22.22 -23.49 30.73
CA ARG G 424 -23.16 -24.25 31.55
C ARG G 424 -23.85 -25.30 30.71
N ASP G 425 -24.34 -26.33 31.41
CA ASP G 425 -25.05 -27.43 30.76
C ASP G 425 -26.51 -27.07 30.52
N SER G 431 -33.13 -27.12 35.57
CA SER G 431 -33.67 -27.97 36.63
C SER G 431 -33.38 -27.34 37.99
N THR G 432 -33.29 -28.17 39.03
CA THR G 432 -33.01 -27.65 40.36
C THR G 432 -31.58 -27.12 40.46
N THR G 433 -30.62 -27.83 39.88
CA THR G 433 -29.20 -27.48 39.98
C THR G 433 -28.65 -27.11 38.60
N GLU G 434 -28.02 -25.95 38.54
CA GLU G 434 -27.38 -25.43 37.33
C GLU G 434 -25.89 -25.67 37.45
N THR G 435 -25.31 -26.44 36.53
CA THR G 435 -23.90 -26.79 36.58
C THR G 435 -23.11 -25.97 35.58
N PHE G 436 -22.02 -25.36 36.06
CA PHE G 436 -21.11 -24.52 35.30
C PHE G 436 -19.75 -25.19 35.16
N ARG G 437 -19.12 -25.02 33.99
CA ARG G 437 -17.83 -25.59 33.69
C ARG G 437 -16.92 -24.52 33.11
N PRO G 438 -15.59 -24.68 33.22
CA PRO G 438 -14.66 -23.68 32.65
C PRO G 438 -14.87 -23.29 31.20
N GLY G 439 -15.28 -24.20 30.31
CA GLY G 439 -15.49 -23.82 28.93
C GLY G 439 -14.26 -23.17 28.32
N GLY G 440 -14.46 -22.05 27.62
CA GLY G 440 -13.35 -21.33 27.03
C GLY G 440 -12.83 -21.96 25.75
N GLY G 441 -11.66 -21.47 25.35
CA GLY G 441 -10.98 -21.93 24.16
C GLY G 441 -11.10 -21.03 22.94
N ASP G 442 -12.11 -20.15 22.90
CA ASP G 442 -12.29 -19.22 21.79
C ASP G 442 -11.62 -17.91 22.20
N MET G 443 -10.48 -17.61 21.57
CA MET G 443 -9.67 -16.47 21.98
C MET G 443 -10.36 -15.13 21.85
N ARG G 444 -11.40 -15.01 21.01
CA ARG G 444 -12.06 -13.73 20.87
C ARG G 444 -12.67 -13.27 22.17
N ASP G 445 -13.06 -14.22 23.03
CA ASP G 445 -13.69 -13.84 24.28
C ASP G 445 -12.67 -13.20 25.22
N ASN G 446 -11.39 -13.52 25.07
CA ASN G 446 -10.43 -12.90 25.97
C ASN G 446 -10.29 -11.44 25.59
N TRP G 447 -10.35 -11.17 24.29
CA TRP G 447 -10.21 -9.79 23.86
C TRP G 447 -11.41 -9.02 24.37
N ARG G 448 -12.59 -9.65 24.33
CA ARG G 448 -13.79 -8.99 24.80
C ARG G 448 -13.68 -8.60 26.25
N SER G 449 -12.95 -9.40 27.06
CA SER G 449 -12.86 -9.10 28.49
C SER G 449 -12.22 -7.75 28.75
N GLU G 450 -11.49 -7.20 27.77
CA GLU G 450 -10.89 -5.88 27.89
C GLU G 450 -11.58 -4.86 26.99
N LEU G 451 -12.10 -5.28 25.84
CA LEU G 451 -12.70 -4.38 24.87
C LEU G 451 -14.18 -4.12 25.10
N TYR G 452 -14.79 -4.75 26.10
CA TYR G 452 -16.22 -4.57 26.36
C TYR G 452 -16.62 -3.12 26.60
N LYS G 453 -15.72 -2.25 27.04
CA LYS G 453 -16.08 -0.87 27.34
C LYS G 453 -15.87 0.10 26.19
N TYR G 454 -15.40 -0.35 25.03
CA TYR G 454 -15.13 0.54 23.90
C TYR G 454 -16.01 0.27 22.71
N LYS G 455 -16.38 1.36 22.03
CA LYS G 455 -17.13 1.34 20.78
C LYS G 455 -16.44 2.32 19.84
N VAL G 456 -16.38 2.00 18.54
CA VAL G 456 -15.77 2.91 17.55
C VAL G 456 -16.88 3.46 16.68
N VAL G 457 -16.89 4.79 16.50
CA VAL G 457 -17.90 5.46 15.70
C VAL G 457 -17.25 6.37 14.67
N LYS G 458 -18.02 6.64 13.60
CA LYS G 458 -17.65 7.56 12.53
C LYS G 458 -18.28 8.91 12.81
N ILE G 459 -17.53 9.97 12.52
CA ILE G 459 -17.99 11.34 12.69
C ILE G 459 -18.64 11.77 11.38
N GLU G 460 -19.82 12.39 11.48
CA GLU G 460 -20.58 12.89 10.34
C GLU G 460 -20.72 14.40 10.52
N PRO G 461 -19.69 15.17 10.15
CA PRO G 461 -19.62 16.60 10.52
C PRO G 461 -20.65 17.48 9.84
N LEU G 462 -21.32 17.02 8.80
CA LEU G 462 -22.32 17.83 8.12
C LEU G 462 -23.69 17.62 8.71
N GLY G 463 -24.44 18.71 8.76
CA GLY G 463 -25.84 18.66 9.16
C GLY G 463 -26.51 19.93 8.72
N VAL G 464 -27.82 19.93 8.80
CA VAL G 464 -28.65 21.05 8.40
C VAL G 464 -29.62 21.35 9.52
N ALA G 465 -30.03 22.62 9.61
CA ALA G 465 -31.01 22.97 10.62
C ALA G 465 -31.72 24.26 10.20
N PRO G 466 -32.98 24.45 10.61
CA PRO G 466 -33.65 25.71 10.28
C PRO G 466 -33.11 26.87 11.08
N THR G 467 -32.97 28.01 10.41
CA THR G 467 -32.61 29.27 11.06
C THR G 467 -33.43 30.36 10.40
N ARG G 468 -33.28 31.58 10.88
CA ARG G 468 -33.93 32.73 10.29
C ARG G 468 -33.09 33.38 9.20
N CYS G 469 -31.95 32.78 8.83
CA CYS G 469 -31.00 33.39 7.92
C CYS G 469 -31.26 33.06 6.47
N LYS G 470 -31.47 34.11 5.66
CA LYS G 470 -31.67 33.96 4.22
C LYS G 470 -30.38 34.40 3.55
N ARG G 471 -29.86 33.60 2.63
CA ARG G 471 -28.67 34.01 1.91
C ARG G 471 -28.97 35.26 1.11
N ARG G 472 -28.04 36.23 1.16
CA ARG G 472 -28.18 37.51 0.47
C ARG G 472 -29.56 38.14 0.65
N GLU H 1 -41.49 41.29 36.63
CA GLU H 1 -40.65 40.07 36.52
C GLU H 1 -39.17 40.42 36.39
N VAL H 2 -38.88 41.55 35.75
CA VAL H 2 -37.50 41.99 35.50
C VAL H 2 -37.35 43.43 35.95
N GLN H 3 -36.10 43.85 36.09
CA GLN H 3 -35.73 45.21 36.43
C GLN H 3 -34.67 45.71 35.47
N LEU H 4 -34.84 46.94 35.00
CA LEU H 4 -33.86 47.61 34.15
C LEU H 4 -33.81 49.07 34.60
N VAL H 5 -32.66 49.53 35.10
CA VAL H 5 -32.57 50.86 35.68
C VAL H 5 -31.47 51.68 35.02
N GLU H 6 -31.88 52.85 34.50
CA GLU H 6 -31.02 53.86 33.88
C GLU H 6 -30.25 54.67 34.92
N THR H 7 -28.98 54.94 34.62
CA THR H 7 -28.11 55.83 35.37
C THR H 7 -27.51 56.80 34.38
N GLY H 8 -27.43 58.08 34.76
CA GLY H 8 -26.83 59.06 33.89
C GLY H 8 -26.88 60.44 34.50
N GLY H 9 -26.26 61.39 33.80
CA GLY H 9 -26.19 62.76 34.25
C GLY H 9 -27.34 63.60 33.71
N GLY H 10 -27.21 64.91 33.91
CA GLY H 10 -28.24 65.87 33.51
C GLY H 10 -27.86 66.84 32.42
N LEU H 11 -27.62 68.10 32.80
CA LEU H 11 -27.32 69.16 31.84
C LEU H 11 -25.85 69.14 31.44
N VAL H 12 -25.61 69.23 30.13
CA VAL H 12 -24.27 69.34 29.57
C VAL H 12 -24.24 70.53 28.63
N GLN H 13 -23.03 70.95 28.27
CA GLN H 13 -22.86 72.00 27.28
C GLN H 13 -22.89 71.41 25.87
N PRO H 14 -23.29 72.18 24.85
CA PRO H 14 -23.13 71.71 23.47
C PRO H 14 -21.68 71.41 23.15
N GLY H 15 -21.44 70.33 22.40
CA GLY H 15 -20.08 69.96 22.04
C GLY H 15 -19.38 69.04 23.02
N GLY H 16 -20.01 68.70 24.13
CA GLY H 16 -19.43 67.85 25.16
C GLY H 16 -19.77 66.39 24.96
N SER H 17 -19.78 65.64 26.05
CA SER H 17 -20.05 64.21 26.00
C SER H 17 -20.65 63.76 27.32
N LEU H 18 -21.32 62.61 27.28
CA LEU H 18 -21.90 62.03 28.49
C LEU H 18 -22.13 60.54 28.31
N LYS H 19 -21.68 59.74 29.28
CA LYS H 19 -21.88 58.31 29.26
C LYS H 19 -23.06 57.93 30.16
N LEU H 20 -23.99 57.18 29.59
CA LEU H 20 -25.17 56.64 30.26
C LEU H 20 -24.96 55.14 30.46
N SER H 21 -25.57 54.59 31.50
CA SER H 21 -25.43 53.15 31.77
C SER H 21 -26.71 52.61 32.38
N CYS H 22 -27.07 51.39 31.98
CA CYS H 22 -28.22 50.69 32.52
C CYS H 22 -27.81 49.35 33.10
N ARG H 23 -28.39 49.02 34.26
CA ARG H 23 -28.20 47.72 34.87
C ARG H 23 -29.49 46.90 34.72
N ALA H 24 -29.31 45.62 34.37
CA ALA H 24 -30.38 44.67 34.17
C ALA H 24 -30.39 43.61 35.28
N SER H 25 -31.59 43.16 35.63
CA SER H 25 -31.77 42.07 36.58
C SER H 25 -33.06 41.34 36.26
N GLY H 26 -33.11 40.05 36.60
CA GLY H 26 -34.31 39.24 36.46
C GLY H 26 -34.42 38.44 35.18
N TYR H 27 -33.46 38.58 34.26
CA TYR H 27 -33.46 37.84 33.01
C TYR H 27 -31.99 37.66 32.63
N THR H 28 -31.72 36.75 31.70
CA THR H 28 -30.34 36.56 31.27
C THR H 28 -30.01 37.70 30.31
N PHE H 29 -29.08 38.56 30.72
CA PHE H 29 -28.74 39.73 29.93
C PHE H 29 -28.17 39.33 28.58
N SER H 30 -27.24 38.37 28.59
CA SER H 30 -26.55 37.91 27.39
C SER H 30 -27.46 37.21 26.38
N SER H 31 -28.71 36.90 26.73
CA SER H 31 -29.61 36.25 25.79
C SER H 31 -30.47 37.20 24.96
N PHE H 32 -30.47 38.50 25.25
CA PHE H 32 -31.34 39.44 24.56
C PHE H 32 -30.54 40.61 23.99
N ALA H 33 -31.00 41.08 22.83
CA ALA H 33 -30.49 42.32 22.25
C ALA H 33 -31.02 43.49 23.06
N MET H 34 -30.28 44.60 23.06
CA MET H 34 -30.68 45.79 23.80
C MET H 34 -30.69 47.00 22.87
N SER H 35 -31.59 47.93 23.16
CA SER H 35 -31.70 49.16 22.40
C SER H 35 -31.83 50.36 23.31
N TRP H 36 -31.55 51.53 22.73
CA TRP H 36 -31.83 52.81 23.35
C TRP H 36 -32.88 53.51 22.50
N VAL H 37 -33.87 54.06 23.18
CA VAL H 37 -34.99 54.81 22.59
C VAL H 37 -35.09 56.12 23.34
N ARG H 38 -35.30 57.24 22.63
CA ARG H 38 -35.36 58.53 23.33
C ARG H 38 -36.65 59.26 22.98
N GLN H 39 -37.09 60.07 23.94
CA GLN H 39 -38.29 60.90 23.80
C GLN H 39 -37.97 62.34 24.17
N ALA H 40 -38.12 63.25 23.22
CA ALA H 40 -37.88 64.65 23.51
C ALA H 40 -38.96 65.10 24.49
N PRO H 41 -38.68 66.09 25.36
CA PRO H 41 -39.69 66.51 26.34
C PRO H 41 -41.08 66.81 25.77
N GLY H 42 -41.19 67.37 24.57
CA GLY H 42 -42.47 67.69 23.98
C GLY H 42 -42.89 66.86 22.78
N LYS H 43 -42.18 65.78 22.46
CA LYS H 43 -42.41 64.97 21.27
C LYS H 43 -42.64 63.53 21.68
N GLY H 44 -42.90 62.68 20.68
CA GLY H 44 -43.03 61.26 20.90
C GLY H 44 -41.64 60.66 20.97
N LEU H 45 -41.61 59.34 21.16
CA LEU H 45 -40.34 58.64 21.30
C LEU H 45 -39.87 58.08 19.96
N GLU H 46 -38.54 57.96 19.83
CA GLU H 46 -37.91 57.45 18.62
C GLU H 46 -36.72 56.56 18.98
N TRP H 47 -36.40 55.65 18.06
CA TRP H 47 -35.27 54.74 18.25
C TRP H 47 -33.95 55.48 18.06
N VAL H 48 -32.99 55.16 18.94
CA VAL H 48 -31.65 55.75 18.90
C VAL H 48 -30.60 54.74 18.49
N SER H 49 -30.59 53.56 19.11
CA SER H 49 -29.52 52.61 18.81
C SER H 49 -29.95 51.19 19.15
N LEU H 50 -29.25 50.23 18.56
CA LEU H 50 -29.47 48.81 18.78
C LEU H 50 -28.14 48.07 18.86
N ILE H 51 -28.01 47.19 19.85
CA ILE H 51 -26.86 46.32 20.02
C ILE H 51 -27.35 44.89 20.11
N ASN H 52 -26.59 43.97 19.54
CA ASN H 52 -26.96 42.55 19.54
C ASN H 52 -26.73 41.97 20.93
N ASP H 53 -27.04 40.68 21.09
CA ASP H 53 -26.91 40.07 22.41
C ASP H 53 -25.44 39.85 22.76
N ARG H 54 -24.64 39.43 21.79
CA ARG H 54 -23.20 39.26 22.04
C ARG H 54 -22.49 40.61 22.16
N GLY H 55 -22.95 41.61 21.42
CA GLY H 55 -22.37 42.94 21.45
C GLY H 55 -21.48 43.26 20.27
N GLY H 56 -21.18 42.28 19.43
CA GLY H 56 -20.32 42.52 18.28
C GLY H 56 -20.90 43.47 17.25
N LEU H 57 -22.22 43.44 17.06
CA LEU H 57 -22.89 44.26 16.07
C LEU H 57 -23.64 45.41 16.72
N THR H 58 -23.49 46.60 16.16
CA THR H 58 -24.19 47.79 16.62
C THR H 58 -24.80 48.50 15.42
N PHE H 59 -25.95 49.14 15.67
CA PHE H 59 -26.64 49.92 14.66
C PHE H 59 -27.08 51.23 15.31
N TYR H 60 -27.14 52.30 14.53
CA TYR H 60 -27.55 53.60 15.03
C TYR H 60 -28.53 54.27 14.09
N VAL H 61 -29.34 55.17 14.66
CA VAL H 61 -30.16 56.04 13.83
C VAL H 61 -29.24 57.09 13.22
N ASP H 62 -29.50 57.46 11.96
CA ASP H 62 -28.64 58.39 11.24
C ASP H 62 -28.34 59.68 11.99
N SER H 63 -29.32 60.21 12.73
CA SER H 63 -29.10 61.50 13.39
C SER H 63 -27.99 61.47 14.44
N VAL H 64 -27.58 60.30 14.90
CA VAL H 64 -26.53 60.14 15.91
C VAL H 64 -25.41 59.23 15.44
N LYS H 65 -25.44 58.76 14.19
CA LYS H 65 -24.57 57.67 13.75
C LYS H 65 -23.09 58.01 13.92
N GLY H 66 -22.70 59.26 13.73
CA GLY H 66 -21.31 59.61 13.84
C GLY H 66 -20.80 60.00 15.22
N ARG H 67 -21.66 60.03 16.25
CA ARG H 67 -21.25 60.44 17.58
C ARG H 67 -21.42 59.38 18.65
N PHE H 68 -22.50 58.62 18.63
CA PHE H 68 -22.83 57.72 19.73
C PHE H 68 -22.14 56.39 19.59
N THR H 69 -21.71 55.83 20.73
CA THR H 69 -21.15 54.49 20.81
C THR H 69 -21.98 53.67 21.78
N ILE H 70 -22.45 52.50 21.34
CA ILE H 70 -23.23 51.60 22.18
C ILE H 70 -22.36 50.39 22.50
N SER H 71 -22.33 49.99 23.76
CA SER H 71 -21.50 48.88 24.20
C SER H 71 -22.23 48.16 25.34
N ARG H 72 -22.00 46.86 25.45
CA ARG H 72 -22.61 46.08 26.53
C ARG H 72 -21.55 45.19 27.15
N ASP H 73 -21.77 44.82 28.41
CA ASP H 73 -20.89 43.94 29.15
C ASP H 73 -21.75 42.84 29.77
N ASN H 74 -21.62 41.63 29.23
CA ASN H 74 -22.44 40.50 29.61
C ASN H 74 -21.97 39.85 30.90
N SER H 75 -20.80 40.26 31.42
CA SER H 75 -20.31 39.74 32.69
C SER H 75 -20.82 40.60 33.84
N LYS H 76 -21.01 41.88 33.56
CA LYS H 76 -21.51 42.85 34.52
C LYS H 76 -23.02 42.98 34.41
N ASN H 77 -23.62 42.51 33.31
CA ASN H 77 -25.03 42.66 33.04
C ASN H 77 -25.38 44.14 32.89
N THR H 78 -24.52 44.90 32.20
CA THR H 78 -24.79 46.32 31.99
C THR H 78 -24.70 46.70 30.52
N LEU H 79 -25.43 47.76 30.17
CA LEU H 79 -25.43 48.39 28.86
C LEU H 79 -24.95 49.81 29.01
N SER H 80 -24.03 50.26 28.17
CA SER H 80 -23.52 51.61 28.20
C SER H 80 -23.74 52.29 26.86
N LEU H 81 -23.95 53.61 26.91
CA LEU H 81 -24.03 54.46 25.73
C LEU H 81 -23.18 55.69 25.96
N GLN H 82 -22.18 55.90 25.13
CA GLN H 82 -21.31 57.07 25.23
C GLN H 82 -21.73 58.03 24.13
N MET H 83 -22.24 59.20 24.52
CA MET H 83 -22.71 60.19 23.57
C MET H 83 -21.78 61.39 23.50
N HIS H 84 -21.51 61.84 22.28
CA HIS H 84 -20.70 63.03 22.04
C HIS H 84 -21.38 64.10 21.20
N SER H 85 -21.00 65.35 21.41
CA SER H 85 -21.58 66.48 20.62
C SER H 85 -23.09 66.54 20.86
N LEU H 86 -23.48 66.42 22.13
CA LEU H 86 -24.90 66.57 22.52
C LEU H 86 -25.38 67.89 21.95
N ARG H 87 -26.41 67.85 21.13
CA ARG H 87 -26.89 69.03 20.42
C ARG H 87 -28.21 69.30 21.13
N ASP H 88 -28.80 70.46 20.84
CA ASP H 88 -30.09 70.78 21.44
C ASP H 88 -31.16 69.84 20.92
N GLY H 89 -31.00 69.34 19.69
CA GLY H 89 -31.93 68.39 19.14
C GLY H 89 -31.83 67.01 19.78
N ASP H 90 -30.79 66.77 20.58
CA ASP H 90 -30.56 65.52 21.27
C ASP H 90 -31.06 65.53 22.71
N THR H 91 -31.73 66.59 23.16
CA THR H 91 -32.23 66.63 24.53
C THR H 91 -33.44 65.73 24.59
N ALA H 92 -33.44 64.80 25.55
CA ALA H 92 -34.52 63.81 25.62
C ALA H 92 -34.34 62.97 26.87
N VAL H 93 -35.37 62.19 27.18
CA VAL H 93 -35.23 61.11 28.15
C VAL H 93 -34.91 59.86 27.36
N TYR H 94 -33.81 59.20 27.74
CA TYR H 94 -33.26 58.02 27.09
C TYR H 94 -33.59 56.76 27.87
N TYR H 95 -34.34 55.85 27.25
CA TYR H 95 -34.77 54.62 27.88
C TYR H 95 -33.94 53.48 27.31
N CYS H 96 -33.58 52.54 28.18
CA CYS H 96 -33.01 51.27 27.77
C CYS H 96 -34.16 50.30 27.58
N ALA H 97 -34.07 49.45 26.56
CA ALA H 97 -35.08 48.42 26.40
C ALA H 97 -34.50 47.12 25.91
N THR H 98 -35.09 46.03 26.38
CA THR H 98 -34.72 44.68 26.02
C THR H 98 -35.62 44.27 24.87
N GLY H 99 -35.01 43.86 23.76
CA GLY H 99 -35.66 43.46 22.53
C GLY H 99 -35.08 44.20 21.36
N GLY H 100 -35.79 44.11 20.24
CA GLY H 100 -35.37 44.73 19.00
C GLY H 100 -34.58 43.86 18.04
N MET H 101 -34.09 42.70 18.46
CA MET H 101 -33.31 41.86 17.57
C MET H 101 -33.16 40.49 18.21
N SER H 102 -32.82 39.49 17.39
CA SER H 102 -32.51 38.16 17.86
C SER H 102 -31.37 37.59 17.04
N SER H 103 -30.54 36.76 17.69
CA SER H 103 -29.32 36.24 17.08
C SER H 103 -29.55 35.00 16.22
N ALA H 104 -30.39 35.14 15.20
CA ALA H 104 -30.57 34.11 14.16
C ALA H 104 -31.17 32.78 14.59
N LEU H 105 -30.80 32.25 15.77
CA LEU H 105 -31.27 30.95 16.23
C LEU H 105 -32.45 31.05 17.19
N GLN H 106 -32.92 32.26 17.46
CA GLN H 106 -34.01 32.55 18.37
C GLN H 106 -35.19 33.08 17.56
N SER H 107 -36.39 32.96 18.12
CA SER H 107 -37.55 33.49 17.43
C SER H 107 -37.39 35.00 17.25
N SER H 108 -37.93 35.51 16.15
CA SER H 108 -37.78 36.92 15.85
C SER H 108 -38.53 37.78 16.86
N LYS H 109 -38.09 39.03 16.97
CA LYS H 109 -38.75 40.02 17.82
C LYS H 109 -39.14 41.27 17.04
N TYR H 110 -38.17 42.14 16.80
CA TYR H 110 -38.41 43.43 16.17
C TYR H 110 -39.39 44.26 16.99
N TYR H 111 -39.29 44.12 18.32
CA TYR H 111 -40.09 44.88 19.26
C TYR H 111 -39.25 45.04 20.52
N PHE H 112 -39.67 45.95 21.38
CA PHE H 112 -38.94 46.22 22.62
C PHE H 112 -39.76 45.60 23.75
N ASP H 113 -39.25 44.49 24.28
CA ASP H 113 -40.00 43.65 25.22
C ASP H 113 -40.08 44.24 26.62
N PHE H 114 -38.97 44.76 27.15
CA PHE H 114 -38.93 45.31 28.50
C PHE H 114 -38.32 46.70 28.48
N TRP H 115 -38.84 47.59 29.33
CA TRP H 115 -38.38 48.97 29.40
C TRP H 115 -37.99 49.39 30.81
N GLY H 116 -37.00 50.29 30.87
CA GLY H 116 -36.60 50.94 32.10
C GLY H 116 -37.44 52.20 32.25
N GLN H 117 -37.02 53.10 33.15
CA GLN H 117 -37.83 54.30 33.39
C GLN H 117 -37.28 55.56 32.72
N GLY H 118 -36.00 55.58 32.36
CA GLY H 118 -35.40 56.66 31.57
C GLY H 118 -34.53 57.67 32.29
N ALA H 119 -33.37 57.96 31.69
CA ALA H 119 -32.46 58.99 32.18
C ALA H 119 -32.76 60.25 31.39
N LEU H 120 -32.84 61.40 32.06
CA LEU H 120 -33.13 62.66 31.36
C LEU H 120 -31.84 63.43 31.08
N VAL H 121 -31.54 63.61 29.80
CA VAL H 121 -30.32 64.29 29.35
C VAL H 121 -30.74 65.57 28.65
N THR H 122 -30.20 66.69 29.12
CA THR H 122 -30.50 68.02 28.62
C THR H 122 -29.22 68.71 28.15
N VAL H 123 -29.40 69.79 27.40
CA VAL H 123 -28.29 70.55 26.83
C VAL H 123 -28.58 72.03 27.01
N ALA I 1 -41.29 59.24 9.77
CA ALA I 1 -42.20 58.91 10.85
C ALA I 1 -43.48 58.28 10.31
N LEU I 2 -44.23 57.64 11.21
CA LEU I 2 -45.52 57.05 10.87
C LEU I 2 -46.61 58.03 11.27
N THR I 3 -47.75 57.96 10.57
CA THR I 3 -48.87 58.86 10.81
C THR I 3 -49.90 58.20 11.72
N GLN I 4 -50.25 58.91 12.80
CA GLN I 4 -51.24 58.54 13.79
C GLN I 4 -52.14 59.75 14.04
N PRO I 5 -53.39 59.55 14.44
CA PRO I 5 -54.22 60.70 14.82
C PRO I 5 -53.64 61.35 16.07
N PRO I 6 -53.58 62.69 16.16
CA PRO I 6 -53.10 63.30 17.41
C PRO I 6 -53.98 63.02 18.61
N SER I 7 -55.26 62.71 18.42
CA SER I 7 -56.14 62.48 19.58
C SER I 7 -57.31 61.60 19.17
N VAL I 8 -57.64 60.64 20.04
CA VAL I 8 -58.75 59.73 19.86
C VAL I 8 -59.49 59.68 21.20
N SER I 9 -60.81 59.53 21.14
CA SER I 9 -61.61 59.48 22.35
C SER I 9 -62.85 58.63 22.14
N GLY I 10 -63.53 58.36 23.24
CA GLY I 10 -64.78 57.60 23.19
C GLY I 10 -65.30 57.40 24.59
N SER I 11 -66.53 56.90 24.66
CA SER I 11 -67.19 56.64 25.94
C SER I 11 -66.63 55.35 26.58
N PRO I 12 -66.66 55.24 27.90
CA PRO I 12 -66.29 53.95 28.53
C PRO I 12 -67.14 52.81 28.00
N GLY I 13 -66.46 51.70 27.70
CA GLY I 13 -67.10 50.51 27.16
C GLY I 13 -67.11 50.48 25.65
N GLN I 14 -66.76 51.58 25.00
CA GLN I 14 -66.74 51.69 23.54
C GLN I 14 -65.50 51.01 22.98
N SER I 15 -65.63 50.51 21.75
CA SER I 15 -64.49 49.99 21.01
C SER I 15 -63.85 51.17 20.31
N VAL I 16 -62.58 51.44 20.62
CA VAL I 16 -61.83 52.58 20.10
C VAL I 16 -60.68 52.06 19.27
N THR I 17 -60.53 52.57 18.04
CA THR I 17 -59.46 52.16 17.16
C THR I 17 -58.49 53.31 16.94
N ILE I 18 -57.19 52.98 16.96
CA ILE I 18 -56.11 53.91 16.68
C ILE I 18 -55.40 53.43 15.43
N SER I 19 -55.39 54.28 14.39
CA SER I 19 -54.75 53.95 13.13
C SER I 19 -53.28 54.34 13.14
N CYS I 20 -52.48 53.58 12.41
CA CYS I 20 -51.05 53.85 12.17
C CYS I 20 -50.81 53.67 10.68
N THR I 21 -50.52 54.75 9.97
CA THR I 21 -50.34 54.71 8.52
C THR I 21 -48.88 54.99 8.18
N GLY I 22 -48.30 54.11 7.37
CA GLY I 22 -46.93 54.23 6.90
C GLY I 22 -46.89 54.03 5.40
N THR I 23 -45.71 53.81 4.84
CA THR I 23 -45.55 53.56 3.42
C THR I 23 -45.39 52.06 3.15
N SER I 24 -45.23 51.72 1.87
CA SER I 24 -45.14 50.31 1.48
C SER I 24 -43.91 49.63 2.04
N SER I 25 -42.84 50.38 2.31
CA SER I 25 -41.61 49.82 2.85
C SER I 25 -41.62 49.67 4.37
N ASP I 26 -42.64 50.15 5.06
CA ASP I 26 -42.70 50.12 6.53
C ASP I 26 -43.75 49.14 7.00
N ILE I 27 -45.03 49.39 6.72
CA ILE I 27 -46.10 48.55 7.25
C ILE I 27 -46.42 47.43 6.28
N GLY I 28 -46.46 47.74 5.00
CA GLY I 28 -46.77 46.78 3.95
C GLY I 28 -45.85 45.58 3.81
N SER I 29 -44.57 45.88 3.57
CA SER I 29 -43.57 44.82 3.38
C SER I 29 -43.28 44.04 4.65
N TYR I 30 -43.24 44.68 5.81
CA TYR I 30 -42.88 44.02 7.05
C TYR I 30 -44.05 43.96 8.02
N ASN I 31 -44.42 42.74 8.41
CA ASN I 31 -45.52 42.51 9.36
C ASN I 31 -44.99 42.48 10.78
N TYR I 32 -44.25 43.52 11.17
CA TYR I 32 -43.70 43.67 12.53
C TYR I 32 -44.07 45.06 13.04
N VAL I 33 -45.36 45.26 13.32
CA VAL I 33 -45.86 46.54 13.78
C VAL I 33 -46.38 46.35 15.19
N SER I 34 -45.65 46.89 16.16
CA SER I 34 -45.97 46.76 17.57
C SER I 34 -46.66 48.03 18.07
N TRP I 35 -47.33 47.91 19.22
CA TRP I 35 -47.97 49.05 19.88
C TRP I 35 -47.55 49.14 21.33
N TYR I 36 -47.33 50.38 21.78
CA TYR I 36 -46.91 50.70 23.15
C TYR I 36 -47.88 51.66 23.81
N GLN I 37 -48.08 51.47 25.11
CA GLN I 37 -48.95 52.28 25.94
C GLN I 37 -48.10 53.04 26.96
N GLN I 38 -48.04 54.37 26.83
CA GLN I 38 -47.22 55.23 27.69
C GLN I 38 -48.10 56.10 28.56
N HIS I 39 -48.00 55.92 29.90
CA HIS I 39 -48.74 56.78 30.81
C HIS I 39 -47.91 58.02 31.09
N PRO I 40 -48.50 59.20 31.29
CA PRO I 40 -47.69 60.40 31.53
C PRO I 40 -46.71 60.22 32.68
N GLY I 41 -45.46 60.61 32.45
CA GLY I 41 -44.43 60.52 33.44
C GLY I 41 -43.76 59.17 33.55
N LYS I 42 -44.22 58.17 32.80
CA LYS I 42 -43.72 56.81 32.85
C LYS I 42 -43.20 56.37 31.49
N ALA I 43 -42.35 55.35 31.52
CA ALA I 43 -41.87 54.70 30.31
C ALA I 43 -43.00 53.93 29.63
N PRO I 44 -42.95 53.77 28.30
CA PRO I 44 -43.99 52.97 27.64
C PRO I 44 -43.92 51.50 27.99
N LYS I 45 -45.09 50.88 28.02
CA LYS I 45 -45.23 49.45 28.20
C LYS I 45 -45.64 48.85 26.87
N LEU I 46 -45.16 47.63 26.60
CA LEU I 46 -45.53 46.95 25.37
C LEU I 46 -46.92 46.35 25.50
N MET I 47 -47.81 46.71 24.56
CA MET I 47 -49.16 46.17 24.51
C MET I 47 -49.28 45.10 23.43
N ILE I 48 -48.82 45.41 22.22
CA ILE I 48 -48.94 44.49 21.09
C ILE I 48 -47.55 44.32 20.48
N TYR I 49 -47.20 43.06 20.15
CA TYR I 49 -45.99 42.77 19.43
C TYR I 49 -46.45 41.95 18.24
N ASP I 50 -45.67 42.00 17.15
CA ASP I 50 -46.10 41.38 15.90
C ASP I 50 -47.42 42.05 15.48
N VAL I 51 -48.05 41.61 14.40
CA VAL I 51 -49.28 42.29 14.03
C VAL I 51 -50.40 41.99 15.01
N THR I 52 -50.55 40.73 15.41
CA THR I 52 -51.70 40.29 16.22
C THR I 52 -51.39 39.75 17.62
N GLN I 53 -50.14 39.78 18.10
CA GLN I 53 -49.83 39.11 19.36
C GLN I 53 -49.81 40.05 20.55
N ARG I 54 -50.10 39.49 21.73
CA ARG I 54 -50.10 40.18 23.01
C ARG I 54 -49.06 39.60 23.96
N PRO I 55 -48.20 40.39 24.60
CA PRO I 55 -47.31 39.83 25.61
C PRO I 55 -48.14 39.29 26.76
N SER I 56 -47.62 38.26 27.46
CA SER I 56 -48.33 37.75 28.61
C SER I 56 -48.49 38.88 29.64
N GLY I 57 -49.66 38.94 30.27
CA GLY I 57 -49.96 39.98 31.23
C GLY I 57 -50.81 41.09 30.68
N VAL I 58 -50.94 41.16 29.35
CA VAL I 58 -51.77 42.15 28.66
C VAL I 58 -53.10 41.48 28.32
N SER I 59 -54.20 42.14 28.71
CA SER I 59 -55.52 41.59 28.51
C SER I 59 -55.92 41.62 27.04
N ASP I 60 -56.99 40.86 26.75
CA ASP I 60 -57.49 40.68 25.39
C ASP I 60 -58.26 41.89 24.87
N ARG I 61 -58.37 42.96 25.66
CA ARG I 61 -59.00 44.18 25.17
C ARG I 61 -58.21 44.80 24.03
N PHE I 62 -56.90 44.57 23.98
CA PHE I 62 -56.01 45.18 22.99
C PHE I 62 -55.83 44.19 21.83
N SER I 63 -56.44 44.49 20.68
CA SER I 63 -56.43 43.61 19.53
C SER I 63 -55.84 44.33 18.32
N GLY I 64 -54.71 43.82 17.82
CA GLY I 64 -54.04 44.43 16.70
C GLY I 64 -54.51 43.86 15.37
N SER I 65 -54.34 44.65 14.32
CA SER I 65 -54.64 44.18 12.97
C SER I 65 -53.84 45.01 11.99
N LYS I 66 -53.78 44.52 10.74
CA LYS I 66 -53.11 45.24 9.67
C LYS I 66 -53.84 44.97 8.37
N SER I 67 -53.99 46.02 7.56
CA SER I 67 -54.60 45.92 6.23
C SER I 67 -53.84 46.85 5.30
N GLY I 68 -53.33 46.31 4.20
CA GLY I 68 -52.57 47.13 3.28
C GLY I 68 -51.36 47.68 4.00
N ASN I 69 -51.23 49.00 3.98
CA ASN I 69 -50.12 49.70 4.62
C ASN I 69 -50.56 50.40 5.89
N THR I 70 -51.74 50.06 6.43
CA THR I 70 -52.27 50.68 7.63
C THR I 70 -52.48 49.63 8.73
N ALA I 71 -51.91 49.88 9.89
CA ALA I 71 -52.03 49.04 11.07
C ALA I 71 -53.07 49.68 11.98
N SER I 72 -53.69 48.88 12.83
CA SER I 72 -54.71 49.41 13.74
C SER I 72 -54.69 48.65 15.06
N LEU I 73 -54.91 49.41 16.13
CA LEU I 73 -55.07 48.87 17.48
C LEU I 73 -56.50 49.15 17.94
N THR I 74 -57.25 48.09 18.24
CA THR I 74 -58.61 48.22 18.74
C THR I 74 -58.59 47.93 20.22
N ILE I 75 -59.13 48.85 21.01
CA ILE I 75 -59.25 48.70 22.45
C ILE I 75 -60.73 48.57 22.76
N SER I 76 -61.16 47.36 23.11
CA SER I 76 -62.55 47.13 23.44
C SER I 76 -62.72 47.42 24.93
N GLY I 77 -63.95 47.66 25.35
CA GLY I 77 -64.16 47.79 26.79
C GLY I 77 -63.47 48.98 27.41
N LEU I 78 -63.43 50.12 26.70
CA LEU I 78 -62.69 51.30 27.14
C LEU I 78 -62.99 51.66 28.59
N GLN I 79 -61.93 51.90 29.36
CA GLN I 79 -62.03 52.29 30.75
C GLN I 79 -61.03 53.41 31.02
N ALA I 80 -61.32 54.21 32.05
CA ALA I 80 -60.43 55.31 32.42
C ALA I 80 -59.04 54.81 32.76
N ASP I 81 -58.93 53.61 33.33
CA ASP I 81 -57.64 53.06 33.73
C ASP I 81 -56.71 52.83 32.54
N ASP I 82 -57.25 52.72 31.33
CA ASP I 82 -56.46 52.46 30.14
C ASP I 82 -56.19 53.71 29.31
N GLU I 83 -56.49 54.90 29.83
CA GLU I 83 -56.19 56.11 29.08
C GLU I 83 -54.70 56.39 29.15
N ALA I 84 -54.07 56.56 27.99
CA ALA I 84 -52.63 56.72 27.89
C ALA I 84 -52.31 57.24 26.50
N ASP I 85 -51.06 57.63 26.30
CA ASP I 85 -50.57 57.97 24.97
C ASP I 85 -50.10 56.69 24.28
N TYR I 86 -50.71 56.38 23.14
CA TYR I 86 -50.41 55.16 22.39
C TYR I 86 -49.50 55.45 21.20
N TYR I 87 -48.53 54.56 20.98
CA TYR I 87 -47.59 54.69 19.88
C TYR I 87 -47.54 53.40 19.08
N CYS I 88 -47.34 53.52 17.77
CA CYS I 88 -47.05 52.39 16.90
C CYS I 88 -45.57 52.43 16.56
N SER I 89 -45.00 51.24 16.34
CA SER I 89 -43.59 51.11 15.97
C SER I 89 -43.46 50.05 14.89
N ALA I 90 -42.87 50.42 13.75
CA ALA I 90 -42.72 49.49 12.64
C ALA I 90 -41.25 49.26 12.32
N TYR I 91 -40.95 48.03 11.94
CA TYR I 91 -39.62 47.67 11.44
C TYR I 91 -39.51 48.16 9.99
N ALA I 92 -38.49 48.98 9.71
CA ALA I 92 -38.34 49.56 8.38
C ALA I 92 -37.39 48.81 7.46
N GLY I 93 -36.47 48.01 7.99
CA GLY I 93 -35.50 47.32 7.18
C GLY I 93 -34.16 47.26 7.87
N ARG I 94 -33.13 46.93 7.09
CA ARG I 94 -31.77 46.79 7.62
C ARG I 94 -31.04 48.13 7.64
N GLN I 95 -31.37 49.04 6.73
CA GLN I 95 -30.68 50.33 6.70
C GLN I 95 -31.28 51.26 7.75
N THR I 96 -32.59 51.19 7.91
CA THR I 96 -33.35 51.93 8.90
C THR I 96 -34.07 50.85 9.69
N PHE I 97 -33.87 50.81 11.00
CA PHE I 97 -34.45 49.74 11.81
C PHE I 97 -35.88 49.99 12.26
N TYR I 98 -36.13 51.05 13.03
CA TYR I 98 -37.48 51.27 13.53
C TYR I 98 -37.93 52.70 13.25
N ILE I 99 -39.22 52.81 12.94
CA ILE I 99 -39.88 54.09 12.74
C ILE I 99 -41.04 54.14 13.71
N PHE I 100 -41.13 55.21 14.50
CA PHE I 100 -42.23 55.40 15.43
C PHE I 100 -43.14 56.50 14.92
N GLY I 101 -44.43 56.36 15.23
CA GLY I 101 -45.41 57.38 14.93
C GLY I 101 -45.53 58.39 16.05
N GLY I 102 -46.41 59.36 15.84
CA GLY I 102 -46.66 60.33 16.89
C GLY I 102 -47.57 59.70 17.92
N GLY I 103 -47.60 60.25 19.12
CA GLY I 103 -48.47 59.68 20.12
C GLY I 103 -49.92 60.07 19.90
N THR I 104 -50.81 59.13 20.20
CA THR I 104 -52.25 59.34 20.18
C THR I 104 -52.70 59.45 21.63
N ARG I 105 -53.33 60.57 21.98
CA ARG I 105 -53.77 60.79 23.36
C ARG I 105 -55.18 60.26 23.51
N LEU I 106 -55.36 59.31 24.43
CA LEU I 106 -56.66 58.71 24.70
C LEU I 106 -57.02 58.89 26.17
N GLY J 10 -12.88 20.60 23.91
CA GLY J 10 -12.60 19.18 23.77
C GLY J 10 -13.35 18.56 22.60
N PHE J 11 -12.73 17.59 21.96
CA PHE J 11 -13.33 16.95 20.80
C PHE J 11 -14.60 16.22 21.17
N LEU J 12 -15.71 16.61 20.54
CA LEU J 12 -17.05 16.12 20.82
C LEU J 12 -17.55 16.46 22.22
N GLY J 13 -16.88 17.39 22.92
CA GLY J 13 -17.31 17.73 24.26
C GLY J 13 -18.72 18.28 24.29
N ALA J 14 -19.14 18.93 23.21
CA ALA J 14 -20.45 19.53 23.09
C ALA J 14 -21.48 18.54 22.54
N ALA J 15 -21.11 17.28 22.32
CA ALA J 15 -22.02 16.31 21.71
C ALA J 15 -23.31 16.19 22.50
N GLY J 16 -23.24 16.29 23.83
CA GLY J 16 -24.43 16.19 24.65
C GLY J 16 -25.05 17.54 24.96
N SER J 17 -24.49 18.61 24.41
CA SER J 17 -24.92 19.97 24.63
C SER J 17 -25.98 20.30 23.59
N THR J 18 -26.78 21.31 23.88
CA THR J 18 -27.85 21.64 22.95
C THR J 18 -27.26 22.22 21.67
N MET J 19 -28.08 22.22 20.62
CA MET J 19 -27.61 22.64 19.30
C MET J 19 -27.05 24.06 19.32
N GLY J 20 -27.70 24.97 20.04
CA GLY J 20 -27.23 26.34 20.09
C GLY J 20 -25.82 26.45 20.65
N ALA J 21 -25.63 25.95 21.87
CA ALA J 21 -24.30 25.99 22.49
C ALA J 21 -23.31 25.14 21.71
N ALA J 22 -23.75 24.01 21.17
CA ALA J 22 -22.85 23.13 20.42
C ALA J 22 -22.34 23.77 19.14
N SER J 23 -23.11 24.68 18.54
CA SER J 23 -22.68 25.31 17.29
C SER J 23 -21.48 26.24 17.48
N MET J 24 -21.12 26.58 18.72
CA MET J 24 -20.00 27.47 18.98
C MET J 24 -18.64 26.80 18.96
N THR J 25 -18.57 25.46 18.84
CA THR J 25 -17.31 24.72 18.89
C THR J 25 -17.03 23.96 17.60
N LEU J 26 -17.59 24.39 16.47
CA LEU J 26 -17.46 23.63 15.23
C LEU J 26 -16.01 23.46 14.79
N THR J 27 -15.13 24.42 15.10
CA THR J 27 -13.75 24.30 14.66
C THR J 27 -13.02 23.16 15.35
N VAL J 28 -13.48 22.73 16.52
CA VAL J 28 -12.78 21.67 17.24
C VAL J 28 -12.94 20.36 16.47
N GLN J 29 -14.16 20.10 16.02
CA GLN J 29 -14.39 18.88 15.28
C GLN J 29 -13.80 19.02 13.89
N ALA J 30 -13.91 20.20 13.28
CA ALA J 30 -13.38 20.36 11.94
C ALA J 30 -11.88 20.06 11.92
N ARG J 31 -11.15 20.52 12.94
CA ARG J 31 -9.72 20.25 12.98
C ARG J 31 -9.44 18.77 13.26
N ASN J 32 -10.24 18.16 14.13
CA ASN J 32 -10.03 16.75 14.48
C ASN J 32 -10.38 15.77 13.36
N LEU J 33 -11.26 16.16 12.44
CA LEU J 33 -11.63 15.24 11.36
C LEU J 33 -10.45 14.85 10.48
N LEU J 34 -9.53 15.78 10.25
CA LEU J 34 -8.40 15.52 9.37
C LEU J 34 -7.13 15.12 10.12
N SER J 35 -6.89 15.71 11.29
CA SER J 35 -5.68 15.45 12.08
C SER J 35 -5.45 13.96 12.33
N GLY J 61 1.19 -0.76 7.66
CA GLY J 61 0.64 -1.82 6.83
C GLY J 61 -0.32 -1.29 5.79
N ILE J 62 -0.72 -2.16 4.85
CA ILE J 62 -1.61 -1.75 3.78
C ILE J 62 -2.98 -1.35 4.34
N LYS J 63 -3.43 -2.02 5.40
CA LYS J 63 -4.75 -1.71 5.95
C LYS J 63 -4.78 -0.31 6.56
N GLN J 64 -3.71 0.10 7.24
CA GLN J 64 -3.71 1.43 7.82
C GLN J 64 -3.64 2.48 6.73
N LEU J 65 -2.90 2.20 5.67
CA LEU J 65 -2.80 3.18 4.59
C LEU J 65 -4.16 3.31 3.93
N GLN J 66 -4.88 2.20 3.79
CA GLN J 66 -6.22 2.26 3.22
C GLN J 66 -7.13 3.09 4.12
N ALA J 67 -6.98 2.93 5.44
CA ALA J 67 -7.79 3.71 6.38
C ALA J 67 -7.50 5.20 6.24
N ARG J 68 -6.24 5.57 6.01
CA ARG J 68 -5.89 6.97 5.87
C ARG J 68 -6.44 7.53 4.56
N VAL J 69 -6.36 6.74 3.49
CA VAL J 69 -6.88 7.19 2.21
C VAL J 69 -8.39 7.35 2.30
N LEU J 70 -9.07 6.42 2.96
CA LEU J 70 -10.51 6.52 3.10
C LEU J 70 -10.89 7.75 3.91
N ALA J 71 -10.16 8.02 4.99
CA ALA J 71 -10.45 9.22 5.77
C ALA J 71 -10.30 10.48 4.93
N VAL J 72 -9.28 10.51 4.07
CA VAL J 72 -9.10 11.65 3.18
C VAL J 72 -10.23 11.74 2.18
N GLU J 73 -10.64 10.61 1.60
CA GLU J 73 -11.74 10.63 0.64
C GLU J 73 -13.03 11.12 1.28
N HIS J 74 -13.30 10.70 2.52
CA HIS J 74 -14.52 11.15 3.18
C HIS J 74 -14.47 12.64 3.46
N TYR J 75 -13.29 13.14 3.89
CA TYR J 75 -13.13 14.56 4.13
C TYR J 75 -13.41 15.34 2.85
N LEU J 76 -12.81 14.89 1.75
CA LEU J 76 -12.99 15.59 0.48
C LEU J 76 -14.42 15.49 0.00
N ARG J 77 -15.11 14.38 0.23
CA ARG J 77 -16.50 14.30 -0.17
C ARG J 77 -17.32 15.36 0.55
N ASP J 78 -17.04 15.56 1.85
CA ASP J 78 -17.79 16.58 2.57
C ASP J 78 -17.42 17.98 2.09
N GLN J 79 -16.13 18.21 1.79
CA GLN J 79 -15.75 19.54 1.32
C GLN J 79 -16.30 19.80 -0.08
N GLN J 80 -16.33 18.77 -0.92
CA GLN J 80 -16.89 18.93 -2.27
C GLN J 80 -18.37 19.24 -2.17
N LEU J 81 -19.06 18.56 -1.26
CA LEU J 81 -20.49 18.78 -1.13
C LEU J 81 -20.76 20.21 -0.67
N LEU J 82 -19.94 20.70 0.27
CA LEU J 82 -20.10 22.10 0.68
C LEU J 82 -19.82 23.04 -0.48
N GLY J 83 -18.82 22.71 -1.31
CA GLY J 83 -18.50 23.53 -2.46
C GLY J 83 -19.65 23.60 -3.44
N ILE J 84 -20.31 22.47 -3.68
CA ILE J 84 -21.44 22.40 -4.61
C ILE J 84 -22.55 23.32 -4.14
N TRP J 85 -22.74 23.44 -2.83
CA TRP J 85 -23.76 24.30 -2.25
C TRP J 85 -23.31 25.76 -2.12
N GLY J 86 -22.07 26.08 -2.50
CA GLY J 86 -21.55 27.43 -2.35
C GLY J 86 -21.10 27.75 -0.95
N CYS J 87 -20.73 26.74 -0.17
CA CYS J 87 -20.34 26.88 1.23
C CYS J 87 -18.89 26.46 1.44
N SER J 88 -18.06 26.55 0.40
CA SER J 88 -16.70 26.02 0.46
C SER J 88 -15.83 26.64 1.55
N GLY J 89 -16.04 27.90 1.90
CA GLY J 89 -15.22 28.55 2.91
C GLY J 89 -15.82 28.81 4.26
N LYS J 90 -17.00 28.26 4.57
CA LYS J 90 -17.69 28.57 5.80
C LYS J 90 -18.02 27.31 6.57
N LEU J 91 -18.13 27.46 7.89
CA LEU J 91 -18.60 26.40 8.77
C LEU J 91 -20.08 26.54 9.04
N ILE J 92 -20.57 27.77 9.09
CA ILE J 92 -21.98 28.10 9.24
C ILE J 92 -22.33 28.81 7.95
N CYS J 93 -23.08 28.14 7.08
CA CYS J 93 -23.39 28.63 5.75
C CYS J 93 -24.90 28.82 5.60
N CYS J 94 -25.31 30.05 5.30
CA CYS J 94 -26.70 30.38 5.13
C CYS J 94 -27.08 30.13 3.67
N THR J 95 -28.30 29.67 3.42
CA THR J 95 -28.74 29.35 2.08
C THR J 95 -30.09 30.01 1.76
N ASN J 96 -30.54 29.79 0.53
CA ASN J 96 -31.83 30.26 0.03
C ASN J 96 -32.89 29.17 -0.06
N VAL J 97 -32.69 28.01 0.56
CA VAL J 97 -33.68 26.94 0.51
C VAL J 97 -34.62 27.11 1.72
N PRO J 98 -35.93 27.27 1.49
CA PRO J 98 -36.84 27.44 2.63
C PRO J 98 -37.03 26.13 3.37
N TRP J 99 -37.36 26.23 4.65
CA TRP J 99 -37.67 25.03 5.42
C TRP J 99 -39.11 24.66 5.10
N ASN J 100 -39.32 23.39 4.74
CA ASN J 100 -40.64 22.92 4.34
C ASN J 100 -41.61 22.85 5.52
N SER J 101 -41.07 22.58 6.72
CA SER J 101 -41.81 22.36 7.97
C SER J 101 -42.37 20.95 8.05
N SER J 102 -42.42 20.22 6.94
CA SER J 102 -42.83 18.82 6.99
C SER J 102 -41.67 17.97 7.45
N TRP J 103 -40.44 18.44 7.19
CA TRP J 103 -39.24 17.73 7.60
C TRP J 103 -39.17 17.69 9.12
N SER J 104 -39.52 18.81 9.75
CA SER J 104 -39.63 18.94 11.19
C SER J 104 -40.42 20.21 11.43
N ASN J 105 -41.47 20.12 12.25
CA ASN J 105 -42.33 21.26 12.54
C ASN J 105 -42.12 21.80 13.94
N ARG J 106 -40.95 21.54 14.52
CA ARG J 106 -40.66 22.03 15.85
C ARG J 106 -40.40 23.53 15.82
N ASN J 107 -40.60 24.19 16.96
CA ASN J 107 -40.33 25.61 17.05
C ASN J 107 -38.82 25.83 17.02
N LEU J 108 -38.41 27.01 16.57
CA LEU J 108 -36.98 27.27 16.45
C LEU J 108 -36.30 27.22 17.81
N SER J 109 -37.00 27.67 18.86
CA SER J 109 -36.41 27.63 20.19
C SER J 109 -36.34 26.20 20.70
N GLU J 110 -37.26 25.34 20.27
CA GLU J 110 -37.20 23.96 20.71
C GLU J 110 -36.02 23.24 20.06
N ILE J 111 -35.77 23.52 18.78
CA ILE J 111 -34.68 22.88 18.07
C ILE J 111 -33.34 23.35 18.62
N TRP J 112 -33.16 24.66 18.79
CA TRP J 112 -31.86 25.16 19.20
C TRP J 112 -31.59 25.18 20.70
N ASP J 113 -32.60 25.31 21.56
CA ASP J 113 -32.36 25.36 22.99
C ASP J 113 -32.61 24.06 23.74
N ASN J 114 -33.46 23.16 23.23
CA ASN J 114 -33.77 21.92 23.92
C ASN J 114 -33.17 20.66 23.30
N MET J 115 -32.90 20.64 22.00
CA MET J 115 -32.41 19.45 21.32
C MET J 115 -30.90 19.45 21.19
N THR J 116 -30.34 18.24 21.13
CA THR J 116 -28.93 18.04 20.84
C THR J 116 -28.78 17.75 19.36
N TRP J 117 -27.55 17.78 18.86
CA TRP J 117 -27.35 17.51 17.44
C TRP J 117 -27.62 16.05 17.08
N LEU J 118 -27.45 15.12 18.02
CA LEU J 118 -27.70 13.72 17.68
C LEU J 118 -29.20 13.47 17.51
N GLN J 119 -30.02 14.05 18.38
CA GLN J 119 -31.46 13.85 18.24
C GLN J 119 -31.95 14.49 16.96
N TRP J 120 -31.40 15.67 16.64
CA TRP J 120 -31.79 16.36 15.42
C TRP J 120 -31.43 15.53 14.20
N ASP J 121 -30.21 14.98 14.18
CA ASP J 121 -29.82 14.17 13.03
C ASP J 121 -30.72 12.95 12.91
N LYS J 122 -31.11 12.35 14.04
CA LYS J 122 -32.00 11.20 14.00
C LYS J 122 -33.35 11.57 13.39
N GLU J 123 -33.81 12.79 13.68
CA GLU J 123 -35.08 13.27 13.15
C GLU J 123 -35.01 13.62 11.67
N ILE J 124 -33.91 14.23 11.22
CA ILE J 124 -33.79 14.70 9.83
C ILE J 124 -33.20 13.69 8.85
N SER J 125 -32.62 12.58 9.33
CA SER J 125 -31.95 11.66 8.40
C SER J 125 -32.89 11.16 7.32
N ASN J 126 -34.19 11.07 7.59
CA ASN J 126 -35.12 10.62 6.57
C ASN J 126 -35.26 11.63 5.42
N TYR J 127 -34.96 12.91 5.67
CA TYR J 127 -35.13 13.97 4.69
C TYR J 127 -33.80 14.58 4.25
N THR J 128 -32.69 14.02 4.70
CA THR J 128 -31.38 14.62 4.42
C THR J 128 -31.09 14.65 2.93
N GLN J 129 -31.42 13.58 2.20
CA GLN J 129 -31.11 13.59 0.77
C GLN J 129 -31.99 14.58 0.02
N ILE J 130 -33.20 14.81 0.51
CA ILE J 130 -34.09 15.78 -0.12
C ILE J 130 -33.50 17.17 0.06
N ILE J 131 -33.06 17.46 1.28
CA ILE J 131 -32.50 18.77 1.58
C ILE J 131 -31.25 18.98 0.75
N TYR J 132 -30.39 17.97 0.65
CA TYR J 132 -29.16 18.13 -0.13
C TYR J 132 -29.47 18.39 -1.59
N GLY J 133 -30.46 17.69 -2.14
CA GLY J 133 -30.84 17.94 -3.53
C GLY J 133 -31.34 19.36 -3.74
N LEU J 134 -32.12 19.86 -2.79
CA LEU J 134 -32.61 21.23 -2.92
C LEU J 134 -31.46 22.23 -2.82
N LEU J 135 -30.49 21.96 -1.94
CA LEU J 135 -29.36 22.87 -1.80
C LEU J 135 -28.53 22.92 -3.08
N GLU J 136 -28.33 21.76 -3.71
CA GLU J 136 -27.58 21.74 -4.97
C GLU J 136 -28.32 22.51 -6.05
N GLU J 137 -29.64 22.32 -6.14
CA GLU J 137 -30.39 23.03 -7.19
C GLU J 137 -30.37 24.53 -6.94
N SER J 138 -30.50 24.93 -5.67
CA SER J 138 -30.50 26.35 -5.34
C SER J 138 -29.16 26.98 -5.70
N GLN J 139 -28.05 26.30 -5.41
CA GLN J 139 -26.77 26.89 -5.77
C GLN J 139 -26.61 26.98 -7.27
N ASN J 140 -27.08 25.97 -8.03
CA ASN J 140 -26.95 26.07 -9.48
C ASN J 140 -27.74 27.28 -10.00
N GLN J 141 -28.91 27.53 -9.42
CA GLN J 141 -29.69 28.69 -9.86
C GLN J 141 -28.99 29.98 -9.47
N GLN J 142 -28.40 30.02 -8.28
CA GLN J 142 -27.70 31.23 -7.86
C GLN J 142 -26.51 31.51 -8.75
N GLU J 143 -25.76 30.47 -9.12
CA GLU J 143 -24.58 30.72 -9.96
C GLU J 143 -25.00 31.20 -11.34
N LYS J 144 -26.10 30.67 -11.89
CA LYS J 144 -26.56 31.18 -13.17
C LYS J 144 -27.03 32.62 -13.06
N ASN J 145 -27.69 32.96 -11.94
CA ASN J 145 -28.17 34.33 -11.77
C ASN J 145 -27.01 35.30 -11.61
N GLU J 146 -25.96 34.89 -10.88
CA GLU J 146 -24.81 35.79 -10.74
C GLU J 146 -24.12 35.94 -12.08
N GLN J 147 -24.04 34.86 -12.86
CA GLN J 147 -23.43 34.95 -14.17
C GLN J 147 -24.18 35.95 -15.03
N ASP J 148 -25.51 35.93 -14.97
CA ASP J 148 -26.25 36.87 -15.80
C ASP J 148 -26.11 38.29 -15.30
N LEU J 149 -26.04 38.48 -13.97
CA LEU J 149 -25.85 39.83 -13.46
C LEU J 149 -24.48 40.39 -13.86
N LEU J 150 -23.47 39.52 -13.88
CA LEU J 150 -22.13 39.91 -14.30
C LEU J 150 -22.07 40.19 -15.80
N ALA J 151 -22.93 39.55 -16.58
CA ALA J 151 -22.98 39.84 -18.01
C ALA J 151 -23.47 41.24 -18.30
N LEU J 152 -24.37 41.79 -17.48
CA LEU J 152 -24.84 43.14 -17.70
C LEU J 152 -23.67 44.10 -17.58
N ASP J 153 -23.51 44.98 -18.57
CA ASP J 153 -22.42 45.95 -18.59
C ASP J 153 -22.96 47.29 -18.12
N VAL K 2 23.71 -33.72 60.28
CA VAL K 2 22.38 -34.20 60.74
C VAL K 2 22.57 -35.35 61.73
N GLN K 3 21.84 -35.28 62.83
CA GLN K 3 21.82 -36.31 63.86
C GLN K 3 20.38 -36.74 64.11
N LEU K 4 20.23 -37.98 64.55
CA LEU K 4 18.94 -38.51 64.99
C LEU K 4 19.16 -39.30 66.27
N GLN K 5 18.31 -39.04 67.27
CA GLN K 5 18.34 -39.74 68.54
C GLN K 5 17.01 -40.45 68.78
N GLU K 6 17.07 -41.78 68.82
CA GLU K 6 15.91 -42.62 69.11
C GLU K 6 15.70 -42.69 70.62
N SER K 7 14.43 -42.82 71.04
CA SER K 7 14.12 -43.04 72.45
C SER K 7 12.83 -43.82 72.58
N GLY K 8 12.77 -44.69 73.59
CA GLY K 8 11.56 -45.44 73.86
C GLY K 8 11.64 -46.44 75.00
N PRO K 9 10.53 -47.14 75.24
CA PRO K 9 10.49 -48.16 76.30
C PRO K 9 11.47 -49.30 76.06
N GLY K 10 11.91 -49.90 77.15
CA GLY K 10 12.77 -51.06 77.09
C GLY K 10 11.95 -52.33 77.03
N LEU K 11 11.52 -52.87 78.17
CA LEU K 11 10.68 -54.06 78.19
C LEU K 11 9.21 -53.64 78.27
N VAL K 12 8.43 -54.10 77.29
CA VAL K 12 6.99 -53.85 77.20
C VAL K 12 6.30 -55.19 77.34
N LYS K 13 5.37 -55.29 78.27
CA LYS K 13 4.70 -56.57 78.50
C LYS K 13 3.81 -56.94 77.32
N PRO K 14 3.57 -58.24 77.09
CA PRO K 14 2.68 -58.66 76.00
C PRO K 14 1.31 -57.99 76.08
N SER K 15 0.79 -57.61 74.92
CA SER K 15 -0.49 -56.94 74.70
C SER K 15 -0.48 -55.47 75.16
N GLU K 16 0.64 -54.95 75.64
CA GLU K 16 0.72 -53.54 76.01
C GLU K 16 1.16 -52.72 74.80
N THR K 17 0.91 -51.42 74.86
CA THR K 17 1.30 -50.54 73.76
C THR K 17 2.76 -50.13 73.88
N LEU K 18 3.45 -50.21 72.74
CA LEU K 18 4.84 -49.77 72.58
C LEU K 18 4.82 -48.45 71.84
N SER K 19 5.52 -47.44 72.37
CA SER K 19 5.54 -46.12 71.73
C SER K 19 6.96 -45.59 71.74
N LEU K 20 7.50 -45.28 70.56
CA LEU K 20 8.85 -44.78 70.39
C LEU K 20 8.81 -43.42 69.71
N THR K 21 9.79 -42.56 70.06
CA THR K 21 9.94 -41.26 69.44
C THR K 21 11.39 -41.03 69.01
N CYS K 22 11.56 -40.36 67.87
CA CYS K 22 12.85 -39.98 67.32
C CYS K 22 12.90 -38.47 67.16
N ALA K 23 14.02 -37.87 67.57
CA ALA K 23 14.27 -36.44 67.42
C ALA K 23 15.44 -36.25 66.47
N VAL K 24 15.39 -35.18 65.66
CA VAL K 24 16.49 -34.86 64.74
C VAL K 24 16.95 -33.44 64.99
N SER K 25 18.19 -33.16 64.56
CA SER K 25 18.78 -31.83 64.77
C SER K 25 18.75 -30.91 63.55
N GLY K 26 19.77 -31.01 62.68
CA GLY K 26 19.93 -30.09 61.58
C GLY K 26 19.09 -30.32 60.35
N ALA K 27 18.37 -31.43 60.26
CA ALA K 27 17.53 -31.70 59.10
C ALA K 27 16.13 -31.15 59.33
N SER K 28 15.69 -30.24 58.47
CA SER K 28 14.35 -29.69 58.65
C SER K 28 13.36 -30.84 58.54
N PHE K 29 12.50 -30.97 59.54
CA PHE K 29 11.59 -32.11 59.59
C PHE K 29 10.68 -32.14 58.37
N SER K 30 10.10 -31.00 58.03
CA SER K 30 9.11 -30.87 56.96
C SER K 30 9.64 -31.13 55.56
N SER K 31 10.95 -31.16 55.35
CA SER K 31 11.48 -31.35 54.01
C SER K 31 11.71 -32.80 53.59
N PHE K 32 11.57 -33.77 54.50
CA PHE K 32 11.90 -35.16 54.19
C PHE K 32 10.81 -36.14 54.59
N TRP K 33 10.82 -37.30 53.94
CA TRP K 33 10.08 -38.47 54.35
C TRP K 33 10.95 -39.20 55.36
N TRP K 34 10.33 -39.62 56.46
CA TRP K 34 10.96 -40.34 57.56
C TRP K 34 10.29 -41.70 57.67
N ASP K 35 11.05 -42.72 58.07
CA ASP K 35 10.47 -44.04 58.27
C ASP K 35 11.05 -44.75 59.50
N TRP K 36 10.42 -45.88 59.82
CA TRP K 36 10.82 -46.79 60.89
C TRP K 36 11.19 -48.13 60.28
N ILE K 37 12.31 -48.67 60.74
CA ILE K 37 12.84 -49.94 60.29
C ILE K 37 13.24 -50.70 61.55
N ARG K 38 13.04 -52.01 61.56
CA ARG K 38 13.45 -52.82 62.70
C ARG K 38 14.11 -54.11 62.27
N GLN K 39 14.95 -54.66 63.16
CA GLN K 39 15.49 -55.99 62.95
C GLN K 39 15.75 -56.72 64.27
N PRO K 40 15.31 -57.97 64.44
CA PRO K 40 15.78 -58.72 65.59
C PRO K 40 17.26 -58.95 65.47
N PRO K 41 17.99 -59.08 66.59
CA PRO K 41 19.40 -59.46 66.47
C PRO K 41 19.49 -60.81 65.76
N GLY K 42 20.45 -60.91 64.83
CA GLY K 42 20.65 -62.16 64.14
C GLY K 42 19.70 -62.37 62.97
N ARG K 43 18.84 -61.39 62.66
CA ARG K 43 17.86 -61.47 61.60
C ARG K 43 17.93 -60.22 60.73
N GLY K 44 17.32 -60.29 59.55
CA GLY K 44 17.34 -59.19 58.62
C GLY K 44 16.38 -58.09 59.03
N LEU K 45 16.28 -57.07 58.17
CA LEU K 45 15.53 -55.87 58.47
C LEU K 45 14.15 -55.88 57.82
N GLU K 46 13.18 -55.30 58.52
CA GLU K 46 11.81 -55.15 58.05
C GLU K 46 11.36 -53.70 58.14
N TRP K 47 10.82 -53.17 57.04
CA TRP K 47 10.31 -51.81 56.98
C TRP K 47 8.95 -51.77 57.67
N ILE K 48 8.72 -50.75 58.49
CA ILE K 48 7.46 -50.58 59.22
C ILE K 48 6.51 -49.62 58.52
N GLY K 49 6.98 -48.44 58.16
CA GLY K 49 6.12 -47.43 57.59
C GLY K 49 6.84 -46.09 57.53
N ASP K 50 6.16 -45.11 56.95
CA ASP K 50 6.78 -43.79 56.83
C ASP K 50 5.74 -42.68 56.96
N ILE K 51 6.26 -41.45 56.97
CA ILE K 51 5.56 -40.17 57.10
C ILE K 51 6.03 -39.17 56.05
N ASN K 52 5.07 -38.43 55.48
CA ASN K 52 5.38 -37.29 54.64
C ASN K 52 5.54 -36.12 55.60
N GLY K 53 6.76 -35.59 55.71
CA GLY K 53 7.05 -34.54 56.69
C GLY K 53 6.20 -33.30 56.58
N ASN K 54 5.57 -33.06 55.42
CA ASN K 54 4.70 -31.91 55.23
C ASN K 54 3.24 -32.22 55.51
N SER K 55 2.67 -33.15 54.76
CA SER K 55 1.24 -33.44 54.77
C SER K 55 0.77 -34.33 55.90
N GLY K 56 1.65 -35.13 56.51
CA GLY K 56 1.22 -36.04 57.53
C GLY K 56 0.76 -37.38 56.98
N SER K 57 0.83 -37.56 55.66
CA SER K 57 0.42 -38.80 55.00
C SER K 57 1.30 -39.94 55.50
N THR K 58 0.72 -41.14 55.58
CA THR K 58 1.43 -42.30 56.07
C THR K 58 1.41 -43.45 55.08
N ASN K 59 2.36 -44.37 55.30
CA ASN K 59 2.42 -45.63 54.59
C ASN K 59 2.81 -46.69 55.58
N TYR K 60 2.20 -47.88 55.50
CA TYR K 60 2.52 -48.97 56.41
C TYR K 60 2.78 -50.27 55.65
N ASN K 61 3.58 -51.12 56.26
CA ASN K 61 3.84 -52.46 55.74
C ASN K 61 2.55 -53.28 55.85
N PRO K 62 1.99 -53.82 54.75
CA PRO K 62 0.72 -54.57 54.85
C PRO K 62 0.69 -55.68 55.90
N SER K 63 1.83 -56.28 56.23
CA SER K 63 1.84 -57.35 57.22
C SER K 63 1.70 -56.84 58.65
N LEU K 64 1.98 -55.55 58.88
CA LEU K 64 1.92 -54.92 60.19
C LEU K 64 0.76 -53.95 60.34
N LYS K 65 0.31 -53.35 59.24
CA LYS K 65 -0.66 -52.25 59.17
C LYS K 65 -1.74 -52.21 60.25
N SER K 66 -2.40 -53.33 60.50
CA SER K 66 -3.54 -53.31 61.42
C SER K 66 -3.12 -53.02 62.87
N ARG K 67 -1.85 -53.18 63.21
CA ARG K 67 -1.36 -52.95 64.57
C ARG K 67 -0.41 -51.76 64.70
N VAL K 68 -0.17 -51.00 63.63
CA VAL K 68 0.84 -49.95 63.63
C VAL K 68 0.23 -48.61 63.20
N THR K 69 0.54 -47.56 63.96
CA THR K 69 0.19 -46.19 63.67
C THR K 69 1.48 -45.38 63.76
N ILE K 70 1.74 -44.53 62.76
CA ILE K 70 2.90 -43.66 62.77
C ILE K 70 2.37 -42.23 62.69
N SER K 71 2.97 -41.34 63.49
CA SER K 71 2.54 -39.95 63.55
C SER K 71 3.76 -39.05 63.68
N LYS K 72 3.55 -37.77 63.43
CA LYS K 72 4.61 -36.78 63.48
C LYS K 72 4.14 -35.52 64.17
N ASP K 73 5.11 -34.73 64.63
CA ASP K 73 4.86 -33.39 65.14
C ASP K 73 6.00 -32.51 64.66
N ALA K 74 5.67 -31.57 63.77
CA ALA K 74 6.72 -30.69 63.26
C ALA K 74 7.34 -29.88 64.38
N SER K 75 6.53 -29.53 65.39
CA SER K 75 7.08 -28.81 66.52
C SER K 75 8.01 -29.76 67.24
N LYS K 76 9.19 -29.27 67.60
CA LYS K 76 10.24 -30.05 68.27
C LYS K 76 10.85 -31.09 67.34
N SER K 77 10.49 -31.09 66.05
CA SER K 77 11.06 -32.01 65.06
C SER K 77 10.99 -33.47 65.52
N GLN K 78 9.79 -33.96 65.87
CA GLN K 78 9.68 -35.33 66.38
C GLN K 78 8.82 -36.22 65.49
N PHE K 79 9.24 -37.49 65.46
CA PHE K 79 8.64 -38.58 64.70
C PHE K 79 8.30 -39.71 65.66
N SER K 80 7.05 -40.20 65.67
CA SER K 80 6.65 -41.25 66.61
C SER K 80 6.00 -42.46 65.96
N LEU K 81 6.21 -43.62 66.59
CA LEU K 81 5.65 -44.91 66.23
C LEU K 81 4.88 -45.52 67.39
N LYS K 82 3.64 -45.94 67.14
CA LYS K 82 2.79 -46.59 68.13
C LYS K 82 2.44 -47.98 67.61
N LEU K 83 2.81 -49.01 68.36
CA LEU K 83 2.58 -50.41 68.03
C LEU K 83 1.78 -51.07 69.14
N THR K 84 0.70 -51.76 68.79
CA THR K 84 -0.13 -52.46 69.76
C THR K 84 0.00 -53.96 69.57
N SER K 85 -0.63 -54.71 70.49
CA SER K 85 -0.65 -56.17 70.49
C SER K 85 0.75 -56.76 70.27
N VAL K 86 1.72 -56.24 71.03
CA VAL K 86 3.11 -56.66 70.87
C VAL K 86 3.31 -58.03 71.50
N THR K 87 4.17 -58.83 70.86
CA THR K 87 4.53 -60.16 71.34
C THR K 87 6.04 -60.32 71.21
N ALA K 88 6.59 -61.28 71.94
CA ALA K 88 8.04 -61.53 71.87
C ALA K 88 8.46 -61.87 70.46
N ALA K 89 7.61 -62.61 69.73
CA ALA K 89 7.94 -63.00 68.37
C ALA K 89 8.14 -61.79 67.45
N ASP K 90 7.51 -60.66 67.78
CA ASP K 90 7.54 -59.45 66.97
C ASP K 90 8.40 -58.32 67.53
N THR K 91 9.31 -58.59 68.46
CA THR K 91 10.14 -57.51 68.99
C THR K 91 11.38 -57.37 68.12
N ALA K 92 12.20 -56.35 68.40
CA ALA K 92 13.35 -56.06 67.55
C ALA K 92 14.15 -54.89 68.10
N VAL K 93 15.29 -54.63 67.45
CA VAL K 93 15.97 -53.36 67.59
C VAL K 93 15.27 -52.40 66.62
N TYR K 94 14.83 -51.25 67.12
CA TYR K 94 14.12 -50.27 66.33
C TYR K 94 15.03 -49.11 65.96
N TYR K 95 14.91 -48.66 64.70
CA TYR K 95 15.69 -47.55 64.16
C TYR K 95 14.77 -46.57 63.43
N CYS K 96 15.20 -45.32 63.39
CA CYS K 96 14.63 -44.31 62.51
C CYS K 96 15.71 -43.91 61.52
N ALA K 97 15.27 -43.52 60.33
CA ALA K 97 16.19 -43.03 59.33
C ALA K 97 15.50 -42.03 58.43
N LEU K 98 16.29 -41.15 57.84
CA LEU K 98 15.77 -40.28 56.80
C LEU K 98 15.57 -41.16 55.58
N GLN K 99 14.37 -41.10 54.99
CA GLN K 99 14.04 -41.97 53.89
C GLN K 99 14.15 -41.27 52.54
N SER K 100 13.60 -40.06 52.40
CA SER K 100 13.64 -39.44 51.08
C SER K 100 13.27 -37.96 51.19
N VAL K 101 13.41 -37.24 50.08
CA VAL K 101 13.00 -35.84 50.00
C VAL K 101 11.54 -35.77 49.60
N THR K 102 10.76 -34.92 50.27
CA THR K 102 9.36 -34.68 49.97
C THR K 102 9.19 -33.26 49.46
N TYR K 103 8.35 -33.08 48.45
CA TYR K 103 8.02 -31.74 47.96
C TYR K 103 6.54 -31.48 48.13
N TYR K 104 6.23 -30.21 48.35
CA TYR K 104 4.85 -29.79 48.60
C TYR K 104 3.94 -30.03 47.41
N GLU K 105 4.47 -30.07 46.20
CA GLU K 105 3.61 -30.28 45.02
C GLU K 105 3.32 -31.74 44.72
N ASP K 106 3.98 -32.68 45.42
CA ASP K 106 3.85 -34.10 45.08
C ASP K 106 3.88 -34.91 46.38
N ASP K 107 2.71 -35.39 46.80
CA ASP K 107 2.60 -36.06 48.09
C ASP K 107 3.01 -37.53 48.00
N SER K 108 3.44 -37.99 46.83
CA SER K 108 3.92 -39.34 46.58
C SER K 108 5.37 -39.33 46.09
N GLY K 109 6.07 -38.21 46.23
CA GLY K 109 7.40 -38.04 45.70
C GLY K 109 8.42 -39.11 46.04
N HIS K 110 8.75 -39.30 47.32
CA HIS K 110 9.74 -40.28 47.72
C HIS K 110 11.03 -40.15 46.90
N TYR K 111 11.55 -38.93 46.81
CA TYR K 111 12.69 -38.65 45.95
C TYR K 111 14.00 -39.09 46.59
N GLU K 112 14.79 -39.85 45.83
CA GLU K 112 16.05 -40.40 46.33
C GLU K 112 17.03 -39.29 46.67
N THR K 113 17.81 -39.48 47.74
CA THR K 113 18.77 -38.47 48.14
C THR K 113 19.90 -39.10 48.94
N GLU K 114 21.06 -38.44 48.89
CA GLU K 114 22.20 -38.83 49.73
C GLU K 114 21.84 -38.75 51.21
N MET K 115 20.98 -37.79 51.57
CA MET K 115 20.63 -37.55 52.97
C MET K 115 20.03 -38.79 53.64
N ALA K 116 19.60 -39.79 52.88
CA ALA K 116 19.04 -41.00 53.46
C ALA K 116 20.06 -41.78 54.28
N LYS K 117 21.34 -41.44 54.17
CA LYS K 117 22.39 -42.09 54.94
C LYS K 117 22.33 -41.77 56.43
N PHE K 118 21.59 -40.72 56.83
CA PHE K 118 21.57 -40.26 58.22
C PHE K 118 20.66 -41.13 59.09
N TRP K 119 21.19 -42.29 59.45
CA TRP K 119 20.56 -43.25 60.34
C TRP K 119 21.00 -42.99 61.78
N GLY K 120 20.11 -43.28 62.72
CA GLY K 120 20.44 -43.25 64.13
C GLY K 120 21.05 -44.57 64.53
N GLN K 121 21.30 -44.74 65.83
CA GLN K 121 21.89 -45.98 66.31
C GLN K 121 20.87 -47.00 66.79
N GLY K 122 19.64 -46.57 67.07
CA GLY K 122 18.57 -47.48 67.43
C GLY K 122 18.51 -47.80 68.91
N VAL K 123 17.42 -48.47 69.28
CA VAL K 123 17.19 -48.94 70.64
C VAL K 123 16.74 -50.39 70.55
N LEU K 124 16.98 -51.17 71.60
CA LEU K 124 16.54 -52.55 71.67
C LEU K 124 15.26 -52.62 72.48
N VAL K 125 14.18 -53.16 71.88
CA VAL K 125 12.90 -53.31 72.54
C VAL K 125 12.71 -54.79 72.79
N THR K 126 12.28 -55.15 74.00
CA THR K 126 12.01 -56.53 74.37
C THR K 126 10.56 -56.67 74.79
N VAL K 127 10.07 -57.91 74.71
CA VAL K 127 8.69 -58.23 75.09
C VAL K 127 8.71 -59.61 75.75
N VAL L 3 11.44 -60.30 49.23
CA VAL L 3 10.88 -60.45 47.86
C VAL L 3 12.11 -60.29 46.99
N LEU L 4 13.00 -59.38 47.38
CA LEU L 4 14.27 -59.34 46.64
C LEU L 4 15.09 -60.42 47.32
N THR L 5 15.51 -61.46 46.58
CA THR L 5 16.39 -62.52 47.13
C THR L 5 17.82 -62.01 47.22
N GLN L 6 18.62 -62.59 48.09
CA GLN L 6 20.05 -62.23 48.18
C GLN L 6 20.81 -63.54 48.42
N PRO L 7 22.13 -63.65 48.16
CA PRO L 7 22.87 -64.86 48.50
C PRO L 7 22.87 -65.16 50.01
N PRO L 8 22.86 -66.44 50.45
CA PRO L 8 22.82 -66.76 51.86
C PRO L 8 24.08 -66.20 52.52
N SER L 9 25.23 -66.31 51.84
CA SER L 9 26.51 -65.75 52.38
C SER L 9 27.46 -65.57 51.19
N VAL L 10 28.75 -65.32 51.46
CA VAL L 10 29.57 -65.00 50.29
C VAL L 10 31.03 -64.95 50.71
N SER L 11 31.87 -65.66 49.97
CA SER L 11 33.30 -65.72 50.17
C SER L 11 34.01 -64.62 49.40
N GLY L 12 35.31 -64.46 49.67
CA GLY L 12 36.10 -63.47 48.96
C GLY L 12 37.54 -63.54 49.39
N ALA L 13 38.35 -62.65 48.80
CA ALA L 13 39.77 -62.60 49.09
C ALA L 13 40.30 -61.22 48.74
N PRO L 14 41.37 -60.76 49.39
CA PRO L 14 42.03 -59.53 48.93
C PRO L 14 42.51 -59.64 47.49
N GLY L 15 42.26 -58.59 46.70
CA GLY L 15 42.68 -58.52 45.33
C GLY L 15 41.72 -59.09 44.31
N GLN L 16 40.66 -59.77 44.74
CA GLN L 16 39.66 -60.36 43.87
C GLN L 16 38.33 -59.68 44.13
N ARG L 17 37.56 -59.45 43.08
CA ARG L 17 36.25 -58.83 43.27
C ARG L 17 35.30 -59.79 43.96
N VAL L 18 34.45 -59.24 44.82
CA VAL L 18 33.41 -59.98 45.53
C VAL L 18 32.09 -59.34 45.14
N THR L 19 31.11 -60.16 44.72
CA THR L 19 29.82 -59.61 44.33
C THR L 19 28.69 -60.21 45.14
N ILE L 20 27.68 -59.36 45.39
CA ILE L 20 26.46 -59.71 46.09
C ILE L 20 25.29 -59.39 45.17
N SER L 21 24.39 -60.34 44.96
CA SER L 21 23.29 -60.16 44.02
C SER L 21 21.96 -60.02 44.75
N CYS L 22 21.03 -59.33 44.07
CA CYS L 22 19.63 -59.25 44.46
C CYS L 22 18.81 -59.60 43.23
N SER L 23 17.74 -60.36 43.43
CA SER L 23 16.84 -60.76 42.34
C SER L 23 15.40 -60.58 42.78
N GLY L 24 14.68 -59.74 42.06
CA GLY L 24 13.29 -59.40 42.34
C GLY L 24 12.47 -59.59 41.08
N SER L 25 11.58 -58.62 40.83
CA SER L 25 10.68 -58.67 39.70
C SER L 25 10.53 -57.26 39.13
N SER L 26 9.72 -57.15 38.08
CA SER L 26 9.49 -55.87 37.42
C SER L 26 8.74 -54.87 38.29
N SER L 27 8.11 -55.33 39.38
CA SER L 27 7.35 -54.46 40.26
C SER L 27 8.16 -53.91 41.44
N ASN L 28 9.41 -54.33 41.61
CA ASN L 28 10.19 -53.89 42.78
C ASN L 28 11.61 -53.43 42.44
N ILE L 29 12.34 -54.19 41.63
CA ILE L 29 13.67 -53.79 41.17
C ILE L 29 13.61 -53.21 39.77
N GLY L 30 12.89 -53.86 38.85
CA GLY L 30 12.89 -53.43 37.47
C GLY L 30 12.44 -51.99 37.27
N GLY L 31 11.48 -51.53 38.08
CA GLY L 31 10.95 -50.19 37.95
C GLY L 31 11.32 -49.19 39.02
N TYR L 32 12.21 -49.53 39.95
CA TYR L 32 12.55 -48.64 41.07
C TYR L 32 14.03 -48.72 41.37
N HIS L 33 14.53 -47.67 42.02
CA HIS L 33 15.93 -47.64 42.43
C HIS L 33 16.16 -48.63 43.57
N VAL L 34 17.36 -49.23 43.57
CA VAL L 34 17.78 -50.19 44.58
C VAL L 34 18.92 -49.57 45.38
N GLN L 35 18.71 -49.44 46.69
CA GLN L 35 19.72 -48.88 47.58
C GLN L 35 20.52 -50.02 48.19
N TRP L 36 21.82 -49.78 48.44
CA TRP L 36 22.68 -50.77 49.09
C TRP L 36 23.18 -50.26 50.42
N TYR L 37 23.08 -51.14 51.43
CA TYR L 37 23.43 -50.92 52.83
C TYR L 37 24.45 -51.94 53.34
N GLN L 38 25.29 -51.50 54.27
CA GLN L 38 26.29 -52.33 54.95
C GLN L 38 26.19 -52.10 56.45
N GLN L 39 26.15 -53.18 57.23
CA GLN L 39 26.12 -53.07 58.68
C GLN L 39 27.04 -54.10 59.33
N LEU L 40 27.54 -53.76 60.52
CA LEU L 40 28.27 -54.66 61.40
C LEU L 40 27.39 -55.00 62.61
N PRO L 41 27.55 -56.18 63.21
CA PRO L 41 26.72 -56.50 64.39
C PRO L 41 26.84 -55.46 65.49
N GLY L 42 25.70 -55.09 66.06
CA GLY L 42 25.66 -54.12 67.14
C GLY L 42 25.63 -52.67 66.71
N THR L 43 25.73 -52.39 65.40
CA THR L 43 25.75 -51.04 64.86
C THR L 43 24.62 -50.89 63.86
N ALA L 44 24.05 -49.69 63.80
CA ALA L 44 23.02 -49.42 62.83
C ALA L 44 23.60 -49.49 61.40
N PRO L 45 22.80 -49.87 60.41
CA PRO L 45 23.31 -49.85 59.04
C PRO L 45 23.51 -48.44 58.53
N LYS L 46 24.45 -48.32 57.61
CA LYS L 46 24.67 -47.09 56.85
C LYS L 46 24.49 -47.49 55.41
N LEU L 47 24.11 -46.55 54.55
CA LEU L 47 23.99 -46.92 53.15
C LEU L 47 25.32 -46.73 52.46
N LEU L 48 25.54 -47.54 51.43
CA LEU L 48 26.70 -47.41 50.57
C LEU L 48 26.33 -46.75 49.27
N ILE L 49 25.16 -47.11 48.73
CA ILE L 49 24.72 -46.60 47.43
C ILE L 49 23.27 -46.15 47.61
N TYR L 50 22.96 -44.89 47.26
CA TYR L 50 21.61 -44.36 47.48
C TYR L 50 20.72 -44.39 46.24
N GLU L 51 21.28 -44.50 45.05
CA GLU L 51 20.57 -44.71 43.78
C GLU L 51 21.09 -46.05 43.28
N SER L 52 20.61 -46.54 42.14
CA SER L 52 21.18 -47.81 41.69
C SER L 52 22.68 -47.69 41.45
N ASN L 53 23.16 -46.52 41.00
CA ASN L 53 24.57 -46.28 40.74
C ASN L 53 25.29 -45.29 41.66
N LYS L 54 24.58 -44.31 42.23
CA LYS L 54 25.26 -43.22 42.94
C LYS L 54 25.58 -43.53 44.39
N ARG L 55 26.78 -43.09 44.84
CA ARG L 55 27.30 -43.25 46.18
C ARG L 55 27.37 -41.91 46.93
N PRO L 56 27.27 -41.93 48.27
CA PRO L 56 27.57 -40.71 49.04
C PRO L 56 29.05 -40.34 48.93
N SER L 57 29.32 -39.07 49.21
CA SER L 57 30.70 -38.59 49.20
C SER L 57 31.56 -39.22 50.30
N GLY L 58 30.94 -39.82 51.32
CA GLY L 58 31.63 -40.42 52.42
C GLY L 58 31.97 -41.89 52.26
N ILE L 59 31.69 -42.47 51.10
CA ILE L 59 31.94 -43.88 50.83
C ILE L 59 33.11 -43.99 49.86
N SER L 60 34.03 -44.89 50.16
CA SER L 60 35.21 -45.11 49.35
C SER L 60 34.87 -45.77 48.02
N ASP L 61 35.85 -45.75 47.11
CA ASP L 61 35.70 -46.22 45.74
C ASP L 61 35.82 -47.74 45.61
N ARG L 62 35.96 -48.46 46.73
CA ARG L 62 36.01 -49.91 46.69
C ARG L 62 34.65 -50.54 46.41
N PHE L 63 33.56 -49.78 46.58
CA PHE L 63 32.20 -50.28 46.41
C PHE L 63 31.58 -49.62 45.20
N SER L 64 30.87 -50.43 44.40
CA SER L 64 30.13 -49.94 43.24
C SER L 64 29.00 -50.91 42.99
N ALA L 65 28.02 -50.52 42.17
CA ALA L 65 26.91 -51.42 41.88
C ALA L 65 26.31 -51.09 40.54
N SER L 66 25.52 -52.04 40.04
CA SER L 66 24.77 -51.86 38.81
C SER L 66 23.47 -52.64 38.92
N GLN L 67 22.53 -52.31 38.02
CA GLN L 67 21.24 -52.96 37.94
C GLN L 67 20.93 -53.28 36.49
N PHE L 68 20.34 -54.45 36.26
CA PHE L 68 19.91 -54.81 34.92
C PHE L 68 18.66 -55.68 35.02
N GLY L 69 17.65 -55.31 34.25
CA GLY L 69 16.42 -56.10 34.27
C GLY L 69 15.84 -56.04 35.66
N THR L 70 15.51 -57.22 36.17
CA THR L 70 14.89 -57.37 37.48
C THR L 70 15.90 -57.81 38.54
N SER L 71 17.20 -57.71 38.24
CA SER L 71 18.25 -58.05 39.19
C SER L 71 19.23 -56.90 39.33
N ALA L 72 20.05 -56.98 40.38
CA ALA L 72 21.04 -55.97 40.68
C ALA L 72 22.24 -56.63 41.35
N SER L 73 23.39 -55.96 41.29
CA SER L 73 24.60 -56.50 41.87
C SER L 73 25.48 -55.41 42.46
N LEU L 74 26.01 -55.69 43.65
CA LEU L 74 26.97 -54.87 44.36
C LEU L 74 28.32 -55.52 44.18
N THR L 75 29.32 -54.75 43.76
CA THR L 75 30.69 -55.22 43.54
C THR L 75 31.63 -54.52 44.52
N ILE L 76 32.47 -55.33 45.17
CA ILE L 76 33.53 -54.87 46.05
C ILE L 76 34.83 -55.18 45.30
N THR L 77 35.68 -54.16 45.14
CA THR L 77 36.88 -54.31 44.30
C THR L 77 37.96 -55.16 44.95
N GLY L 78 37.83 -55.49 46.23
CA GLY L 78 38.81 -56.32 46.92
C GLY L 78 38.43 -56.39 48.38
N LEU L 79 38.51 -57.59 48.96
CA LEU L 79 38.10 -57.77 50.35
C LEU L 79 39.19 -57.35 51.31
N GLN L 80 38.86 -56.41 52.20
CA GLN L 80 39.74 -55.96 53.26
C GLN L 80 39.27 -56.62 54.55
N SER L 81 40.17 -56.73 55.53
CA SER L 81 39.73 -57.37 56.78
C SER L 81 38.66 -56.54 57.47
N GLU L 82 38.68 -55.22 57.29
CA GLU L 82 37.67 -54.33 57.85
C GLU L 82 36.37 -54.30 57.06
N ASP L 83 36.33 -54.88 55.86
CA ASP L 83 35.14 -54.82 55.02
C ASP L 83 34.12 -55.92 55.26
N GLU L 84 34.43 -56.99 55.99
CA GLU L 84 33.42 -58.03 56.13
C GLU L 84 32.24 -57.46 56.92
N ALA L 85 31.03 -57.71 56.43
CA ALA L 85 29.85 -57.12 57.01
C ALA L 85 28.61 -57.82 56.47
N ASP L 86 27.47 -57.51 57.09
CA ASP L 86 26.16 -57.94 56.61
C ASP L 86 25.64 -56.89 55.62
N TYR L 87 25.38 -57.31 54.39
CA TYR L 87 24.94 -56.42 53.32
C TYR L 87 23.46 -56.63 53.02
N TYR L 88 22.76 -55.53 52.75
CA TYR L 88 21.35 -55.54 52.42
C TYR L 88 21.06 -54.64 51.22
N CYS L 89 20.07 -55.04 50.43
CA CYS L 89 19.52 -54.19 49.37
C CYS L 89 18.07 -53.87 49.72
N GLN L 90 17.63 -52.67 49.31
CA GLN L 90 16.25 -52.23 49.50
C GLN L 90 15.66 -51.62 48.24
N SER L 91 14.36 -51.84 48.05
CA SER L 91 13.67 -51.19 46.94
C SER L 91 12.20 -51.08 47.28
N TYR L 92 11.49 -50.22 46.56
CA TYR L 92 10.05 -50.09 46.73
C TYR L 92 9.35 -51.12 45.86
N ASP L 93 8.45 -51.91 46.46
CA ASP L 93 7.71 -52.96 45.77
C ASP L 93 6.29 -52.46 45.54
N SER L 94 5.97 -52.20 44.27
CA SER L 94 4.67 -51.64 43.89
C SER L 94 3.56 -52.67 43.91
N SER L 95 3.88 -53.96 44.01
CA SER L 95 2.86 -54.99 44.10
C SER L 95 2.43 -55.07 45.55
N VAL L 96 3.42 -55.11 46.43
CA VAL L 96 3.20 -55.14 47.86
C VAL L 96 2.70 -53.77 48.30
N SER L 97 3.21 -52.71 47.64
CA SER L 97 2.98 -51.31 47.98
C SER L 97 3.67 -51.01 49.31
N ALA L 98 4.92 -51.46 49.41
CA ALA L 98 5.73 -51.22 50.60
C ALA L 98 7.19 -51.29 50.21
N GLN L 99 8.04 -50.69 51.02
CA GLN L 99 9.46 -50.84 50.79
C GLN L 99 9.86 -52.22 51.30
N VAL L 100 10.64 -52.93 50.49
CA VAL L 100 11.02 -54.32 50.73
C VAL L 100 12.53 -54.44 50.85
N PHE L 101 12.95 -55.18 51.87
CA PHE L 101 14.32 -55.56 52.16
C PHE L 101 14.58 -56.97 51.65
N GLY L 102 15.80 -57.21 51.20
CA GLY L 102 16.22 -58.57 50.95
C GLY L 102 16.61 -59.20 52.27
N GLY L 103 16.86 -60.51 52.26
CA GLY L 103 17.23 -61.11 53.52
C GLY L 103 18.67 -60.84 53.92
N GLY L 104 19.46 -60.30 53.00
CA GLY L 104 20.83 -59.96 53.24
C GLY L 104 21.79 -61.13 53.05
N THR L 105 23.08 -60.80 53.09
CA THR L 105 24.15 -61.77 52.97
C THR L 105 25.17 -61.47 54.05
N ARG L 106 25.88 -62.50 54.51
CA ARG L 106 26.97 -62.32 55.46
C ARG L 106 28.26 -62.54 54.71
N LEU L 107 29.14 -61.54 54.71
CA LEU L 107 30.43 -61.63 54.07
C LEU L 107 31.47 -62.08 55.10
N THR L 108 32.32 -63.02 54.69
CA THR L 108 33.39 -63.54 55.54
C THR L 108 34.75 -63.34 54.88
N ASN M 3 -14.91 41.78 -26.95
CA ASN M 3 -15.78 42.05 -25.80
C ASN M 3 -16.08 40.81 -24.95
N LEU M 4 -15.37 39.70 -25.20
CA LEU M 4 -15.59 38.45 -24.51
C LEU M 4 -14.48 38.21 -23.48
N TRP M 5 -14.85 37.52 -22.41
CA TRP M 5 -13.96 37.23 -21.29
C TRP M 5 -13.88 35.73 -21.05
N VAL M 6 -12.75 35.29 -20.51
CA VAL M 6 -12.57 33.87 -20.22
C VAL M 6 -13.39 33.50 -18.99
N THR M 7 -14.22 32.47 -19.13
CA THR M 7 -14.98 31.91 -18.02
C THR M 7 -14.52 30.49 -17.78
N VAL M 8 -14.23 30.17 -16.51
CA VAL M 8 -13.72 28.87 -16.10
C VAL M 8 -14.89 28.00 -15.65
N TYR M 9 -14.99 26.80 -16.22
CA TYR M 9 -16.03 25.84 -15.91
C TYR M 9 -15.40 24.58 -15.36
N TYR M 10 -15.93 24.09 -14.24
CA TYR M 10 -15.49 22.85 -13.60
C TYR M 10 -16.65 21.88 -13.61
N GLY M 11 -16.41 20.69 -14.12
CA GLY M 11 -17.43 19.67 -14.26
C GLY M 11 -17.82 19.50 -15.71
N VAL M 12 -16.94 19.86 -16.63
CA VAL M 12 -17.20 19.76 -18.06
C VAL M 12 -17.24 18.30 -18.50
N PRO M 13 -18.29 17.85 -19.23
CA PRO M 13 -18.35 16.43 -19.64
C PRO M 13 -17.42 16.16 -20.83
N VAL M 14 -16.11 16.26 -20.57
CA VAL M 14 -15.09 16.04 -21.57
C VAL M 14 -14.10 15.03 -21.02
N TRP M 15 -13.51 14.23 -21.92
CA TRP M 15 -12.57 13.20 -21.50
C TRP M 15 -11.49 12.99 -22.55
N LYS M 16 -10.41 12.35 -22.12
CA LYS M 16 -9.28 11.98 -22.97
C LYS M 16 -8.92 10.53 -22.72
N ASP M 17 -8.31 9.90 -23.72
CA ASP M 17 -7.87 8.52 -23.58
C ASP M 17 -6.90 8.42 -22.40
N ALA M 18 -7.06 7.36 -21.61
CA ALA M 18 -6.17 7.18 -20.46
C ALA M 18 -5.97 5.70 -20.17
N GLU M 19 -4.85 5.41 -19.52
CA GLU M 19 -4.47 4.06 -19.08
C GLU M 19 -4.42 4.09 -17.56
N THR M 20 -5.36 3.38 -16.91
CA THR M 20 -5.42 3.35 -15.46
C THR M 20 -5.65 1.92 -14.99
N THR M 21 -5.71 1.77 -13.67
CA THR M 21 -5.94 0.49 -13.02
C THR M 21 -7.43 0.34 -12.69
N LEU M 22 -8.04 -0.71 -13.22
CA LEU M 22 -9.44 -1.00 -12.99
C LEU M 22 -9.52 -2.03 -11.87
N PHE M 23 -10.61 -1.97 -11.09
CA PHE M 23 -10.74 -2.87 -9.91
C PHE M 23 -11.78 -3.96 -10.18
N CYS M 24 -11.49 -5.20 -9.79
CA CYS M 24 -12.41 -6.29 -9.97
C CYS M 24 -13.66 -6.07 -9.13
N ALA M 25 -14.75 -6.71 -9.53
CA ALA M 25 -15.94 -6.77 -8.72
C ALA M 25 -16.63 -8.09 -9.04
N SER M 26 -17.42 -8.57 -8.10
CA SER M 26 -18.13 -9.84 -8.28
C SER M 26 -19.50 -9.75 -7.61
N ASP M 27 -20.48 -10.41 -8.21
CA ASP M 27 -21.82 -10.46 -7.65
C ASP M 27 -21.87 -11.54 -6.58
N HIS M 36 -14.87 -22.47 -2.61
CA HIS M 36 -13.84 -21.49 -2.95
C HIS M 36 -13.52 -21.60 -4.44
N ASN M 37 -13.33 -20.45 -5.08
CA ASN M 37 -13.06 -20.36 -6.51
C ASN M 37 -11.72 -19.68 -6.76
N VAL M 38 -11.03 -20.13 -7.81
CA VAL M 38 -9.71 -19.57 -8.14
C VAL M 38 -9.80 -18.06 -8.35
N TRP M 39 -10.86 -17.57 -9.01
CA TRP M 39 -10.94 -16.17 -9.35
C TRP M 39 -11.87 -15.38 -8.44
N ALA M 40 -12.19 -15.92 -7.26
CA ALA M 40 -13.04 -15.25 -6.28
C ALA M 40 -12.17 -14.91 -5.08
N THR M 41 -12.47 -13.79 -4.43
CA THR M 41 -11.75 -13.45 -3.21
C THR M 41 -12.58 -12.49 -2.38
N HIS M 42 -12.36 -12.53 -1.06
CA HIS M 42 -13.04 -11.62 -0.16
C HIS M 42 -12.51 -10.19 -0.30
N ALA M 43 -11.36 -10.02 -0.95
CA ALA M 43 -10.76 -8.72 -1.22
C ALA M 43 -11.36 -8.03 -2.44
N CYS M 44 -12.23 -8.70 -3.20
CA CYS M 44 -12.80 -8.15 -4.41
C CYS M 44 -14.18 -7.60 -4.04
N VAL M 45 -14.37 -6.31 -4.29
CA VAL M 45 -15.57 -5.59 -3.85
C VAL M 45 -16.84 -6.16 -4.46
N PRO M 46 -17.94 -6.30 -3.71
CA PRO M 46 -19.22 -6.69 -4.30
C PRO M 46 -19.70 -5.69 -5.34
N THR M 47 -20.39 -6.19 -6.37
CA THR M 47 -20.96 -5.30 -7.37
C THR M 47 -22.25 -4.68 -6.87
N ASP M 48 -22.65 -3.60 -7.54
CA ASP M 48 -23.95 -3.01 -7.29
C ASP M 48 -25.05 -3.99 -7.70
N PRO M 49 -26.20 -4.00 -7.00
CA PRO M 49 -27.29 -4.87 -7.46
C PRO M 49 -27.88 -4.45 -8.79
N ASN M 50 -27.68 -3.20 -9.21
CA ASN M 50 -28.22 -2.72 -10.48
C ASN M 50 -27.30 -1.61 -11.01
N PRO M 51 -26.43 -1.91 -11.98
CA PRO M 51 -25.55 -0.85 -12.48
C PRO M 51 -26.34 0.14 -13.30
N GLN M 52 -25.89 1.39 -13.30
CA GLN M 52 -26.54 2.45 -14.07
C GLN M 52 -25.73 2.75 -15.32
N GLU M 53 -26.37 2.55 -16.47
CA GLU M 53 -25.79 2.80 -17.79
C GLU M 53 -26.39 4.10 -18.33
N ILE M 54 -25.53 5.05 -18.70
CA ILE M 54 -25.98 6.34 -19.22
C ILE M 54 -25.67 6.40 -20.71
N HIS M 55 -26.72 6.41 -21.54
CA HIS M 55 -26.53 6.47 -22.98
C HIS M 55 -26.07 7.88 -23.37
N LEU M 56 -25.09 7.97 -24.26
CA LEU M 56 -24.56 9.26 -24.71
C LEU M 56 -25.06 9.55 -26.12
N GLU M 57 -26.04 10.43 -26.24
CA GLU M 57 -26.59 10.77 -27.53
C GLU M 57 -25.65 11.72 -28.26
N ASN M 58 -25.52 11.54 -29.58
CA ASN M 58 -24.68 12.39 -30.43
C ASN M 58 -23.21 12.37 -30.00
N VAL M 59 -22.72 11.21 -29.57
CA VAL M 59 -21.31 11.02 -29.20
C VAL M 59 -20.76 9.90 -30.07
N THR M 60 -19.66 10.17 -30.78
CA THR M 60 -19.04 9.19 -31.67
C THR M 60 -17.58 8.97 -31.27
N GLU M 61 -17.39 8.13 -30.26
CA GLU M 61 -16.07 7.85 -29.71
C GLU M 61 -15.34 6.89 -30.64
N GLU M 62 -14.05 7.10 -30.83
CA GLU M 62 -13.23 6.21 -31.64
C GLU M 62 -12.61 5.12 -30.75
N PHE M 63 -12.85 3.86 -31.12
CA PHE M 63 -12.41 2.69 -30.38
C PHE M 63 -11.31 1.97 -31.14
N ASN M 64 -10.48 1.23 -30.40
CA ASN M 64 -9.49 0.35 -31.02
C ASN M 64 -9.24 -0.80 -30.04
N MET M 65 -9.82 -1.97 -30.33
CA MET M 65 -9.75 -3.09 -29.40
C MET M 65 -8.33 -3.64 -29.24
N TRP M 66 -7.41 -3.35 -30.16
CA TRP M 66 -6.07 -3.91 -30.10
C TRP M 66 -5.07 -2.99 -29.41
N LYS M 67 -5.52 -1.82 -28.96
CA LYS M 67 -4.69 -0.85 -28.25
C LYS M 67 -5.29 -0.62 -26.87
N ASN M 68 -6.27 -1.45 -26.50
CA ASN M 68 -7.02 -1.35 -25.26
C ASN M 68 -6.18 -1.81 -24.08
N ASN M 69 -6.05 -0.97 -23.06
CA ASN M 69 -5.22 -1.32 -21.92
C ASN M 69 -5.99 -2.17 -20.91
N MET M 70 -7.27 -2.44 -21.16
CA MET M 70 -8.06 -3.27 -20.29
C MET M 70 -7.71 -4.73 -20.46
N VAL M 71 -7.14 -5.08 -21.62
CA VAL M 71 -6.78 -6.45 -21.93
C VAL M 71 -5.56 -6.86 -21.12
N GLU M 72 -4.57 -5.98 -21.05
CA GLU M 72 -3.38 -6.29 -20.27
C GLU M 72 -3.73 -6.36 -18.79
N GLN M 73 -4.62 -5.48 -18.33
CA GLN M 73 -5.03 -5.54 -16.93
C GLN M 73 -5.77 -6.84 -16.65
N MET M 74 -6.63 -7.26 -17.58
CA MET M 74 -7.35 -8.51 -17.43
C MET M 74 -6.40 -9.70 -17.33
N HIS M 75 -5.41 -9.72 -18.24
CA HIS M 75 -4.48 -10.83 -18.31
C HIS M 75 -3.62 -10.89 -17.05
N GLU M 76 -3.04 -9.76 -16.65
CA GLU M 76 -2.20 -9.72 -15.48
C GLU M 76 -2.98 -10.07 -14.22
N ASP M 77 -4.22 -9.57 -14.08
CA ASP M 77 -4.98 -9.88 -12.88
C ASP M 77 -5.37 -11.34 -12.83
N ILE M 78 -5.71 -11.94 -13.98
CA ILE M 78 -6.03 -13.36 -14.00
C ILE M 78 -4.81 -14.19 -13.61
N ILE M 79 -3.63 -13.84 -14.13
CA ILE M 79 -2.44 -14.58 -13.76
C ILE M 79 -2.16 -14.42 -12.27
N SER M 80 -2.30 -13.20 -11.75
CA SER M 80 -2.07 -12.98 -10.33
C SER M 80 -3.02 -13.80 -9.48
N LEU M 81 -4.30 -13.84 -9.84
CA LEU M 81 -5.26 -14.63 -9.07
C LEU M 81 -4.91 -16.11 -9.14
N TRP M 82 -4.48 -16.56 -10.33
CA TRP M 82 -4.08 -17.95 -10.51
C TRP M 82 -2.95 -18.33 -9.54
N ASP M 83 -1.90 -17.50 -9.52
CA ASP M 83 -0.77 -17.82 -8.67
C ASP M 83 -1.15 -17.71 -7.20
N GLN M 84 -2.00 -16.74 -6.84
CA GLN M 84 -2.41 -16.62 -5.46
C GLN M 84 -3.19 -17.86 -5.01
N SER M 85 -4.01 -18.40 -5.92
CA SER M 85 -4.79 -19.60 -5.56
C SER M 85 -3.92 -20.84 -5.47
N LEU M 86 -2.88 -20.96 -6.31
CA LEU M 86 -2.02 -22.15 -6.22
C LEU M 86 -0.96 -22.06 -5.14
N LYS M 87 -0.54 -20.86 -4.73
CA LYS M 87 0.50 -20.68 -3.73
C LYS M 87 0.23 -21.46 -2.44
N PRO M 88 -0.92 -21.30 -1.77
CA PRO M 88 -1.14 -22.05 -0.52
C PRO M 88 -1.60 -23.48 -0.75
N CYS M 89 -0.77 -24.26 -1.45
CA CYS M 89 -1.15 -25.64 -1.81
C CYS M 89 0.09 -26.53 -1.67
N VAL M 90 -0.15 -27.83 -1.84
CA VAL M 90 0.90 -28.84 -1.66
C VAL M 90 1.87 -28.81 -2.84
N LYS M 91 3.16 -28.74 -2.53
CA LYS M 91 4.21 -28.80 -3.55
C LYS M 91 4.49 -30.25 -3.84
N LEU M 92 4.78 -30.56 -5.11
CA LEU M 92 5.08 -31.93 -5.53
C LEU M 92 6.54 -32.18 -5.85
N THR M 93 7.47 -31.38 -5.31
CA THR M 93 8.90 -31.61 -5.48
C THR M 93 9.29 -33.09 -5.36
N PRO M 94 8.87 -33.83 -4.33
CA PRO M 94 9.27 -35.24 -4.22
C PRO M 94 8.80 -36.15 -5.35
N LEU M 95 7.88 -35.71 -6.21
CA LEU M 95 7.42 -36.56 -7.31
C LEU M 95 8.46 -36.79 -8.39
N CYS M 96 9.53 -35.99 -8.45
CA CYS M 96 10.55 -36.17 -9.47
C CYS M 96 11.50 -37.29 -9.07
N VAL M 97 11.00 -38.51 -9.25
CA VAL M 97 11.68 -39.76 -8.93
C VAL M 97 11.64 -40.61 -10.18
N THR M 98 12.42 -41.68 -10.21
CA THR M 98 12.36 -42.57 -11.34
C THR M 98 11.12 -43.45 -11.16
N LEU M 99 10.31 -43.53 -12.20
CA LEU M 99 9.09 -44.31 -12.20
C LEU M 99 9.35 -45.61 -12.95
N GLN M 100 8.78 -46.71 -12.45
CA GLN M 100 8.80 -47.98 -13.17
C GLN M 100 7.38 -48.19 -13.64
N CYS M 101 7.16 -48.22 -14.94
CA CYS M 101 5.79 -48.23 -15.46
C CYS M 101 5.59 -49.33 -16.48
N THR M 102 4.34 -49.78 -16.52
CA THR M 102 3.80 -50.70 -17.50
C THR M 102 2.55 -50.05 -18.05
N ASN M 103 2.01 -50.56 -19.15
CA ASN M 103 0.78 -49.98 -19.65
C ASN M 103 -0.39 -50.41 -18.79
N TYR M 104 -1.36 -49.51 -18.63
CA TYR M 104 -2.60 -49.84 -17.94
C TYR M 104 -3.51 -50.52 -18.94
N ALA M 105 -4.13 -51.61 -18.52
CA ALA M 105 -4.99 -52.40 -19.39
C ALA M 105 -4.24 -52.74 -20.68
N PRO M 106 -3.09 -53.41 -20.57
CA PRO M 106 -2.24 -53.64 -21.76
C PRO M 106 -2.88 -54.54 -22.80
N LYS M 107 -3.94 -55.28 -22.44
CA LYS M 107 -4.59 -56.22 -23.35
C LYS M 107 -5.88 -55.64 -23.91
N LEU M 108 -6.18 -54.38 -23.61
CA LEU M 108 -7.41 -53.74 -24.03
C LEU M 108 -7.36 -53.34 -25.50
N ARG M 109 -8.44 -53.63 -26.22
CA ARG M 109 -8.63 -53.11 -27.57
C ARG M 109 -9.41 -51.82 -27.42
N SER M 110 -8.84 -50.72 -27.88
CA SER M 110 -9.48 -49.41 -27.76
C SER M 110 -8.58 -48.40 -28.46
N MET M 111 -9.10 -47.18 -28.61
CA MET M 111 -8.23 -46.08 -28.98
C MET M 111 -7.27 -45.76 -27.83
N MET M 112 -7.70 -45.96 -26.59
CA MET M 112 -6.84 -45.72 -25.43
C MET M 112 -6.06 -46.99 -25.09
N ARG M 113 -5.12 -47.33 -25.97
CA ARG M 113 -4.27 -48.50 -25.80
C ARG M 113 -2.87 -47.94 -25.57
N GLY M 114 -2.44 -47.93 -24.31
CA GLY M 114 -1.18 -47.32 -23.94
C GLY M 114 -1.30 -45.89 -23.46
N GLU M 115 -2.51 -45.31 -23.50
CA GLU M 115 -2.69 -43.93 -23.08
C GLU M 115 -2.51 -43.77 -21.58
N ILE M 116 -2.88 -44.77 -20.78
CA ILE M 116 -2.72 -44.72 -19.33
C ILE M 116 -1.66 -45.72 -18.95
N LYS M 117 -0.66 -45.26 -18.18
CA LYS M 117 0.43 -46.08 -17.69
C LYS M 117 0.32 -46.25 -16.18
N ASN M 118 0.58 -47.49 -15.73
CA ASN M 118 0.55 -47.88 -14.33
C ASN M 118 1.98 -47.86 -13.82
N CYS M 119 2.31 -46.80 -13.05
CA CYS M 119 3.65 -46.49 -12.60
C CYS M 119 3.80 -46.77 -11.11
N SER M 120 4.99 -47.25 -10.74
CA SER M 120 5.37 -47.54 -9.37
C SER M 120 6.59 -46.71 -8.98
N PHE M 121 6.55 -46.14 -7.78
CA PHE M 121 7.64 -45.30 -7.29
C PHE M 121 7.70 -45.30 -5.76
N ASN M 122 8.85 -44.91 -5.22
CA ASN M 122 9.06 -44.95 -3.75
C ASN M 122 8.52 -43.70 -3.06
N MET M 123 8.74 -42.52 -3.63
CA MET M 123 8.31 -41.26 -2.98
C MET M 123 8.82 -41.22 -1.54
N THR M 124 7.94 -40.91 -0.58
CA THR M 124 8.36 -40.76 0.85
C THR M 124 7.06 -40.69 1.65
N THR M 125 7.16 -40.38 2.96
CA THR M 125 5.96 -40.30 3.79
C THR M 125 6.19 -39.39 4.99
N GLU M 126 5.20 -39.36 5.88
CA GLU M 126 5.22 -38.46 7.02
C GLU M 126 6.54 -38.42 7.78
N LEU M 127 7.21 -39.56 7.93
CA LEU M 127 8.51 -39.61 8.59
C LEU M 127 9.62 -39.72 7.55
N ARG M 128 10.63 -38.87 7.72
CA ARG M 128 11.75 -38.77 6.79
C ARG M 128 12.56 -40.06 6.65
N ASP M 129 12.52 -40.94 7.64
CA ASP M 129 13.30 -42.17 7.59
C ASP M 129 12.64 -43.30 6.80
N LYS M 130 11.38 -43.17 6.42
CA LYS M 130 10.64 -44.24 5.77
C LYS M 130 10.14 -43.77 4.40
N LYS M 131 9.85 -44.74 3.54
CA LYS M 131 9.28 -44.48 2.22
C LYS M 131 8.09 -45.40 2.01
N GLN M 132 7.08 -44.88 1.32
CA GLN M 132 5.83 -45.58 1.03
C GLN M 132 5.77 -45.86 -0.48
N LYS M 133 5.84 -47.13 -0.86
CA LYS M 133 5.75 -47.44 -2.29
C LYS M 133 4.34 -47.11 -2.76
N VAL M 134 4.26 -46.46 -3.93
CA VAL M 134 3.00 -46.00 -4.49
C VAL M 134 2.83 -46.54 -5.91
N TYR M 135 1.63 -47.00 -6.20
CA TYR M 135 1.21 -47.39 -7.55
C TYR M 135 0.15 -46.39 -7.97
N SER M 136 0.33 -45.77 -9.13
CA SER M 136 -0.62 -44.77 -9.61
C SER M 136 -0.70 -44.82 -11.13
N LEU M 137 -1.80 -44.28 -11.66
CA LEU M 137 -2.01 -44.20 -13.09
C LEU M 137 -1.74 -42.78 -13.57
N PHE M 138 -1.01 -42.67 -14.67
CA PHE M 138 -0.72 -41.39 -15.31
C PHE M 138 -1.08 -41.47 -16.78
N TYR M 139 -1.43 -40.35 -17.37
CA TYR M 139 -1.70 -40.35 -18.80
C TYR M 139 -0.36 -40.33 -19.54
N ARG M 140 -0.35 -40.91 -20.74
CA ARG M 140 0.87 -40.96 -21.55
C ARG M 140 1.50 -39.59 -21.72
N LEU M 141 0.67 -38.55 -21.87
CA LEU M 141 1.20 -37.21 -22.13
C LEU M 141 1.91 -36.60 -20.93
N ASP M 142 1.76 -37.14 -19.73
CA ASP M 142 2.42 -36.64 -18.54
C ASP M 142 3.70 -37.37 -18.19
N VAL M 143 3.98 -38.49 -18.85
CA VAL M 143 5.09 -39.37 -18.49
C VAL M 143 5.95 -39.57 -19.73
N VAL M 144 7.26 -39.34 -19.59
CA VAL M 144 8.23 -39.46 -20.68
C VAL M 144 9.29 -40.48 -20.32
N GLN M 145 9.63 -41.34 -21.29
CA GLN M 145 10.62 -42.39 -21.07
C GLN M 145 12.01 -41.81 -20.81
N ILE M 146 12.73 -42.45 -19.90
CA ILE M 146 14.09 -42.04 -19.56
C ILE M 146 14.88 -43.25 -19.09
N ASN M 158 8.58 -53.69 -16.98
CA ASN M 158 8.71 -52.35 -16.42
C ASN M 158 9.76 -51.54 -17.16
N LYS M 159 9.40 -50.35 -17.61
CA LYS M 159 10.33 -49.41 -18.22
C LYS M 159 10.48 -48.20 -17.30
N GLU M 160 11.63 -47.53 -17.38
CA GLU M 160 11.86 -46.35 -16.58
C GLU M 160 11.32 -45.10 -17.28
N TYR M 161 10.54 -44.32 -16.53
CA TYR M 161 9.93 -43.08 -16.98
C TYR M 161 10.10 -42.01 -15.91
N ARG M 162 9.94 -40.75 -16.32
CA ARG M 162 9.90 -39.62 -15.41
C ARG M 162 8.70 -38.76 -15.77
N LEU M 163 8.29 -37.88 -14.87
CA LEU M 163 7.24 -36.95 -15.24
C LEU M 163 7.78 -35.98 -16.27
N ILE M 164 6.94 -35.61 -17.23
CA ILE M 164 7.36 -34.74 -18.32
C ILE M 164 7.95 -33.42 -17.84
N ASN M 165 7.46 -32.89 -16.72
CA ASN M 165 7.92 -31.59 -16.25
C ASN M 165 9.18 -31.62 -15.38
N CYS M 166 9.73 -32.78 -15.02
CA CYS M 166 10.89 -32.77 -14.12
C CYS M 166 12.15 -32.26 -14.80
N ASN M 167 12.14 -32.15 -16.12
CA ASN M 167 13.23 -31.63 -16.93
C ASN M 167 13.10 -30.13 -17.17
N THR M 168 11.98 -29.51 -16.77
CA THR M 168 11.71 -28.11 -17.04
C THR M 168 11.43 -27.29 -15.79
N SER M 169 10.60 -27.76 -14.86
CA SER M 169 10.17 -26.87 -13.78
C SER M 169 9.67 -27.65 -12.57
N ALA M 170 9.47 -26.91 -11.49
CA ALA M 170 8.84 -27.46 -10.31
C ALA M 170 7.35 -27.60 -10.57
N ILE M 171 6.75 -28.60 -9.92
CA ILE M 171 5.33 -28.89 -10.04
C ILE M 171 4.66 -28.57 -8.70
N THR M 172 3.60 -27.75 -8.76
CA THR M 172 2.80 -27.42 -7.58
C THR M 172 1.44 -28.08 -7.74
N GLN M 173 0.96 -28.78 -6.72
CA GLN M 173 -0.36 -29.40 -6.80
C GLN M 173 -1.43 -28.36 -6.53
N ALA M 174 -2.44 -28.31 -7.39
CA ALA M 174 -3.54 -27.39 -7.13
C ALA M 174 -4.33 -27.92 -5.94
N CYS M 175 -4.85 -27.00 -5.12
CA CYS M 175 -5.65 -27.43 -3.99
C CYS M 175 -6.94 -28.11 -4.47
N PRO M 176 -7.26 -29.32 -3.98
CA PRO M 176 -8.47 -30.01 -4.46
C PRO M 176 -9.76 -29.33 -4.07
N LYS M 177 -9.73 -28.44 -3.09
CA LYS M 177 -10.89 -27.74 -2.58
C LYS M 177 -11.22 -26.44 -3.31
N VAL M 178 -10.40 -26.02 -4.28
CA VAL M 178 -10.61 -24.75 -4.97
C VAL M 178 -11.04 -25.08 -6.40
N SER M 179 -12.25 -24.63 -6.74
CA SER M 179 -12.86 -24.90 -8.04
C SER M 179 -12.22 -24.08 -9.15
N PHE M 180 -12.12 -24.69 -10.34
CA PHE M 180 -11.61 -24.04 -11.53
C PHE M 180 -12.73 -23.54 -12.43
N GLU M 181 -13.97 -23.53 -11.95
CA GLU M 181 -15.09 -23.10 -12.76
C GLU M 181 -15.04 -21.58 -12.95
N PRO M 182 -15.05 -21.06 -14.19
CA PRO M 182 -15.02 -19.61 -14.38
C PRO M 182 -16.20 -18.92 -13.69
N ILE M 183 -15.91 -17.79 -13.06
CA ILE M 183 -16.90 -16.98 -12.36
C ILE M 183 -16.87 -15.58 -12.99
N PRO M 184 -18.01 -14.97 -13.32
CA PRO M 184 -17.96 -13.63 -13.94
C PRO M 184 -17.23 -12.61 -13.08
N ILE M 185 -16.34 -11.87 -13.71
CA ILE M 185 -15.58 -10.78 -13.09
C ILE M 185 -15.95 -9.50 -13.81
N HIS M 186 -16.28 -8.47 -13.05
CA HIS M 186 -16.61 -7.16 -13.58
C HIS M 186 -15.42 -6.25 -13.34
N TYR M 187 -15.10 -5.38 -14.29
CA TYR M 187 -14.07 -4.37 -14.08
C TYR M 187 -14.74 -3.01 -13.93
N CYS M 188 -14.36 -2.30 -12.87
CA CYS M 188 -14.96 -1.03 -12.51
C CYS M 188 -13.87 0.03 -12.49
N ALA M 189 -14.17 1.17 -13.09
CA ALA M 189 -13.22 2.27 -13.13
C ALA M 189 -13.11 2.94 -11.75
N PRO M 190 -11.93 3.44 -11.39
CA PRO M 190 -11.82 4.23 -10.16
C PRO M 190 -12.47 5.58 -10.40
N ALA M 191 -12.80 6.28 -9.30
CA ALA M 191 -13.40 7.59 -9.44
C ALA M 191 -12.49 8.50 -10.25
N GLY M 192 -13.10 9.29 -11.13
CA GLY M 192 -12.37 10.19 -12.00
C GLY M 192 -12.22 9.66 -13.41
N PHE M 193 -12.55 8.37 -13.62
CA PHE M 193 -12.47 7.68 -14.89
C PHE M 193 -13.85 7.12 -15.24
N ALA M 194 -14.06 6.82 -16.51
CA ALA M 194 -15.32 6.25 -16.97
C ALA M 194 -15.04 5.23 -18.06
N ILE M 195 -15.94 4.25 -18.23
CA ILE M 195 -15.81 3.25 -19.27
C ILE M 195 -16.91 3.48 -20.29
N LEU M 196 -16.52 3.58 -21.56
CA LEU M 196 -17.44 3.79 -22.67
C LEU M 196 -17.68 2.46 -23.37
N LYS M 197 -18.96 2.05 -23.42
CA LYS M 197 -19.40 0.82 -24.04
C LYS M 197 -19.96 1.15 -25.42
N CYS M 198 -19.42 0.50 -26.45
CA CYS M 198 -19.79 0.83 -27.83
C CYS M 198 -21.27 0.65 -28.11
N LYS M 199 -21.77 -0.59 -28.00
CA LYS M 199 -23.16 -0.98 -28.24
C LYS M 199 -23.60 -0.87 -29.69
N ASP M 200 -22.69 -0.60 -30.62
CA ASP M 200 -23.09 -0.53 -32.02
C ASP M 200 -23.14 -1.94 -32.63
N LYS M 201 -23.88 -2.05 -33.72
CA LYS M 201 -24.04 -3.33 -34.40
C LYS M 201 -22.96 -3.44 -35.47
N LYS M 202 -22.55 -4.67 -35.75
CA LYS M 202 -21.57 -4.94 -36.80
C LYS M 202 -20.29 -4.13 -36.56
N PHE M 203 -19.90 -4.03 -35.30
CA PHE M 203 -18.70 -3.30 -34.91
C PHE M 203 -17.50 -4.22 -34.99
N ASN M 204 -16.52 -3.85 -35.81
CA ASN M 204 -15.38 -4.71 -36.09
C ASN M 204 -14.19 -4.43 -35.17
N GLY M 205 -14.43 -3.80 -34.02
CA GLY M 205 -13.37 -3.58 -33.05
C GLY M 205 -12.52 -2.35 -33.26
N THR M 206 -12.84 -1.50 -34.24
CA THR M 206 -12.01 -0.33 -34.50
C THR M 206 -12.85 0.75 -35.17
N GLY M 207 -12.42 1.99 -34.97
CA GLY M 207 -13.06 3.12 -35.62
C GLY M 207 -14.17 3.72 -34.79
N PRO M 208 -14.90 4.67 -35.37
CA PRO M 208 -15.96 5.34 -34.61
C PRO M 208 -17.11 4.40 -34.26
N CYS M 209 -17.72 4.66 -33.11
CA CYS M 209 -18.88 3.92 -32.63
C CYS M 209 -20.00 4.93 -32.42
N GLN M 210 -21.17 4.64 -32.97
CA GLN M 210 -22.28 5.61 -32.95
C GLN M 210 -23.24 5.48 -31.77
N ASN M 211 -23.21 4.41 -30.99
CA ASN M 211 -24.20 4.19 -29.92
C ASN M 211 -23.54 4.13 -28.55
N VAL M 212 -22.45 4.89 -28.39
CA VAL M 212 -21.62 4.85 -27.19
C VAL M 212 -22.42 5.26 -25.95
N SER M 213 -22.28 4.48 -24.87
CA SER M 213 -22.92 4.75 -23.59
C SER M 213 -21.83 4.72 -22.52
N THR M 214 -22.08 5.39 -21.39
CA THR M 214 -21.13 5.41 -20.27
C THR M 214 -21.56 4.49 -19.15
N VAL M 215 -20.63 3.65 -18.69
CA VAL M 215 -20.82 2.75 -17.57
C VAL M 215 -19.67 2.95 -16.61
N GLN M 216 -19.89 2.54 -15.35
CA GLN M 216 -18.81 2.51 -14.37
C GLN M 216 -18.16 1.14 -14.33
N CYS M 217 -18.95 0.09 -14.51
CA CYS M 217 -18.50 -1.30 -14.47
C CYS M 217 -18.88 -2.00 -15.78
N THR M 218 -18.02 -2.91 -16.23
CA THR M 218 -18.30 -3.69 -17.43
C THR M 218 -19.29 -4.81 -17.10
N HIS M 219 -19.80 -5.46 -18.15
CA HIS M 219 -20.64 -6.63 -17.92
C HIS M 219 -19.75 -7.71 -17.32
N GLY M 220 -20.35 -8.75 -16.76
CA GLY M 220 -19.53 -9.79 -16.17
C GLY M 220 -18.85 -10.57 -17.28
N ILE M 221 -17.55 -10.76 -17.13
CA ILE M 221 -16.72 -11.52 -18.08
C ILE M 221 -16.21 -12.74 -17.35
N LYS M 222 -16.48 -13.91 -17.90
CA LYS M 222 -16.02 -15.13 -17.25
C LYS M 222 -14.58 -15.39 -17.67
N PRO M 223 -13.66 -15.71 -16.74
CA PRO M 223 -12.29 -16.00 -17.17
C PRO M 223 -12.17 -17.41 -17.76
N VAL M 224 -12.83 -17.60 -18.90
CA VAL M 224 -12.84 -18.91 -19.56
C VAL M 224 -11.52 -19.01 -20.31
N VAL M 225 -10.81 -20.12 -20.09
CA VAL M 225 -9.52 -20.37 -20.71
C VAL M 225 -9.70 -21.46 -21.75
N SER M 226 -9.46 -21.12 -23.01
CA SER M 226 -9.57 -22.06 -24.10
C SER M 226 -8.68 -21.59 -25.24
N THR M 227 -8.38 -22.50 -26.15
CA THR M 227 -7.65 -22.17 -27.37
C THR M 227 -8.48 -22.60 -28.57
N GLN M 228 -8.17 -22.02 -29.72
CA GLN M 228 -8.79 -22.32 -31.00
C GLN M 228 -10.26 -21.91 -31.08
N LEU M 229 -11.07 -22.39 -30.13
CA LEU M 229 -12.48 -22.04 -30.03
C LEU M 229 -12.70 -21.18 -28.79
N LEU M 230 -13.64 -20.25 -28.89
CA LEU M 230 -14.03 -19.38 -27.79
C LEU M 230 -15.30 -19.94 -27.16
N LEU M 231 -15.22 -20.35 -25.91
CA LEU M 231 -16.35 -20.94 -25.20
C LEU M 231 -16.99 -19.94 -24.24
N ASN M 232 -18.31 -20.10 -24.06
CA ASN M 232 -19.09 -19.40 -23.04
C ASN M 232 -18.88 -17.88 -23.09
N GLY M 233 -18.80 -17.33 -24.30
CA GLY M 233 -18.66 -15.90 -24.49
C GLY M 233 -19.98 -15.24 -24.87
N SER M 234 -19.87 -13.99 -25.30
CA SER M 234 -21.04 -13.24 -25.75
C SER M 234 -21.21 -13.48 -27.25
N LEU M 235 -22.38 -13.11 -27.78
CA LEU M 235 -22.69 -13.33 -29.18
C LEU M 235 -22.96 -12.04 -29.93
N ALA M 236 -22.69 -12.06 -31.22
CA ALA M 236 -22.96 -10.93 -32.10
C ALA M 236 -24.47 -10.74 -32.20
N GLU M 237 -24.92 -9.49 -32.21
CA GLU M 237 -26.36 -9.26 -32.23
C GLU M 237 -27.01 -9.65 -33.57
N GLU M 238 -26.36 -9.37 -34.72
CA GLU M 238 -27.01 -9.63 -36.01
C GLU M 238 -26.22 -10.52 -36.97
N GLU M 239 -24.90 -10.39 -37.03
CA GLU M 239 -24.09 -11.13 -38.01
C GLU M 239 -22.80 -11.58 -37.36
N VAL M 240 -22.16 -12.58 -37.98
CA VAL M 240 -20.85 -12.98 -37.51
C VAL M 240 -19.89 -11.84 -37.80
N ILE M 241 -19.10 -11.44 -36.80
CA ILE M 241 -18.18 -10.32 -36.92
C ILE M 241 -16.75 -10.85 -36.91
N ILE M 242 -15.99 -10.50 -37.94
CA ILE M 242 -14.60 -10.91 -38.09
C ILE M 242 -13.72 -9.71 -37.79
N ARG M 243 -12.87 -9.83 -36.77
CA ARG M 243 -12.04 -8.73 -36.29
C ARG M 243 -10.57 -9.09 -36.39
N SER M 244 -9.76 -8.19 -36.94
CA SER M 244 -8.32 -8.40 -36.99
C SER M 244 -7.62 -7.05 -36.94
N GLU M 245 -6.49 -7.01 -36.22
CA GLU M 245 -5.70 -5.78 -36.17
C GLU M 245 -5.29 -5.34 -37.56
N ASN M 246 -4.93 -6.31 -38.41
CA ASN M 246 -4.51 -6.05 -39.79
C ASN M 246 -4.87 -7.30 -40.58
N ILE M 247 -5.99 -7.26 -41.29
CA ILE M 247 -6.51 -8.45 -41.95
C ILE M 247 -5.57 -8.94 -43.05
N THR M 248 -4.71 -8.08 -43.58
CA THR M 248 -3.77 -8.45 -44.63
C THR M 248 -2.44 -8.94 -44.09
N ASN M 249 -2.23 -8.96 -42.77
CA ASN M 249 -0.97 -9.39 -42.15
C ASN M 249 -1.13 -10.80 -41.60
N ASN M 250 -0.41 -11.76 -42.19
CA ASN M 250 -0.51 -13.16 -41.81
C ASN M 250 -0.01 -13.42 -40.39
N ALA M 251 0.70 -12.48 -39.77
CA ALA M 251 1.22 -12.64 -38.43
C ALA M 251 0.20 -12.31 -37.33
N LYS M 252 -0.98 -11.82 -37.69
CA LYS M 252 -2.01 -11.43 -36.75
C LYS M 252 -3.07 -12.51 -36.69
N ASN M 253 -3.71 -12.64 -35.53
CA ASN M 253 -4.82 -13.57 -35.41
C ASN M 253 -6.12 -12.87 -35.80
N ILE M 254 -7.07 -13.67 -36.28
CA ILE M 254 -8.40 -13.22 -36.65
C ILE M 254 -9.38 -13.78 -35.64
N LEU M 255 -10.13 -12.90 -34.98
CA LEU M 255 -11.12 -13.33 -33.98
C LEU M 255 -12.49 -13.24 -34.61
N VAL M 256 -13.23 -14.34 -34.61
CA VAL M 256 -14.55 -14.41 -35.23
C VAL M 256 -15.56 -14.55 -34.11
N GLN M 257 -16.47 -13.59 -33.99
CA GLN M 257 -17.52 -13.64 -32.99
C GLN M 257 -18.81 -14.07 -33.68
N LEU M 258 -19.39 -15.17 -33.23
CA LEU M 258 -20.57 -15.72 -33.87
C LEU M 258 -21.81 -15.01 -33.37
N ASN M 259 -22.86 -14.98 -34.21
CA ASN M 259 -24.13 -14.44 -33.77
C ASN M 259 -24.99 -15.50 -33.10
N THR M 260 -24.74 -16.78 -33.41
CA THR M 260 -25.42 -17.90 -32.80
C THR M 260 -24.34 -18.85 -32.29
N SER M 261 -24.60 -19.50 -31.17
CA SER M 261 -23.66 -20.46 -30.61
C SER M 261 -23.92 -21.85 -31.18
N VAL M 262 -22.90 -22.70 -31.09
CA VAL M 262 -23.05 -24.12 -31.39
C VAL M 262 -22.69 -24.87 -30.12
N GLN M 263 -23.59 -25.76 -29.69
CA GLN M 263 -23.41 -26.44 -28.42
C GLN M 263 -22.42 -27.58 -28.59
N ILE M 264 -21.49 -27.69 -27.64
CA ILE M 264 -20.49 -28.75 -27.59
C ILE M 264 -20.67 -29.50 -26.28
N ASN M 265 -20.98 -30.79 -26.36
CA ASN M 265 -21.15 -31.64 -25.17
C ASN M 265 -19.88 -32.47 -25.06
N CYS M 266 -19.07 -32.23 -24.02
CA CYS M 266 -17.77 -32.89 -23.95
C CYS M 266 -17.72 -33.68 -22.66
N THR M 267 -17.07 -34.83 -22.70
CA THR M 267 -17.09 -35.74 -21.56
C THR M 267 -15.85 -36.61 -21.47
N ARG M 268 -15.65 -37.11 -20.24
CA ARG M 268 -14.66 -38.11 -19.85
C ARG M 268 -15.52 -39.26 -19.32
N PRO M 269 -15.95 -40.19 -20.19
CA PRO M 269 -16.90 -41.22 -19.77
C PRO M 269 -16.39 -42.16 -18.70
N SER M 270 -15.08 -42.30 -18.53
CA SER M 270 -14.56 -43.25 -17.55
C SER M 270 -14.94 -42.85 -16.14
N ASN M 271 -15.25 -43.85 -15.31
CA ASN M 271 -15.57 -43.65 -13.90
C ASN M 271 -14.28 -43.81 -13.10
N ASN M 272 -13.53 -42.73 -12.98
CA ASN M 272 -12.22 -42.78 -12.36
C ASN M 272 -12.33 -42.72 -10.85
N THR M 273 -11.55 -43.56 -10.17
CA THR M 273 -11.49 -43.59 -8.72
C THR M 273 -10.17 -42.94 -8.32
N VAL M 274 -10.27 -41.95 -7.44
CA VAL M 274 -9.16 -41.16 -6.92
C VAL M 274 -8.75 -41.67 -5.55
N LYS M 275 -7.44 -41.84 -5.37
CA LYS M 275 -6.84 -42.30 -4.13
C LYS M 275 -5.89 -41.20 -3.69
N SER M 276 -5.54 -41.18 -2.40
CA SER M 276 -4.59 -40.21 -1.90
C SER M 276 -3.71 -40.82 -0.83
N ILE M 277 -2.50 -40.26 -0.73
CA ILE M 277 -1.50 -40.62 0.26
C ILE M 277 -0.93 -39.34 0.87
N ARG M 278 -0.34 -39.49 2.05
CA ARG M 278 0.35 -38.38 2.68
C ARG M 278 1.81 -38.45 2.27
N ILE M 279 2.41 -37.28 1.99
CA ILE M 279 3.80 -37.19 1.55
C ILE M 279 4.67 -36.36 2.49
N GLY M 280 4.10 -35.83 3.57
CA GLY M 280 4.84 -35.04 4.52
C GLY M 280 3.91 -34.50 5.59
N PRO M 281 4.45 -33.88 6.62
CA PRO M 281 3.57 -33.31 7.66
C PRO M 281 2.67 -32.23 7.06
N GLY M 282 1.36 -32.43 7.18
CA GLY M 282 0.43 -31.43 6.69
C GLY M 282 0.32 -31.37 5.17
N GLN M 283 0.78 -32.41 4.47
CA GLN M 283 0.78 -32.45 3.03
C GLN M 283 0.20 -33.79 2.57
N ALA M 284 -0.57 -33.76 1.48
CA ALA M 284 -1.10 -34.98 0.91
C ALA M 284 -1.09 -34.88 -0.61
N PHE M 285 -0.81 -36.01 -1.24
CA PHE M 285 -0.76 -36.14 -2.69
C PHE M 285 -1.95 -36.92 -3.20
N TYR M 286 -2.66 -36.34 -4.16
CA TYR M 286 -3.82 -36.95 -4.79
C TYR M 286 -3.39 -37.49 -6.15
N TYR M 287 -3.85 -38.69 -6.49
CA TYR M 287 -3.47 -39.29 -7.75
C TYR M 287 -4.60 -40.15 -8.30
N PHE M 288 -4.47 -40.46 -9.58
CA PHE M 288 -5.44 -41.25 -10.30
C PHE M 288 -5.21 -42.72 -9.95
N GLY M 289 -6.19 -43.33 -9.28
CA GLY M 289 -6.04 -44.68 -8.79
C GLY M 289 -6.49 -45.79 -9.71
N ASP M 290 -7.79 -45.83 -10.00
CA ASP M 290 -8.37 -46.93 -10.78
C ASP M 290 -9.44 -46.41 -11.72
N VAL M 291 -9.73 -47.19 -12.75
CA VAL M 291 -10.86 -46.95 -13.65
C VAL M 291 -11.87 -48.05 -13.40
N LEU M 292 -13.11 -47.67 -13.07
CA LEU M 292 -14.17 -48.65 -12.86
C LEU M 292 -14.88 -48.81 -14.19
N GLY M 293 -15.30 -50.03 -14.50
CA GLY M 293 -15.92 -50.23 -15.79
C GLY M 293 -14.83 -50.25 -16.84
N HIS M 294 -15.22 -49.96 -18.07
CA HIS M 294 -14.29 -49.99 -19.19
C HIS M 294 -13.55 -48.66 -19.27
N VAL M 295 -12.35 -48.69 -19.84
CA VAL M 295 -11.60 -47.47 -20.13
C VAL M 295 -12.13 -46.88 -21.42
N ARG M 296 -12.63 -45.64 -21.36
CA ARG M 296 -13.21 -44.97 -22.51
C ARG M 296 -12.47 -43.68 -22.80
N MET M 297 -12.44 -43.32 -24.08
CA MET M 297 -11.76 -42.13 -24.55
C MET M 297 -12.56 -40.86 -24.29
N ALA M 298 -11.88 -39.84 -23.79
CA ALA M 298 -12.51 -38.54 -23.61
C ALA M 298 -12.83 -37.97 -24.99
N HIS M 299 -13.97 -37.30 -25.13
CA HIS M 299 -14.35 -36.79 -26.44
C HIS M 299 -15.37 -35.68 -26.33
N CYS M 300 -15.50 -34.90 -27.42
CA CYS M 300 -16.54 -33.88 -27.54
C CYS M 300 -17.51 -34.18 -28.68
N ASN M 301 -18.79 -33.87 -28.43
CA ASN M 301 -19.91 -34.01 -29.37
C ASN M 301 -20.26 -32.65 -29.95
N ILE M 302 -20.09 -32.48 -31.26
CA ILE M 302 -20.47 -31.24 -31.95
C ILE M 302 -21.43 -31.60 -33.09
N SER M 303 -22.62 -31.01 -33.09
CA SER M 303 -23.58 -31.33 -34.15
C SER M 303 -23.00 -30.94 -35.50
N LYS M 304 -23.07 -31.86 -36.48
CA LYS M 304 -22.48 -31.58 -37.77
C LYS M 304 -23.23 -30.49 -38.54
N ALA M 305 -24.55 -30.48 -38.50
CA ALA M 305 -25.30 -29.50 -39.27
C ALA M 305 -25.10 -28.08 -38.73
N THR M 306 -25.08 -27.93 -37.41
CA THR M 306 -24.94 -26.60 -36.84
C THR M 306 -23.56 -26.06 -37.14
N TRP M 307 -22.54 -26.90 -37.00
CA TRP M 307 -21.18 -26.47 -37.30
C TRP M 307 -21.04 -26.10 -38.77
N ASN M 308 -21.60 -26.93 -39.67
CA ASN M 308 -21.49 -26.63 -41.09
C ASN M 308 -22.13 -25.28 -41.41
N GLU M 309 -23.28 -24.99 -40.80
CA GLU M 309 -23.92 -23.70 -41.03
C GLU M 309 -23.05 -22.57 -40.47
N THR M 310 -22.45 -22.82 -39.31
CA THR M 310 -21.59 -21.82 -38.68
C THR M 310 -20.42 -21.48 -39.58
N LEU M 311 -19.79 -22.49 -40.16
CA LEU M 311 -18.67 -22.20 -41.05
C LEU M 311 -19.17 -21.53 -42.31
N GLY M 312 -20.36 -21.88 -42.82
CA GLY M 312 -20.84 -21.22 -44.01
C GLY M 312 -20.98 -19.72 -43.77
N LYS M 313 -21.48 -19.35 -42.60
CA LYS M 313 -21.61 -17.94 -42.24
C LYS M 313 -20.24 -17.27 -42.12
N VAL M 314 -19.28 -17.98 -41.53
CA VAL M 314 -17.93 -17.43 -41.39
C VAL M 314 -17.32 -17.23 -42.76
N VAL M 315 -17.51 -18.19 -43.66
CA VAL M 315 -16.96 -18.08 -45.01
C VAL M 315 -17.56 -16.88 -45.74
N LYS M 316 -18.87 -16.67 -45.62
CA LYS M 316 -19.47 -15.50 -46.26
C LYS M 316 -18.83 -14.21 -45.75
N GLN M 317 -18.60 -14.14 -44.43
CA GLN M 317 -18.02 -12.92 -43.88
C GLN M 317 -16.55 -12.79 -44.26
N LEU M 318 -15.84 -13.90 -44.40
CA LEU M 318 -14.45 -13.82 -44.86
C LEU M 318 -14.39 -13.39 -46.32
N ARG M 319 -15.32 -13.89 -47.14
CA ARG M 319 -15.34 -13.51 -48.54
C ARG M 319 -15.55 -12.01 -48.68
N LYS M 320 -16.30 -11.40 -47.76
CA LYS M 320 -16.47 -9.96 -47.82
C LYS M 320 -15.15 -9.20 -47.71
N HIS M 321 -14.10 -9.79 -47.14
CA HIS M 321 -12.80 -9.16 -47.02
C HIS M 321 -11.75 -9.69 -48.00
N PHE M 322 -11.90 -10.93 -48.47
CA PHE M 322 -10.92 -11.58 -49.31
C PHE M 322 -11.33 -11.74 -50.77
N GLY M 323 -12.56 -11.38 -51.13
CA GLY M 323 -13.03 -11.45 -52.50
C GLY M 323 -14.14 -12.47 -52.68
N ASN M 324 -15.16 -12.07 -53.43
CA ASN M 324 -16.32 -12.94 -53.63
C ASN M 324 -15.98 -14.19 -54.42
N ASN M 325 -14.97 -14.15 -55.29
CA ASN M 325 -14.62 -15.29 -56.14
C ASN M 325 -13.45 -16.13 -55.64
N THR M 326 -13.00 -15.94 -54.39
CA THR M 326 -11.89 -16.75 -53.90
C THR M 326 -12.44 -18.06 -53.33
N ILE M 327 -11.53 -18.99 -53.03
CA ILE M 327 -11.87 -20.25 -52.39
C ILE M 327 -11.29 -20.19 -50.99
N ILE M 328 -12.11 -20.51 -49.99
CA ILE M 328 -11.68 -20.50 -48.59
C ILE M 328 -11.58 -21.94 -48.11
N ARG M 329 -10.43 -22.29 -47.52
CA ARG M 329 -10.18 -23.63 -47.04
C ARG M 329 -9.84 -23.59 -45.56
N PHE M 330 -10.35 -24.57 -44.82
CA PHE M 330 -10.04 -24.75 -43.42
C PHE M 330 -9.20 -26.02 -43.30
N ALA M 331 -8.21 -25.97 -42.42
CA ALA M 331 -7.28 -27.07 -42.19
C ALA M 331 -6.89 -27.14 -40.73
N GLN M 332 -6.35 -28.29 -40.33
CA GLN M 332 -5.92 -28.51 -38.97
C GLN M 332 -4.69 -27.66 -38.66
N SER M 333 -4.46 -27.43 -37.37
CA SER M 333 -3.29 -26.66 -36.95
C SER M 333 -2.02 -27.34 -37.44
N SER M 334 -1.09 -26.54 -37.95
CA SER M 334 0.12 -27.08 -38.57
C SER M 334 1.18 -27.56 -37.59
N GLY M 335 1.19 -27.10 -36.35
CA GLY M 335 2.23 -27.54 -35.45
C GLY M 335 2.37 -26.64 -34.23
N GLY M 336 3.25 -27.08 -33.34
CA GLY M 336 3.54 -26.41 -32.09
C GLY M 336 3.13 -27.27 -30.91
N ASP M 337 3.13 -26.64 -29.74
CA ASP M 337 2.80 -27.35 -28.51
C ASP M 337 1.36 -27.83 -28.57
N LEU M 338 1.07 -28.89 -27.79
CA LEU M 338 -0.28 -29.43 -27.78
C LEU M 338 -1.32 -28.38 -27.42
N GLU M 339 -0.94 -27.41 -26.57
CA GLU M 339 -1.87 -26.35 -26.19
C GLU M 339 -2.37 -25.56 -27.39
N VAL M 340 -1.55 -25.39 -28.43
CA VAL M 340 -1.96 -24.63 -29.62
C VAL M 340 -2.43 -25.50 -30.78
N THR M 341 -1.99 -26.75 -30.84
CA THR M 341 -2.40 -27.63 -31.94
C THR M 341 -3.77 -28.25 -31.70
N THR M 342 -4.21 -28.31 -30.44
CA THR M 342 -5.51 -28.82 -30.05
C THR M 342 -6.31 -27.72 -29.36
N HIS M 343 -7.59 -28.02 -29.18
CA HIS M 343 -8.52 -27.17 -28.44
C HIS M 343 -8.36 -27.50 -26.97
N SER M 344 -7.66 -26.63 -26.25
CA SER M 344 -7.42 -26.83 -24.84
C SER M 344 -8.59 -26.17 -24.11
N PHE M 345 -9.07 -26.81 -23.06
CA PHE M 345 -10.08 -26.18 -22.21
C PHE M 345 -10.14 -26.94 -20.91
N ASN M 346 -10.86 -26.38 -19.94
CA ASN M 346 -11.06 -27.01 -18.64
C ASN M 346 -12.53 -27.08 -18.29
N CYS M 347 -13.03 -28.30 -18.06
CA CYS M 347 -14.41 -28.45 -17.60
C CYS M 347 -14.43 -29.63 -16.65
N GLY M 348 -15.24 -29.51 -15.59
CA GLY M 348 -15.35 -30.59 -14.65
C GLY M 348 -14.16 -30.72 -13.73
N GLY M 349 -13.20 -29.80 -13.85
CA GLY M 349 -11.95 -29.81 -13.14
C GLY M 349 -10.85 -30.52 -13.91
N GLU M 350 -11.13 -31.00 -15.13
CA GLU M 350 -10.14 -31.68 -15.95
C GLU M 350 -9.80 -30.83 -17.16
N PHE M 351 -8.55 -30.96 -17.61
CA PHE M 351 -8.02 -30.21 -18.75
C PHE M 351 -8.04 -31.09 -19.98
N PHE M 352 -8.87 -30.73 -20.95
CA PHE M 352 -9.08 -31.51 -22.17
C PHE M 352 -8.28 -30.85 -23.30
N TYR M 353 -7.71 -31.69 -24.17
CA TYR M 353 -7.01 -31.27 -25.39
C TYR M 353 -7.63 -32.02 -26.57
N CYS M 354 -8.58 -31.39 -27.25
CA CYS M 354 -9.38 -32.03 -28.28
C CYS M 354 -8.80 -31.73 -29.66
N ASN M 355 -8.71 -32.76 -30.52
CA ASN M 355 -8.01 -32.61 -31.79
C ASN M 355 -8.58 -31.50 -32.66
N THR M 356 -9.90 -31.51 -32.89
CA THR M 356 -10.60 -30.57 -33.76
C THR M 356 -10.30 -30.74 -35.24
N SER M 357 -9.50 -31.74 -35.64
CA SER M 357 -9.20 -31.91 -37.06
C SER M 357 -10.44 -32.27 -37.86
N GLY M 358 -11.50 -32.73 -37.20
CA GLY M 358 -12.75 -33.06 -37.86
C GLY M 358 -13.64 -31.87 -38.13
N LEU M 359 -13.30 -30.70 -37.61
CA LEU M 359 -14.08 -29.48 -37.80
C LEU M 359 -13.47 -28.58 -38.86
N PHE M 360 -12.16 -28.32 -38.76
CA PHE M 360 -11.45 -27.44 -39.68
C PHE M 360 -10.81 -28.25 -40.80
N ASN M 361 -11.66 -28.88 -41.61
CA ASN M 361 -11.18 -29.68 -42.74
C ASN M 361 -12.23 -29.55 -43.84
N SER M 362 -12.12 -28.48 -44.63
CA SER M 362 -13.12 -28.27 -45.67
C SER M 362 -12.61 -27.28 -46.70
N THR M 363 -13.21 -27.34 -47.90
CA THR M 363 -12.96 -26.34 -48.94
C THR M 363 -14.30 -25.77 -49.39
N TRP M 364 -14.41 -24.45 -49.34
CA TRP M 364 -15.61 -23.69 -49.66
C TRP M 364 -15.37 -22.93 -50.96
N ILE M 365 -16.09 -23.31 -52.01
CA ILE M 365 -15.96 -22.75 -53.35
C ILE M 365 -17.30 -22.12 -53.69
N SER M 366 -17.26 -20.84 -54.10
CA SER M 366 -18.40 -19.99 -54.51
C SER M 366 -19.77 -20.65 -54.69
N ASP M 380 -26.46 -36.72 -37.54
CA ASP M 380 -25.42 -37.34 -36.74
C ASP M 380 -24.52 -36.28 -36.13
N SER M 381 -23.89 -36.62 -35.01
CA SER M 381 -22.96 -35.74 -34.32
C SER M 381 -21.52 -36.16 -34.59
N LEU M 382 -20.64 -35.17 -34.67
CA LEU M 382 -19.22 -35.39 -34.85
C LEU M 382 -18.59 -35.58 -33.48
N ILE M 383 -17.71 -36.59 -33.39
CA ILE M 383 -16.98 -36.88 -32.16
C ILE M 383 -15.53 -36.47 -32.36
N LEU M 384 -15.04 -35.61 -31.46
CA LEU M 384 -13.66 -35.17 -31.48
C LEU M 384 -12.89 -35.93 -30.41
N PRO M 385 -11.85 -36.70 -30.74
CA PRO M 385 -11.03 -37.32 -29.69
C PRO M 385 -10.36 -36.27 -28.86
N CYS M 386 -10.27 -36.51 -27.55
CA CYS M 386 -9.62 -35.60 -26.63
C CYS M 386 -8.67 -36.37 -25.73
N TRP M 387 -7.57 -35.72 -25.38
CA TRP M 387 -6.60 -36.25 -24.43
C TRP M 387 -6.69 -35.44 -23.14
N ILE M 388 -6.40 -36.08 -22.02
CA ILE M 388 -6.42 -35.42 -20.72
C ILE M 388 -5.02 -35.46 -20.13
N LYS M 389 -4.58 -34.32 -19.61
CA LYS M 389 -3.27 -34.18 -18.98
C LYS M 389 -3.47 -33.75 -17.55
N GLN M 390 -2.58 -34.21 -16.67
CA GLN M 390 -2.57 -33.78 -15.28
C GLN M 390 -1.57 -32.67 -15.00
N ILE M 391 -0.49 -32.57 -15.77
CA ILE M 391 0.54 -31.55 -15.56
C ILE M 391 0.32 -30.48 -16.63
N ILE M 392 -0.07 -29.30 -16.17
CA ILE M 392 -0.50 -28.19 -17.03
C ILE M 392 0.50 -27.07 -16.92
N ASN M 393 0.89 -26.48 -18.06
CA ASN M 393 1.80 -25.34 -18.09
C ASN M 393 1.03 -24.19 -18.73
N MET M 394 0.26 -23.47 -17.90
CA MET M 394 -0.64 -22.43 -18.37
C MET M 394 0.07 -21.10 -18.59
N TRP M 395 -0.58 -20.26 -19.39
CA TRP M 395 -0.20 -18.87 -19.67
C TRP M 395 1.12 -18.78 -20.41
N GLN M 396 1.56 -19.85 -21.05
CA GLN M 396 2.83 -19.91 -21.78
C GLN M 396 4.01 -19.56 -20.89
N ARG M 397 3.93 -19.88 -19.59
CA ARG M 397 5.02 -19.63 -18.66
C ARG M 397 5.82 -20.90 -18.42
N ILE M 398 7.08 -20.90 -18.82
CA ILE M 398 7.96 -22.04 -18.63
C ILE M 398 8.73 -21.79 -17.35
N GLY M 399 8.66 -22.74 -16.42
CA GLY M 399 9.28 -22.63 -15.11
C GLY M 399 8.34 -22.74 -13.93
N GLN M 400 7.02 -22.76 -14.15
CA GLN M 400 6.04 -22.91 -13.07
C GLN M 400 4.95 -23.88 -13.52
N ALA M 401 5.04 -25.17 -13.15
CA ALA M 401 4.05 -26.12 -13.62
C ALA M 401 3.06 -26.43 -12.51
N MET M 402 1.84 -26.80 -12.91
CA MET M 402 0.79 -27.16 -11.98
C MET M 402 0.29 -28.57 -12.27
N TYR M 403 0.00 -29.32 -11.22
CA TYR M 403 -0.56 -30.66 -11.31
C TYR M 403 -2.05 -30.59 -10.98
N ALA M 404 -2.88 -30.98 -11.94
CA ALA M 404 -4.32 -30.94 -11.73
C ALA M 404 -4.76 -32.22 -11.05
N PRO M 405 -5.31 -32.18 -9.84
CA PRO M 405 -5.74 -33.42 -9.20
C PRO M 405 -6.81 -34.11 -10.03
N PRO M 406 -6.85 -35.44 -10.03
CA PRO M 406 -7.92 -36.11 -10.76
C PRO M 406 -9.25 -35.91 -10.06
N ILE M 407 -10.31 -35.94 -10.86
CA ILE M 407 -11.68 -35.78 -10.39
C ILE M 407 -12.37 -37.14 -10.34
N GLN M 408 -13.01 -37.42 -9.20
CA GLN M 408 -13.72 -38.68 -9.00
C GLN M 408 -14.97 -38.74 -9.87
N GLY M 409 -15.14 -39.87 -10.55
CA GLY M 409 -16.33 -40.12 -11.34
C GLY M 409 -16.24 -39.71 -12.80
N VAL M 410 -17.42 -39.70 -13.42
CA VAL M 410 -17.59 -39.45 -14.85
C VAL M 410 -17.86 -37.96 -15.03
N ILE M 411 -17.17 -37.35 -16.00
CA ILE M 411 -17.30 -35.91 -16.25
C ILE M 411 -18.08 -35.67 -17.53
N ARG M 412 -19.11 -34.84 -17.43
CA ARG M 412 -19.87 -34.38 -18.59
C ARG M 412 -20.06 -32.89 -18.41
N CYS M 413 -19.77 -32.12 -19.46
CA CYS M 413 -19.90 -30.67 -19.45
C CYS M 413 -20.52 -30.27 -20.77
N VAL M 414 -21.38 -29.26 -20.76
CA VAL M 414 -21.98 -28.72 -21.98
C VAL M 414 -21.61 -27.25 -22.06
N SER M 415 -20.94 -26.86 -23.14
CA SER M 415 -20.50 -25.49 -23.33
C SER M 415 -21.07 -24.94 -24.63
N ASN M 416 -21.07 -23.62 -24.73
CA ASN M 416 -21.49 -22.92 -25.94
C ASN M 416 -20.24 -22.43 -26.65
N ILE M 417 -20.07 -22.77 -27.92
CA ILE M 417 -19.01 -22.20 -28.72
C ILE M 417 -19.60 -20.94 -29.32
N THR M 418 -19.04 -19.79 -28.93
CA THR M 418 -19.55 -18.48 -29.32
C THR M 418 -18.61 -17.74 -30.25
N GLY M 419 -17.43 -18.28 -30.51
CA GLY M 419 -16.50 -17.63 -31.42
C GLY M 419 -15.36 -18.57 -31.75
N LEU M 420 -14.59 -18.14 -32.75
CA LEU M 420 -13.45 -18.89 -33.26
C LEU M 420 -12.22 -18.00 -33.28
N ILE M 421 -11.06 -18.62 -33.16
CA ILE M 421 -9.79 -17.97 -33.44
C ILE M 421 -9.26 -18.63 -34.69
N LEU M 422 -8.90 -17.82 -35.69
CA LEU M 422 -8.33 -18.33 -36.92
C LEU M 422 -7.04 -17.61 -37.25
N THR M 423 -6.15 -18.34 -37.93
CA THR M 423 -4.95 -17.77 -38.50
C THR M 423 -4.99 -18.18 -39.97
N ARG M 424 -4.16 -17.56 -40.80
CA ARG M 424 -4.11 -17.93 -42.21
C ARG M 424 -2.68 -17.97 -42.69
N ASP M 425 -2.47 -18.74 -43.76
CA ASP M 425 -1.16 -18.89 -44.36
C ASP M 425 -0.85 -17.72 -45.30
N SER M 431 -3.15 -16.20 -53.15
CA SER M 431 -3.32 -16.96 -54.39
C SER M 431 -4.80 -17.22 -54.63
N THR M 432 -5.12 -18.31 -55.36
CA THR M 432 -6.52 -18.63 -55.62
C THR M 432 -7.24 -19.07 -54.35
N THR M 433 -6.60 -19.87 -53.52
CA THR M 433 -7.20 -20.43 -52.32
C THR M 433 -6.51 -19.90 -51.07
N GLU M 434 -7.30 -19.38 -50.14
CA GLU M 434 -6.84 -18.85 -48.87
C GLU M 434 -7.14 -19.90 -47.80
N THR M 435 -6.09 -20.39 -47.13
CA THR M 435 -6.24 -21.44 -46.14
C THR M 435 -6.16 -20.87 -44.73
N PHE M 436 -7.15 -21.23 -43.91
CA PHE M 436 -7.28 -20.79 -42.52
C PHE M 436 -7.08 -21.97 -41.57
N ARG M 437 -6.44 -21.71 -40.43
CA ARG M 437 -6.16 -22.71 -39.43
C ARG M 437 -6.57 -22.19 -38.05
N PRO M 438 -6.86 -23.08 -37.10
CA PRO M 438 -7.24 -22.63 -35.74
C PRO M 438 -6.32 -21.63 -35.06
N GLY M 439 -5.00 -21.70 -35.24
CA GLY M 439 -4.12 -20.74 -34.59
C GLY M 439 -4.34 -20.70 -33.09
N GLY M 440 -4.44 -19.48 -32.54
CA GLY M 440 -4.67 -19.32 -31.12
C GLY M 440 -3.44 -19.54 -30.27
N GLY M 441 -3.70 -19.66 -28.96
CA GLY M 441 -2.67 -19.88 -27.98
C GLY M 441 -2.26 -18.66 -27.18
N ASP M 442 -2.52 -17.45 -27.69
CA ASP M 442 -2.20 -16.21 -26.97
C ASP M 442 -3.45 -15.80 -26.22
N MET M 443 -3.42 -15.95 -24.89
CA MET M 443 -4.60 -15.72 -24.06
C MET M 443 -5.15 -14.31 -24.12
N ARG M 444 -4.34 -13.32 -24.50
CA ARG M 444 -4.86 -11.96 -24.54
C ARG M 444 -6.00 -11.83 -25.54
N ASP M 445 -5.98 -12.66 -26.59
CA ASP M 445 -7.04 -12.56 -27.59
C ASP M 445 -8.36 -13.03 -27.03
N ASN M 446 -8.34 -13.90 -26.03
CA ASN M 446 -9.63 -14.35 -25.52
C ASN M 446 -10.26 -13.22 -24.74
N TRP M 447 -9.42 -12.45 -24.05
CA TRP M 447 -9.95 -11.34 -23.27
C TRP M 447 -10.53 -10.33 -24.24
N ARG M 448 -9.84 -10.13 -25.37
CA ARG M 448 -10.32 -9.18 -26.36
C ARG M 448 -11.69 -9.56 -26.87
N SER M 449 -12.00 -10.87 -26.95
CA SER M 449 -13.29 -11.29 -27.49
C SER M 449 -14.45 -10.77 -26.66
N GLU M 450 -14.20 -10.36 -25.42
CA GLU M 450 -15.22 -9.77 -24.57
C GLU M 450 -15.00 -8.29 -24.34
N LEU M 451 -13.75 -7.83 -24.32
CA LEU M 451 -13.42 -6.45 -24.03
C LEU M 451 -13.42 -5.55 -25.25
N TYR M 452 -13.65 -6.08 -26.44
CA TYR M 452 -13.63 -5.28 -27.66
C TYR M 452 -14.60 -4.10 -27.64
N LYS M 453 -15.67 -4.14 -26.84
CA LYS M 453 -16.65 -3.06 -26.84
C LYS M 453 -16.40 -1.99 -25.79
N TYR M 454 -15.35 -2.10 -24.97
CA TYR M 454 -15.10 -1.15 -23.90
C TYR M 454 -13.81 -0.36 -24.11
N LYS M 455 -13.87 0.92 -23.72
CA LYS M 455 -12.73 1.83 -23.69
C LYS M 455 -12.77 2.54 -22.36
N VAL M 456 -11.60 2.81 -21.76
CA VAL M 456 -11.54 3.54 -20.49
C VAL M 456 -10.94 4.92 -20.77
N VAL M 457 -11.61 5.96 -20.24
CA VAL M 457 -11.17 7.34 -20.45
C VAL M 457 -11.08 8.07 -19.11
N LYS M 458 -10.26 9.12 -19.11
CA LYS M 458 -10.08 10.03 -17.99
C LYS M 458 -10.96 11.24 -18.19
N ILE M 459 -11.56 11.72 -17.11
CA ILE M 459 -12.40 12.90 -17.11
C ILE M 459 -11.52 14.11 -16.84
N GLU M 460 -11.70 15.17 -17.63
CA GLU M 460 -10.95 16.42 -17.52
C GLU M 460 -11.97 17.52 -17.23
N PRO M 461 -12.39 17.67 -15.97
CA PRO M 461 -13.54 18.52 -15.65
C PRO M 461 -13.34 20.00 -15.84
N LEU M 462 -12.10 20.47 -16.01
CA LEU M 462 -11.84 21.88 -16.20
C LEU M 462 -11.86 22.24 -17.68
N GLY M 463 -12.37 23.43 -17.96
CA GLY M 463 -12.33 23.99 -19.30
C GLY M 463 -12.61 25.46 -19.20
N VAL M 464 -12.37 26.14 -20.30
CA VAL M 464 -12.54 27.58 -20.39
C VAL M 464 -13.37 27.87 -21.64
N ALA M 465 -14.11 28.98 -21.60
CA ALA M 465 -14.87 29.36 -22.78
C ALA M 465 -15.16 30.86 -22.73
N PRO M 466 -15.30 31.52 -23.88
CA PRO M 466 -15.65 32.95 -23.86
C PRO M 466 -17.08 33.16 -23.43
N THR M 467 -17.30 34.19 -22.63
CA THR M 467 -18.63 34.64 -22.25
C THR M 467 -18.60 36.16 -22.23
N ARG M 468 -19.74 36.76 -21.95
CA ARG M 468 -19.83 38.21 -21.80
C ARG M 468 -19.60 38.67 -20.36
N CYS M 469 -19.21 37.75 -19.48
CA CYS M 469 -19.11 38.05 -18.05
C CYS M 469 -17.73 38.56 -17.64
N LYS M 470 -17.69 39.77 -17.07
CA LYS M 470 -16.47 40.35 -16.56
C LYS M 470 -16.52 40.24 -15.04
N ARG M 471 -15.44 39.75 -14.43
CA ARG M 471 -15.42 39.70 -12.98
C ARG M 471 -15.50 41.10 -12.42
N ARG M 472 -16.33 41.28 -11.39
CA ARG M 472 -16.54 42.58 -10.73
C ARG M 472 -16.75 43.71 -11.73
N GLU N 1 -43.37 37.75 -38.24
CA GLU N 1 -42.74 36.44 -37.90
C GLU N 1 -43.20 35.93 -36.54
N VAL N 2 -43.45 36.86 -35.61
CA VAL N 2 -43.85 36.54 -34.25
C VAL N 2 -45.09 37.32 -33.88
N GLN N 3 -45.75 36.87 -32.81
CA GLN N 3 -46.91 37.53 -32.24
C GLN N 3 -46.72 37.70 -30.73
N LEU N 4 -47.07 38.88 -30.24
CA LEU N 4 -47.05 39.19 -28.82
C LEU N 4 -48.29 40.03 -28.53
N VAL N 5 -49.20 39.53 -27.70
CA VAL N 5 -50.48 40.21 -27.49
C VAL N 5 -50.73 40.48 -26.00
N GLU N 6 -50.94 41.77 -25.70
CA GLU N 6 -51.28 42.29 -24.37
C GLU N 6 -52.73 42.03 -24.00
N THR N 7 -52.96 41.65 -22.75
CA THR N 7 -54.27 41.51 -22.14
C THR N 7 -54.23 42.30 -20.85
N GLY N 8 -55.31 43.03 -20.56
CA GLY N 8 -55.37 43.77 -19.32
C GLY N 8 -56.68 44.55 -19.22
N GLY N 9 -56.85 45.19 -18.07
CA GLY N 9 -58.04 45.97 -17.79
C GLY N 9 -57.87 47.43 -18.17
N GLY N 10 -58.85 48.23 -17.74
CA GLY N 10 -58.88 49.65 -18.06
C GLY N 10 -58.72 50.60 -16.89
N LEU N 11 -59.82 51.24 -16.49
CA LEU N 11 -59.81 52.23 -15.43
C LEU N 11 -59.82 51.58 -14.05
N VAL N 12 -58.94 52.05 -13.17
CA VAL N 12 -58.88 51.63 -11.78
C VAL N 12 -58.89 52.87 -10.90
N GLN N 13 -59.15 52.66 -9.61
CA GLN N 13 -59.07 53.74 -8.65
C GLN N 13 -57.62 53.90 -8.15
N PRO N 14 -57.22 55.10 -7.72
CA PRO N 14 -55.92 55.24 -7.05
C PRO N 14 -55.83 54.35 -5.82
N GLY N 15 -54.67 53.74 -5.61
CA GLY N 15 -54.48 52.88 -4.46
C GLY N 15 -54.83 51.42 -4.68
N GLY N 16 -55.32 51.06 -5.86
CA GLY N 16 -55.72 49.71 -6.17
C GLY N 16 -54.61 48.91 -6.83
N SER N 17 -54.99 47.92 -7.62
CA SER N 17 -54.03 47.05 -8.27
C SER N 17 -54.63 46.50 -9.56
N LEU N 18 -53.75 46.06 -10.44
CA LEU N 18 -54.18 45.46 -11.71
C LEU N 18 -53.10 44.56 -12.28
N LYS N 19 -53.46 43.34 -12.66
CA LYS N 19 -52.53 42.42 -13.28
C LYS N 19 -52.72 42.42 -14.80
N LEU N 20 -51.61 42.61 -15.51
CA LEU N 20 -51.52 42.59 -16.96
C LEU N 20 -50.82 41.30 -17.38
N SER N 21 -51.15 40.81 -18.57
CA SER N 21 -50.52 39.58 -19.05
C SER N 21 -50.36 39.63 -20.56
N CYS N 22 -49.24 39.11 -21.05
CA CYS N 22 -48.95 39.01 -22.47
C CYS N 22 -48.69 37.57 -22.86
N ARG N 23 -49.24 37.17 -24.01
CA ARG N 23 -48.96 35.86 -24.59
C ARG N 23 -48.06 36.03 -25.81
N ALA N 24 -47.06 35.15 -25.91
CA ALA N 24 -46.09 35.13 -26.99
C ALA N 24 -46.30 33.90 -27.88
N SER N 25 -46.00 34.10 -29.17
CA SER N 25 -46.03 33.01 -30.14
C SER N 25 -45.06 33.32 -31.27
N GLY N 26 -44.52 32.26 -31.88
CA GLY N 26 -43.65 32.39 -33.04
C GLY N 26 -42.17 32.39 -32.75
N TYR N 27 -41.77 32.34 -31.49
CA TYR N 27 -40.37 32.32 -31.08
C TYR N 27 -40.30 31.54 -29.78
N THR N 28 -39.11 31.11 -29.39
CA THR N 28 -38.99 30.39 -28.13
C THR N 28 -39.02 31.44 -27.01
N PHE N 29 -40.07 31.38 -26.20
CA PHE N 29 -40.25 32.38 -25.14
C PHE N 29 -39.10 32.33 -24.14
N SER N 30 -38.75 31.12 -23.71
CA SER N 30 -37.71 30.90 -22.72
C SER N 30 -36.31 31.30 -23.16
N SER N 31 -36.10 31.62 -24.44
CA SER N 31 -34.78 32.02 -24.93
C SER N 31 -34.52 33.52 -24.89
N PHE N 32 -35.53 34.35 -24.61
CA PHE N 32 -35.38 35.80 -24.65
C PHE N 32 -35.83 36.45 -23.35
N ALA N 33 -35.13 37.52 -22.99
CA ALA N 33 -35.55 38.37 -21.90
C ALA N 33 -36.74 39.19 -22.34
N MET N 34 -37.59 39.59 -21.38
CA MET N 34 -38.78 40.37 -21.69
C MET N 34 -38.80 41.64 -20.85
N SER N 35 -39.38 42.69 -21.41
CA SER N 35 -39.51 43.97 -20.71
C SER N 35 -40.90 44.53 -20.89
N TRP N 36 -41.23 45.47 -19.99
CA TRP N 36 -42.41 46.30 -20.12
C TRP N 36 -41.95 47.73 -20.31
N VAL N 37 -42.57 48.40 -21.26
CA VAL N 37 -42.31 49.80 -21.62
C VAL N 37 -43.66 50.50 -21.65
N ARG N 38 -43.75 51.72 -21.11
CA ARG N 38 -45.04 52.41 -21.09
C ARG N 38 -44.92 53.79 -21.72
N GLN N 39 -46.05 54.22 -22.29
CA GLN N 39 -46.16 55.54 -22.92
C GLN N 39 -47.38 56.27 -22.37
N ALA N 40 -47.17 57.41 -21.71
CA ALA N 40 -48.30 58.17 -21.22
C ALA N 40 -49.07 58.69 -22.43
N PRO N 41 -50.40 58.90 -22.32
CA PRO N 41 -51.17 59.36 -23.49
C PRO N 41 -50.60 60.57 -24.22
N GLY N 42 -50.00 61.53 -23.53
CA GLY N 42 -49.44 62.71 -24.16
C GLY N 42 -47.93 62.83 -24.17
N LYS N 43 -47.20 61.79 -23.79
CA LYS N 43 -45.75 61.81 -23.65
C LYS N 43 -45.14 60.72 -24.50
N GLY N 44 -43.81 60.66 -24.48
CA GLY N 44 -43.09 59.60 -25.16
C GLY N 44 -43.09 58.37 -24.28
N LEU N 45 -42.45 57.32 -24.76
CA LEU N 45 -42.42 56.05 -24.05
C LEU N 45 -41.17 55.94 -23.18
N GLU N 46 -41.30 55.18 -22.08
CA GLU N 46 -40.21 54.96 -21.14
C GLU N 46 -40.22 53.51 -20.65
N TRP N 47 -39.04 53.05 -20.23
CA TRP N 47 -38.89 51.69 -19.71
C TRP N 47 -39.51 51.58 -18.32
N VAL N 48 -40.20 50.46 -18.09
CA VAL N 48 -40.84 50.17 -16.81
C VAL N 48 -40.16 49.03 -16.08
N SER N 49 -39.92 47.91 -16.77
CA SER N 49 -39.35 46.76 -16.07
C SER N 49 -38.67 45.82 -17.04
N LEU N 50 -37.79 44.97 -16.49
CA LEU N 50 -37.05 43.97 -17.24
C LEU N 50 -36.97 42.67 -16.45
N ILE N 51 -37.23 41.55 -17.12
CA ILE N 51 -37.10 40.22 -16.55
C ILE N 51 -36.19 39.41 -17.47
N ASN N 52 -35.37 38.55 -16.87
CA ASN N 52 -34.43 37.72 -17.62
C ASN N 52 -35.19 36.60 -18.32
N ASP N 53 -34.46 35.77 -19.07
CA ASP N 53 -35.13 34.71 -19.82
C ASP N 53 -35.61 33.60 -18.88
N ARG N 54 -34.80 33.25 -17.89
CA ARG N 54 -35.21 32.25 -16.92
C ARG N 54 -36.28 32.78 -15.97
N GLY N 55 -36.22 34.07 -15.65
CA GLY N 55 -37.17 34.71 -14.76
C GLY N 55 -36.67 34.94 -13.36
N GLY N 56 -35.50 34.40 -13.00
CA GLY N 56 -34.97 34.58 -11.67
C GLY N 56 -34.62 36.01 -11.31
N LEU N 57 -34.15 36.80 -12.29
CA LEU N 57 -33.74 38.17 -12.07
C LEU N 57 -34.77 39.15 -12.62
N THR N 58 -35.09 40.17 -11.83
CA THR N 58 -36.00 41.23 -12.23
C THR N 58 -35.37 42.57 -11.91
N PHE N 59 -35.69 43.57 -12.73
CA PHE N 59 -35.23 44.93 -12.55
C PHE N 59 -36.42 45.85 -12.81
N TYR N 60 -36.44 46.99 -12.11
CA TYR N 60 -37.54 47.94 -12.27
C TYR N 60 -36.99 49.36 -12.37
N VAL N 61 -37.78 50.22 -13.01
CA VAL N 61 -37.49 51.65 -12.98
C VAL N 61 -37.87 52.16 -11.59
N ASP N 62 -37.07 53.09 -11.06
CA ASP N 62 -37.27 53.60 -9.70
C ASP N 62 -38.70 54.06 -9.42
N SER N 63 -39.37 54.67 -10.40
CA SER N 63 -40.69 55.23 -10.13
C SER N 63 -41.73 54.16 -9.78
N VAL N 64 -41.47 52.89 -10.06
CA VAL N 64 -42.38 51.79 -9.77
C VAL N 64 -41.74 50.70 -8.93
N LYS N 65 -40.49 50.89 -8.48
CA LYS N 65 -39.69 49.80 -7.91
C LYS N 65 -40.37 49.17 -6.70
N GLY N 66 -41.07 49.95 -5.89
CA GLY N 66 -41.68 49.39 -4.71
C GLY N 66 -43.08 48.83 -4.86
N ARG N 67 -43.69 48.90 -6.06
CA ARG N 67 -45.05 48.43 -6.25
C ARG N 67 -45.19 47.30 -7.28
N PHE N 68 -44.46 47.35 -8.38
CA PHE N 68 -44.69 46.43 -9.48
C PHE N 68 -43.93 45.13 -9.29
N THR N 69 -44.57 44.03 -9.70
CA THR N 69 -43.94 42.71 -9.71
C THR N 69 -43.99 42.17 -11.13
N ILE N 70 -42.85 41.75 -11.67
CA ILE N 70 -42.77 41.18 -13.01
C ILE N 70 -42.47 39.69 -12.86
N SER N 71 -43.21 38.87 -13.60
CA SER N 71 -43.06 37.43 -13.51
C SER N 71 -43.33 36.83 -14.89
N ARG N 72 -42.68 35.71 -15.19
CA ARG N 72 -42.89 35.04 -16.46
C ARG N 72 -43.07 33.55 -16.21
N ASP N 73 -43.76 32.89 -17.13
CA ASP N 73 -43.99 31.46 -17.08
C ASP N 73 -43.60 30.87 -18.44
N ASN N 74 -42.49 30.15 -18.45
CA ASN N 74 -41.91 29.61 -19.67
C ASN N 74 -42.61 28.35 -20.14
N SER N 75 -43.53 27.79 -19.35
CA SER N 75 -44.29 26.62 -19.75
C SER N 75 -45.57 27.06 -20.44
N LYS N 76 -46.09 28.21 -20.05
CA LYS N 76 -47.29 28.80 -20.61
C LYS N 76 -46.94 29.76 -21.74
N ASN N 77 -45.68 30.20 -21.82
CA ASN N 77 -45.23 31.20 -22.77
C ASN N 77 -45.95 32.52 -22.50
N THR N 78 -46.07 32.89 -21.22
CA THR N 78 -46.70 34.16 -20.86
C THR N 78 -45.83 34.99 -19.93
N LEU N 79 -46.04 36.30 -20.01
CA LEU N 79 -45.42 37.30 -19.15
C LEU N 79 -46.50 38.01 -18.37
N SER N 80 -46.34 38.18 -17.07
CA SER N 80 -47.31 38.87 -16.24
C SER N 80 -46.64 40.04 -15.52
N LEU N 81 -47.42 41.09 -15.29
CA LEU N 81 -47.02 42.24 -14.49
C LEU N 81 -48.14 42.58 -13.53
N GLN N 82 -47.85 42.53 -12.24
CA GLN N 82 -48.83 42.86 -11.22
C GLN N 82 -48.48 44.24 -10.69
N MET N 83 -49.37 45.21 -10.92
CA MET N 83 -49.14 46.58 -10.51
C MET N 83 -50.03 46.97 -9.33
N HIS N 84 -49.42 47.65 -8.35
CA HIS N 84 -50.15 48.17 -7.20
C HIS N 84 -49.99 49.67 -6.98
N SER N 85 -51.00 50.29 -6.37
CA SER N 85 -50.95 51.75 -6.08
C SER N 85 -50.81 52.53 -7.40
N LEU N 86 -51.63 52.13 -8.39
CA LEU N 86 -51.68 52.86 -9.68
C LEU N 86 -51.94 54.32 -9.34
N ARG N 87 -51.05 55.20 -9.78
CA ARG N 87 -51.12 56.60 -9.42
C ARG N 87 -51.51 57.23 -10.75
N ASP N 88 -51.85 58.52 -10.70
CA ASP N 88 -52.22 59.21 -11.94
C ASP N 88 -51.00 59.33 -12.85
N GLY N 89 -49.81 59.38 -12.26
CA GLY N 89 -48.59 59.43 -13.05
C GLY N 89 -48.27 58.11 -13.73
N ASP N 90 -48.98 57.03 -13.37
CA ASP N 90 -48.80 55.71 -13.94
C ASP N 90 -49.79 55.40 -15.06
N THR N 91 -50.62 56.36 -15.47
CA THR N 91 -51.57 56.09 -16.54
C THR N 91 -50.80 56.08 -17.85
N ALA N 92 -50.97 55.01 -18.63
CA ALA N 92 -50.18 54.85 -19.83
C ALA N 92 -50.66 53.62 -20.59
N VAL N 93 -50.19 53.50 -21.83
CA VAL N 93 -50.31 52.24 -22.55
C VAL N 93 -49.02 51.47 -22.30
N TYR N 94 -49.17 50.23 -21.82
CA TYR N 94 -48.09 49.34 -21.44
C TYR N 94 -47.85 48.28 -22.50
N TYR N 95 -46.65 48.29 -23.09
CA TYR N 95 -46.29 47.37 -24.15
C TYR N 95 -45.36 46.31 -23.57
N CYS N 96 -45.55 45.07 -24.01
CA CYS N 96 -44.58 44.00 -23.77
C CYS N 96 -43.59 44.01 -24.91
N ALA N 97 -42.32 43.76 -24.60
CA ALA N 97 -41.35 43.63 -25.67
C ALA N 97 -40.31 42.57 -25.38
N THR N 98 -39.89 41.90 -26.45
CA THR N 98 -38.88 40.86 -26.40
C THR N 98 -37.55 41.53 -26.69
N GLY N 99 -36.60 41.36 -25.77
CA GLY N 99 -35.27 41.93 -25.82
C GLY N 99 -34.95 42.63 -24.53
N GLY N 100 -33.88 43.42 -24.56
CA GLY N 100 -33.40 44.15 -23.40
C GLY N 100 -32.33 43.48 -22.58
N MET N 101 -32.06 42.19 -22.78
CA MET N 101 -31.04 41.52 -21.97
C MET N 101 -30.74 40.17 -22.62
N SER N 102 -29.59 39.60 -22.26
CA SER N 102 -29.23 38.27 -22.68
C SER N 102 -28.51 37.56 -21.54
N SER N 103 -28.70 36.23 -21.45
CA SER N 103 -28.19 35.44 -20.34
C SER N 103 -26.74 35.01 -20.51
N ALA N 104 -25.86 36.00 -20.62
CA ALA N 104 -24.40 35.78 -20.58
C ALA N 104 -23.77 34.96 -21.71
N LEU N 105 -24.44 33.89 -22.17
CA LEU N 105 -23.90 33.01 -23.20
C LEU N 105 -24.42 33.33 -24.59
N GLN N 106 -25.25 34.36 -24.72
CA GLN N 106 -25.87 34.79 -25.96
C GLN N 106 -25.31 36.16 -26.32
N SER N 107 -25.38 36.50 -27.60
CA SER N 107 -24.92 37.81 -28.03
C SER N 107 -25.73 38.89 -27.31
N SER N 108 -25.07 40.01 -27.04
CA SER N 108 -25.73 41.08 -26.32
C SER N 108 -26.85 41.70 -27.14
N LYS N 109 -27.79 42.32 -26.43
CA LYS N 109 -28.88 43.06 -27.06
C LYS N 109 -28.95 44.50 -26.58
N TYR N 110 -29.52 44.70 -25.40
CA TYR N 110 -29.76 46.04 -24.87
C TYR N 110 -30.66 46.83 -25.80
N TYR N 111 -31.61 46.13 -26.42
CA TYR N 111 -32.60 46.74 -27.29
C TYR N 111 -33.85 45.88 -27.19
N PHE N 112 -34.97 46.41 -27.66
CA PHE N 112 -36.25 45.70 -27.60
C PHE N 112 -36.54 45.24 -29.03
N ASP N 113 -36.39 43.93 -29.24
CA ASP N 113 -36.43 43.35 -30.58
C ASP N 113 -37.84 43.24 -31.15
N PHE N 114 -38.81 42.79 -30.35
CA PHE N 114 -40.19 42.61 -30.83
C PHE N 114 -41.14 43.30 -29.88
N TRP N 115 -42.22 43.89 -30.43
CA TRP N 115 -43.21 44.61 -29.65
C TRP N 115 -44.63 44.12 -29.89
N GLY N 116 -45.45 44.20 -28.84
CA GLY N 116 -46.87 43.96 -28.92
C GLY N 116 -47.54 45.27 -29.27
N GLN N 117 -48.87 45.33 -29.08
CA GLN N 117 -49.60 46.54 -29.45
C GLN N 117 -49.97 47.44 -28.27
N GLY N 118 -50.01 46.90 -27.06
CA GLY N 118 -50.18 47.68 -25.84
C GLY N 118 -51.55 47.64 -25.17
N ALA N 119 -51.53 47.46 -23.84
CA ALA N 119 -52.73 47.51 -23.02
C ALA N 119 -52.84 48.92 -22.46
N LEU N 120 -54.02 49.53 -22.47
CA LEU N 120 -54.18 50.88 -21.96
C LEU N 120 -54.72 50.86 -20.55
N VAL N 121 -53.92 51.35 -19.59
CA VAL N 121 -54.27 51.36 -18.17
C VAL N 121 -54.42 52.81 -17.75
N THR N 122 -55.58 53.14 -17.17
CA THR N 122 -55.92 54.48 -16.74
C THR N 122 -56.28 54.47 -15.26
N VAL N 123 -56.32 55.66 -14.67
CA VAL N 123 -56.60 55.84 -13.24
C VAL N 123 -57.57 57.00 -13.10
N ALA O 1 -33.77 61.75 -18.87
CA ALA O 1 -34.19 61.57 -20.24
C ALA O 1 -33.10 62.03 -21.21
N LEU O 2 -33.21 61.61 -22.47
CA LEU O 2 -32.31 62.03 -23.53
C LEU O 2 -32.95 63.18 -24.28
N THR O 3 -32.12 64.04 -24.87
CA THR O 3 -32.58 65.21 -25.61
C THR O 3 -32.66 64.91 -27.10
N GLN O 4 -33.82 65.19 -27.68
CA GLN O 4 -34.12 65.05 -29.10
C GLN O 4 -34.84 66.32 -29.56
N PRO O 5 -34.73 66.70 -30.83
CA PRO O 5 -35.54 67.83 -31.30
C PRO O 5 -37.01 67.47 -31.26
N PRO O 6 -37.90 68.38 -30.81
CA PRO O 6 -39.34 68.04 -30.86
C PRO O 6 -39.88 67.83 -32.26
N SER O 7 -39.26 68.38 -33.30
CA SER O 7 -39.79 68.23 -34.64
C SER O 7 -38.69 68.39 -35.67
N VAL O 8 -38.70 67.52 -36.67
CA VAL O 8 -37.75 67.54 -37.77
C VAL O 8 -38.58 67.36 -39.05
N SER O 9 -38.14 67.99 -40.13
CA SER O 9 -38.85 67.90 -41.39
C SER O 9 -37.89 68.04 -42.56
N GLY O 10 -38.40 67.77 -43.75
CA GLY O 10 -37.63 67.92 -44.97
C GLY O 10 -38.45 67.48 -46.16
N SER O 11 -37.92 67.77 -47.35
CA SER O 11 -38.59 67.41 -48.59
C SER O 11 -38.42 65.91 -48.88
N PRO O 12 -39.36 65.30 -49.61
CA PRO O 12 -39.15 63.90 -50.04
C PRO O 12 -37.85 63.75 -50.82
N GLY O 13 -37.11 62.70 -50.49
CA GLY O 13 -35.84 62.40 -51.11
C GLY O 13 -34.66 63.00 -50.39
N GLN O 14 -34.91 63.88 -49.42
CA GLN O 14 -33.88 64.55 -48.65
C GLN O 14 -33.32 63.61 -47.59
N SER O 15 -32.05 63.82 -47.24
CA SER O 15 -31.43 63.12 -46.13
C SER O 15 -31.75 63.92 -44.87
N VAL O 16 -32.44 63.29 -43.92
CA VAL O 16 -32.91 63.92 -42.70
C VAL O 16 -32.23 63.25 -41.51
N THR O 17 -31.64 64.05 -40.62
CA THR O 17 -30.96 63.53 -39.46
C THR O 17 -31.71 63.92 -38.18
N ILE O 18 -31.81 62.96 -37.27
CA ILE O 18 -32.42 63.16 -35.96
C ILE O 18 -31.33 62.94 -34.91
N SER O 19 -31.06 63.98 -34.11
CA SER O 19 -30.04 63.91 -33.07
C SER O 19 -30.63 63.38 -31.77
N CYS O 20 -29.79 62.68 -31.01
CA CYS O 20 -30.10 62.20 -29.66
C CYS O 20 -28.91 62.54 -28.78
N THR O 21 -29.10 63.46 -27.84
CA THR O 21 -28.00 63.93 -26.99
C THR O 21 -28.24 63.48 -25.55
N GLY O 22 -27.23 62.85 -24.97
CA GLY O 22 -27.25 62.38 -23.59
C GLY O 22 -25.99 62.83 -22.88
N THR O 23 -25.71 62.25 -21.73
CA THR O 23 -24.50 62.57 -20.96
C THR O 23 -23.43 61.50 -21.20
N SER O 24 -22.29 61.69 -20.54
CA SER O 24 -21.16 60.78 -20.72
C SER O 24 -21.46 59.37 -20.24
N SER O 25 -22.36 59.22 -19.27
CA SER O 25 -22.72 57.91 -18.73
C SER O 25 -23.79 57.19 -19.54
N ASP O 26 -24.37 57.81 -20.56
CA ASP O 26 -25.46 57.22 -21.34
C ASP O 26 -24.99 56.89 -22.74
N ILE O 27 -24.63 57.89 -23.54
CA ILE O 27 -24.28 57.65 -24.95
C ILE O 27 -22.79 57.40 -25.08
N GLY O 28 -21.99 58.18 -24.37
CA GLY O 28 -20.53 58.09 -24.40
C GLY O 28 -19.92 56.76 -24.00
N SER O 29 -20.21 56.38 -22.75
CA SER O 29 -19.66 55.14 -22.20
C SER O 29 -20.22 53.88 -22.84
N TYR O 30 -21.50 53.85 -23.18
CA TYR O 30 -22.14 52.66 -23.73
C TYR O 30 -22.56 52.86 -25.17
N ASN O 31 -22.04 52.02 -26.06
CA ASN O 31 -22.37 52.06 -27.48
C ASN O 31 -23.56 51.16 -27.78
N TYR O 32 -24.66 51.36 -27.05
CA TYR O 32 -25.90 50.60 -27.23
C TYR O 32 -27.05 51.61 -27.33
N VAL O 33 -27.10 52.34 -28.44
CA VAL O 33 -28.11 53.37 -28.64
C VAL O 33 -28.94 52.93 -29.84
N SER O 34 -30.18 52.53 -29.57
CA SER O 34 -31.11 52.02 -30.56
C SER O 34 -32.09 53.13 -30.96
N TRP O 35 -32.75 52.93 -32.10
CA TRP O 35 -33.78 53.85 -32.58
C TRP O 35 -35.05 53.08 -32.93
N TYR O 36 -36.20 53.67 -32.58
CA TYR O 36 -37.52 53.12 -32.83
C TYR O 36 -38.39 54.08 -33.62
N GLN O 37 -39.22 53.51 -34.49
CA GLN O 37 -40.15 54.24 -35.35
C GLN O 37 -41.57 53.91 -34.92
N GLN O 38 -42.29 54.89 -34.39
CA GLN O 38 -43.65 54.72 -33.87
C GLN O 38 -44.65 55.48 -34.73
N HIS O 39 -45.58 54.74 -35.38
CA HIS O 39 -46.63 55.39 -36.15
C HIS O 39 -47.78 55.72 -35.20
N PRO O 40 -48.51 56.83 -35.41
CA PRO O 40 -49.60 57.16 -34.49
C PRO O 40 -50.59 56.02 -34.33
N GLY O 41 -50.93 55.71 -33.08
CA GLY O 41 -51.89 54.67 -32.78
C GLY O 41 -51.31 53.28 -32.73
N LYS O 42 -50.02 53.11 -33.05
CA LYS O 42 -49.35 51.82 -33.11
C LYS O 42 -48.17 51.78 -32.16
N ALA O 43 -47.77 50.56 -31.83
CA ALA O 43 -46.56 50.32 -31.04
C ALA O 43 -45.32 50.66 -31.87
N PRO O 44 -44.23 51.06 -31.22
CA PRO O 44 -42.99 51.32 -31.97
C PRO O 44 -42.40 50.07 -32.57
N LYS O 45 -41.77 50.24 -33.73
CA LYS O 45 -41.01 49.21 -34.41
C LYS O 45 -39.53 49.54 -34.26
N LEU O 46 -38.71 48.51 -34.13
CA LEU O 46 -37.27 48.72 -34.04
C LEU O 46 -36.68 48.99 -35.42
N MET O 47 -35.98 50.12 -35.54
CA MET O 47 -35.31 50.49 -36.78
C MET O 47 -33.82 50.22 -36.69
N ILE O 48 -33.18 50.69 -35.62
CA ILE O 48 -31.74 50.56 -35.44
C ILE O 48 -31.48 49.92 -34.09
N TYR O 49 -30.56 48.95 -34.05
CA TYR O 49 -30.11 48.37 -32.80
C TYR O 49 -28.61 48.51 -32.84
N ASP O 50 -27.98 48.57 -31.66
CA ASP O 50 -26.55 48.87 -31.57
C ASP O 50 -26.34 50.25 -32.21
N VAL O 51 -25.10 50.72 -32.32
CA VAL O 51 -24.94 52.05 -32.90
C VAL O 51 -25.26 52.03 -34.39
N THR O 52 -24.76 51.04 -35.14
CA THR O 52 -24.85 51.01 -36.59
C THR O 52 -25.66 49.88 -37.21
N GLN O 53 -26.34 49.01 -36.44
CA GLN O 53 -26.96 47.84 -37.04
C GLN O 53 -28.44 48.03 -37.31
N ARG O 54 -28.94 47.29 -38.31
CA ARG O 54 -30.33 47.27 -38.72
C ARG O 54 -30.95 45.88 -38.56
N PRO O 55 -32.11 45.72 -37.92
CA PRO O 55 -32.75 44.40 -37.90
C PRO O 55 -33.11 44.00 -39.31
N SER O 56 -33.14 42.68 -39.57
CA SER O 56 -33.55 42.22 -40.89
C SER O 56 -34.97 42.71 -41.16
N GLY O 57 -35.22 43.14 -42.39
CA GLY O 57 -36.52 43.66 -42.78
C GLY O 57 -36.57 45.17 -42.83
N VAL O 58 -35.57 45.83 -42.25
CA VAL O 58 -35.45 47.29 -42.26
C VAL O 58 -34.49 47.67 -43.36
N SER O 59 -34.92 48.60 -44.22
CA SER O 59 -34.14 49.00 -45.38
C SER O 59 -32.94 49.84 -44.96
N ASP O 60 -32.01 50.00 -45.90
CA ASP O 60 -30.75 50.70 -45.69
C ASP O 60 -30.91 52.22 -45.66
N ARG O 61 -32.14 52.73 -45.79
CA ARG O 61 -32.36 54.17 -45.67
C ARG O 61 -32.04 54.66 -44.26
N PHE O 62 -32.17 53.79 -43.25
CA PHE O 62 -31.98 54.15 -41.85
C PHE O 62 -30.55 53.81 -41.45
N SER O 63 -29.70 54.83 -41.27
CA SER O 63 -28.29 54.67 -40.98
C SER O 63 -27.94 55.36 -39.66
N GLY O 64 -27.52 54.58 -38.67
CA GLY O 64 -27.18 55.12 -37.37
C GLY O 64 -25.71 55.51 -37.28
N SER O 65 -25.42 56.42 -36.36
CA SER O 65 -24.04 56.80 -36.08
C SER O 65 -23.97 57.37 -34.68
N LYS O 66 -22.75 57.49 -34.17
CA LYS O 66 -22.52 58.08 -32.86
C LYS O 66 -21.19 58.83 -32.89
N SER O 67 -21.17 60.01 -32.26
CA SER O 67 -19.96 60.81 -32.12
C SER O 67 -19.99 61.45 -30.75
N GLY O 68 -18.94 61.24 -29.96
CA GLY O 68 -18.91 61.79 -28.62
C GLY O 68 -20.07 61.23 -27.83
N ASN O 69 -20.88 62.13 -27.29
CA ASN O 69 -22.04 61.77 -26.49
C ASN O 69 -23.34 62.00 -27.26
N THR O 70 -23.27 62.18 -28.58
CA THR O 70 -24.45 62.42 -29.41
C THR O 70 -24.59 61.33 -30.46
N ALA O 71 -25.77 60.72 -30.50
CA ALA O 71 -26.13 59.69 -31.46
C ALA O 71 -26.98 60.35 -32.54
N SER O 72 -26.99 59.75 -33.73
CA SER O 72 -27.77 60.33 -34.81
C SER O 72 -28.32 59.23 -35.71
N LEU O 73 -29.55 59.45 -36.17
CA LEU O 73 -30.21 58.60 -37.16
C LEU O 73 -30.40 59.39 -38.44
N THR O 74 -29.83 58.90 -39.54
CA THR O 74 -29.97 59.54 -40.83
C THR O 74 -30.94 58.70 -41.66
N ILE O 75 -31.97 59.35 -42.18
CA ILE O 75 -32.95 58.72 -43.05
C ILE O 75 -32.77 59.30 -44.44
N SER O 76 -32.21 58.52 -45.34
CA SER O 76 -32.00 58.98 -46.71
C SER O 76 -33.27 58.67 -47.49
N GLY O 77 -33.46 59.34 -48.62
CA GLY O 77 -34.59 58.96 -49.46
C GLY O 77 -35.94 59.20 -48.81
N LEU O 78 -36.09 60.29 -48.06
CA LEU O 78 -37.31 60.56 -47.31
C LEU O 78 -38.56 60.40 -48.16
N GLN O 79 -39.54 59.67 -47.61
CA GLN O 79 -40.82 59.44 -48.26
C GLN O 79 -41.92 59.60 -47.22
N ALA O 80 -43.13 59.92 -47.71
CA ALA O 80 -44.28 60.07 -46.82
C ALA O 80 -44.56 58.81 -46.03
N ASP O 81 -44.29 57.64 -46.62
CA ASP O 81 -44.57 56.37 -45.96
C ASP O 81 -43.73 56.18 -44.70
N ASP O 82 -42.61 56.89 -44.57
CA ASP O 82 -41.73 56.76 -43.41
C ASP O 82 -41.91 57.86 -42.39
N GLU O 83 -42.96 58.68 -42.50
CA GLU O 83 -43.18 59.71 -41.48
C GLU O 83 -43.76 59.06 -40.23
N ALA O 84 -43.12 59.32 -39.09
CA ALA O 84 -43.47 58.68 -37.84
C ALA O 84 -42.79 59.46 -36.72
N ASP O 85 -43.17 59.14 -35.48
CA ASP O 85 -42.47 59.67 -34.31
C ASP O 85 -41.27 58.77 -34.02
N TYR O 86 -40.08 59.34 -34.04
CA TYR O 86 -38.84 58.59 -33.81
C TYR O 86 -38.32 58.80 -32.40
N TYR O 87 -37.83 57.71 -31.79
CA TYR O 87 -37.28 57.74 -30.44
C TYR O 87 -35.90 57.11 -30.43
N CYS O 88 -35.03 57.62 -29.57
CA CYS O 88 -33.75 57.00 -29.27
C CYS O 88 -33.85 56.34 -27.90
N SER O 89 -33.10 55.26 -27.71
CA SER O 89 -33.05 54.55 -26.44
C SER O 89 -31.62 54.15 -26.14
N ALA O 90 -31.11 54.56 -24.98
CA ALA O 90 -29.74 54.26 -24.61
C ALA O 90 -29.70 53.42 -23.35
N TYR O 91 -28.72 52.52 -23.31
CA TYR O 91 -28.43 51.73 -22.11
C TYR O 91 -27.65 52.62 -21.15
N ALA O 92 -28.16 52.78 -19.92
CA ALA O 92 -27.53 53.66 -18.95
C ALA O 92 -26.60 52.97 -17.98
N GLY O 93 -26.74 51.67 -17.75
CA GLY O 93 -25.92 50.97 -16.79
C GLY O 93 -26.72 49.90 -16.07
N ARG O 94 -26.15 49.42 -14.96
CA ARG O 94 -26.78 48.36 -14.18
C ARG O 94 -27.78 48.92 -13.17
N GLN O 95 -27.56 50.13 -12.68
CA GLN O 95 -28.47 50.72 -11.70
C GLN O 95 -29.69 51.29 -12.40
N THR O 96 -29.48 51.89 -13.57
CA THR O 96 -30.51 52.43 -14.42
C THR O 96 -30.29 51.72 -15.74
N PHE O 97 -31.32 51.04 -16.25
CA PHE O 97 -31.15 50.25 -17.45
C PHE O 97 -31.32 51.03 -18.75
N TYR O 98 -32.49 51.62 -19.00
CA TYR O 98 -32.70 52.31 -20.26
C TYR O 98 -33.24 53.72 -20.02
N ILE O 99 -32.77 54.64 -20.87
CA ILE O 99 -33.25 56.02 -20.88
C ILE O 99 -33.75 56.28 -22.29
N PHE O 100 -34.98 56.78 -22.40
CA PHE O 100 -35.55 57.14 -23.69
C PHE O 100 -35.60 58.66 -23.81
N GLY O 101 -35.47 59.13 -25.05
CA GLY O 101 -35.63 60.54 -25.35
C GLY O 101 -37.06 60.88 -25.68
N GLY O 102 -37.30 62.15 -25.97
CA GLY O 102 -38.62 62.57 -26.38
C GLY O 102 -38.83 62.18 -27.82
N GLY O 103 -40.07 62.10 -28.28
CA GLY O 103 -40.28 61.75 -29.66
C GLY O 103 -40.02 62.93 -30.60
N THR O 104 -39.46 62.60 -31.76
CA THR O 104 -39.26 63.56 -32.84
C THR O 104 -40.32 63.28 -33.89
N ARG O 105 -41.13 64.30 -34.20
CA ARG O 105 -42.21 64.13 -35.17
C ARG O 105 -41.68 64.46 -36.55
N LEU O 106 -41.77 63.50 -37.47
CA LEU O 106 -41.31 63.66 -38.84
C LEU O 106 -42.46 63.38 -39.81
N GLY P 10 -27.73 12.23 -15.60
CA GLY P 10 -26.84 11.10 -15.76
C GLY P 10 -25.40 11.54 -15.98
N PHE P 11 -24.45 10.75 -15.47
CA PHE P 11 -23.05 11.10 -15.59
C PHE P 11 -22.59 11.11 -17.04
N LEU P 12 -22.11 12.26 -17.49
CA LEU P 12 -21.71 12.53 -18.87
C LEU P 12 -22.87 12.47 -19.85
N GLY P 13 -24.11 12.49 -19.37
CA GLY P 13 -25.25 12.42 -20.27
C GLY P 13 -25.28 13.59 -21.24
N ALA P 14 -24.76 14.73 -20.82
CA ALA P 14 -24.72 15.94 -21.63
C ALA P 14 -23.47 16.01 -22.50
N ALA P 15 -22.62 14.98 -22.50
CA ALA P 15 -21.37 15.02 -23.24
C ALA P 15 -21.60 15.31 -24.72
N GLY P 16 -22.69 14.80 -25.29
CA GLY P 16 -22.99 15.04 -26.68
C GLY P 16 -23.90 16.24 -26.90
N SER P 17 -24.25 16.94 -25.83
CA SER P 17 -25.15 18.07 -25.85
C SER P 17 -24.31 19.32 -26.07
N THR P 18 -24.95 20.38 -26.53
CA THR P 18 -24.20 21.59 -26.82
C THR P 18 -23.70 22.21 -25.52
N MET P 19 -22.72 23.10 -25.65
CA MET P 19 -22.07 23.69 -24.48
C MET P 19 -23.06 24.40 -23.58
N GLY P 20 -24.02 25.13 -24.16
CA GLY P 20 -24.99 25.85 -23.37
C GLY P 20 -25.80 24.92 -22.49
N ALA P 21 -26.48 23.96 -23.10
CA ALA P 21 -27.27 23.00 -22.33
C ALA P 21 -26.41 22.16 -21.41
N ALA P 22 -25.20 21.80 -21.87
CA ALA P 22 -24.31 20.98 -21.05
C ALA P 22 -23.84 21.69 -19.79
N SER P 23 -23.75 23.02 -19.82
CA SER P 23 -23.28 23.75 -18.65
C SER P 23 -24.26 23.69 -17.48
N MET P 24 -25.49 23.23 -17.70
CA MET P 24 -26.49 23.16 -16.64
C MET P 24 -26.38 21.93 -15.75
N THR P 25 -25.50 20.98 -16.08
CA THR P 25 -25.37 19.72 -15.33
C THR P 25 -24.00 19.54 -14.70
N LEU P 26 -23.27 20.63 -14.45
CA LEU P 26 -21.89 20.52 -13.97
C LEU P 26 -21.78 19.78 -12.64
N THR P 27 -22.80 19.86 -11.78
CA THR P 27 -22.71 19.20 -10.49
C THR P 27 -22.73 17.68 -10.61
N VAL P 28 -23.25 17.15 -11.71
CA VAL P 28 -23.31 15.70 -11.85
C VAL P 28 -21.90 15.15 -12.01
N GLN P 29 -21.12 15.81 -12.86
CA GLN P 29 -19.76 15.35 -13.07
C GLN P 29 -18.92 15.70 -11.86
N ALA P 30 -19.15 16.87 -11.25
CA ALA P 30 -18.34 17.25 -10.10
C ALA P 30 -18.48 16.22 -9.00
N ARG P 31 -19.71 15.73 -8.76
CA ARG P 31 -19.91 14.73 -7.72
C ARG P 31 -19.29 13.39 -8.12
N ASN P 32 -19.40 13.02 -9.39
CA ASN P 32 -18.87 11.74 -9.85
C ASN P 32 -17.34 11.68 -9.89
N LEU P 33 -16.66 12.82 -10.02
CA LEU P 33 -15.20 12.80 -10.07
C LEU P 33 -14.58 12.23 -8.81
N LEU P 34 -15.17 12.50 -7.65
CA LEU P 34 -14.60 12.05 -6.39
C LEU P 34 -15.21 10.76 -5.88
N SER P 35 -16.52 10.58 -6.07
CA SER P 35 -17.24 9.39 -5.58
C SER P 35 -16.59 8.08 -6.00
N GLY P 61 -5.66 -4.36 -3.10
CA GLY P 61 -4.26 -4.49 -3.47
C GLY P 61 -3.56 -3.14 -3.56
N ILE P 62 -2.23 -3.18 -3.70
CA ILE P 62 -1.46 -1.94 -3.75
C ILE P 62 -1.80 -1.13 -4.99
N LYS P 63 -2.11 -1.80 -6.11
CA LYS P 63 -2.41 -1.08 -7.34
C LYS P 63 -3.72 -0.30 -7.22
N GLN P 64 -4.74 -0.87 -6.56
CA GLN P 64 -5.98 -0.14 -6.42
C GLN P 64 -5.80 1.03 -5.48
N LEU P 65 -4.98 0.86 -4.44
CA LEU P 65 -4.78 1.96 -3.52
C LEU P 65 -4.04 3.08 -4.23
N GLN P 66 -3.10 2.72 -5.10
CA GLN P 66 -2.39 3.73 -5.88
C GLN P 66 -3.38 4.46 -6.78
N ALA P 67 -4.32 3.72 -7.37
CA ALA P 67 -5.33 4.35 -8.23
C ALA P 67 -6.18 5.33 -7.45
N ARG P 68 -6.51 5.00 -6.21
CA ARG P 68 -7.34 5.89 -5.41
C ARG P 68 -6.55 7.14 -5.01
N VAL P 69 -5.28 6.96 -4.66
CA VAL P 69 -4.46 8.10 -4.30
C VAL P 69 -4.27 9.01 -5.51
N LEU P 70 -4.06 8.43 -6.69
CA LEU P 70 -3.89 9.24 -7.88
C LEU P 70 -5.16 10.01 -8.20
N ALA P 71 -6.32 9.36 -8.05
CA ALA P 71 -7.58 10.07 -8.29
C ALA P 71 -7.73 11.25 -7.35
N VAL P 72 -7.33 11.07 -6.09
CA VAL P 72 -7.38 12.16 -5.12
C VAL P 72 -6.41 13.26 -5.51
N GLU P 73 -5.19 12.91 -5.92
CA GLU P 73 -4.21 13.91 -6.31
C GLU P 73 -4.71 14.71 -7.51
N HIS P 74 -5.34 14.05 -8.48
CA HIS P 74 -5.83 14.77 -9.64
C HIS P 74 -6.96 15.72 -9.25
N TYR P 75 -7.85 15.26 -8.37
CA TYR P 75 -8.93 16.11 -7.89
C TYR P 75 -8.37 17.35 -7.23
N LEU P 76 -7.39 17.14 -6.34
CA LEU P 76 -6.81 18.27 -5.63
C LEU P 76 -6.05 19.19 -6.57
N ARG P 77 -5.41 18.66 -7.61
CA ARG P 77 -4.72 19.53 -8.54
C ARG P 77 -5.73 20.45 -9.22
N ASP P 78 -6.90 19.91 -9.57
CA ASP P 78 -7.89 20.77 -10.21
C ASP P 78 -8.46 21.79 -9.22
N GLN P 79 -8.66 21.37 -7.96
CA GLN P 79 -9.20 22.33 -6.99
C GLN P 79 -8.16 23.39 -6.65
N GLN P 80 -6.88 23.01 -6.59
CA GLN P 80 -5.83 23.97 -6.32
C GLN P 80 -5.75 24.98 -7.45
N LEU P 81 -5.88 24.48 -8.68
CA LEU P 81 -5.77 25.38 -9.82
C LEU P 81 -6.93 26.37 -9.81
N LEU P 82 -8.14 25.90 -9.46
CA LEU P 82 -9.26 26.83 -9.34
C LEU P 82 -9.01 27.84 -8.22
N GLY P 83 -8.41 27.39 -7.12
CA GLY P 83 -8.09 28.29 -6.02
C GLY P 83 -7.11 29.38 -6.43
N ILE P 84 -6.10 29.01 -7.21
CA ILE P 84 -5.10 29.96 -7.68
C ILE P 84 -5.75 31.05 -8.51
N TRP P 85 -6.78 30.70 -9.27
CA TRP P 85 -7.51 31.65 -10.10
C TRP P 85 -8.59 32.41 -9.33
N GLY P 86 -8.78 32.12 -8.05
CA GLY P 86 -9.83 32.76 -7.27
C GLY P 86 -11.20 32.16 -7.49
N CYS P 87 -11.27 30.90 -7.92
CA CYS P 87 -12.51 30.22 -8.26
C CYS P 87 -12.75 29.03 -7.32
N SER P 88 -12.21 29.07 -6.11
CA SER P 88 -12.23 27.92 -5.22
C SER P 88 -13.63 27.44 -4.86
N GLY P 89 -14.63 28.32 -4.81
CA GLY P 89 -15.97 27.94 -4.43
C GLY P 89 -17.03 27.90 -5.51
N LYS P 90 -16.66 28.01 -6.79
CA LYS P 90 -17.63 28.12 -7.86
C LYS P 90 -17.38 27.06 -8.93
N LEU P 91 -18.45 26.69 -9.61
CA LEU P 91 -18.37 25.81 -10.77
C LEU P 91 -18.32 26.62 -12.05
N ILE P 92 -19.00 27.76 -12.07
CA ILE P 92 -18.99 28.71 -13.17
C ILE P 92 -18.34 29.95 -12.58
N CYS P 93 -17.10 30.23 -12.97
CA CYS P 93 -16.31 31.31 -12.40
C CYS P 93 -15.98 32.33 -13.46
N CYS P 94 -16.39 33.57 -13.25
CA CYS P 94 -16.13 34.66 -14.18
C CYS P 94 -14.79 35.28 -13.83
N THR P 95 -14.04 35.71 -14.85
CA THR P 95 -12.71 36.28 -14.63
C THR P 95 -12.57 37.62 -15.34
N ASN P 96 -11.38 38.22 -15.17
CA ASN P 96 -10.99 39.48 -15.80
C ASN P 96 -10.03 39.30 -16.96
N VAL P 97 -9.85 38.09 -17.48
CA VAL P 97 -8.94 37.87 -18.61
C VAL P 97 -9.73 38.02 -19.90
N PRO P 98 -9.37 38.94 -20.79
CA PRO P 98 -10.12 39.11 -22.04
C PRO P 98 -9.86 37.95 -22.98
N TRP P 99 -10.82 37.68 -23.85
CA TRP P 99 -10.61 36.66 -24.87
C TRP P 99 -9.81 37.30 -26.00
N ASN P 100 -8.72 36.65 -26.40
CA ASN P 100 -7.83 37.20 -27.41
C ASN P 100 -8.46 37.18 -28.80
N SER P 101 -9.33 36.20 -29.05
CA SER P 101 -9.99 35.93 -30.34
C SER P 101 -9.08 35.18 -31.29
N SER P 102 -7.77 35.13 -31.01
CA SER P 102 -6.87 34.32 -31.82
C SER P 102 -6.97 32.87 -31.39
N TRP P 103 -7.35 32.65 -30.12
CA TRP P 103 -7.51 31.30 -29.59
C TRP P 103 -8.65 30.61 -30.30
N SER P 104 -9.73 31.35 -30.54
CA SER P 104 -10.89 30.91 -31.30
C SER P 104 -11.66 32.18 -31.65
N ASN P 105 -11.98 32.36 -32.93
CA ASN P 105 -12.70 33.54 -33.39
C ASN P 105 -14.14 33.23 -33.74
N ARG P 106 -14.70 32.17 -33.18
CA ARG P 106 -16.08 31.82 -33.45
C ARG P 106 -17.02 32.78 -32.74
N ASN P 107 -18.23 32.90 -33.25
CA ASN P 107 -19.22 33.75 -32.62
C ASN P 107 -19.68 33.10 -31.33
N LEU P 108 -20.15 33.92 -30.39
CA LEU P 108 -20.55 33.37 -29.09
C LEU P 108 -21.70 32.40 -29.24
N SER P 109 -22.61 32.68 -30.17
CA SER P 109 -23.74 31.78 -30.38
C SER P 109 -23.29 30.49 -31.03
N GLU P 110 -22.22 30.55 -31.84
CA GLU P 110 -21.73 29.33 -32.47
C GLU P 110 -21.09 28.42 -31.43
N ILE P 111 -20.34 29.02 -30.50
CA ILE P 111 -19.65 28.25 -29.47
C ILE P 111 -20.66 27.62 -28.52
N TRP P 112 -21.62 28.42 -28.04
CA TRP P 112 -22.54 27.89 -27.03
C TRP P 112 -23.76 27.14 -27.56
N ASP P 113 -24.25 27.44 -28.75
CA ASP P 113 -25.45 26.75 -29.25
C ASP P 113 -25.16 25.64 -30.26
N ASN P 114 -24.04 25.66 -30.98
CA ASN P 114 -23.74 24.64 -31.97
C ASN P 114 -22.65 23.65 -31.60
N MET P 115 -21.71 24.02 -30.72
CA MET P 115 -20.58 23.16 -30.39
C MET P 115 -20.83 22.39 -29.10
N THR P 116 -20.19 21.23 -29.01
CA THR P 116 -20.17 20.43 -27.80
C THR P 116 -18.88 20.75 -27.04
N TRP P 117 -18.81 20.30 -25.79
CA TRP P 117 -17.61 20.57 -25.01
C TRP P 117 -16.39 19.81 -25.52
N LEU P 118 -16.59 18.65 -26.16
CA LEU P 118 -15.43 17.91 -26.64
C LEU P 118 -14.79 18.62 -27.84
N GLN P 119 -15.62 19.14 -28.75
CA GLN P 119 -15.07 19.83 -29.90
C GLN P 119 -14.37 21.09 -29.45
N TRP P 120 -14.95 21.78 -28.47
CA TRP P 120 -14.36 22.99 -27.95
C TRP P 120 -13.00 22.70 -27.31
N ASP P 121 -12.94 21.65 -26.50
CA ASP P 121 -11.66 21.30 -25.88
C ASP P 121 -10.62 20.97 -26.94
N LYS P 122 -11.03 20.28 -28.00
CA LYS P 122 -10.10 19.95 -29.08
C LYS P 122 -9.56 21.21 -29.73
N GLU P 123 -10.41 22.23 -29.86
CA GLU P 123 -9.99 23.49 -30.46
C GLU P 123 -9.09 24.32 -29.55
N ILE P 124 -9.37 24.34 -28.25
CA ILE P 124 -8.62 25.19 -27.31
C ILE P 124 -7.41 24.53 -26.66
N SER P 125 -7.23 23.21 -26.80
CA SER P 125 -6.12 22.56 -26.10
C SER P 125 -4.77 23.16 -26.47
N ASN P 126 -4.64 23.69 -27.69
CA ASN P 126 -3.37 24.29 -28.07
C ASN P 126 -3.07 25.58 -27.28
N TYR P 127 -4.10 26.24 -26.75
CA TYR P 127 -3.96 27.51 -26.05
C TYR P 127 -4.29 27.41 -24.56
N THR P 128 -4.56 26.20 -24.08
CA THR P 128 -5.00 26.04 -22.71
C THR P 128 -3.94 26.51 -21.71
N GLN P 129 -2.66 26.22 -21.96
CA GLN P 129 -1.65 26.64 -21.00
C GLN P 129 -1.48 28.15 -21.00
N ILE P 130 -1.71 28.78 -22.15
CA ILE P 130 -1.61 30.24 -22.24
C ILE P 130 -2.73 30.85 -21.40
N ILE P 131 -3.93 30.31 -21.56
CA ILE P 131 -5.09 30.84 -20.83
C ILE P 131 -4.87 30.65 -19.34
N TYR P 132 -4.37 29.48 -18.93
CA TYR P 132 -4.17 29.24 -17.51
C TYR P 132 -3.12 30.21 -16.94
N GLY P 133 -2.06 30.47 -17.70
CA GLY P 133 -1.06 31.43 -17.22
C GLY P 133 -1.65 32.82 -17.05
N LEU P 134 -2.49 33.23 -18.00
CA LEU P 134 -3.11 34.54 -17.88
C LEU P 134 -4.05 34.60 -16.69
N LEU P 135 -4.78 33.51 -16.43
CA LEU P 135 -5.70 33.50 -15.30
C LEU P 135 -4.94 33.60 -13.98
N GLU P 136 -3.82 32.91 -13.87
CA GLU P 136 -3.01 33.00 -12.65
C GLU P 136 -2.48 34.42 -12.45
N GLU P 137 -1.99 35.04 -13.53
CA GLU P 137 -1.45 36.39 -13.39
C GLU P 137 -2.55 37.37 -13.01
N SER P 138 -3.73 37.21 -13.62
CA SER P 138 -4.85 38.10 -13.32
C SER P 138 -5.26 37.98 -11.86
N GLN P 139 -5.32 36.76 -11.33
CA GLN P 139 -5.70 36.63 -9.93
C GLN P 139 -4.64 37.23 -9.02
N ASN P 140 -3.34 37.07 -9.35
CA ASN P 140 -2.33 37.67 -8.49
C ASN P 140 -2.48 39.19 -8.47
N GLN P 141 -2.81 39.78 -9.61
CA GLN P 141 -2.99 41.23 -9.66
C GLN P 141 -4.22 41.63 -8.87
N GLN P 142 -5.30 40.84 -8.97
CA GLN P 142 -6.51 41.16 -8.24
C GLN P 142 -6.28 41.08 -6.74
N GLU P 143 -5.54 40.06 -6.28
CA GLU P 143 -5.31 39.94 -4.84
C GLU P 143 -4.46 41.09 -4.34
N LYS P 144 -3.47 41.53 -5.12
CA LYS P 144 -2.69 42.68 -4.68
C LYS P 144 -3.54 43.94 -4.65
N ASN P 145 -4.44 44.09 -5.63
CA ASN P 145 -5.29 45.28 -5.65
C ASN P 145 -6.27 45.28 -4.49
N GLU P 146 -6.82 44.11 -4.14
CA GLU P 146 -7.73 44.08 -3.00
C GLU P 146 -6.96 44.36 -1.73
N GLN P 147 -5.73 43.85 -1.63
CA GLN P 147 -4.92 44.12 -0.45
C GLN P 147 -4.71 45.62 -0.30
N ASP P 148 -4.43 46.30 -1.40
CA ASP P 148 -4.18 47.74 -1.29
C ASP P 148 -5.46 48.49 -0.95
N LEU P 149 -6.60 48.04 -1.50
CA LEU P 149 -7.86 48.71 -1.16
C LEU P 149 -8.20 48.53 0.31
N LEU P 150 -7.90 47.35 0.86
CA LEU P 150 -8.12 47.08 2.28
C LEU P 150 -7.16 47.86 3.16
N ALA P 151 -5.98 48.18 2.64
CA ALA P 151 -5.05 49.01 3.41
C ALA P 151 -5.56 50.43 3.62
N LEU P 152 -6.31 50.98 2.66
CA LEU P 152 -6.85 52.31 2.83
C LEU P 152 -7.79 52.32 4.03
N ASP P 153 -7.60 53.28 4.92
CA ASP P 153 -8.43 53.39 6.13
C ASP P 153 -9.47 54.47 5.91
N VAL Q 2 -31.07 -62.35 -21.91
CA VAL Q 2 -30.83 -62.16 -23.37
C VAL Q 2 -30.93 -63.50 -24.08
N GLN Q 3 -31.64 -63.50 -25.20
CA GLN Q 3 -31.80 -64.67 -26.05
C GLN Q 3 -31.41 -64.30 -27.48
N LEU Q 4 -30.95 -65.30 -28.23
CA LEU Q 4 -30.68 -65.15 -29.65
C LEU Q 4 -31.23 -66.37 -30.37
N GLN Q 5 -31.95 -66.13 -31.46
CA GLN Q 5 -32.51 -67.19 -32.30
C GLN Q 5 -31.96 -67.07 -33.72
N GLU Q 6 -31.19 -68.08 -34.13
CA GLU Q 6 -30.65 -68.18 -35.47
C GLU Q 6 -31.71 -68.74 -36.42
N SER Q 7 -31.66 -68.31 -37.68
CA SER Q 7 -32.53 -68.88 -38.70
C SER Q 7 -31.86 -68.79 -40.06
N GLY Q 8 -32.09 -69.81 -40.91
CA GLY Q 8 -31.57 -69.80 -42.24
C GLY Q 8 -31.85 -71.04 -43.08
N PRO Q 9 -31.36 -71.04 -44.31
CA PRO Q 9 -31.54 -72.20 -45.20
C PRO Q 9 -30.89 -73.46 -44.67
N GLY Q 10 -31.46 -74.59 -45.06
CA GLY Q 10 -30.91 -75.89 -44.71
C GLY Q 10 -29.90 -76.33 -45.74
N LEU Q 11 -30.35 -76.96 -46.84
CA LEU Q 11 -29.47 -77.38 -47.92
C LEU Q 11 -29.44 -76.30 -49.00
N VAL Q 12 -28.23 -75.80 -49.28
CA VAL Q 12 -28.00 -74.79 -50.31
C VAL Q 12 -27.12 -75.45 -51.37
N LYS Q 13 -27.56 -75.39 -52.63
CA LYS Q 13 -26.81 -76.05 -53.68
C LYS Q 13 -25.48 -75.34 -53.93
N PRO Q 14 -24.47 -76.07 -54.43
CA PRO Q 14 -23.18 -75.43 -54.75
C PRO Q 14 -23.33 -74.23 -55.67
N SER Q 15 -22.55 -73.19 -55.38
CA SER Q 15 -22.51 -71.91 -56.09
C SER Q 15 -23.74 -71.03 -55.83
N GLU Q 16 -24.68 -71.47 -55.00
CA GLU Q 16 -25.83 -70.64 -54.66
C GLU Q 16 -25.51 -69.79 -53.44
N THR Q 17 -26.27 -68.73 -53.25
CA THR Q 17 -26.06 -67.85 -52.11
C THR Q 17 -26.72 -68.39 -50.85
N LEU Q 18 -25.98 -68.37 -49.76
CA LEU Q 18 -26.43 -68.74 -48.42
C LEU Q 18 -26.66 -67.46 -47.63
N SER Q 19 -27.83 -67.33 -47.01
CA SER Q 19 -28.16 -66.13 -46.25
C SER Q 19 -28.81 -66.52 -44.94
N LEU Q 20 -28.21 -66.10 -43.82
CA LEU Q 20 -28.70 -66.41 -42.49
C LEU Q 20 -29.00 -65.12 -41.73
N THR Q 21 -30.00 -65.17 -40.84
CA THR Q 21 -30.35 -64.05 -39.99
C THR Q 21 -30.48 -64.50 -38.54
N CYS Q 22 -30.06 -63.64 -37.62
CA CYS Q 22 -30.17 -63.84 -36.18
C CYS Q 22 -30.98 -62.71 -35.58
N ALA Q 23 -31.91 -63.06 -34.69
CA ALA Q 23 -32.70 -62.09 -33.95
C ALA Q 23 -32.38 -62.20 -32.46
N VAL Q 24 -32.39 -61.07 -31.75
CA VAL Q 24 -32.13 -61.05 -30.32
C VAL Q 24 -33.29 -60.37 -29.61
N SER Q 25 -33.42 -60.67 -28.31
CA SER Q 25 -34.50 -60.12 -27.50
C SER Q 25 -34.13 -58.93 -26.62
N GLY Q 26 -33.64 -59.21 -25.40
CA GLY Q 26 -33.39 -58.17 -24.42
C GLY Q 26 -32.12 -57.37 -24.56
N ALA Q 27 -31.22 -57.74 -25.46
CA ALA Q 27 -29.97 -57.01 -25.64
C ALA Q 27 -30.16 -55.93 -26.70
N SER Q 28 -29.96 -54.67 -26.33
CA SER Q 28 -30.11 -53.61 -27.31
C SER Q 28 -29.11 -53.86 -28.43
N PHE Q 29 -29.60 -53.89 -29.67
CA PHE Q 29 -28.73 -54.24 -30.79
C PHE Q 29 -27.58 -53.26 -30.93
N SER Q 30 -27.87 -51.97 -30.84
CA SER Q 30 -26.92 -50.90 -31.08
C SER Q 30 -25.81 -50.80 -30.03
N SER Q 31 -25.93 -51.46 -28.89
CA SER Q 31 -24.91 -51.34 -27.85
C SER Q 31 -23.77 -52.34 -27.93
N PHE Q 32 -23.84 -53.35 -28.82
CA PHE Q 32 -22.84 -54.41 -28.83
C PHE Q 32 -22.31 -54.69 -30.24
N TRP Q 33 -21.11 -55.28 -30.27
CA TRP Q 33 -20.56 -55.90 -31.46
C TRP Q 33 -21.08 -57.32 -31.50
N TRP Q 34 -21.52 -57.73 -32.68
CA TRP Q 34 -22.07 -59.05 -32.95
C TRP Q 34 -21.18 -59.72 -33.99
N ASP Q 35 -21.04 -61.04 -33.91
CA ASP Q 35 -20.27 -61.78 -34.90
C ASP Q 35 -20.91 -63.11 -35.28
N TRP Q 36 -20.32 -63.72 -36.31
CA TRP Q 36 -20.68 -65.05 -36.82
C TRP Q 36 -19.50 -65.98 -36.65
N ILE Q 37 -19.78 -67.17 -36.15
CA ILE Q 37 -18.79 -68.20 -35.91
C ILE Q 37 -19.38 -69.49 -36.47
N ARG Q 38 -18.55 -70.34 -37.06
CA ARG Q 38 -19.02 -71.62 -37.57
C ARG Q 38 -18.07 -72.74 -37.23
N GLN Q 39 -18.61 -73.97 -37.18
CA GLN Q 39 -17.77 -75.15 -37.07
C GLN Q 39 -18.39 -76.36 -37.76
N PRO Q 40 -17.67 -77.10 -38.59
CA PRO Q 40 -18.20 -78.38 -39.05
C PRO Q 40 -18.32 -79.32 -37.86
N PRO Q 41 -19.25 -80.26 -37.88
CA PRO Q 41 -19.25 -81.26 -36.80
C PRO Q 41 -17.93 -82.01 -36.81
N GLY Q 42 -17.37 -82.23 -35.63
CA GLY Q 42 -16.13 -82.96 -35.51
C GLY Q 42 -14.90 -82.11 -35.76
N ARG Q 43 -15.06 -80.80 -35.98
CA ARG Q 43 -13.97 -79.88 -36.27
C ARG Q 43 -14.09 -78.66 -35.38
N GLY Q 44 -13.00 -77.89 -35.30
CA GLY Q 44 -12.96 -76.71 -34.46
C GLY Q 44 -13.71 -75.55 -35.09
N LEU Q 45 -13.65 -74.40 -34.41
CA LEU Q 45 -14.43 -73.24 -34.77
C LEU Q 45 -13.61 -72.22 -35.56
N GLU Q 46 -14.27 -71.55 -36.50
CA GLU Q 46 -13.69 -70.50 -37.32
C GLU Q 46 -14.54 -69.24 -37.26
N TRP Q 47 -13.89 -68.11 -36.97
CA TRP Q 47 -14.54 -66.81 -36.90
C TRP Q 47 -14.78 -66.31 -38.33
N ILE Q 48 -15.97 -65.78 -38.58
CA ILE Q 48 -16.34 -65.27 -39.91
C ILE Q 48 -16.17 -63.76 -40.02
N GLY Q 49 -16.73 -63.02 -39.07
CA GLY Q 49 -16.70 -61.57 -39.16
C GLY Q 49 -17.63 -60.97 -38.12
N ASP Q 50 -17.63 -59.64 -38.05
CA ASP Q 50 -18.46 -58.96 -37.07
C ASP Q 50 -19.01 -57.65 -37.61
N ILE Q 51 -19.87 -57.04 -36.79
CA ILE Q 51 -20.57 -55.77 -37.01
C ILE Q 51 -20.50 -54.88 -35.80
N ASN Q 52 -20.28 -53.58 -36.04
CA ASN Q 52 -20.40 -52.57 -35.00
C ASN Q 52 -21.88 -52.20 -34.97
N GLY Q 53 -22.56 -52.53 -33.86
CA GLY Q 53 -24.01 -52.33 -33.79
C GLY Q 53 -24.48 -50.91 -34.02
N ASN Q 54 -23.60 -49.92 -33.86
CA ASN Q 54 -23.95 -48.52 -34.09
C ASN Q 54 -23.64 -48.06 -35.51
N SER Q 55 -22.37 -48.12 -35.89
CA SER Q 55 -21.88 -47.55 -37.13
C SER Q 55 -22.09 -48.41 -38.37
N GLY Q 56 -22.29 -49.73 -38.22
CA GLY Q 56 -22.41 -50.58 -39.38
C GLY Q 56 -21.08 -51.06 -39.90
N SER Q 57 -19.97 -50.69 -39.25
CA SER Q 57 -18.64 -51.10 -39.65
C SER Q 57 -18.53 -52.62 -39.56
N THR Q 58 -17.73 -53.20 -40.46
CA THR Q 58 -17.57 -54.64 -40.51
C THR Q 58 -16.11 -55.06 -40.41
N ASN Q 59 -15.94 -56.34 -40.05
CA ASN Q 59 -14.64 -57.00 -40.05
C ASN Q 59 -14.86 -58.40 -40.58
N TYR Q 60 -13.93 -58.89 -41.41
CA TYR Q 60 -14.04 -60.23 -41.97
C TYR Q 60 -12.73 -61.01 -41.79
N ASN Q 61 -12.87 -62.32 -41.73
CA ASN Q 61 -11.73 -63.23 -41.70
C ASN Q 61 -11.02 -63.16 -43.06
N PRO Q 62 -9.72 -62.79 -43.13
CA PRO Q 62 -9.06 -62.68 -44.45
C PRO Q 62 -9.18 -63.91 -45.36
N SER Q 63 -9.33 -65.11 -44.80
CA SER Q 63 -9.44 -66.30 -45.64
C SER Q 63 -10.81 -66.43 -46.29
N LEU Q 64 -11.83 -65.74 -45.76
CA LEU Q 64 -13.20 -65.79 -46.25
C LEU Q 64 -13.63 -64.52 -46.96
N LYS Q 65 -13.05 -63.38 -46.57
CA LYS Q 65 -13.43 -62.02 -46.96
C LYS Q 65 -14.04 -61.84 -48.35
N SER Q 66 -13.39 -62.39 -49.38
CA SER Q 66 -13.86 -62.14 -50.74
C SER Q 66 -15.22 -62.75 -51.04
N ARG Q 67 -15.69 -63.70 -50.23
CA ARG Q 67 -16.97 -64.36 -50.43
C ARG Q 67 -18.00 -64.07 -49.36
N VAL Q 68 -17.71 -63.21 -48.38
CA VAL Q 68 -18.57 -62.99 -47.24
C VAL Q 68 -18.92 -61.51 -47.08
N THR Q 69 -20.21 -61.24 -46.87
CA THR Q 69 -20.73 -59.92 -46.55
C THR Q 69 -21.57 -60.07 -45.30
N ILE Q 70 -21.39 -59.19 -44.32
CA ILE Q 70 -22.19 -59.19 -43.10
C ILE Q 70 -22.87 -57.83 -43.03
N SER Q 71 -24.16 -57.84 -42.66
CA SER Q 71 -24.95 -56.62 -42.58
C SER Q 71 -25.87 -56.69 -41.38
N LYS Q 72 -26.40 -55.53 -41.01
CA LYS Q 72 -27.28 -55.42 -39.85
C LYS Q 72 -28.46 -54.52 -40.17
N ASP Q 73 -29.51 -54.67 -39.36
CA ASP Q 73 -30.65 -53.77 -39.39
C ASP Q 73 -31.09 -53.56 -37.95
N ALA Q 74 -30.90 -52.33 -37.45
CA ALA Q 74 -31.28 -52.04 -36.08
C ALA Q 74 -32.76 -52.26 -35.87
N SER Q 75 -33.57 -51.98 -36.91
CA SER Q 75 -34.99 -52.22 -36.80
C SER Q 75 -35.17 -53.72 -36.73
N LYS Q 76 -36.02 -54.16 -35.79
CA LYS Q 76 -36.29 -55.57 -35.54
C LYS Q 76 -35.10 -56.29 -34.92
N SER Q 77 -34.03 -55.56 -34.56
CA SER Q 77 -32.85 -56.13 -33.91
C SER Q 77 -32.31 -57.35 -34.67
N GLN Q 78 -32.00 -57.18 -35.96
CA GLN Q 78 -31.53 -58.33 -36.75
C GLN Q 78 -30.12 -58.14 -37.30
N PHE Q 79 -29.42 -59.29 -37.34
CA PHE Q 79 -28.05 -59.43 -37.81
C PHE Q 79 -28.02 -60.46 -38.93
N SER Q 80 -27.44 -60.15 -40.10
CA SER Q 80 -27.44 -61.08 -41.22
C SER Q 80 -26.06 -61.33 -41.81
N LEU Q 81 -25.90 -62.55 -42.35
CA LEU Q 81 -24.70 -63.03 -43.03
C LEU Q 81 -25.04 -63.54 -44.42
N LYS Q 82 -24.32 -63.06 -45.43
CA LYS Q 82 -24.49 -63.47 -46.82
C LYS Q 82 -23.17 -64.08 -47.29
N LEU Q 83 -23.21 -65.34 -47.70
CA LEU Q 83 -22.06 -66.09 -48.17
C LEU Q 83 -22.32 -66.60 -49.59
N THR Q 84 -21.39 -66.36 -50.50
CA THR Q 84 -21.52 -66.81 -51.88
C THR Q 84 -20.49 -67.90 -52.17
N SER Q 85 -20.60 -68.48 -53.37
CA SER Q 85 -19.71 -69.53 -53.87
C SER Q 85 -19.51 -70.63 -52.82
N VAL Q 86 -20.63 -71.11 -52.26
CA VAL Q 86 -20.58 -72.10 -51.19
C VAL Q 86 -20.26 -73.47 -51.79
N THR Q 87 -19.49 -74.26 -51.04
CA THR Q 87 -19.14 -75.63 -51.41
C THR Q 87 -19.29 -76.51 -50.19
N ALA Q 88 -19.39 -77.82 -50.42
CA ALA Q 88 -19.53 -78.76 -49.31
C ALA Q 88 -18.33 -78.67 -48.37
N ALA Q 89 -17.14 -78.44 -48.93
CA ALA Q 89 -15.94 -78.34 -48.11
C ALA Q 89 -16.02 -77.20 -47.10
N ASP Q 90 -16.81 -76.16 -47.41
CA ASP Q 90 -16.92 -74.96 -46.58
C ASP Q 90 -18.23 -74.85 -45.81
N THR Q 91 -18.99 -75.93 -45.63
CA THR Q 91 -20.23 -75.81 -44.87
C THR Q 91 -19.94 -76.03 -43.40
N ALA Q 92 -20.96 -75.86 -42.55
CA ALA Q 92 -20.74 -75.91 -41.11
C ALA Q 92 -22.06 -75.73 -40.36
N VAL Q 93 -21.97 -75.90 -39.04
CA VAL Q 93 -23.01 -75.40 -38.15
C VAL Q 93 -22.69 -73.93 -37.91
N TYR Q 94 -23.66 -73.06 -38.14
CA TYR Q 94 -23.48 -71.62 -38.00
C TYR Q 94 -24.12 -71.13 -36.71
N TYR Q 95 -23.40 -70.22 -36.03
CA TYR Q 95 -23.83 -69.61 -34.78
C TYR Q 95 -23.66 -68.10 -34.84
N CYS Q 96 -24.49 -67.41 -34.07
CA CYS Q 96 -24.29 -65.99 -33.76
C CYS Q 96 -24.03 -65.89 -32.27
N ALA Q 97 -23.25 -64.87 -31.90
CA ALA Q 97 -22.99 -64.61 -30.50
C ALA Q 97 -22.76 -63.14 -30.29
N LEU Q 98 -23.02 -62.68 -29.06
CA LEU Q 98 -22.63 -61.34 -28.68
C LEU Q 98 -21.12 -61.37 -28.54
N GLN Q 99 -20.44 -60.43 -29.18
CA GLN Q 99 -18.98 -60.42 -29.18
C GLN Q 99 -18.41 -59.42 -28.19
N SER Q 100 -18.91 -58.18 -28.17
CA SER Q 100 -18.29 -57.21 -27.27
C SER Q 100 -19.17 -55.97 -27.16
N VAL Q 101 -18.80 -55.06 -26.24
CA VAL Q 101 -19.48 -53.79 -26.09
C VAL Q 101 -18.88 -52.77 -27.06
N THR Q 102 -19.74 -52.00 -27.72
CA THR Q 102 -19.32 -50.93 -28.63
C THR Q 102 -19.76 -49.59 -28.05
N TYR Q 103 -18.91 -48.59 -28.16
CA TYR Q 103 -19.27 -47.24 -27.74
C TYR Q 103 -19.21 -46.30 -28.94
N TYR Q 104 -20.08 -45.29 -28.88
CA TYR Q 104 -20.21 -44.35 -29.98
C TYR Q 104 -18.94 -43.52 -30.21
N GLU Q 105 -18.11 -43.34 -29.19
CA GLU Q 105 -16.89 -42.55 -29.35
C GLU Q 105 -15.72 -43.33 -29.91
N ASP Q 106 -15.83 -44.65 -30.03
CA ASP Q 106 -14.69 -45.49 -30.43
C ASP Q 106 -15.19 -46.61 -31.31
N ASP Q 107 -14.96 -46.51 -32.61
CA ASP Q 107 -15.50 -47.46 -33.56
C ASP Q 107 -14.64 -48.72 -33.67
N SER Q 108 -13.58 -48.81 -32.89
CA SER Q 108 -12.69 -49.96 -32.82
C SER Q 108 -12.65 -50.54 -31.41
N GLY Q 109 -13.59 -50.17 -30.55
CA GLY Q 109 -13.59 -50.55 -29.15
C GLY Q 109 -13.45 -52.03 -28.85
N HIS Q 110 -14.39 -52.87 -29.30
CA HIS Q 110 -14.32 -54.30 -29.01
C HIS Q 110 -14.06 -54.57 -27.52
N TYR Q 111 -14.86 -53.93 -26.66
CA TYR Q 111 -14.62 -54.00 -25.23
C TYR Q 111 -15.15 -55.30 -24.64
N GLU Q 112 -14.30 -55.98 -23.87
CA GLU Q 112 -14.63 -57.27 -23.28
C GLU Q 112 -15.79 -57.14 -22.30
N THR Q 113 -16.66 -58.15 -22.27
CA THR Q 113 -17.81 -58.11 -21.37
C THR Q 113 -18.30 -59.51 -21.07
N GLU Q 114 -18.92 -59.65 -19.90
CA GLU Q 114 -19.59 -60.90 -19.53
C GLU Q 114 -20.68 -61.25 -20.52
N MET Q 115 -21.34 -60.23 -21.09
CA MET Q 115 -22.47 -60.44 -21.99
C MET Q 115 -22.10 -61.29 -23.20
N ALA Q 116 -20.81 -61.47 -23.49
CA ALA Q 116 -20.40 -62.28 -24.63
C ALA Q 116 -20.79 -63.74 -24.47
N LYS Q 117 -21.20 -64.15 -23.27
CA LYS Q 117 -21.64 -65.53 -23.04
C LYS Q 117 -22.96 -65.87 -23.72
N PHE Q 118 -23.73 -64.87 -24.17
CA PHE Q 118 -25.06 -65.09 -24.72
C PHE Q 118 -24.99 -65.57 -26.17
N TRP Q 119 -24.69 -66.86 -26.30
CA TRP Q 119 -24.64 -67.58 -27.56
C TRP Q 119 -26.00 -68.23 -27.84
N GLY Q 120 -26.34 -68.33 -29.12
CA GLY Q 120 -27.51 -69.07 -29.55
C GLY Q 120 -27.15 -70.54 -29.69
N GLN Q 121 -28.10 -71.33 -30.19
CA GLN Q 121 -27.85 -72.75 -30.35
C GLN Q 121 -27.37 -73.13 -31.74
N GLY Q 122 -27.56 -72.26 -32.74
CA GLY Q 122 -27.03 -72.48 -34.06
C GLY Q 122 -27.96 -73.29 -34.96
N VAL Q 123 -27.59 -73.34 -36.23
CA VAL Q 123 -28.29 -74.11 -37.26
C VAL Q 123 -27.24 -74.88 -38.03
N LEU Q 124 -27.63 -76.02 -38.62
CA LEU Q 124 -26.74 -76.80 -39.46
C LEU Q 124 -27.03 -76.49 -40.92
N VAL Q 125 -26.00 -76.05 -41.65
CA VAL Q 125 -26.11 -75.72 -43.07
C VAL Q 125 -25.36 -76.80 -43.83
N THR Q 126 -25.98 -77.32 -44.88
CA THR Q 126 -25.36 -78.33 -45.73
C THR Q 126 -25.27 -77.81 -47.16
N VAL Q 127 -24.34 -78.41 -47.92
CA VAL Q 127 -24.12 -78.05 -49.32
C VAL Q 127 -23.79 -79.33 -50.06
N VAL R 3 -3.77 -70.42 -34.89
CA VAL R 3 -2.50 -69.66 -34.71
C VAL R 3 -2.22 -69.86 -33.23
N LEU R 4 -3.26 -69.84 -32.41
CA LEU R 4 -3.02 -70.21 -31.02
C LEU R 4 -3.08 -71.73 -31.03
N THR R 5 -1.98 -72.41 -30.68
CA THR R 5 -1.96 -73.89 -30.59
C THR R 5 -2.65 -74.33 -29.31
N GLN R 6 -3.16 -75.56 -29.29
CA GLN R 6 -3.77 -76.12 -28.07
C GLN R 6 -3.34 -77.58 -28.00
N PRO R 7 -3.39 -78.28 -26.85
CA PRO R 7 -3.09 -79.71 -26.80
C PRO R 7 -4.05 -80.56 -27.66
N PRO R 8 -3.60 -81.65 -28.29
CA PRO R 8 -4.48 -82.45 -29.15
C PRO R 8 -5.62 -83.01 -28.26
N SER R 9 -5.30 -83.44 -27.05
CA SER R 9 -6.33 -83.95 -26.10
C SER R 9 -5.76 -83.85 -24.69
N VAL R 10 -6.41 -84.49 -23.71
CA VAL R 10 -5.90 -84.22 -22.37
C VAL R 10 -6.59 -85.16 -21.38
N SER R 11 -5.79 -85.84 -20.57
CA SER R 11 -6.23 -86.75 -19.53
C SER R 11 -6.47 -86.02 -18.21
N GLY R 12 -7.06 -86.72 -17.26
CA GLY R 12 -7.30 -86.14 -15.95
C GLY R 12 -7.92 -87.16 -15.03
N ALA R 13 -8.20 -86.72 -13.80
CA ALA R 13 -8.77 -87.58 -12.78
C ALA R 13 -9.46 -86.72 -11.74
N PRO R 14 -10.48 -87.24 -11.05
CA PRO R 14 -11.02 -86.51 -9.89
C PRO R 14 -9.97 -86.27 -8.83
N GLY R 15 -9.95 -85.05 -8.30
CA GLY R 15 -9.04 -84.66 -7.24
C GLY R 15 -7.70 -84.12 -7.70
N GLN R 16 -7.37 -84.22 -8.99
CA GLN R 16 -6.12 -83.73 -9.54
C GLN R 16 -6.42 -82.62 -10.52
N ARG R 17 -5.58 -81.60 -10.54
CA ARG R 17 -5.81 -80.51 -11.49
C ARG R 17 -5.53 -80.97 -12.91
N VAL R 18 -6.32 -80.46 -13.84
CA VAL R 18 -6.18 -80.72 -15.28
C VAL R 18 -5.96 -79.37 -15.94
N THR R 19 -4.93 -79.26 -16.78
CA THR R 19 -4.67 -77.99 -17.43
C THR R 19 -4.66 -78.13 -18.95
N ILE R 20 -5.13 -77.07 -19.61
CA ILE R 20 -5.18 -76.94 -21.06
C ILE R 20 -4.40 -75.69 -21.42
N SER R 21 -3.46 -75.80 -22.36
CA SER R 21 -2.59 -74.68 -22.71
C SER R 21 -2.93 -74.15 -24.10
N CYS R 22 -2.62 -72.86 -24.28
CA CYS R 22 -2.63 -72.18 -25.58
C CYS R 22 -1.30 -71.48 -25.74
N SER R 23 -0.75 -71.53 -26.95
CA SER R 23 0.53 -70.89 -27.26
C SER R 23 0.41 -70.15 -28.58
N GLY R 24 0.63 -68.84 -28.53
CA GLY R 24 0.52 -67.95 -29.67
C GLY R 24 1.78 -67.12 -29.77
N SER R 25 1.59 -65.83 -30.04
CA SER R 25 2.69 -64.89 -30.22
C SER R 25 2.32 -63.56 -29.60
N SER R 26 3.24 -62.60 -29.70
CA SER R 26 3.01 -61.27 -29.13
C SER R 26 1.91 -60.49 -29.84
N SER R 27 1.50 -60.93 -31.04
CA SER R 27 0.49 -60.24 -31.81
C SER R 27 -0.92 -60.76 -31.57
N ASN R 28 -1.10 -61.83 -30.79
CA ASN R 28 -2.43 -62.42 -30.60
C ASN R 28 -2.78 -62.73 -29.15
N ILE R 29 -1.87 -63.35 -28.40
CA ILE R 29 -2.06 -63.60 -26.97
C ILE R 29 -1.33 -62.56 -26.12
N GLY R 30 -0.08 -62.26 -26.47
CA GLY R 30 0.72 -61.38 -25.62
C GLY R 30 0.11 -60.00 -25.43
N GLY R 31 -0.56 -59.47 -26.44
CA GLY R 31 -1.15 -58.15 -26.38
C GLY R 31 -2.66 -58.07 -26.29
N TYR R 32 -3.37 -59.19 -26.15
CA TYR R 32 -4.84 -59.19 -26.15
C TYR R 32 -5.36 -60.18 -25.13
N HIS R 33 -6.61 -59.96 -24.71
CA HIS R 33 -7.26 -60.87 -23.79
C HIS R 33 -7.59 -62.19 -24.48
N VAL R 34 -7.49 -63.27 -23.71
CA VAL R 34 -7.78 -64.62 -24.19
C VAL R 34 -9.03 -65.13 -23.48
N GLN R 35 -10.06 -65.46 -24.25
CA GLN R 35 -11.30 -65.97 -23.70
C GLN R 35 -11.27 -67.49 -23.73
N TRP R 36 -11.90 -68.13 -22.74
CA TRP R 36 -11.99 -69.58 -22.69
C TRP R 36 -13.43 -70.04 -22.79
N TYR R 37 -13.65 -71.05 -23.66
CA TYR R 37 -14.93 -71.65 -23.99
C TYR R 37 -14.93 -73.16 -23.77
N GLN R 38 -16.11 -73.69 -23.42
CA GLN R 38 -16.35 -75.12 -23.22
C GLN R 38 -17.62 -75.52 -23.96
N GLN R 39 -17.55 -76.60 -24.74
CA GLN R 39 -18.72 -77.10 -25.45
C GLN R 39 -18.79 -78.62 -25.36
N LEU R 40 -20.03 -79.13 -25.46
CA LEU R 40 -20.33 -80.55 -25.59
C LEU R 40 -20.84 -80.82 -27.01
N PRO R 41 -20.63 -82.01 -27.58
CA PRO R 41 -21.14 -82.28 -28.92
C PRO R 41 -22.64 -82.03 -29.04
N GLY R 42 -23.03 -81.37 -30.12
CA GLY R 42 -24.43 -81.09 -30.37
C GLY R 42 -24.97 -79.83 -29.72
N THR R 43 -24.16 -79.15 -28.90
CA THR R 43 -24.57 -77.96 -28.17
C THR R 43 -23.64 -76.82 -28.53
N ALA R 44 -24.19 -75.61 -28.57
CA ALA R 44 -23.37 -74.44 -28.82
C ALA R 44 -22.38 -74.23 -27.67
N PRO R 45 -21.21 -73.66 -27.95
CA PRO R 45 -20.29 -73.36 -26.85
C PRO R 45 -20.80 -72.23 -25.97
N LYS R 46 -20.39 -72.28 -24.72
CA LYS R 46 -20.61 -71.20 -23.77
C LYS R 46 -19.22 -70.80 -23.32
N LEU R 47 -19.04 -69.55 -22.89
CA LEU R 47 -17.72 -69.18 -22.41
C LEU R 47 -17.62 -69.49 -20.93
N LEU R 48 -16.39 -69.77 -20.51
CA LEU R 48 -16.09 -69.96 -19.11
C LEU R 48 -15.40 -68.74 -18.54
N ILE R 49 -14.51 -68.14 -19.33
CA ILE R 49 -13.72 -67.00 -18.87
C ILE R 49 -13.80 -65.95 -19.98
N TYR R 50 -14.21 -64.71 -19.64
CA TYR R 50 -14.40 -63.68 -20.67
C TYR R 50 -13.22 -62.70 -20.78
N GLU R 51 -12.38 -62.60 -19.77
CA GLU R 51 -11.12 -61.84 -19.78
C GLU R 51 -10.05 -62.89 -19.55
N SER R 52 -8.77 -62.51 -19.52
CA SER R 52 -7.80 -63.57 -19.25
C SER R 52 -8.03 -64.21 -17.88
N ASN R 53 -8.50 -63.43 -16.90
CA ASN R 53 -8.77 -63.93 -15.55
C ASN R 53 -10.24 -63.98 -15.12
N LYS R 54 -11.10 -63.11 -15.64
CA LYS R 54 -12.46 -62.98 -15.11
C LYS R 54 -13.46 -63.98 -15.68
N ARG R 55 -14.33 -64.50 -14.78
CA ARG R 55 -15.38 -65.46 -15.09
C ARG R 55 -16.78 -64.83 -14.98
N PRO R 56 -17.77 -65.34 -15.72
CA PRO R 56 -19.16 -64.93 -15.47
C PRO R 56 -19.63 -65.43 -14.11
N SER R 57 -20.69 -64.77 -13.62
CA SER R 57 -21.28 -65.17 -12.34
C SER R 57 -21.94 -66.55 -12.41
N GLY R 58 -22.21 -67.06 -13.61
CA GLY R 58 -22.85 -68.34 -13.80
C GLY R 58 -21.92 -69.53 -13.92
N ILE R 59 -20.61 -69.32 -13.75
CA ILE R 59 -19.61 -70.37 -13.89
C ILE R 59 -19.07 -70.69 -12.49
N SER R 60 -18.97 -71.98 -12.19
CA SER R 60 -18.49 -72.45 -10.90
C SER R 60 -17.00 -72.20 -10.73
N ASP R 61 -16.55 -72.35 -9.49
CA ASP R 61 -15.17 -72.04 -9.08
C ASP R 61 -14.19 -73.16 -9.42
N ARG R 62 -14.64 -74.23 -10.09
CA ARG R 62 -13.75 -75.29 -10.49
C ARG R 62 -12.85 -74.89 -11.65
N PHE R 63 -13.19 -73.81 -12.37
CA PHE R 63 -12.44 -73.36 -13.54
C PHE R 63 -11.75 -72.03 -13.23
N SER R 64 -10.51 -71.90 -13.65
CA SER R 64 -9.75 -70.67 -13.51
C SER R 64 -8.70 -70.65 -14.61
N ALA R 65 -8.10 -69.49 -14.87
CA ALA R 65 -7.08 -69.43 -15.90
C ALA R 65 -6.11 -68.30 -15.61
N SER R 66 -4.97 -68.35 -16.31
CA SER R 66 -3.97 -67.30 -16.23
C SER R 66 -3.29 -67.20 -17.59
N GLN R 67 -2.59 -66.08 -17.79
CA GLN R 67 -1.84 -65.82 -19.00
C GLN R 67 -0.47 -65.28 -18.62
N PHE R 68 0.56 -65.71 -19.36
CA PHE R 68 1.90 -65.18 -19.16
C PHE R 68 2.63 -65.18 -20.49
N GLY R 69 3.23 -64.03 -20.82
CA GLY R 69 3.96 -63.94 -22.06
C GLY R 69 3.01 -64.15 -23.21
N THR R 70 3.40 -65.04 -24.11
CA THR R 70 2.64 -65.35 -25.31
C THR R 70 1.87 -66.66 -25.15
N SER R 71 1.73 -67.18 -23.94
CA SER R 71 0.97 -68.39 -23.68
C SER R 71 -0.06 -68.15 -22.59
N ALA R 72 -0.99 -69.09 -22.48
CA ALA R 72 -2.06 -69.02 -21.50
C ALA R 72 -2.45 -70.43 -21.09
N SER R 73 -3.07 -70.55 -19.92
CA SER R 73 -3.47 -71.84 -19.41
C SER R 73 -4.78 -71.78 -18.63
N LEU R 74 -5.64 -72.77 -18.90
CA LEU R 74 -6.90 -72.98 -18.21
C LEU R 74 -6.68 -74.13 -17.24
N THR R 75 -7.05 -73.93 -15.98
CA THR R 75 -6.92 -74.94 -14.93
C THR R 75 -8.30 -75.35 -14.43
N ILE R 76 -8.50 -76.67 -14.34
CA ILE R 76 -9.69 -77.28 -13.78
C ILE R 76 -9.24 -77.91 -12.46
N THR R 77 -9.92 -77.57 -11.36
CA THR R 77 -9.47 -77.99 -10.03
C THR R 77 -9.69 -79.46 -9.76
N GLY R 78 -10.44 -80.16 -10.61
CA GLY R 78 -10.69 -81.58 -10.44
C GLY R 78 -11.68 -82.04 -11.49
N LEU R 79 -11.42 -83.18 -12.11
CA LEU R 79 -12.26 -83.66 -13.18
C LEU R 79 -13.51 -84.35 -12.65
N GLN R 80 -14.67 -83.85 -13.06
CA GLN R 80 -15.97 -84.45 -12.73
C GLN R 80 -16.44 -85.20 -13.96
N SER R 81 -17.33 -86.17 -13.78
CA SER R 81 -17.79 -86.91 -14.95
C SER R 81 -18.58 -86.00 -15.89
N GLU R 82 -19.23 -84.98 -15.35
CA GLU R 82 -19.98 -84.01 -16.15
C GLU R 82 -19.09 -82.95 -16.79
N ASP R 83 -17.81 -82.86 -16.42
CA ASP R 83 -16.94 -81.81 -16.94
C ASP R 83 -16.22 -82.15 -18.24
N GLU R 84 -16.20 -83.40 -18.70
CA GLU R 84 -15.45 -83.67 -19.92
C GLU R 84 -16.13 -82.93 -21.07
N ALA R 85 -15.32 -82.25 -21.88
CA ALA R 85 -15.85 -81.41 -22.93
C ALA R 85 -14.74 -81.02 -23.89
N ASP R 86 -15.13 -80.41 -25.01
CA ASP R 86 -14.20 -79.81 -25.96
C ASP R 86 -13.96 -78.36 -25.55
N TYR R 87 -12.70 -78.01 -25.27
CA TYR R 87 -12.33 -76.68 -24.81
C TYR R 87 -11.64 -75.90 -25.92
N TYR R 88 -11.95 -74.61 -25.99
CA TYR R 88 -11.35 -73.70 -26.97
C TYR R 88 -10.91 -72.40 -26.31
N CYS R 89 -9.84 -71.82 -26.83
CA CYS R 89 -9.42 -70.47 -26.48
C CYS R 89 -9.55 -69.58 -27.71
N GLN R 90 -9.85 -68.30 -27.47
CA GLN R 90 -9.96 -67.30 -28.53
C GLN R 90 -9.22 -66.02 -28.19
N SER R 91 -8.64 -65.38 -29.20
CA SER R 91 -8.04 -64.07 -29.00
C SER R 91 -8.01 -63.32 -30.32
N TYR R 92 -7.83 -62.01 -30.25
CA TYR R 92 -7.70 -61.19 -31.45
C TYR R 92 -6.26 -61.21 -31.91
N ASP R 93 -6.04 -61.54 -33.19
CA ASP R 93 -4.71 -61.61 -33.78
C ASP R 93 -4.51 -60.38 -34.65
N SER R 94 -3.61 -59.48 -34.19
CA SER R 94 -3.38 -58.21 -34.86
C SER R 94 -2.51 -58.36 -36.10
N SER R 95 -1.87 -59.52 -36.30
CA SER R 95 -1.09 -59.75 -37.51
C SER R 95 -2.05 -60.16 -38.60
N VAL R 96 -2.93 -61.10 -38.25
CA VAL R 96 -3.95 -61.59 -39.16
C VAL R 96 -4.99 -60.49 -39.32
N SER R 97 -5.24 -59.73 -38.25
CA SER R 97 -6.31 -58.72 -38.15
C SER R 97 -7.66 -59.44 -38.17
N ALA R 98 -7.74 -60.48 -37.36
CA ALA R 98 -8.98 -61.24 -37.23
C ALA R 98 -8.98 -61.93 -35.87
N GLN R 99 -10.16 -62.30 -35.40
CA GLN R 99 -10.22 -63.09 -34.19
C GLN R 99 -9.87 -64.52 -34.57
N VAL R 100 -9.00 -65.14 -33.77
CA VAL R 100 -8.43 -66.46 -34.03
C VAL R 100 -8.79 -67.42 -32.91
N PHE R 101 -9.22 -68.61 -33.33
CA PHE R 101 -9.53 -69.76 -32.50
C PHE R 101 -8.34 -70.72 -32.49
N GLY R 102 -8.15 -71.38 -31.36
CA GLY R 102 -7.22 -72.49 -31.34
C GLY R 102 -7.93 -73.71 -31.88
N GLY R 103 -7.19 -74.80 -32.11
CA GLY R 103 -7.88 -75.95 -32.64
C GLY R 103 -8.67 -76.71 -31.60
N GLY R 104 -8.48 -76.38 -30.32
CA GLY R 104 -9.19 -76.98 -29.21
C GLY R 104 -8.56 -78.28 -28.74
N THR R 105 -9.08 -78.76 -27.62
CA THR R 105 -8.66 -80.01 -27.01
C THR R 105 -9.90 -80.79 -26.63
N ARG R 106 -9.78 -82.12 -26.62
CA ARG R 106 -10.87 -82.97 -26.17
C ARG R 106 -10.46 -83.54 -24.81
N LEU R 107 -11.26 -83.28 -23.79
CA LEU R 107 -11.03 -83.80 -22.46
C LEU R 107 -11.77 -85.12 -22.28
N THR R 108 -11.09 -86.10 -21.70
CA THR R 108 -11.67 -87.41 -21.43
C THR R 108 -11.59 -87.74 -19.94
#